data_4UW8
#
_entry.id   4UW8
#
_cell.length_a   160.850
_cell.length_b   99.290
_cell.length_c   286.230
_cell.angle_alpha   90.00
_cell.angle_beta   91.51
_cell.angle_gamma   90.00
#
_symmetry.space_group_name_H-M   'C 1 2 1'
#
loop_
_entity.id
_entity.type
_entity.pdbx_description
1 polymer 'L-SHAPED TAIL FIBER PROTEIN'
2 non-polymer 'CITRATE ANION'
3 water water
#
_entity_poly.entity_id   1
_entity_poly.type   'polypeptide(L)'
_entity_poly.pdbx_seq_one_letter_code
;ETTATTGIGVNFIGDSATECSFGIENTAGGSAVFHNYTRGASNSVTKNNQLLGGYGSRPWLGSTYTEHSNAALHFLGAGD
TSATNHGGWIRLLVTPKGKTISDRVPAFRLSDNGDLWLVPDGAMHSDLGLVRSIETLNAAVPRFNAPSIQDGRGLKIVAP
QAPEIDLIAPRGSGASAPAIRAMWCDGSLADTTRYIGATQPGSTFYIGASGHDGEKFDSMRGSVAIKSAGGWGPTSTPTQ
VVLETCESGSISRLPRWGVDHNGTLMPMADNRYNLGWGSGRVKQVYAVNGTINTADARLKNDVRAMSDPETEAAKAIAKE
IGFWTWKEQADMNDIREHCGLTVQRAIEIMESFGLDPFKYGFICYDKWDEHTVVSEYGPANEDGTENPIYKTIPAGDHYS
FRLEELNLFIAKGFEARLSAIEDKLGM
;
_entity_poly.pdbx_strand_id   A,B,C,D,E,F,G,H,I
#
loop_
_chem_comp.id
_chem_comp.type
_chem_comp.name
_chem_comp.formula
FLC non-polymer 'CITRATE ANION' 'C6 H5 O7 -3'
#
# COMPACT_ATOMS: atom_id res chain seq x y z
N CYS A 20 -34.18 -1.25 39.76
CA CYS A 20 -34.38 -0.06 40.65
C CYS A 20 -33.49 -0.17 41.91
N SER A 21 -34.02 -0.61 43.06
CA SER A 21 -33.34 -0.48 44.38
C SER A 21 -32.88 -1.82 44.96
N PHE A 22 -31.61 -1.91 45.31
CA PHE A 22 -31.07 -3.11 45.90
CA PHE A 22 -31.04 -3.11 45.96
C PHE A 22 -30.57 -2.74 47.32
N GLY A 23 -30.82 -3.59 48.31
CA GLY A 23 -30.55 -3.18 49.65
C GLY A 23 -30.24 -4.25 50.65
N ILE A 24 -29.45 -3.88 51.65
CA ILE A 24 -29.12 -4.76 52.73
C ILE A 24 -29.65 -4.12 53.97
N GLU A 25 -30.39 -4.91 54.75
CA GLU A 25 -31.11 -4.43 55.90
C GLU A 25 -30.69 -5.22 57.11
N ASN A 26 -30.48 -4.51 58.22
CA ASN A 26 -30.26 -5.12 59.50
C ASN A 26 -31.30 -4.48 60.41
N THR A 27 -32.25 -5.31 60.86
CA THR A 27 -33.37 -4.88 61.68
C THR A 27 -33.02 -4.85 63.18
N ALA A 28 -31.93 -5.51 63.55
CA ALA A 28 -31.56 -5.73 64.95
C ALA A 28 -30.76 -4.61 65.62
N GLY A 29 -30.33 -3.62 64.85
CA GLY A 29 -29.53 -2.52 65.40
C GLY A 29 -28.04 -2.60 65.07
N GLY A 30 -27.65 -3.67 64.38
CA GLY A 30 -26.29 -3.79 63.86
C GLY A 30 -26.11 -3.13 62.48
N SER A 31 -24.90 -3.23 61.95
CA SER A 31 -24.47 -2.55 60.73
C SER A 31 -24.85 -3.33 59.46
N ALA A 32 -25.12 -2.59 58.38
CA ALA A 32 -25.45 -3.17 57.09
C ALA A 32 -24.33 -2.83 56.11
N VAL A 33 -23.40 -3.76 55.92
CA VAL A 33 -22.11 -3.49 55.27
C VAL A 33 -21.80 -4.46 54.14
N PHE A 34 -21.21 -3.95 53.06
CA PHE A 34 -20.87 -4.74 51.92
C PHE A 34 -19.33 -4.93 51.90
N HIS A 35 -18.85 -6.12 51.57
CA HIS A 35 -17.44 -6.47 51.61
C HIS A 35 -16.97 -7.04 50.30
N ASN A 36 -15.71 -6.76 49.95
CA ASN A 36 -15.08 -7.34 48.78
C ASN A 36 -13.98 -8.24 49.31
N TYR A 37 -13.98 -9.50 48.85
CA TYR A 37 -13.01 -10.49 49.31
C TYR A 37 -12.22 -10.97 48.14
N THR A 38 -10.91 -10.87 48.27
CA THR A 38 -10.00 -11.07 47.12
C THR A 38 -8.78 -11.82 47.64
N ARG A 39 -8.18 -12.65 46.77
CA ARG A 39 -6.95 -13.36 47.11
C ARG A 39 -5.88 -13.12 46.08
N GLY A 40 -4.66 -13.51 46.43
CA GLY A 40 -3.57 -13.60 45.45
C GLY A 40 -3.76 -14.85 44.61
N ALA A 41 -2.89 -15.04 43.62
CA ALA A 41 -2.92 -16.22 42.78
C ALA A 41 -2.65 -17.46 43.64
N SER A 42 -3.41 -18.53 43.38
CA SER A 42 -3.22 -19.85 44.04
C SER A 42 -3.24 -19.72 45.54
N ASN A 43 -4.22 -18.98 46.04
CA ASN A 43 -4.42 -18.79 47.48
C ASN A 43 -3.30 -18.08 48.24
N SER A 44 -2.41 -17.42 47.51
CA SER A 44 -1.37 -16.63 48.15
C SER A 44 -1.98 -15.32 48.66
N VAL A 45 -1.20 -14.61 49.47
CA VAL A 45 -1.58 -13.31 50.01
C VAL A 45 -1.86 -12.33 48.87
N THR A 46 -2.77 -11.39 49.15
CA THR A 46 -3.03 -10.30 48.22
C THR A 46 -1.75 -9.46 48.13
N LYS A 47 -1.56 -8.84 46.97
CA LYS A 47 -0.32 -8.15 46.65
C LYS A 47 -0.45 -6.61 46.68
N ASN A 48 0.71 -5.96 46.74
CA ASN A 48 0.83 -4.52 46.60
C ASN A 48 0.14 -4.03 45.36
N ASN A 49 -0.69 -3.02 45.52
CA ASN A 49 -1.52 -2.46 44.43
C ASN A 49 -2.52 -3.37 43.74
N GLN A 50 -2.80 -4.52 44.33
CA GLN A 50 -3.82 -5.39 43.79
C GLN A 50 -5.18 -4.76 44.05
N LEU A 51 -6.09 -4.85 43.09
CA LEU A 51 -7.43 -4.34 43.27
C LEU A 51 -8.19 -5.28 44.22
N LEU A 52 -8.38 -4.85 45.46
CA LEU A 52 -9.05 -5.64 46.48
C LEU A 52 -10.58 -5.55 46.44
N GLY A 53 -11.10 -4.56 45.74
CA GLY A 53 -12.52 -4.26 45.74
C GLY A 53 -12.81 -3.08 44.84
N GLY A 54 -14.01 -3.00 44.34
CA GLY A 54 -14.39 -1.93 43.43
C GLY A 54 -15.89 -1.75 43.34
N TYR A 55 -16.31 -0.53 43.01
CA TYR A 55 -17.68 -0.16 42.76
C TYR A 55 -17.63 0.79 41.59
N GLY A 56 -18.46 0.59 40.59
CA GLY A 56 -18.33 1.37 39.37
C GLY A 56 -19.52 1.36 38.45
N SER A 57 -19.76 2.48 37.79
CA SER A 57 -20.86 2.62 36.87
C SER A 57 -20.40 2.30 35.47
N ARG A 58 -21.27 1.66 34.69
CA ARG A 58 -21.04 1.40 33.28
C ARG A 58 -22.22 1.91 32.49
N PRO A 59 -22.00 2.93 31.69
CA PRO A 59 -23.08 3.50 30.94
C PRO A 59 -23.43 2.71 29.66
N TRP A 60 -24.63 2.98 29.13
CA TRP A 60 -25.17 2.31 27.97
C TRP A 60 -24.88 3.11 26.72
N LEU A 61 -24.28 2.43 25.74
CA LEU A 61 -23.92 3.02 24.45
C LEU A 61 -25.00 2.93 23.34
N GLY A 62 -26.10 2.22 23.59
CA GLY A 62 -27.16 2.02 22.59
C GLY A 62 -27.55 0.54 22.50
N SER A 63 -26.55 -0.32 22.40
CA SER A 63 -26.78 -1.76 22.46
C SER A 63 -25.83 -2.54 23.39
N THR A 64 -24.83 -1.87 23.97
CA THR A 64 -23.95 -2.48 24.97
C THR A 64 -23.62 -1.48 26.07
N TYR A 65 -23.01 -1.99 27.14
CA TYR A 65 -22.39 -1.14 28.15
C TYR A 65 -20.88 -0.97 27.85
N THR A 66 -20.23 0.00 28.48
CA THR A 66 -18.78 0.16 28.37
C THR A 66 -18.09 -1.05 28.97
N GLU A 67 -16.88 -1.36 28.51
CA GLU A 67 -16.17 -2.53 28.98
C GLU A 67 -15.55 -2.34 30.35
N HIS A 68 -15.31 -1.08 30.74
CA HIS A 68 -14.84 -0.75 32.08
C HIS A 68 -15.66 0.42 32.62
N SER A 69 -15.55 0.68 33.91
CA SER A 69 -16.38 1.69 34.55
C SER A 69 -15.88 3.07 34.18
N ASN A 70 -16.81 4.01 33.96
CA ASN A 70 -16.42 5.36 33.65
C ASN A 70 -16.23 6.22 34.89
N ALA A 71 -16.80 5.78 36.01
CA ALA A 71 -16.63 6.40 37.30
C ALA A 71 -16.57 5.24 38.28
N ALA A 72 -15.67 5.29 39.26
CA ALA A 72 -15.43 4.15 40.12
C ALA A 72 -14.75 4.48 41.45
N LEU A 73 -14.94 3.60 42.42
CA LEU A 73 -14.23 3.64 43.68
C LEU A 73 -13.45 2.34 43.78
N HIS A 74 -12.14 2.42 44.01
CA HIS A 74 -11.27 1.25 44.09
C HIS A 74 -10.60 1.19 45.43
N PHE A 75 -10.53 -0.02 45.99
CA PHE A 75 -9.77 -0.32 47.19
C PHE A 75 -8.57 -1.13 46.71
N LEU A 76 -7.35 -0.74 47.11
CA LEU A 76 -6.16 -1.39 46.64
C LEU A 76 -5.21 -1.73 47.77
N GLY A 77 -4.33 -2.70 47.54
CA GLY A 77 -3.35 -3.07 48.54
C GLY A 77 -2.18 -2.12 48.58
N ALA A 78 -1.63 -1.93 49.79
CA ALA A 78 -0.42 -1.15 50.02
C ALA A 78 0.58 -2.12 50.64
N GLY A 79 1.47 -2.62 49.80
CA GLY A 79 2.37 -3.72 50.18
C GLY A 79 1.66 -5.07 50.12
N ASP A 80 2.46 -6.14 50.01
CA ASP A 80 1.92 -7.49 50.03
C ASP A 80 1.36 -7.76 51.42
N THR A 81 0.18 -8.35 51.48
CA THR A 81 -0.47 -8.61 52.75
C THR A 81 0.32 -9.67 53.56
N SER A 82 0.31 -9.54 54.88
CA SER A 82 1.03 -10.43 55.76
C SER A 82 0.48 -10.29 57.18
N ALA A 83 1.08 -10.96 58.14
CA ALA A 83 0.64 -10.84 59.54
C ALA A 83 0.93 -9.43 60.14
N THR A 84 1.95 -8.75 59.60
CA THR A 84 2.33 -7.42 60.04
C THR A 84 1.94 -6.29 59.08
N ASN A 85 1.47 -6.63 57.87
CA ASN A 85 0.95 -5.64 56.91
C ASN A 85 -0.47 -5.93 56.42
N HIS A 86 -1.43 -5.08 56.78
CA HIS A 86 -2.74 -5.09 56.15
C HIS A 86 -2.97 -3.81 55.35
N GLY A 87 -1.90 -3.24 54.83
CA GLY A 87 -1.97 -1.96 54.14
C GLY A 87 -3.01 -1.91 53.04
N GLY A 88 -3.71 -0.78 52.96
CA GLY A 88 -4.69 -0.56 51.89
C GLY A 88 -4.95 0.91 51.66
N TRP A 89 -5.31 1.25 50.41
CA TRP A 89 -5.53 2.64 50.02
C TRP A 89 -6.70 2.73 49.02
N ILE A 90 -7.09 3.95 48.65
CA ILE A 90 -8.30 4.19 47.93
C ILE A 90 -8.04 5.12 46.77
N ARG A 91 -8.66 4.90 45.63
CA ARG A 91 -8.78 5.95 44.64
C ARG A 91 -10.14 6.01 43.98
N LEU A 92 -10.44 7.19 43.46
CA LEU A 92 -11.67 7.44 42.75
C LEU A 92 -11.27 7.81 41.34
N LEU A 93 -12.02 7.28 40.36
CA LEU A 93 -11.73 7.43 38.94
C LEU A 93 -12.89 8.11 38.22
N VAL A 94 -12.56 9.00 37.29
CA VAL A 94 -13.56 9.73 36.52
C VAL A 94 -13.12 9.70 35.06
N THR A 95 -14.04 10.01 34.15
CA THR A 95 -13.74 10.01 32.72
C THR A 95 -14.11 11.38 32.17
N PRO A 96 -13.15 12.11 31.62
CA PRO A 96 -13.47 13.43 31.05
C PRO A 96 -14.50 13.37 29.94
N LYS A 97 -15.41 14.34 29.93
CA LYS A 97 -16.33 14.50 28.81
C LYS A 97 -15.52 14.59 27.53
N GLY A 98 -15.94 13.86 26.50
CA GLY A 98 -15.24 13.85 25.21
C GLY A 98 -14.17 12.77 25.11
N LYS A 99 -14.05 11.91 26.13
CA LYS A 99 -13.09 10.83 26.10
C LYS A 99 -13.73 9.53 26.48
N THR A 100 -13.07 8.43 26.13
CA THR A 100 -13.54 7.09 26.43
C THR A 100 -12.85 6.59 27.69
N ILE A 101 -13.29 5.44 28.18
CA ILE A 101 -12.77 4.84 29.41
C ILE A 101 -11.30 4.40 29.28
N SER A 102 -10.75 4.45 28.07
CA SER A 102 -9.31 4.25 27.90
C SER A 102 -8.54 5.39 28.54
N ASP A 103 -9.17 6.55 28.61
CA ASP A 103 -8.50 7.75 29.12
C ASP A 103 -9.12 8.24 30.42
N ARG A 104 -9.52 7.31 31.27
CA ARG A 104 -10.08 7.69 32.54
C ARG A 104 -8.96 7.98 33.50
N VAL A 105 -9.28 8.79 34.51
CA VAL A 105 -8.30 9.45 35.35
C VAL A 105 -8.53 9.06 36.81
N PRO A 106 -7.54 8.42 37.46
CA PRO A 106 -7.58 8.27 38.92
C PRO A 106 -7.22 9.55 39.63
N ALA A 107 -8.16 10.48 39.60
CA ALA A 107 -7.90 11.88 39.97
C ALA A 107 -7.82 12.10 41.47
N PHE A 108 -8.35 11.18 42.27
CA PHE A 108 -8.38 11.31 43.72
C PHE A 108 -7.71 10.09 44.25
N ARG A 109 -6.62 10.25 45.00
CA ARG A 109 -5.94 9.10 45.57
C ARG A 109 -5.72 9.36 47.04
N LEU A 110 -6.33 8.54 47.87
CA LEU A 110 -6.16 8.64 49.30
C LEU A 110 -5.14 7.60 49.67
N SER A 111 -3.93 8.06 49.95
CA SER A 111 -2.81 7.22 50.23
C SER A 111 -3.03 6.39 51.49
N ASP A 112 -2.27 5.32 51.61
CA ASP A 112 -2.29 4.51 52.83
C ASP A 112 -1.75 5.29 54.04
N ASN A 113 -0.90 6.30 53.81
CA ASN A 113 -0.42 7.19 54.87
C ASN A 113 -1.46 8.25 55.27
N GLY A 114 -2.56 8.32 54.53
CA GLY A 114 -3.64 9.28 54.82
C GLY A 114 -3.62 10.59 54.04
N ASP A 115 -2.59 10.82 53.23
CA ASP A 115 -2.54 11.98 52.34
C ASP A 115 -3.54 11.89 51.23
N LEU A 116 -3.98 13.04 50.75
CA LEU A 116 -4.84 13.11 49.61
C LEU A 116 -4.06 13.69 48.45
N TRP A 117 -4.04 12.98 47.34
CA TRP A 117 -3.46 13.43 46.10
C TRP A 117 -4.58 13.76 45.14
N LEU A 118 -4.51 14.94 44.56
CA LEU A 118 -5.37 15.36 43.50
C LEU A 118 -4.58 15.43 42.23
N VAL A 119 -4.96 14.62 41.25
CA VAL A 119 -4.22 14.48 40.02
C VAL A 119 -5.18 14.55 38.83
N PRO A 120 -5.54 15.80 38.40
CA PRO A 120 -6.52 15.99 37.35
C PRO A 120 -6.05 15.51 35.99
N ASP A 121 -6.96 15.57 35.03
CA ASP A 121 -6.68 15.14 33.67
C ASP A 121 -5.45 15.86 33.10
N GLY A 122 -4.54 15.10 32.49
CA GLY A 122 -3.35 15.67 31.89
C GLY A 122 -2.12 15.71 32.77
N ALA A 123 -2.28 15.43 34.06
CA ALA A 123 -1.19 15.62 35.02
C ALA A 123 -0.21 14.46 35.02
N MET A 124 -0.71 13.22 35.07
CA MET A 124 0.13 12.03 35.06
C MET A 124 -0.29 11.05 33.97
N HIS A 125 0.69 10.42 33.34
CA HIS A 125 0.41 9.34 32.42
C HIS A 125 -0.30 8.19 33.17
N SER A 126 -1.11 7.42 32.48
CA SER A 126 -1.83 6.27 33.06
C SER A 126 -0.92 5.20 33.66
N ASP A 127 0.32 5.09 33.18
CA ASP A 127 1.35 4.24 33.82
C ASP A 127 1.59 4.56 35.29
N LEU A 128 1.28 5.79 35.71
CA LEU A 128 1.51 6.22 37.08
C LEU A 128 0.24 6.23 37.91
N GLY A 129 -0.81 5.59 37.40
CA GLY A 129 -2.08 5.50 38.13
C GLY A 129 -2.05 4.87 39.51
N LEU A 130 -1.00 4.12 39.83
CA LEU A 130 -0.85 3.50 41.15
C LEU A 130 0.07 4.27 42.10
N VAL A 131 0.57 5.42 41.67
CA VAL A 131 1.37 6.28 42.53
C VAL A 131 0.45 6.85 43.61
N ARG A 132 0.88 6.74 44.86
CA ARG A 132 0.07 7.12 46.01
C ARG A 132 0.88 7.88 47.07
N SER A 133 2.11 8.27 46.73
CA SER A 133 3.02 8.90 47.69
C SER A 133 4.24 9.43 46.99
N ILE A 134 5.02 10.22 47.70
CA ILE A 134 6.28 10.70 47.20
C ILE A 134 7.29 9.57 47.07
N GLU A 135 7.27 8.63 48.00
CA GLU A 135 8.12 7.48 47.90
C GLU A 135 7.83 6.67 46.63
N THR A 136 6.56 6.41 46.34
CA THR A 136 6.21 5.59 45.18
C THR A 136 6.41 6.38 43.91
N LEU A 137 6.22 7.70 43.98
CA LEU A 137 6.48 8.57 42.82
C LEU A 137 7.96 8.63 42.48
N ASN A 138 8.81 8.76 43.51
CA ASN A 138 10.26 8.72 43.31
C ASN A 138 10.72 7.42 42.68
N ALA A 139 10.13 6.30 43.08
CA ALA A 139 10.50 4.99 42.49
C ALA A 139 10.07 4.85 41.02
N ALA A 140 8.89 5.36 40.69
CA ALA A 140 8.38 5.31 39.33
C ALA A 140 9.06 6.30 38.39
N VAL A 141 9.51 7.43 38.95
CA VAL A 141 10.19 8.48 38.20
C VAL A 141 11.52 8.74 38.88
N PRO A 142 12.56 8.01 38.45
CA PRO A 142 13.82 8.07 39.22
C PRO A 142 14.47 9.44 39.36
N ARG A 143 14.28 10.33 38.39
CA ARG A 143 14.86 11.67 38.44
C ARG A 143 14.12 12.67 39.35
N PHE A 144 12.91 12.32 39.79
CA PHE A 144 12.05 13.20 40.58
C PHE A 144 12.67 13.61 41.94
N ASN A 145 13.02 12.62 42.76
CA ASN A 145 13.73 12.88 44.00
C ASN A 145 13.17 14.02 44.85
N ALA A 146 11.89 13.91 45.20
CA ALA A 146 11.32 14.80 46.17
C ALA A 146 11.54 14.22 47.58
N PRO A 147 11.43 15.06 48.61
CA PRO A 147 11.65 14.54 49.97
C PRO A 147 10.46 13.74 50.50
N SER A 148 10.70 12.49 50.85
CA SER A 148 9.63 11.63 51.37
C SER A 148 9.15 12.03 52.76
N ILE A 149 9.93 12.83 53.47
CA ILE A 149 9.47 13.38 54.75
C ILE A 149 8.18 14.20 54.59
N GLN A 150 7.89 14.63 53.37
CA GLN A 150 6.62 15.35 53.08
C GLN A 150 5.40 14.44 53.02
N ASP A 151 5.60 13.13 52.96
CA ASP A 151 4.48 12.18 53.00
C ASP A 151 3.81 12.20 54.37
N GLY A 152 2.47 12.14 54.36
CA GLY A 152 1.69 12.07 55.60
C GLY A 152 1.37 13.42 56.20
N ARG A 153 1.52 14.48 55.40
CA ARG A 153 1.38 15.87 55.86
CA ARG A 153 1.38 15.85 55.87
C ARG A 153 0.11 16.54 55.36
N GLY A 154 -0.57 15.96 54.37
CA GLY A 154 -1.86 16.49 53.93
C GLY A 154 -2.10 16.37 52.45
N LEU A 155 -2.27 17.51 51.80
CA LEU A 155 -2.77 17.54 50.43
C LEU A 155 -1.64 17.79 49.43
N LYS A 156 -1.64 17.01 48.34
CA LYS A 156 -0.74 17.23 47.21
C LYS A 156 -1.54 17.35 45.93
N ILE A 157 -1.30 18.41 45.16
CA ILE A 157 -1.97 18.64 43.91
C ILE A 157 -0.92 18.64 42.81
N VAL A 158 -1.12 17.81 41.80
CA VAL A 158 -0.26 17.73 40.66
C VAL A 158 -1.09 18.11 39.43
N ALA A 159 -0.62 19.08 38.68
CA ALA A 159 -1.30 19.49 37.47
C ALA A 159 -0.26 20.01 36.50
N PRO A 160 -0.54 19.88 35.20
CA PRO A 160 0.43 20.42 34.20
C PRO A 160 0.49 21.94 34.32
N GLN A 161 1.69 22.43 34.61
CA GLN A 161 2.02 23.85 34.69
C GLN A 161 1.49 24.59 35.90
N ALA A 162 0.16 24.59 36.08
CA ALA A 162 -0.50 25.50 36.99
C ALA A 162 -1.48 24.83 37.94
N PRO A 163 -0.98 23.96 38.82
CA PRO A 163 -1.87 23.50 39.87
C PRO A 163 -2.36 24.69 40.68
N GLU A 164 -3.62 24.62 41.13
CA GLU A 164 -4.28 25.78 41.65
C GLU A 164 -5.31 25.43 42.68
N ILE A 165 -5.48 26.34 43.65
CA ILE A 165 -6.56 26.32 44.57
C ILE A 165 -7.36 27.60 44.40
N ASP A 166 -8.67 27.47 44.14
CA ASP A 166 -9.58 28.62 44.01
C ASP A 166 -10.54 28.70 45.18
N LEU A 167 -10.66 29.89 45.74
CA LEU A 167 -11.53 30.12 46.88
C LEU A 167 -12.56 31.12 46.43
N ILE A 168 -13.75 30.62 46.12
CA ILE A 168 -14.81 31.41 45.53
C ILE A 168 -15.72 31.90 46.67
N ALA A 169 -15.85 33.22 46.77
CA ALA A 169 -16.35 33.84 47.97
C ALA A 169 -17.41 34.89 47.68
N PRO A 170 -18.67 34.48 47.43
CA PRO A 170 -19.73 35.45 47.24
C PRO A 170 -20.05 36.21 48.52
N ARG A 171 -20.17 37.52 48.41
CA ARG A 171 -20.36 38.40 49.57
C ARG A 171 -21.63 38.15 50.38
N GLY A 172 -22.73 37.84 49.68
CA GLY A 172 -24.04 37.76 50.31
C GLY A 172 -24.33 39.07 50.99
N SER A 173 -24.65 39.01 52.27
CA SER A 173 -24.91 40.22 53.05
C SER A 173 -23.73 40.64 53.94
N GLY A 174 -22.59 39.98 53.81
CA GLY A 174 -21.42 40.26 54.67
C GLY A 174 -20.26 40.86 53.88
N ALA A 175 -19.12 40.16 53.88
CA ALA A 175 -17.93 40.55 53.11
C ALA A 175 -17.31 39.34 52.42
N SER A 176 -16.76 39.50 51.22
CA SER A 176 -15.97 38.43 50.60
C SER A 176 -14.60 38.41 51.26
N ALA A 177 -14.35 37.36 52.03
CA ALA A 177 -13.20 37.29 52.91
C ALA A 177 -12.64 35.86 52.95
N PRO A 178 -12.23 35.33 51.79
CA PRO A 178 -11.57 34.02 51.86
C PRO A 178 -10.30 34.11 52.73
N ALA A 179 -9.85 32.97 53.24
CA ALA A 179 -8.72 32.94 54.15
C ALA A 179 -7.98 31.61 54.09
N ILE A 180 -6.66 31.67 54.27
CA ILE A 180 -5.84 30.51 54.54
C ILE A 180 -5.23 30.73 55.90
N ARG A 181 -5.50 29.82 56.82
CA ARG A 181 -5.24 30.04 58.23
C ARG A 181 -4.46 28.89 58.82
N ALA A 182 -3.22 29.16 59.23
CA ALA A 182 -2.46 28.26 60.05
C ALA A 182 -3.02 28.37 61.45
N MET A 183 -2.99 27.25 62.18
CA MET A 183 -3.43 27.21 63.56
C MET A 183 -2.36 26.50 64.38
N TRP A 184 -1.57 27.31 65.07
CA TRP A 184 -0.49 26.85 65.89
C TRP A 184 -0.97 26.45 67.27
N CYS A 185 -0.38 25.41 67.83
CA CYS A 185 -0.53 25.11 69.27
C CYS A 185 0.61 24.23 69.75
N ASP A 186 0.76 24.19 71.08
CA ASP A 186 1.65 23.24 71.73
C ASP A 186 0.86 21.96 71.94
N GLY A 187 1.56 20.84 71.94
CA GLY A 187 0.92 19.59 72.30
C GLY A 187 0.69 18.66 71.14
N SER A 188 -0.29 17.77 71.31
CA SER A 188 -0.50 16.67 70.38
C SER A 188 -1.91 16.13 70.52
N LEU A 189 -2.52 15.78 69.39
CA LEU A 189 -3.79 15.06 69.37
C LEU A 189 -3.60 13.57 69.13
N ALA A 190 -2.35 13.13 69.04
CA ALA A 190 -2.01 11.80 68.53
C ALA A 190 -1.88 10.73 69.59
N ASP A 191 -1.67 11.13 70.84
CA ASP A 191 -1.41 10.20 71.93
C ASP A 191 -2.63 10.04 72.85
N THR A 192 -2.46 9.29 73.94
CA THR A 192 -3.51 9.14 74.97
C THR A 192 -3.67 10.41 75.80
N THR A 193 -2.56 11.10 76.04
CA THR A 193 -2.51 12.29 76.91
C THR A 193 -3.30 13.50 76.39
N ARG A 194 -3.08 13.84 75.13
CA ARG A 194 -3.69 14.97 74.45
C ARG A 194 -3.63 16.29 75.18
N TYR A 195 -2.40 16.72 75.37
CA TYR A 195 -2.20 18.00 75.99
C TYR A 195 -2.26 19.01 74.84
N ILE A 196 -2.93 20.14 75.07
CA ILE A 196 -2.95 21.27 74.13
C ILE A 196 -2.64 22.53 74.91
N GLY A 197 -1.72 23.34 74.41
CA GLY A 197 -1.31 24.56 75.09
C GLY A 197 -0.92 25.68 74.17
N ALA A 198 -0.39 26.72 74.77
CA ALA A 198 -0.08 27.96 74.07
C ALA A 198 0.97 27.76 73.01
N THR A 199 0.79 28.50 71.93
CA THR A 199 1.77 28.64 70.85
C THR A 199 3.14 28.91 71.41
N GLN A 200 4.12 28.12 70.98
CA GLN A 200 5.51 28.19 71.46
C GLN A 200 6.40 29.05 70.55
N PRO A 201 7.57 29.47 71.06
CA PRO A 201 8.58 30.12 70.22
C PRO A 201 8.97 29.19 69.10
N GLY A 202 9.30 29.75 67.94
CA GLY A 202 9.66 28.93 66.77
C GLY A 202 8.47 28.40 65.97
N SER A 203 7.26 28.84 66.29
CA SER A 203 6.11 28.54 65.45
C SER A 203 6.18 29.43 64.17
N THR A 204 6.03 28.80 63.00
CA THR A 204 6.12 29.50 61.72
C THR A 204 5.06 29.00 60.75
N PHE A 205 4.78 29.80 59.72
CA PHE A 205 3.87 29.43 58.65
C PHE A 205 4.51 29.92 57.36
N TYR A 206 5.01 28.99 56.55
CA TYR A 206 5.71 29.34 55.35
C TYR A 206 4.81 29.20 54.14
N ILE A 207 4.79 30.23 53.30
CA ILE A 207 4.16 30.19 51.99
C ILE A 207 5.27 30.46 50.99
N GLY A 208 5.71 29.43 50.29
CA GLY A 208 6.92 29.51 49.53
C GLY A 208 7.04 28.46 48.45
N ALA A 209 8.22 28.41 47.81
CA ALA A 209 8.49 27.56 46.68
C ALA A 209 9.78 26.79 46.84
N SER A 210 9.64 25.47 46.75
CA SER A 210 10.72 24.53 46.51
C SER A 210 10.78 24.33 45.03
N GLY A 211 11.85 23.69 44.59
CA GLY A 211 11.98 23.40 43.17
C GLY A 211 13.05 22.36 42.96
N HIS A 212 13.02 21.73 41.79
CA HIS A 212 14.06 20.83 41.38
C HIS A 212 15.31 21.66 40.97
N ASP A 213 16.49 21.20 41.38
CA ASP A 213 17.75 21.92 41.13
C ASP A 213 18.61 21.22 40.09
N GLY A 214 18.01 20.29 39.35
CA GLY A 214 18.74 19.45 38.42
C GLY A 214 18.98 18.05 38.96
N GLU A 215 19.02 17.90 40.28
CA GLU A 215 19.18 16.59 40.95
C GLU A 215 18.00 16.18 41.84
N LYS A 216 17.40 17.14 42.55
CA LYS A 216 16.31 16.85 43.48
C LYS A 216 15.55 18.08 43.90
N PHE A 217 14.41 17.87 44.57
CA PHE A 217 13.71 18.95 45.29
C PHE A 217 14.25 18.95 46.71
N ASP A 218 14.16 20.07 47.40
CA ASP A 218 14.68 20.18 48.76
C ASP A 218 13.86 21.22 49.54
N SER A 219 14.52 22.06 50.33
CA SER A 219 13.85 23.08 51.10
C SER A 219 13.36 24.21 50.22
N MET A 220 12.49 25.05 50.77
CA MET A 220 12.01 26.23 50.08
C MET A 220 13.16 27.19 49.89
N ARG A 221 13.20 27.85 48.74
CA ARG A 221 14.29 28.83 48.46
C ARG A 221 13.78 30.26 48.32
N GLY A 222 12.48 30.46 48.43
CA GLY A 222 11.88 31.79 48.48
C GLY A 222 10.56 31.66 49.22
N SER A 223 10.21 32.63 50.05
CA SER A 223 9.01 32.54 50.84
C SER A 223 8.57 33.81 51.54
N VAL A 224 7.29 33.85 51.90
CA VAL A 224 6.75 34.69 52.95
C VAL A 224 6.53 33.81 54.18
N ALA A 225 6.87 34.30 55.36
CA ALA A 225 6.74 33.50 56.58
C ALA A 225 6.12 34.33 57.67
N ILE A 226 4.98 33.87 58.21
CA ILE A 226 4.41 34.43 59.41
C ILE A 226 4.97 33.61 60.57
N LYS A 227 5.48 34.31 61.59
CA LYS A 227 6.17 33.65 62.71
C LYS A 227 5.68 34.18 64.00
N SER A 228 5.62 33.34 65.04
CA SER A 228 5.45 33.84 66.41
C SER A 228 6.75 34.54 66.79
N ALA A 229 6.63 35.67 67.49
CA ALA A 229 7.81 36.42 67.97
C ALA A 229 7.87 36.24 69.47
N GLY A 230 8.26 35.04 69.90
CA GLY A 230 8.13 34.69 71.29
C GLY A 230 6.93 33.78 71.52
N GLY A 231 6.86 33.24 72.71
CA GLY A 231 5.75 32.42 73.14
C GLY A 231 4.56 33.31 73.42
N TRP A 232 3.39 32.70 73.38
CA TRP A 232 2.13 33.40 73.52
C TRP A 232 1.52 33.13 74.88
N GLY A 233 0.61 34.02 75.26
CA GLY A 233 -0.14 33.88 76.47
C GLY A 233 -1.44 34.63 76.24
N PRO A 234 -2.39 34.56 77.19
CA PRO A 234 -3.69 35.15 76.92
C PRO A 234 -3.69 36.65 76.69
N THR A 235 -2.66 37.36 77.15
CA THR A 235 -2.59 38.83 76.96
C THR A 235 -1.53 39.28 75.96
N SER A 236 -0.85 38.32 75.33
CA SER A 236 0.28 38.59 74.44
C SER A 236 0.46 37.52 73.36
N THR A 237 0.20 37.90 72.09
CA THR A 237 0.34 37.00 70.97
C THR A 237 1.13 37.65 69.83
N PRO A 238 2.40 37.96 70.08
CA PRO A 238 3.20 38.68 69.10
C PRO A 238 3.54 37.85 67.87
N THR A 239 3.68 38.53 66.75
CA THR A 239 4.04 37.92 65.49
C THR A 239 4.97 38.82 64.68
N GLN A 240 5.53 38.23 63.63
CA GLN A 240 6.18 38.98 62.59
C GLN A 240 5.94 38.35 61.23
N VAL A 241 6.14 39.14 60.18
CA VAL A 241 6.06 38.67 58.80
C VAL A 241 7.39 38.92 58.12
N VAL A 242 7.98 37.88 57.52
CA VAL A 242 9.32 37.92 56.94
C VAL A 242 9.35 37.44 55.50
N LEU A 243 10.11 38.15 54.65
CA LEU A 243 10.30 37.79 53.26
C LEU A 243 11.70 37.25 53.09
N GLU A 244 11.83 36.12 52.42
CA GLU A 244 13.07 35.39 52.35
C GLU A 244 13.38 34.98 50.93
N THR A 245 14.65 35.14 50.55
CA THR A 245 15.09 34.78 49.22
C THR A 245 16.43 34.11 49.25
N CYS A 246 16.81 33.52 48.13
CA CYS A 246 18.06 32.83 47.99
C CYS A 246 18.85 33.53 46.90
N GLU A 247 20.15 33.71 47.15
CA GLU A 247 21.02 34.39 46.22
C GLU A 247 21.52 33.48 45.12
N SER A 248 21.72 34.06 43.96
CA SER A 248 22.50 33.49 42.87
C SER A 248 23.82 32.92 43.36
N GLY A 249 24.13 31.70 42.92
CA GLY A 249 25.34 31.01 43.40
C GLY A 249 25.23 30.44 44.79
N SER A 250 24.03 30.46 45.38
CA SER A 250 23.80 29.95 46.74
C SER A 250 22.59 29.01 46.75
N ILE A 251 22.49 28.15 47.77
CA ILE A 251 21.42 27.15 47.86
C ILE A 251 20.71 27.18 49.22
N SER A 252 20.78 28.31 49.89
CA SER A 252 20.23 28.47 51.22
C SER A 252 19.56 29.85 51.29
N ARG A 253 18.28 29.87 51.66
CA ARG A 253 17.56 31.11 51.67
C ARG A 253 17.74 31.80 52.99
N LEU A 254 17.65 33.11 52.96
CA LEU A 254 17.91 33.93 54.14
C LEU A 254 16.75 34.88 54.34
N PRO A 255 16.41 35.17 55.59
CA PRO A 255 15.47 36.27 55.83
C PRO A 255 16.12 37.57 55.39
N ARG A 256 15.37 38.40 54.68
CA ARG A 256 15.89 39.64 54.10
C ARG A 256 15.28 40.86 54.73
N TRP A 257 13.97 40.98 54.62
CA TRP A 257 13.19 42.07 55.17
C TRP A 257 11.99 41.52 55.90
N GLY A 258 11.57 42.20 56.97
CA GLY A 258 10.41 41.77 57.71
C GLY A 258 9.70 42.91 58.41
N VAL A 259 8.44 42.68 58.76
CA VAL A 259 7.69 43.57 59.64
C VAL A 259 7.67 42.92 61.04
N ASP A 260 8.12 43.69 62.03
CA ASP A 260 8.29 43.17 63.37
C ASP A 260 6.97 43.26 64.15
N HIS A 261 6.96 42.67 65.34
CA HIS A 261 5.80 42.71 66.19
C HIS A 261 5.38 44.15 66.48
N ASN A 262 6.31 45.10 66.46
CA ASN A 262 5.96 46.49 66.73
C ASN A 262 5.69 47.29 65.49
N GLY A 263 5.77 46.65 64.34
CA GLY A 263 5.39 47.30 63.09
C GLY A 263 6.54 47.89 62.30
N THR A 264 7.74 47.82 62.85
CA THR A 264 8.94 48.27 62.16
C THR A 264 9.16 47.44 60.93
N LEU A 265 9.43 48.10 59.79
CA LEU A 265 9.89 47.41 58.60
C LEU A 265 11.41 47.50 58.60
N MET A 266 12.06 46.35 58.55
CA MET A 266 13.46 46.33 58.83
C MET A 266 14.16 45.26 58.02
N PRO A 267 15.43 45.49 57.70
CA PRO A 267 16.22 44.40 57.18
C PRO A 267 16.49 43.42 58.31
N MET A 268 16.62 42.16 57.95
CA MET A 268 16.78 41.11 58.97
C MET A 268 18.25 40.85 59.33
N ALA A 269 19.17 41.58 58.70
CA ALA A 269 20.55 41.66 59.14
C ALA A 269 20.97 43.11 59.08
N ASP A 270 21.90 43.48 59.96
CA ASP A 270 22.35 44.85 60.09
C ASP A 270 23.33 45.19 59.01
N ASN A 271 23.21 46.41 58.47
CA ASN A 271 24.20 46.92 57.53
C ASN A 271 24.52 45.93 56.41
N ARG A 272 23.48 45.45 55.76
CA ARG A 272 23.67 44.46 54.72
C ARG A 272 22.81 44.67 53.48
N TYR A 273 21.59 45.18 53.65
CA TYR A 273 20.63 45.23 52.55
C TYR A 273 20.28 46.66 52.23
N ASN A 274 20.12 46.94 50.94
CA ASN A 274 19.72 48.27 50.49
C ASN A 274 18.23 48.42 50.22
N LEU A 275 17.80 49.68 50.17
CA LEU A 275 16.52 50.05 49.63
C LEU A 275 16.77 50.71 48.27
N GLY A 276 16.34 50.06 47.20
CA GLY A 276 16.55 50.54 45.85
C GLY A 276 17.90 50.14 45.30
N TRP A 277 18.10 50.43 44.01
CA TRP A 277 19.40 50.28 43.36
C TRP A 277 19.44 51.23 42.15
N GLY A 278 20.55 51.25 41.38
CA GLY A 278 20.70 52.21 40.27
C GLY A 278 19.60 52.24 39.23
N SER A 279 19.13 51.06 38.83
CA SER A 279 18.05 50.96 37.86
C SER A 279 16.68 50.74 38.54
N GLY A 280 16.60 50.97 39.85
CA GLY A 280 15.38 50.74 40.62
C GLY A 280 15.38 51.66 41.81
N ARG A 281 15.32 52.96 41.53
CA ARG A 281 15.43 53.97 42.55
C ARG A 281 14.08 54.38 43.08
N VAL A 282 14.02 54.59 44.37
CA VAL A 282 12.82 55.12 44.99
C VAL A 282 12.65 56.53 44.48
N LYS A 283 11.43 56.91 44.16
CA LYS A 283 11.19 58.25 43.66
C LYS A 283 11.42 59.24 44.78
N GLN A 284 10.69 59.08 45.89
CA GLN A 284 11.05 59.78 47.12
C GLN A 284 10.45 59.20 48.38
N VAL A 285 11.02 59.64 49.49
CA VAL A 285 10.67 59.19 50.80
C VAL A 285 9.93 60.30 51.53
N TYR A 286 8.83 59.93 52.19
CA TYR A 286 8.11 60.80 53.11
C TYR A 286 8.39 60.34 54.53
N ALA A 287 9.17 61.14 55.26
CA ALA A 287 9.50 60.88 56.67
C ALA A 287 9.11 62.06 57.53
N VAL A 288 8.96 61.84 58.82
CA VAL A 288 8.65 62.90 59.77
C VAL A 288 9.96 63.45 60.34
N ASN A 289 10.82 62.56 60.83
CA ASN A 289 12.12 62.91 61.37
C ASN A 289 13.19 62.70 60.32
N GLY A 290 14.32 63.32 60.54
CA GLY A 290 15.47 63.13 59.65
C GLY A 290 16.03 61.72 59.75
N THR A 291 16.56 61.21 58.64
CA THR A 291 17.31 59.97 58.62
C THR A 291 18.40 59.98 59.70
N ILE A 292 18.52 58.88 60.43
CA ILE A 292 19.50 58.69 61.45
C ILE A 292 20.65 57.93 60.84
N ASN A 293 21.82 58.58 60.79
CA ASN A 293 23.05 57.95 60.32
C ASN A 293 24.03 57.79 61.47
N THR A 294 24.55 56.58 61.64
CA THR A 294 25.53 56.28 62.66
C THR A 294 26.81 57.05 62.33
N ALA A 295 27.40 57.69 63.34
CA ALA A 295 28.63 58.45 63.18
C ALA A 295 29.44 58.33 64.47
N ASP A 296 29.88 57.10 64.70
CA ASP A 296 30.39 56.66 65.96
C ASP A 296 31.89 56.57 65.86
N ALA A 297 32.59 57.31 66.72
CA ALA A 297 34.06 57.33 66.74
C ALA A 297 34.69 55.94 66.84
N ARG A 298 34.03 55.03 67.54
CA ARG A 298 34.53 53.67 67.78
C ARG A 298 34.57 52.78 66.54
N LEU A 299 33.83 53.15 65.49
CA LEU A 299 33.76 52.38 64.24
C LEU A 299 34.56 53.02 63.12
N LYS A 300 35.12 54.19 63.37
CA LYS A 300 35.90 54.93 62.38
C LYS A 300 37.35 55.06 62.78
N ASN A 301 38.21 55.29 61.78
CA ASN A 301 39.54 55.79 62.03
C ASN A 301 39.46 57.28 62.36
N ASP A 302 40.61 57.88 62.67
CA ASP A 302 40.62 59.29 63.05
C ASP A 302 40.16 60.16 61.89
N VAL A 303 39.47 61.25 62.25
CA VAL A 303 39.02 62.23 61.29
C VAL A 303 40.18 63.21 61.03
N ARG A 304 40.82 63.06 59.87
CA ARG A 304 41.93 63.94 59.49
C ARG A 304 41.40 65.26 58.94
N ALA A 305 42.23 66.30 59.06
CA ALA A 305 41.90 67.62 58.51
C ALA A 305 42.01 67.57 56.98
N MET A 306 41.32 68.49 56.33
CA MET A 306 41.36 68.59 54.89
C MET A 306 42.66 69.20 54.42
N SER A 307 43.23 68.65 53.35
CA SER A 307 44.35 69.27 52.66
C SER A 307 43.91 70.59 52.02
N ASP A 308 44.88 71.36 51.54
CA ASP A 308 44.57 72.65 50.90
C ASP A 308 43.86 72.49 49.56
N PRO A 309 44.29 71.53 48.71
CA PRO A 309 43.54 71.27 47.47
C PRO A 309 42.06 70.88 47.73
N GLU A 310 41.80 70.10 48.78
CA GLU A 310 40.44 69.69 49.16
C GLU A 310 39.60 70.88 49.61
N THR A 311 40.17 71.71 50.47
CA THR A 311 39.51 72.95 50.86
C THR A 311 39.26 73.85 49.66
N GLU A 312 40.20 73.90 48.73
CA GLU A 312 40.07 74.74 47.53
C GLU A 312 38.92 74.29 46.64
N ALA A 313 38.82 72.98 46.45
CA ALA A 313 37.74 72.36 45.69
C ALA A 313 36.37 72.61 46.34
N ALA A 314 36.32 72.51 47.67
CA ALA A 314 35.11 72.78 48.45
C ALA A 314 34.59 74.19 48.25
N LYS A 315 35.49 75.16 48.16
CA LYS A 315 35.10 76.56 47.93
C LYS A 315 34.56 76.78 46.52
N ALA A 316 35.20 76.14 45.54
CA ALA A 316 34.86 76.27 44.13
C ALA A 316 33.51 75.62 43.81
N ILE A 317 33.23 74.50 44.48
CA ILE A 317 31.98 73.75 44.31
C ILE A 317 30.76 74.54 44.79
N ALA A 318 30.91 75.30 45.87
CA ALA A 318 29.85 76.19 46.35
C ALA A 318 29.41 77.22 45.30
N LYS A 319 30.33 77.65 44.44
CA LYS A 319 30.03 78.62 43.38
C LYS A 319 29.22 78.02 42.23
N GLU A 320 29.20 76.69 42.13
CA GLU A 320 28.43 75.99 41.10
C GLU A 320 26.95 75.81 41.42
N ILE A 321 26.55 76.12 42.64
CA ILE A 321 25.16 75.93 43.06
C ILE A 321 24.26 76.94 42.35
N GLY A 322 23.30 76.41 41.59
CA GLY A 322 22.30 77.23 40.94
C GLY A 322 21.01 76.46 40.85
N PHE A 323 20.24 76.70 39.79
CA PHE A 323 18.95 76.04 39.60
C PHE A 323 18.92 75.30 38.29
N TRP A 324 18.28 74.13 38.28
CA TRP A 324 18.13 73.31 37.08
C TRP A 324 16.73 72.70 37.02
N THR A 325 16.38 72.23 35.83
CA THR A 325 15.14 71.48 35.61
C THR A 325 15.49 70.18 34.92
N TRP A 326 14.57 69.22 34.97
CA TRP A 326 14.68 67.99 34.18
C TRP A 326 14.16 68.27 32.77
N LYS A 327 14.37 67.34 31.87
CA LYS A 327 14.08 67.59 30.47
C LYS A 327 12.58 67.42 30.18
N ILE A 335 8.49 70.65 35.94
CA ILE A 335 8.41 72.10 35.67
C ILE A 335 8.97 72.98 36.80
N ARG A 336 9.42 72.39 37.91
CA ARG A 336 9.91 73.15 39.07
C ARG A 336 11.44 73.33 39.01
N GLU A 337 11.93 74.37 39.67
CA GLU A 337 13.37 74.71 39.70
C GLU A 337 14.05 74.02 40.89
N HIS A 338 14.98 73.11 40.62
CA HIS A 338 15.67 72.38 41.68
C HIS A 338 17.05 72.98 41.93
N CYS A 339 17.43 73.08 43.20
CA CYS A 339 18.68 73.73 43.61
C CYS A 339 19.82 72.72 43.73
N GLY A 340 20.95 73.02 43.08
CA GLY A 340 22.14 72.19 43.17
C GLY A 340 23.05 72.31 41.97
N LEU A 341 23.83 71.25 41.73
CA LEU A 341 24.77 71.17 40.63
C LEU A 341 24.90 69.73 40.13
N THR A 342 25.70 69.53 39.10
CA THR A 342 25.89 68.20 38.54
C THR A 342 27.14 67.54 39.12
N VAL A 343 27.15 66.21 39.11
CA VAL A 343 28.28 65.45 39.59
C VAL A 343 29.46 65.62 38.62
N GLN A 344 29.14 65.71 37.34
CA GLN A 344 30.18 65.87 36.33
C GLN A 344 30.91 67.20 36.50
N ARG A 345 30.18 68.26 36.84
CA ARG A 345 30.81 69.54 37.15
C ARG A 345 31.71 69.43 38.38
N ALA A 346 31.21 68.80 39.43
CA ALA A 346 32.00 68.56 40.64
C ALA A 346 33.23 67.73 40.35
N ILE A 347 33.12 66.75 39.46
CA ILE A 347 34.26 65.91 39.07
C ILE A 347 35.37 66.74 38.40
N GLU A 348 35.00 67.68 37.52
CA GLU A 348 36.00 68.52 36.83
C GLU A 348 36.75 69.40 37.82
N ILE A 349 36.01 70.02 38.74
CA ILE A 349 36.58 70.85 39.79
C ILE A 349 37.53 70.06 40.69
N MET A 350 37.11 68.87 41.08
CA MET A 350 37.92 67.98 41.91
C MET A 350 39.27 67.69 41.23
N GLU A 351 39.21 67.35 39.95
CA GLU A 351 40.40 66.97 39.20
C GLU A 351 41.29 68.15 38.89
N SER A 352 40.69 69.34 38.75
CA SER A 352 41.46 70.58 38.54
C SER A 352 42.38 70.94 39.74
N PHE A 353 42.10 70.40 40.95
CA PHE A 353 43.00 70.54 42.09
C PHE A 353 43.74 69.23 42.38
N GLY A 354 43.83 68.36 41.37
CA GLY A 354 44.67 67.16 41.45
C GLY A 354 44.11 66.06 42.33
N LEU A 355 42.80 66.05 42.56
CA LEU A 355 42.15 65.04 43.39
C LEU A 355 41.50 63.98 42.51
N ASP A 356 41.52 62.72 42.98
CA ASP A 356 40.71 61.64 42.39
C ASP A 356 39.31 61.69 43.02
N PRO A 357 38.29 62.15 42.27
CA PRO A 357 36.96 62.36 42.85
C PRO A 357 36.30 61.08 43.39
N PHE A 358 36.65 59.92 42.84
CA PHE A 358 36.03 58.66 43.22
C PHE A 358 36.64 58.01 44.45
N LYS A 359 37.59 58.69 45.07
CA LYS A 359 38.09 58.28 46.37
C LYS A 359 37.29 58.94 47.49
N TYR A 360 36.31 59.76 47.14
CA TYR A 360 35.51 60.50 48.11
C TYR A 360 34.07 59.99 48.13
N GLY A 361 33.52 59.85 49.33
CA GLY A 361 32.23 59.19 49.52
C GLY A 361 31.02 59.93 49.00
N PHE A 362 31.13 61.23 48.78
CA PHE A 362 29.98 62.01 48.31
C PHE A 362 29.79 61.99 46.79
N ILE A 363 30.67 61.29 46.08
CA ILE A 363 30.56 61.13 44.63
C ILE A 363 30.42 59.67 44.29
N CYS A 364 29.33 59.32 43.63
CA CYS A 364 29.00 57.92 43.35
C CYS A 364 28.80 57.67 41.89
N TYR A 365 29.17 56.48 41.49
CA TYR A 365 28.92 56.01 40.14
C TYR A 365 28.37 54.58 40.22
N ASP A 366 27.25 54.33 39.54
CA ASP A 366 26.64 53.00 39.46
C ASP A 366 26.47 52.65 38.01
N LYS A 367 26.69 51.38 37.68
CA LYS A 367 26.44 50.85 36.34
C LYS A 367 25.67 49.52 36.47
N TRP A 368 24.91 49.18 35.45
CA TRP A 368 24.19 47.91 35.45
C TRP A 368 24.14 47.34 34.03
N ASP A 369 24.07 46.02 33.94
CA ASP A 369 23.97 45.34 32.67
C ASP A 369 22.55 45.42 32.14
N GLU A 370 22.39 45.12 30.86
CA GLU A 370 21.06 44.90 30.29
C GLU A 370 20.39 43.72 31.02
N HIS A 371 19.11 43.86 31.30
CA HIS A 371 18.37 42.80 32.02
C HIS A 371 16.88 42.86 31.65
N THR A 372 16.20 41.74 31.85
CA THR A 372 14.81 41.59 31.48
C THR A 372 13.96 41.47 32.73
N VAL A 373 12.82 42.17 32.71
CA VAL A 373 11.90 42.21 33.83
C VAL A 373 10.44 42.03 33.36
N VAL A 374 9.60 41.55 34.26
CA VAL A 374 8.14 41.63 34.08
C VAL A 374 7.71 43.08 34.24
N SER A 375 7.18 43.66 33.17
CA SER A 375 6.72 45.05 33.24
C SER A 375 5.22 45.14 33.57
N GLU A 376 4.42 44.21 33.02
CA GLU A 376 2.97 44.27 33.02
C GLU A 376 2.41 42.85 33.05
N TYR A 377 1.12 42.73 33.35
CA TYR A 377 0.40 41.49 33.07
C TYR A 377 -0.63 41.69 31.97
N GLY A 378 -0.53 40.87 30.91
CA GLY A 378 -1.55 40.84 29.85
C GLY A 378 -2.92 40.43 30.37
N PRO A 379 -3.95 40.53 29.52
CA PRO A 379 -5.27 40.08 29.97
C PRO A 379 -5.30 38.56 29.99
N ALA A 380 -6.25 37.98 30.74
CA ALA A 380 -6.49 36.54 30.64
C ALA A 380 -6.81 36.12 29.18
N ASN A 381 -6.31 34.95 28.78
CA ASN A 381 -6.62 34.39 27.46
C ASN A 381 -6.99 32.92 27.57
N GLU A 382 -7.30 32.31 26.42
CA GLU A 382 -7.60 30.88 26.30
C GLU A 382 -6.54 29.92 26.89
N ASP A 383 -5.28 30.38 27.02
CA ASP A 383 -4.17 29.55 27.52
C ASP A 383 -3.85 29.70 29.02
N GLY A 384 -4.30 30.79 29.65
CA GLY A 384 -4.06 31.01 31.09
C GLY A 384 -4.52 32.38 31.52
N THR A 385 -4.73 32.57 32.84
CA THR A 385 -5.17 33.89 33.38
C THR A 385 -4.00 34.83 33.69
N GLU A 386 -2.85 34.25 34.10
CA GLU A 386 -1.64 35.01 34.48
C GLU A 386 -0.64 35.04 33.33
N ASN A 387 -0.53 36.20 32.67
CA ASN A 387 0.23 36.35 31.41
C ASN A 387 1.24 37.51 31.47
N PRO A 388 2.41 37.26 32.08
CA PRO A 388 3.40 38.33 32.22
C PRO A 388 3.92 38.82 30.87
N ILE A 389 4.00 40.15 30.72
CA ILE A 389 4.63 40.81 29.58
C ILE A 389 6.04 41.24 30.00
N TYR A 390 7.04 40.82 29.23
CA TYR A 390 8.43 41.13 29.54
C TYR A 390 8.91 42.41 28.87
N LYS A 391 10.00 42.94 29.40
CA LYS A 391 10.63 44.15 28.87
C LYS A 391 12.11 44.13 29.16
N THR A 392 12.89 44.60 28.20
CA THR A 392 14.34 44.66 28.33
C THR A 392 14.76 46.09 28.76
N ILE A 393 15.50 46.14 29.87
CA ILE A 393 16.04 47.39 30.41
C ILE A 393 17.48 47.48 29.92
N PRO A 394 17.80 48.52 29.11
CA PRO A 394 19.16 48.61 28.56
C PRO A 394 20.20 48.80 29.67
N ALA A 395 21.42 48.37 29.40
CA ALA A 395 22.55 48.69 30.26
C ALA A 395 22.65 50.22 30.37
N GLY A 396 23.19 50.69 31.49
CA GLY A 396 23.23 52.13 31.74
C GLY A 396 24.04 52.42 32.97
N ASP A 397 24.13 53.69 33.30
CA ASP A 397 24.88 54.13 34.45
C ASP A 397 24.39 55.48 34.96
N HIS A 398 24.77 55.83 36.18
CA HIS A 398 24.35 57.08 36.78
C HIS A 398 25.52 57.71 37.52
N TYR A 399 25.55 59.04 37.54
CA TYR A 399 26.41 59.81 38.44
C TYR A 399 25.52 60.39 39.52
N SER A 400 25.93 60.22 40.78
CA SER A 400 25.11 60.58 41.93
C SER A 400 25.95 61.21 43.05
N PHE A 401 25.28 62.02 43.87
CA PHE A 401 25.86 62.55 45.10
C PHE A 401 25.29 61.84 46.32
N ARG A 402 26.02 61.89 47.43
CA ARG A 402 25.41 61.83 48.77
C ARG A 402 25.33 63.25 49.29
N LEU A 403 24.15 63.85 49.23
CA LEU A 403 24.02 65.30 49.46
C LEU A 403 24.33 65.74 50.87
N GLU A 404 24.18 64.84 51.85
CA GLU A 404 24.41 65.17 53.25
C GLU A 404 25.90 65.37 53.41
N GLU A 405 26.69 64.45 52.86
CA GLU A 405 28.16 64.54 52.88
C GLU A 405 28.68 65.73 52.06
N LEU A 406 28.07 65.96 50.90
CA LEU A 406 28.41 67.09 50.04
C LEU A 406 28.19 68.41 50.76
N ASN A 407 27.06 68.57 51.42
CA ASN A 407 26.80 69.76 52.22
C ASN A 407 27.90 70.02 53.26
N LEU A 408 28.41 68.97 53.88
CA LEU A 408 29.43 69.11 54.91
C LEU A 408 30.76 69.48 54.30
N PHE A 409 31.03 68.97 53.11
CA PHE A 409 32.24 69.30 52.36
C PHE A 409 32.20 70.80 52.05
N ILE A 410 31.10 71.25 51.47
CA ILE A 410 30.87 72.64 51.17
C ILE A 410 30.99 73.51 52.41
N ALA A 411 30.44 73.03 53.50
CA ALA A 411 30.45 73.76 54.78
C ALA A 411 31.86 74.01 55.29
N LYS A 412 32.74 73.03 55.14
CA LYS A 412 34.13 73.20 55.52
C LYS A 412 34.83 74.27 54.66
N GLY A 413 34.44 74.35 53.38
CA GLY A 413 34.90 75.41 52.50
C GLY A 413 34.55 76.77 53.05
N PHE A 414 33.29 76.94 53.48
CA PHE A 414 32.86 78.18 54.11
C PHE A 414 33.59 78.50 55.41
N GLU A 415 33.88 77.46 56.19
CA GLU A 415 34.56 77.62 57.46
C GLU A 415 36.00 78.17 57.26
N ALA A 416 36.73 77.61 56.29
CA ALA A 416 38.07 78.07 55.94
C ALA A 416 38.10 79.51 55.42
N ARG A 417 37.09 79.89 54.63
CA ARG A 417 36.95 81.26 54.13
C ARG A 417 36.65 82.24 55.24
N LEU A 418 35.83 81.84 56.20
CA LEU A 418 35.49 82.68 57.36
C LEU A 418 36.67 82.87 58.28
N SER A 419 37.46 81.81 58.48
CA SER A 419 38.64 81.88 59.34
C SER A 419 39.74 82.76 58.74
N ALA A 420 39.84 82.76 57.42
CA ALA A 420 40.81 83.59 56.70
C ALA A 420 40.47 85.07 56.81
N ILE A 421 39.18 85.40 56.77
CA ILE A 421 38.67 86.76 56.95
C ILE A 421 38.87 87.25 58.38
N GLU A 422 38.51 86.40 59.33
CA GLU A 422 38.66 86.73 60.75
C GLU A 422 40.11 86.99 61.18
N ASP A 423 41.07 86.27 60.59
CA ASP A 423 42.49 86.53 60.84
C ASP A 423 42.96 87.86 60.26
N LYS A 424 42.49 88.19 59.05
CA LYS A 424 42.85 89.44 58.40
C LYS A 424 42.28 90.67 59.11
N LEU A 425 41.23 90.52 59.92
CA LEU A 425 40.67 91.62 60.69
C LEU A 425 40.98 91.50 62.18
N GLY A 426 42.01 90.73 62.51
CA GLY A 426 42.41 90.51 63.90
C GLY A 426 41.25 90.26 64.85
N MET A 427 40.34 89.36 64.46
CA MET A 427 39.08 89.11 65.17
C MET A 427 39.21 87.95 66.15
N CYS B 20 -26.74 -8.29 58.44
CA CYS B 20 -25.31 -8.02 58.83
C CYS B 20 -24.40 -7.82 57.59
N SER B 21 -23.67 -8.86 57.15
CA SER B 21 -22.59 -8.71 56.15
C SER B 21 -22.90 -9.34 54.80
N PHE B 22 -22.79 -8.58 53.74
CA PHE B 22 -23.01 -9.07 52.39
CA PHE B 22 -22.97 -9.07 52.36
C PHE B 22 -21.66 -8.95 51.62
N GLY B 23 -21.30 -9.96 50.84
CA GLY B 23 -20.00 -9.96 50.27
C GLY B 23 -19.87 -10.65 48.96
N ILE B 24 -18.91 -10.20 48.17
CA ILE B 24 -18.56 -10.83 46.93
C ILE B 24 -17.13 -11.29 47.03
N GLU B 25 -16.92 -12.54 46.67
CA GLU B 25 -15.66 -13.23 46.86
C GLU B 25 -15.19 -13.76 45.54
N ASN B 26 -13.90 -13.59 45.29
CA ASN B 26 -13.23 -14.21 44.18
C ASN B 26 -12.03 -14.96 44.77
N THR B 27 -12.09 -16.28 44.69
CA THR B 27 -11.10 -17.17 45.29
C THR B 27 -9.91 -17.40 44.35
N ALA B 28 -10.09 -17.08 43.08
CA ALA B 28 -9.13 -17.39 42.00
C ALA B 28 -8.00 -16.38 41.81
N GLY B 29 -8.05 -15.24 42.50
CA GLY B 29 -7.03 -14.22 42.33
C GLY B 29 -7.46 -13.04 41.48
N GLY B 30 -8.68 -13.09 40.95
CA GLY B 30 -9.27 -11.96 40.22
C GLY B 30 -9.97 -10.99 41.16
N SER B 31 -10.54 -9.96 40.57
CA SER B 31 -11.16 -8.85 41.30
C SER B 31 -12.61 -9.14 41.72
N ALA B 32 -13.01 -8.55 42.84
CA ALA B 32 -14.38 -8.68 43.34
C ALA B 32 -15.04 -7.31 43.29
N VAL B 33 -15.81 -7.06 42.23
CA VAL B 33 -16.27 -5.73 41.90
C VAL B 33 -17.78 -5.65 41.70
N PHE B 34 -18.38 -4.55 42.13
CA PHE B 34 -19.81 -4.33 42.01
C PHE B 34 -20.05 -3.26 40.92
N HIS B 35 -21.06 -3.45 40.08
CA HIS B 35 -21.34 -2.57 38.94
C HIS B 35 -22.78 -2.08 38.96
N ASN B 36 -22.98 -0.86 38.51
CA ASN B 36 -24.30 -0.29 38.33
C ASN B 36 -24.48 -0.16 36.84
N TYR B 37 -25.57 -0.72 36.32
CA TYR B 37 -25.84 -0.69 34.89
C TYR B 37 -27.12 0.08 34.65
N THR B 38 -27.05 1.10 33.80
CA THR B 38 -28.14 2.05 33.64
C THR B 38 -28.25 2.39 32.15
N ARG B 39 -29.47 2.67 31.69
CA ARG B 39 -29.70 3.10 30.31
C ARG B 39 -30.51 4.39 30.25
N GLY B 40 -30.54 4.99 29.06
CA GLY B 40 -31.46 6.09 28.78
C GLY B 40 -32.86 5.53 28.60
N ALA B 41 -33.84 6.42 28.42
CA ALA B 41 -35.22 6.00 28.17
C ALA B 41 -35.28 5.23 26.83
N SER B 42 -36.05 4.14 26.83
CA SER B 42 -36.29 3.34 25.61
C SER B 42 -34.99 2.88 24.96
N ASN B 43 -34.07 2.38 25.78
CA ASN B 43 -32.78 1.88 25.31
C ASN B 43 -31.84 2.90 24.64
N SER B 44 -32.13 4.18 24.80
CA SER B 44 -31.22 5.19 24.29
C SER B 44 -30.01 5.31 25.22
N VAL B 45 -29.00 6.03 24.74
CA VAL B 45 -27.76 6.26 25.47
C VAL B 45 -28.06 6.93 26.79
N THR B 46 -27.23 6.68 27.80
CA THR B 46 -27.31 7.40 29.05
C THR B 46 -27.00 8.87 28.76
N LYS B 47 -27.57 9.75 29.58
CA LYS B 47 -27.50 11.17 29.34
C LYS B 47 -26.56 11.91 30.30
N ASN B 48 -26.21 13.13 29.91
CA ASN B 48 -25.50 14.08 30.76
C ASN B 48 -26.19 14.22 32.09
N ASN B 49 -25.39 14.10 33.16
CA ASN B 49 -25.87 14.18 34.56
C ASN B 49 -26.91 13.15 35.00
N GLN B 50 -27.10 12.11 34.20
CA GLN B 50 -27.95 11.03 34.61
C GLN B 50 -27.27 10.26 35.73
N LEU B 51 -28.05 9.84 36.72
CA LEU B 51 -27.50 9.03 37.81
C LEU B 51 -27.24 7.64 37.28
N LEU B 52 -25.97 7.32 37.06
CA LEU B 52 -25.57 6.01 36.54
C LEU B 52 -25.42 4.94 37.61
N GLY B 53 -25.35 5.35 38.88
CA GLY B 53 -25.09 4.42 39.96
C GLY B 53 -25.10 5.16 41.28
N GLY B 54 -25.38 4.45 42.36
CA GLY B 54 -25.48 5.06 43.67
C GLY B 54 -25.37 4.06 44.80
N TYR B 55 -24.89 4.54 45.95
CA TYR B 55 -24.77 3.80 47.15
C TYR B 55 -25.15 4.78 48.22
N GLY B 56 -26.02 4.37 49.15
CA GLY B 56 -26.53 5.32 50.11
C GLY B 56 -27.17 4.70 51.32
N SER B 57 -27.03 5.38 52.46
CA SER B 57 -27.62 4.93 53.69
C SER B 57 -28.98 5.57 53.88
N ARG B 58 -29.91 4.80 54.43
CA ARG B 58 -31.22 5.31 54.83
C ARG B 58 -31.46 4.96 56.29
N PRO B 59 -31.53 5.98 57.15
CA PRO B 59 -31.69 5.73 58.53
C PRO B 59 -33.16 5.46 58.91
N TRP B 60 -33.35 4.87 60.10
CA TRP B 60 -34.64 4.47 60.62
C TRP B 60 -35.20 5.56 61.53
N LEU B 61 -36.44 5.95 61.23
CA LEU B 61 -37.14 7.01 61.96
C LEU B 61 -37.98 6.51 63.14
N GLY B 62 -38.11 5.20 63.30
CA GLY B 62 -38.95 4.61 64.35
C GLY B 62 -39.86 3.54 63.77
N SER B 63 -40.53 3.84 62.68
CA SER B 63 -41.34 2.86 61.97
C SER B 63 -41.12 2.84 60.45
N THR B 64 -40.35 3.79 59.91
CA THR B 64 -39.97 3.77 58.49
C THR B 64 -38.53 4.23 58.31
N TYR B 65 -38.02 4.06 57.10
CA TYR B 65 -36.73 4.63 56.70
C TYR B 65 -36.97 5.94 55.96
N THR B 66 -35.94 6.76 55.83
CA THR B 66 -36.04 8.00 55.05
C THR B 66 -36.31 7.66 53.58
N GLU B 67 -36.94 8.57 52.85
CA GLU B 67 -37.32 8.29 51.46
C GLU B 67 -36.15 8.39 50.50
N HIS B 68 -35.12 9.12 50.91
CA HIS B 68 -33.87 9.20 50.15
C HIS B 68 -32.70 9.03 51.11
N SER B 69 -31.51 8.82 50.55
CA SER B 69 -30.34 8.58 51.36
C SER B 69 -29.86 9.85 52.05
N ASN B 70 -29.43 9.72 53.31
CA ASN B 70 -28.91 10.90 54.02
C ASN B 70 -27.41 11.11 53.80
N ALA B 71 -26.74 10.04 53.36
CA ALA B 71 -25.33 10.08 52.98
C ALA B 71 -25.21 9.14 51.79
N ALA B 72 -24.44 9.52 50.76
CA ALA B 72 -24.46 8.79 49.50
C ALA B 72 -23.25 9.06 48.64
N LEU B 73 -22.97 8.08 47.76
CA LEU B 73 -22.00 8.20 46.73
C LEU B 73 -22.74 8.04 45.41
N HIS B 74 -22.60 8.99 44.49
CA HIS B 74 -23.28 8.98 43.21
C HIS B 74 -22.29 8.98 42.09
N PHE B 75 -22.55 8.18 41.07
CA PHE B 75 -21.82 8.19 39.81
C PHE B 75 -22.76 8.83 38.82
N LEU B 76 -22.29 9.83 38.08
CA LEU B 76 -23.15 10.55 37.13
C LEU B 76 -22.51 10.70 35.76
N GLY B 77 -23.33 10.89 34.73
CA GLY B 77 -22.81 11.07 33.38
C GLY B 77 -22.28 12.49 33.18
N ALA B 78 -21.23 12.59 32.36
CA ALA B 78 -20.69 13.87 31.91
C ALA B 78 -20.82 13.89 30.39
N GLY B 79 -21.86 14.56 29.92
CA GLY B 79 -22.26 14.52 28.51
C GLY B 79 -23.08 13.27 28.21
N ASP B 80 -23.85 13.31 27.11
CA ASP B 80 -24.58 12.14 26.63
C ASP B 80 -23.56 11.09 26.13
N THR B 81 -23.77 9.85 26.54
CA THR B 81 -22.86 8.79 26.18
C THR B 81 -22.90 8.54 24.66
N SER B 82 -21.74 8.19 24.10
CA SER B 82 -21.60 7.94 22.67
C SER B 82 -20.31 7.13 22.45
N ALA B 83 -19.96 6.90 21.19
CA ALA B 83 -18.74 6.14 20.88
C ALA B 83 -17.47 6.93 21.23
N THR B 84 -17.57 8.26 21.24
CA THR B 84 -16.46 9.12 21.57
C THR B 84 -16.52 9.75 22.97
N ASN B 85 -17.66 9.61 23.65
CA ASN B 85 -17.83 10.12 25.02
C ASN B 85 -18.32 9.06 25.99
N HIS B 86 -17.46 8.69 26.94
CA HIS B 86 -17.90 7.88 28.09
C HIS B 86 -17.80 8.68 29.41
N GLY B 87 -17.96 10.00 29.31
CA GLY B 87 -17.73 10.88 30.42
C GLY B 87 -18.52 10.49 31.65
N GLY B 88 -17.89 10.59 32.81
CA GLY B 88 -18.53 10.33 34.09
C GLY B 88 -17.84 11.04 35.24
N TRP B 89 -18.61 11.42 36.25
CA TRP B 89 -18.12 12.11 37.43
C TRP B 89 -18.78 11.60 38.71
N ILE B 90 -18.34 12.09 39.86
CA ILE B 90 -18.69 11.55 41.15
C ILE B 90 -19.08 12.68 42.08
N ARG B 91 -20.08 12.44 42.92
CA ARG B 91 -20.25 13.28 44.09
C ARG B 91 -20.61 12.50 45.32
N LEU B 92 -20.35 13.10 46.47
CA LEU B 92 -20.69 12.54 47.75
C LEU B 92 -21.65 13.53 48.38
N LEU B 93 -22.72 13.00 48.98
CA LEU B 93 -23.78 13.81 49.60
C LEU B 93 -23.86 13.57 51.11
N VAL B 94 -24.12 14.61 51.88
CA VAL B 94 -24.26 14.52 53.31
C VAL B 94 -25.48 15.33 53.72
N THR B 95 -25.95 15.13 54.95
CA THR B 95 -27.12 15.84 55.44
C THR B 95 -26.74 16.51 56.78
N PRO B 96 -26.86 17.84 56.84
CA PRO B 96 -26.47 18.51 58.08
C PRO B 96 -27.30 18.09 59.26
N LYS B 97 -26.67 17.93 60.40
CA LYS B 97 -27.40 17.73 61.64
C LYS B 97 -28.44 18.84 61.78
N GLY B 98 -29.66 18.47 62.14
CA GLY B 98 -30.75 19.41 62.32
C GLY B 98 -31.54 19.64 61.06
N LYS B 99 -31.24 18.90 60.00
CA LYS B 99 -31.97 19.03 58.75
C LYS B 99 -32.38 17.68 58.20
N THR B 100 -33.38 17.69 57.29
CA THR B 100 -33.89 16.47 56.68
C THR B 100 -33.23 16.29 55.32
N ILE B 101 -33.48 15.15 54.70
CA ILE B 101 -32.90 14.81 53.41
C ILE B 101 -33.39 15.72 52.27
N SER B 102 -34.37 16.56 52.52
CA SER B 102 -34.74 17.62 51.57
C SER B 102 -33.62 18.63 51.42
N ASP B 103 -32.81 18.78 52.47
CA ASP B 103 -31.74 19.78 52.48
C ASP B 103 -30.35 19.15 52.51
N ARG B 104 -30.18 18.03 51.81
CA ARG B 104 -28.90 17.38 51.79
C ARG B 104 -28.03 18.04 50.75
N VAL B 105 -26.72 17.90 50.92
CA VAL B 105 -25.73 18.75 50.28
C VAL B 105 -24.76 17.87 49.51
N PRO B 106 -24.68 18.04 48.18
CA PRO B 106 -23.60 17.43 47.41
C PRO B 106 -22.25 18.18 47.60
N ALA B 107 -21.64 17.98 48.76
CA ALA B 107 -20.59 18.83 49.23
C ALA B 107 -19.25 18.53 48.60
N PHE B 108 -19.09 17.34 48.06
CA PHE B 108 -17.86 16.89 47.45
C PHE B 108 -18.21 16.51 46.01
N ARG B 109 -17.56 17.14 45.03
CA ARG B 109 -17.84 16.85 43.65
C ARG B 109 -16.52 16.67 42.95
N LEU B 110 -16.29 15.46 42.46
CA LEU B 110 -15.10 15.16 41.73
C LEU B 110 -15.47 15.23 40.27
N SER B 111 -15.05 16.31 39.63
CA SER B 111 -15.42 16.59 38.28
C SER B 111 -14.88 15.55 37.33
N ASP B 112 -15.47 15.49 36.13
CA ASP B 112 -14.97 14.61 35.06
C ASP B 112 -13.56 15.02 34.59
N ASN B 113 -13.22 16.29 34.76
CA ASN B 113 -11.85 16.79 34.45
C ASN B 113 -10.84 16.46 35.55
N GLY B 114 -11.31 15.93 36.69
CA GLY B 114 -10.44 15.52 37.80
C GLY B 114 -10.32 16.52 38.95
N ASP B 115 -10.92 17.70 38.80
CA ASP B 115 -10.92 18.70 39.87
C ASP B 115 -11.80 18.27 41.01
N LEU B 116 -11.46 18.75 42.20
CA LEU B 116 -12.30 18.55 43.34
C LEU B 116 -12.95 19.87 43.74
N TRP B 117 -14.28 19.87 43.83
CA TRP B 117 -15.05 20.97 44.31
C TRP B 117 -15.57 20.66 45.69
N LEU B 118 -15.32 21.56 46.63
CA LEU B 118 -15.86 21.50 47.95
C LEU B 118 -16.92 22.59 48.11
N VAL B 119 -18.16 22.18 48.36
CA VAL B 119 -19.29 23.08 48.37
C VAL B 119 -20.12 22.78 49.61
N PRO B 120 -19.70 23.33 50.76
CA PRO B 120 -20.39 23.05 51.99
C PRO B 120 -21.80 23.59 52.06
N ASP B 121 -22.48 23.24 53.16
CA ASP B 121 -23.83 23.72 53.40
C ASP B 121 -23.93 25.26 53.34
N GLY B 122 -24.92 25.76 52.59
CA GLY B 122 -25.15 27.19 52.47
C GLY B 122 -24.48 27.85 51.29
N ALA B 123 -23.61 27.12 50.60
CA ALA B 123 -22.84 27.71 49.50
C ALA B 123 -23.62 27.82 48.18
N MET B 124 -24.27 26.73 47.76
CA MET B 124 -25.03 26.70 46.49
C MET B 124 -26.44 26.18 46.68
N HIS B 125 -27.40 26.80 45.99
CA HIS B 125 -28.77 26.33 46.03
C HIS B 125 -28.79 24.92 45.44
N SER B 126 -29.77 24.11 45.87
CA SER B 126 -29.93 22.73 45.38
C SER B 126 -30.18 22.61 43.85
N ASP B 127 -30.69 23.66 43.21
CA ASP B 127 -30.72 23.76 41.73
C ASP B 127 -29.34 23.63 41.05
N LEU B 128 -28.27 23.95 41.78
CA LEU B 128 -26.93 23.86 41.23
C LEU B 128 -26.19 22.58 41.66
N GLY B 129 -26.90 21.59 42.21
CA GLY B 129 -26.29 20.33 42.65
C GLY B 129 -25.53 19.55 41.59
N LEU B 130 -25.79 19.80 40.32
CA LEU B 130 -25.10 19.11 39.20
C LEU B 130 -23.93 19.94 38.60
N VAL B 131 -23.66 21.11 39.15
CA VAL B 131 -22.51 21.88 38.73
C VAL B 131 -21.23 21.13 39.13
N ARG B 132 -20.34 20.93 38.18
CA ARG B 132 -19.12 20.13 38.37
C ARG B 132 -17.87 20.80 37.76
N SER B 133 -17.99 22.06 37.36
CA SER B 133 -16.91 22.77 36.69
C SER B 133 -17.26 24.24 36.57
N ILE B 134 -16.26 25.03 36.19
CA ILE B 134 -16.48 26.43 35.83
C ILE B 134 -17.34 26.56 34.59
N GLU B 135 -17.13 25.68 33.62
CA GLU B 135 -17.95 25.70 32.40
C GLU B 135 -19.43 25.49 32.74
N THR B 136 -19.73 24.49 33.56
CA THR B 136 -21.12 24.18 33.90
C THR B 136 -21.70 25.21 34.86
N LEU B 137 -20.86 25.79 35.72
CA LEU B 137 -21.28 26.88 36.58
C LEU B 137 -21.62 28.15 35.78
N ASN B 138 -20.77 28.49 34.80
CA ASN B 138 -21.06 29.61 33.91
C ASN B 138 -22.40 29.45 33.19
N ALA B 139 -22.70 28.23 32.75
CA ALA B 139 -23.95 27.97 32.02
C ALA B 139 -25.17 28.11 32.94
N ALA B 140 -25.04 27.66 34.19
CA ALA B 140 -26.13 27.70 35.16
C ALA B 140 -26.35 29.09 35.73
N VAL B 141 -25.28 29.88 35.79
CA VAL B 141 -25.34 31.25 36.29
C VAL B 141 -24.71 32.15 35.22
N PRO B 142 -25.54 32.63 34.28
CA PRO B 142 -24.97 33.30 33.09
C PRO B 142 -24.08 34.51 33.36
N ARG B 143 -24.34 35.23 34.45
CA ARG B 143 -23.53 36.40 34.79
C ARG B 143 -22.17 36.10 35.47
N PHE B 144 -21.95 34.84 35.88
CA PHE B 144 -20.74 34.44 36.61
C PHE B 144 -19.45 34.65 35.81
N ASN B 145 -19.39 34.08 34.61
CA ASN B 145 -18.28 34.32 33.67
C ASN B 145 -16.91 34.25 34.29
N ALA B 146 -16.62 33.12 34.91
CA ALA B 146 -15.25 32.83 35.35
C ALA B 146 -14.48 32.17 34.21
N PRO B 147 -13.14 32.22 34.23
CA PRO B 147 -12.35 31.63 33.15
C PRO B 147 -12.29 30.09 33.24
N SER B 148 -12.76 29.44 32.19
CA SER B 148 -12.80 27.98 32.15
C SER B 148 -11.40 27.37 32.02
N ILE B 149 -10.40 28.17 31.61
CA ILE B 149 -9.01 27.68 31.62
C ILE B 149 -8.56 27.27 33.05
N GLN B 150 -9.27 27.73 34.09
CA GLN B 150 -9.02 27.25 35.46
C GLN B 150 -9.51 25.83 35.78
N ASP B 151 -10.34 25.25 34.91
CA ASP B 151 -10.78 23.87 35.08
C ASP B 151 -9.64 22.89 34.85
N GLY B 152 -9.60 21.85 35.67
CA GLY B 152 -8.59 20.80 35.57
C GLY B 152 -7.28 21.09 36.27
N ARG B 153 -7.30 22.08 37.18
CA ARG B 153 -6.08 22.57 37.85
CA ARG B 153 -6.09 22.57 37.84
C ARG B 153 -5.98 22.13 39.29
N GLY B 154 -7.07 21.63 39.88
CA GLY B 154 -7.02 21.14 41.27
C GLY B 154 -8.27 21.37 42.12
N LEU B 155 -8.11 22.10 43.22
CA LEU B 155 -9.14 22.27 44.20
C LEU B 155 -9.89 23.61 44.11
N LYS B 156 -11.23 23.56 44.19
CA LYS B 156 -12.09 24.76 44.25
C LYS B 156 -13.00 24.66 45.44
N ILE B 157 -13.02 25.69 46.26
CA ILE B 157 -13.85 25.75 47.43
C ILE B 157 -14.80 26.91 47.26
N VAL B 158 -16.10 26.64 47.39
CA VAL B 158 -17.13 27.65 47.36
C VAL B 158 -17.81 27.66 48.73
N ALA B 159 -17.87 28.83 49.36
CA ALA B 159 -18.56 28.95 50.62
C ALA B 159 -19.13 30.35 50.71
N PRO B 160 -20.23 30.51 51.45
CA PRO B 160 -20.75 31.86 51.67
C PRO B 160 -19.77 32.73 52.45
N GLN B 161 -19.35 33.82 51.80
CA GLN B 161 -18.45 34.86 52.37
C GLN B 161 -16.98 34.46 52.52
N ALA B 162 -16.73 33.41 53.31
CA ALA B 162 -15.38 33.12 53.80
C ALA B 162 -14.96 31.70 53.58
N PRO B 163 -14.82 31.30 52.32
CA PRO B 163 -14.19 29.98 52.11
C PRO B 163 -12.77 29.98 52.67
N GLU B 164 -12.36 28.85 53.24
CA GLU B 164 -11.20 28.83 54.11
C GLU B 164 -10.49 27.50 54.09
N ILE B 165 -9.16 27.54 54.22
CA ILE B 165 -8.34 26.37 54.47
C ILE B 165 -7.63 26.55 55.80
N ASP B 166 -7.83 25.60 56.74
CA ASP B 166 -7.21 25.61 58.06
C ASP B 166 -6.16 24.54 58.14
N LEU B 167 -4.97 24.91 58.62
CA LEU B 167 -3.85 24.00 58.76
C LEU B 167 -3.56 23.95 60.25
N ILE B 168 -4.02 22.88 60.88
CA ILE B 168 -3.95 22.70 62.34
C ILE B 168 -2.67 21.90 62.66
N ALA B 169 -1.79 22.50 63.45
CA ALA B 169 -0.40 22.09 63.51
C ALA B 169 0.08 21.98 64.96
N PRO B 170 -0.23 20.86 65.64
CA PRO B 170 0.28 20.65 66.99
C PRO B 170 1.79 20.43 66.99
N ARG B 171 2.49 21.14 67.87
CA ARG B 171 3.94 21.10 67.93
C ARG B 171 4.55 19.75 68.22
N GLY B 172 3.92 18.99 69.13
CA GLY B 172 4.51 17.73 69.62
C GLY B 172 5.85 18.03 70.23
N SER B 173 6.89 17.32 69.77
CA SER B 173 8.23 17.55 70.23
C SER B 173 9.09 18.38 69.26
N GLY B 174 8.50 18.89 68.19
CA GLY B 174 9.25 19.66 67.19
C GLY B 174 8.85 21.14 67.19
N ALA B 175 8.31 21.59 66.04
CA ALA B 175 7.83 22.98 65.88
C ALA B 175 6.50 22.96 65.14
N SER B 176 5.57 23.87 65.48
CA SER B 176 4.39 24.08 64.65
C SER B 176 4.82 24.86 63.42
N ALA B 177 4.79 24.18 62.28
CA ALA B 177 5.32 24.70 61.04
C ALA B 177 4.45 24.29 59.84
N PRO B 178 3.17 24.69 59.83
CA PRO B 178 2.42 24.50 58.62
C PRO B 178 3.07 25.23 57.43
N ALA B 179 2.75 24.78 56.23
CA ALA B 179 3.39 25.28 55.03
C ALA B 179 2.51 25.10 53.81
N ILE B 180 2.61 26.04 52.90
CA ILE B 180 2.08 25.91 51.57
C ILE B 180 3.27 25.99 50.66
N ARG B 181 3.50 24.95 49.89
CA ARG B 181 4.71 24.77 49.17
C ARG B 181 4.45 24.49 47.70
N ALA B 182 4.87 25.41 46.83
CA ALA B 182 4.94 25.15 45.41
C ALA B 182 6.16 24.32 45.17
N MET B 183 6.11 23.46 44.16
CA MET B 183 7.24 22.61 43.81
C MET B 183 7.40 22.72 42.31
N TRP B 184 8.34 23.58 41.92
CA TRP B 184 8.65 23.85 40.55
C TRP B 184 9.57 22.78 39.99
N CYS B 185 9.35 22.41 38.72
CA CYS B 185 10.32 21.60 37.99
C CYS B 185 10.13 21.74 36.49
N ASP B 186 11.16 21.34 35.77
CA ASP B 186 11.10 21.19 34.31
C ASP B 186 10.57 19.77 34.04
N GLY B 187 9.91 19.58 32.90
CA GLY B 187 9.53 18.25 32.49
C GLY B 187 8.06 17.97 32.57
N SER B 188 7.75 16.68 32.68
CA SER B 188 6.37 16.20 32.54
C SER B 188 6.22 14.82 33.17
N LEU B 189 5.08 14.62 33.84
CA LEU B 189 4.70 13.30 34.34
C LEU B 189 3.63 12.64 33.44
N ALA B 190 3.30 13.30 32.33
CA ALA B 190 2.16 12.95 31.48
C ALA B 190 2.48 12.05 30.29
N ASP B 191 3.74 11.92 29.93
CA ASP B 191 4.16 11.09 28.80
C ASP B 191 4.84 9.77 29.27
N THR B 192 5.33 8.98 28.32
CA THR B 192 6.06 7.72 28.60
C THR B 192 7.45 8.02 29.12
N THR B 193 8.04 9.09 28.61
CA THR B 193 9.43 9.48 28.94
C THR B 193 9.66 9.85 30.43
N ARG B 194 8.83 10.74 30.93
CA ARG B 194 8.91 11.30 32.28
C ARG B 194 10.26 11.86 32.71
N TYR B 195 10.61 12.91 31.99
CA TYR B 195 11.80 13.62 32.29
C TYR B 195 11.39 14.62 33.39
N ILE B 196 12.25 14.77 34.38
CA ILE B 196 12.10 15.80 35.40
C ILE B 196 13.46 16.48 35.56
N GLY B 197 13.46 17.81 35.55
CA GLY B 197 14.71 18.56 35.60
C GLY B 197 14.61 19.87 36.35
N ALA B 198 15.68 20.65 36.26
CA ALA B 198 15.86 21.82 37.06
C ALA B 198 14.82 22.89 36.74
N THR B 199 14.39 23.56 37.81
CA THR B 199 13.53 24.73 37.72
C THR B 199 14.06 25.71 36.67
N GLN B 200 13.18 26.13 35.77
CA GLN B 200 13.50 27.02 34.68
C GLN B 200 13.21 28.49 35.00
N PRO B 201 13.82 29.43 34.24
CA PRO B 201 13.44 30.84 34.31
C PRO B 201 11.94 31.00 34.06
N GLY B 202 11.32 31.98 34.70
CA GLY B 202 9.88 32.21 34.57
C GLY B 202 8.99 31.35 35.46
N SER B 203 9.58 30.57 36.36
CA SER B 203 8.84 29.82 37.35
C SER B 203 8.33 30.80 38.41
N THR B 204 7.02 30.75 38.68
CA THR B 204 6.39 31.69 39.63
C THR B 204 5.39 30.94 40.51
N PHE B 205 5.04 31.55 41.63
CA PHE B 205 4.03 31.05 42.53
C PHE B 205 3.25 32.25 42.98
N TYR B 206 2.01 32.37 42.52
CA TYR B 206 1.17 33.51 42.86
C TYR B 206 0.20 33.18 43.93
N ILE B 207 0.14 34.05 44.93
CA ILE B 207 -0.88 34.00 45.94
C ILE B 207 -1.62 35.32 45.82
N GLY B 208 -2.83 35.29 45.31
CA GLY B 208 -3.53 36.52 44.98
C GLY B 208 -5.04 36.38 44.85
N ALA B 209 -5.65 37.48 44.38
CA ALA B 209 -7.08 37.60 44.30
C ALA B 209 -7.53 38.08 42.91
N SER B 210 -8.40 37.27 42.29
CA SER B 210 -9.23 37.66 41.17
C SER B 210 -10.55 38.11 41.74
N GLY B 211 -11.37 38.70 40.89
CA GLY B 211 -12.67 39.18 41.33
C GLY B 211 -13.53 39.53 40.15
N HIS B 212 -14.83 39.57 40.38
CA HIS B 212 -15.79 39.96 39.39
C HIS B 212 -15.74 41.49 39.26
N ASP B 213 -15.78 41.98 38.02
CA ASP B 213 -15.67 43.41 37.74
C ASP B 213 -17.00 44.03 37.30
N GLY B 214 -18.09 43.29 37.52
CA GLY B 214 -19.39 43.66 36.98
C GLY B 214 -19.79 42.86 35.77
N GLU B 215 -18.82 42.36 34.99
CA GLU B 215 -19.06 41.54 33.80
C GLU B 215 -18.47 40.13 33.88
N LYS B 216 -17.28 40.00 34.46
CA LYS B 216 -16.61 38.70 34.54
C LYS B 216 -15.47 38.67 35.56
N PHE B 217 -14.98 37.46 35.86
CA PHE B 217 -13.72 37.30 36.56
C PHE B 217 -12.64 37.22 35.51
N ASP B 218 -11.40 37.54 35.89
CA ASP B 218 -10.29 37.50 34.94
C ASP B 218 -9.00 37.19 35.71
N SER B 219 -7.92 37.87 35.37
CA SER B 219 -6.65 37.64 36.01
C SER B 219 -6.65 38.21 37.41
N MET B 220 -5.65 37.80 38.18
CA MET B 220 -5.46 38.33 39.52
C MET B 220 -5.16 39.82 39.38
N ARG B 221 -5.67 40.62 40.30
CA ARG B 221 -5.38 42.04 40.32
C ARG B 221 -4.60 42.52 41.54
N GLY B 222 -4.30 41.61 42.46
CA GLY B 222 -3.39 41.88 43.58
C GLY B 222 -2.75 40.56 43.95
N SER B 223 -1.46 40.56 44.28
CA SER B 223 -0.81 39.32 44.66
C SER B 223 0.56 39.48 45.32
N VAL B 224 0.95 38.42 46.02
CA VAL B 224 2.34 38.12 46.37
C VAL B 224 2.82 37.06 45.41
N ALA B 225 4.03 37.18 44.92
CA ALA B 225 4.55 36.22 43.95
C ALA B 225 5.98 35.84 44.32
N ILE B 226 6.21 34.56 44.56
CA ILE B 226 7.54 34.04 44.69
C ILE B 226 7.98 33.57 43.30
N LYS B 227 9.18 33.98 42.86
CA LYS B 227 9.63 33.75 41.49
C LYS B 227 11.03 33.22 41.50
N SER B 228 11.37 32.33 40.58
CA SER B 228 12.77 32.01 40.31
C SER B 228 13.40 33.25 39.64
N ALA B 229 14.63 33.58 40.04
CA ALA B 229 15.38 34.69 39.46
C ALA B 229 16.50 34.07 38.59
N GLY B 230 16.12 33.53 37.45
CA GLY B 230 17.02 32.73 36.68
C GLY B 230 16.76 31.25 36.87
N GLY B 231 17.43 30.46 36.03
CA GLY B 231 17.36 29.02 36.11
C GLY B 231 18.21 28.55 37.28
N TRP B 232 17.91 27.34 37.72
CA TRP B 232 18.50 26.78 38.89
C TRP B 232 19.48 25.69 38.50
N GLY B 233 20.38 25.37 39.43
CA GLY B 233 21.30 24.30 39.28
C GLY B 233 21.64 23.83 40.68
N PRO B 234 22.43 22.76 40.80
CA PRO B 234 22.66 22.20 42.13
C PRO B 234 23.36 23.13 43.12
N THR B 235 24.07 24.16 42.63
CA THR B 235 24.78 25.09 43.52
C THR B 235 24.16 26.50 43.55
N SER B 236 23.05 26.70 42.84
CA SER B 236 22.44 28.01 42.69
C SER B 236 20.92 27.91 42.47
N THR B 237 20.14 28.39 43.45
CA THR B 237 18.68 28.39 43.38
C THR B 237 18.11 29.74 43.76
N PRO B 238 18.40 30.76 42.96
CA PRO B 238 17.97 32.13 43.29
C PRO B 238 16.47 32.36 43.17
N THR B 239 15.95 33.25 44.01
CA THR B 239 14.55 33.62 44.02
C THR B 239 14.33 35.08 44.32
N GLN B 240 13.10 35.53 44.12
CA GLN B 240 12.67 36.80 44.61
C GLN B 240 11.21 36.76 45.03
N VAL B 241 10.81 37.73 45.83
CA VAL B 241 9.45 37.86 46.30
C VAL B 241 8.94 39.25 45.89
N VAL B 242 7.79 39.29 45.20
CA VAL B 242 7.25 40.51 44.63
C VAL B 242 5.80 40.77 45.04
N LEU B 243 5.48 42.02 45.36
CA LEU B 243 4.13 42.43 45.71
C LEU B 243 3.58 43.22 44.54
N GLU B 244 2.36 42.88 44.13
CA GLU B 244 1.76 43.46 42.92
C GLU B 244 0.36 43.97 43.20
N THR B 245 0.05 45.14 42.68
CA THR B 245 -1.25 45.74 42.87
C THR B 245 -1.72 46.39 41.56
N CYS B 246 -3.00 46.76 41.56
CA CYS B 246 -3.65 47.34 40.42
C CYS B 246 -4.18 48.70 40.84
N GLU B 247 -3.97 49.69 39.98
CA GLU B 247 -4.35 51.06 40.26
C GLU B 247 -5.83 51.31 39.93
N SER B 248 -6.42 52.17 40.72
CA SER B 248 -7.69 52.81 40.43
C SER B 248 -7.74 53.33 39.00
N GLY B 249 -8.83 53.06 38.30
CA GLY B 249 -8.95 53.42 36.89
C GLY B 249 -8.17 52.51 35.94
N SER B 250 -7.61 51.41 36.45
CA SER B 250 -6.82 50.48 35.63
C SER B 250 -7.30 49.05 35.87
N ILE B 251 -7.01 48.15 34.93
CA ILE B 251 -7.42 46.73 35.03
C ILE B 251 -6.27 45.75 34.85
N SER B 252 -5.07 46.20 35.10
CA SER B 252 -3.87 45.41 34.88
C SER B 252 -2.95 45.63 36.07
N ARG B 253 -2.54 44.55 36.74
CA ARG B 253 -1.72 44.68 37.92
C ARG B 253 -0.26 44.76 37.52
N LEU B 254 0.53 45.42 38.34
CA LEU B 254 1.94 45.64 38.06
C LEU B 254 2.75 45.23 39.27
N PRO B 255 3.94 44.66 39.05
CA PRO B 255 4.89 44.52 40.15
C PRO B 255 5.27 45.90 40.67
N ARG B 256 5.23 46.07 41.99
CA ARG B 256 5.46 47.34 42.61
C ARG B 256 6.78 47.34 43.38
N TRP B 257 6.86 46.46 44.38
CA TRP B 257 8.00 46.35 45.27
C TRP B 257 8.35 44.90 45.41
N GLY B 258 9.64 44.61 45.56
CA GLY B 258 10.08 43.23 45.73
C GLY B 258 11.37 43.11 46.48
N VAL B 259 11.63 41.91 47.01
CA VAL B 259 12.90 41.56 47.59
C VAL B 259 13.64 40.70 46.56
N ASP B 260 14.87 41.08 46.24
CA ASP B 260 15.63 40.45 45.19
C ASP B 260 16.41 39.27 45.74
N HIS B 261 16.99 38.49 44.83
CA HIS B 261 17.81 37.37 45.20
C HIS B 261 18.94 37.76 46.14
N ASN B 262 19.42 39.00 46.06
CA ASN B 262 20.48 39.46 46.97
C ASN B 262 19.97 40.19 48.21
N GLY B 263 18.66 40.29 48.38
CA GLY B 263 18.09 40.81 49.61
C GLY B 263 17.71 42.27 49.55
N THR B 264 18.00 42.91 48.44
CA THR B 264 17.63 44.28 48.24
C THR B 264 16.12 44.42 48.20
N LEU B 265 15.57 45.38 48.93
CA LEU B 265 14.18 45.75 48.81
C LEU B 265 14.11 46.90 47.84
N MET B 266 13.36 46.74 46.77
CA MET B 266 13.46 47.68 45.68
C MET B 266 12.12 47.88 45.00
N PRO B 267 11.92 49.07 44.43
CA PRO B 267 10.75 49.23 43.58
C PRO B 267 11.03 48.50 42.30
N MET B 268 9.99 48.00 41.65
CA MET B 268 10.15 47.14 40.46
C MET B 268 10.11 47.95 39.16
N ALA B 269 9.95 49.27 39.28
CA ALA B 269 10.25 50.22 38.19
C ALA B 269 11.05 51.40 38.75
N ASP B 270 11.91 51.96 37.91
CA ASP B 270 12.82 53.04 38.31
C ASP B 270 12.08 54.36 38.37
N ASN B 271 12.36 55.15 39.38
CA ASN B 271 11.85 56.50 39.47
C ASN B 271 10.36 56.55 39.26
N ARG B 272 9.63 55.74 40.03
CA ARG B 272 8.21 55.68 39.89
C ARG B 272 7.41 55.57 41.20
N TYR B 273 7.95 54.87 42.20
CA TYR B 273 7.18 54.58 43.42
C TYR B 273 7.81 55.24 44.64
N ASN B 274 6.97 55.75 45.52
CA ASN B 274 7.42 56.38 46.73
C ASN B 274 7.39 55.46 47.95
N LEU B 275 8.11 55.91 48.98
CA LEU B 275 8.00 55.34 50.29
C LEU B 275 7.28 56.35 51.14
N GLY B 276 6.08 56.01 51.58
CA GLY B 276 5.25 56.89 52.39
C GLY B 276 4.50 57.86 51.52
N TRP B 277 3.60 58.62 52.16
CA TRP B 277 2.87 59.69 51.50
C TRP B 277 2.44 60.66 52.59
N GLY B 278 1.76 61.75 52.22
CA GLY B 278 1.38 62.79 53.18
C GLY B 278 0.66 62.33 54.45
N SER B 279 -0.30 61.43 54.31
CA SER B 279 -1.05 60.93 55.46
C SER B 279 -0.53 59.57 55.91
N GLY B 280 0.65 59.18 55.45
CA GLY B 280 1.25 57.88 55.79
C GLY B 280 2.76 58.00 55.75
N ARG B 281 3.27 58.80 56.65
CA ARG B 281 4.68 59.15 56.67
C ARG B 281 5.46 58.18 57.55
N VAL B 282 6.64 57.81 57.05
CA VAL B 282 7.59 57.05 57.84
C VAL B 282 8.03 57.92 59.02
N LYS B 283 8.12 57.33 60.21
CA LYS B 283 8.53 58.09 61.39
C LYS B 283 9.98 58.44 61.25
N GLN B 284 10.86 57.44 61.08
CA GLN B 284 12.21 57.71 60.60
C GLN B 284 12.93 56.52 60.05
N VAL B 285 14.02 56.83 59.35
CA VAL B 285 14.85 55.86 58.69
C VAL B 285 16.18 55.72 59.43
N TYR B 286 16.61 54.48 59.64
CA TYR B 286 17.93 54.14 60.12
C TYR B 286 18.75 53.62 58.95
N ALA B 287 19.72 54.41 58.51
CA ALA B 287 20.63 54.01 57.45
C ALA B 287 22.08 54.08 57.95
N VAL B 288 22.97 53.38 57.27
CA VAL B 288 24.40 53.40 57.59
C VAL B 288 25.10 54.47 56.77
N ASN B 289 24.89 54.43 55.45
CA ASN B 289 25.40 55.42 54.52
C ASN B 289 24.37 56.48 54.17
N GLY B 290 24.86 57.59 53.64
CA GLY B 290 23.96 58.65 53.20
C GLY B 290 23.17 58.23 51.98
N THR B 291 21.94 58.72 51.89
CA THR B 291 21.12 58.54 50.72
C THR B 291 21.89 58.97 49.48
N ILE B 292 21.79 58.17 48.44
CA ILE B 292 22.37 58.47 47.15
C ILE B 292 21.29 59.10 46.28
N ASN B 293 21.51 60.36 45.87
CA ASN B 293 20.63 61.06 44.93
C ASN B 293 21.34 61.28 43.63
N THR B 294 20.70 60.89 42.56
CA THR B 294 21.22 61.09 41.19
C THR B 294 21.28 62.58 40.90
N ALA B 295 22.41 63.02 40.34
CA ALA B 295 22.61 64.43 39.98
C ALA B 295 23.48 64.44 38.72
N ASP B 296 22.88 63.92 37.66
CA ASP B 296 23.55 63.59 36.42
C ASP B 296 23.26 64.69 35.39
N ALA B 297 24.31 65.35 34.90
CA ALA B 297 24.19 66.41 33.87
C ALA B 297 23.37 66.00 32.63
N ARG B 298 23.46 64.72 32.26
CA ARG B 298 22.77 64.17 31.09
C ARG B 298 21.25 64.12 31.20
N LEU B 299 20.72 64.19 32.42
CA LEU B 299 19.27 64.14 32.68
C LEU B 299 18.67 65.51 33.00
N LYS B 300 19.53 66.53 33.12
CA LYS B 300 19.10 67.88 33.49
C LYS B 300 19.33 68.85 32.34
N ASN B 301 18.58 69.95 32.36
CA ASN B 301 18.94 71.12 31.58
C ASN B 301 20.12 71.84 32.22
N ASP B 302 20.58 72.91 31.60
CA ASP B 302 21.72 73.66 32.13
C ASP B 302 21.39 74.25 33.49
N VAL B 303 22.41 74.30 34.35
CA VAL B 303 22.29 74.90 35.68
C VAL B 303 22.49 76.42 35.54
N ARG B 304 21.41 77.18 35.67
CA ARG B 304 21.50 78.64 35.63
C ARG B 304 21.93 79.20 37.00
N ALA B 305 22.53 80.37 36.99
CA ALA B 305 22.89 81.07 38.21
C ALA B 305 21.62 81.62 38.88
N MET B 306 21.71 81.89 40.17
CA MET B 306 20.61 82.48 40.90
C MET B 306 20.47 83.96 40.59
N SER B 307 19.22 84.40 40.43
CA SER B 307 18.91 85.83 40.35
C SER B 307 19.22 86.53 41.68
N ASP B 308 19.18 87.85 41.70
CA ASP B 308 19.46 88.61 42.92
C ASP B 308 18.38 88.47 43.98
N PRO B 309 17.09 88.50 43.58
CA PRO B 309 16.02 88.21 44.56
C PRO B 309 16.15 86.81 45.23
N GLU B 310 16.55 85.80 44.46
CA GLU B 310 16.76 84.43 44.97
C GLU B 310 17.90 84.38 45.98
N THR B 311 19.03 84.98 45.62
CA THR B 311 20.14 85.10 46.56
C THR B 311 19.71 85.86 47.81
N GLU B 312 18.89 86.89 47.66
CA GLU B 312 18.46 87.70 48.80
C GLU B 312 17.61 86.89 49.76
N ALA B 313 16.70 86.10 49.19
CA ALA B 313 15.83 85.22 49.97
C ALA B 313 16.63 84.14 50.70
N ALA B 314 17.64 83.58 50.02
CA ALA B 314 18.56 82.61 50.61
C ALA B 314 19.27 83.14 51.86
N LYS B 315 19.66 84.41 51.82
CA LYS B 315 20.35 85.03 52.97
C LYS B 315 19.41 85.24 54.14
N ALA B 316 18.19 85.66 53.84
CA ALA B 316 17.16 85.97 54.84
C ALA B 316 16.65 84.71 55.54
N ILE B 317 16.57 83.62 54.78
CA ILE B 317 16.13 82.32 55.31
C ILE B 317 17.10 81.74 56.34
N ALA B 318 18.40 81.94 56.13
CA ALA B 318 19.42 81.51 57.09
C ALA B 318 19.23 82.15 58.48
N LYS B 319 18.69 83.36 58.50
CA LYS B 319 18.43 84.08 59.76
C LYS B 319 17.26 83.51 60.55
N GLU B 320 16.42 82.73 59.87
CA GLU B 320 15.25 82.11 60.51
C GLU B 320 15.54 80.80 61.26
N ILE B 321 16.75 80.26 61.09
CA ILE B 321 17.11 78.99 61.72
C ILE B 321 17.23 79.17 63.23
N GLY B 322 16.42 78.41 63.97
CA GLY B 322 16.46 78.40 65.42
C GLY B 322 16.08 77.01 65.90
N PHE B 323 15.49 76.94 67.09
CA PHE B 323 15.07 75.67 67.67
C PHE B 323 13.57 75.65 67.91
N TRP B 324 12.96 74.50 67.70
CA TRP B 324 11.54 74.30 67.97
C TRP B 324 11.26 72.93 68.60
N THR B 325 10.08 72.80 69.18
CA THR B 325 9.59 71.53 69.69
C THR B 325 8.22 71.26 69.07
N TRP B 326 7.79 70.00 69.11
CA TRP B 326 6.43 69.61 68.75
C TRP B 326 5.51 69.84 69.95
N LYS B 327 4.21 69.71 69.73
CA LYS B 327 3.20 69.99 70.78
C LYS B 327 2.83 68.77 71.64
N ILE B 335 10.10 65.84 73.34
CA ILE B 335 10.71 66.57 74.46
C ILE B 335 12.06 67.25 74.05
N ARG B 336 12.57 66.98 72.85
CA ARG B 336 13.88 67.47 72.38
C ARG B 336 13.76 68.72 71.49
N GLU B 337 14.86 69.48 71.39
CA GLU B 337 14.94 70.72 70.59
C GLU B 337 15.42 70.43 69.18
N HIS B 338 14.57 70.69 68.19
CA HIS B 338 14.92 70.42 66.80
C HIS B 338 15.32 71.70 66.08
N CYS B 339 16.33 71.59 65.23
CA CYS B 339 16.90 72.74 64.57
C CYS B 339 16.27 72.96 63.21
N GLY B 340 15.83 74.19 62.95
CA GLY B 340 15.31 74.54 61.63
C GLY B 340 14.34 75.70 61.67
N LEU B 341 13.46 75.74 60.66
CA LEU B 341 12.42 76.76 60.55
C LEU B 341 11.14 76.17 59.93
N THR B 342 10.10 77.00 59.80
CA THR B 342 8.84 76.55 59.21
C THR B 342 8.78 76.89 57.74
N VAL B 343 8.01 76.11 57.01
CA VAL B 343 7.84 76.31 55.55
C VAL B 343 7.04 77.59 55.32
N GLN B 344 6.09 77.85 56.22
CA GLN B 344 5.29 79.06 56.13
C GLN B 344 6.12 80.33 56.27
N ARG B 345 7.10 80.30 57.17
CA ARG B 345 8.04 81.40 57.31
C ARG B 345 8.88 81.57 56.04
N ALA B 346 9.39 80.47 55.51
CA ALA B 346 10.13 80.50 54.25
C ALA B 346 9.29 81.01 53.09
N ILE B 347 8.01 80.64 53.05
CA ILE B 347 7.08 81.13 52.03
C ILE B 347 6.93 82.66 52.06
N GLU B 348 6.80 83.25 53.25
CA GLU B 348 6.65 84.71 53.39
C GLU B 348 7.88 85.43 52.89
N ILE B 349 9.05 84.93 53.30
CA ILE B 349 10.33 85.50 52.84
C ILE B 349 10.48 85.41 51.32
N MET B 350 10.14 84.27 50.76
CA MET B 350 10.21 84.05 49.30
C MET B 350 9.35 85.06 48.55
N GLU B 351 8.13 85.27 49.03
CA GLU B 351 7.18 86.17 48.40
C GLU B 351 7.57 87.65 48.60
N SER B 352 8.20 87.96 49.73
CA SER B 352 8.68 89.33 50.00
C SER B 352 9.76 89.79 48.99
N PHE B 353 10.42 88.85 48.30
CA PHE B 353 11.32 89.20 47.19
C PHE B 353 10.70 88.87 45.83
N GLY B 354 9.37 88.75 45.79
CA GLY B 354 8.65 88.62 44.52
C GLY B 354 8.74 87.28 43.85
N LEU B 355 9.05 86.24 44.64
CA LEU B 355 9.21 84.88 44.10
C LEU B 355 7.95 84.09 44.41
N ASP B 356 7.58 83.21 43.48
CA ASP B 356 6.56 82.19 43.73
C ASP B 356 7.24 80.99 44.38
N PRO B 357 7.01 80.77 45.70
CA PRO B 357 7.73 79.71 46.42
C PRO B 357 7.48 78.28 45.90
N PHE B 358 6.32 78.03 45.30
CA PHE B 358 5.95 76.71 44.82
C PHE B 358 6.51 76.37 43.44
N LYS B 359 7.31 77.25 42.87
CA LYS B 359 8.07 76.94 41.66
C LYS B 359 9.45 76.40 42.00
N TYR B 360 9.74 76.27 43.30
CA TYR B 360 11.03 75.76 43.79
C TYR B 360 10.86 74.38 44.43
N GLY B 361 11.79 73.48 44.11
CA GLY B 361 11.70 72.08 44.54
C GLY B 361 11.86 71.80 46.03
N PHE B 362 12.45 72.71 46.79
CA PHE B 362 12.64 72.51 48.22
C PHE B 362 11.44 72.88 49.08
N ILE B 363 10.38 73.37 48.46
CA ILE B 363 9.14 73.69 49.17
C ILE B 363 8.02 72.81 48.64
N CYS B 364 7.39 72.04 49.52
CA CYS B 364 6.40 71.06 49.12
C CYS B 364 5.09 71.25 49.85
N TYR B 365 4.02 70.95 49.12
CA TYR B 365 2.69 70.97 49.68
C TYR B 365 1.97 69.70 49.23
N ASP B 366 1.38 69.00 50.19
CA ASP B 366 0.63 67.78 49.92
C ASP B 366 -0.72 67.94 50.55
N LYS B 367 -1.71 67.41 49.88
CA LYS B 367 -3.08 67.46 50.30
C LYS B 367 -3.72 66.08 50.12
N TRP B 368 -4.68 65.71 50.95
CA TRP B 368 -5.38 64.43 50.75
C TRP B 368 -6.84 64.55 51.16
N ASP B 369 -7.69 63.76 50.52
CA ASP B 369 -9.12 63.75 50.83
C ASP B 369 -9.37 62.95 52.08
N GLU B 370 -10.57 63.10 52.63
CA GLU B 370 -11.03 62.21 53.69
C GLU B 370 -11.09 60.79 53.14
N HIS B 371 -10.65 59.82 53.95
CA HIS B 371 -10.63 58.42 53.51
C HIS B 371 -10.76 57.50 54.73
N THR B 372 -11.20 56.28 54.46
CA THR B 372 -11.47 55.31 55.49
C THR B 372 -10.47 54.17 55.40
N VAL B 373 -9.97 53.75 56.57
CA VAL B 373 -8.96 52.71 56.65
C VAL B 373 -9.33 51.70 57.74
N VAL B 374 -8.79 50.49 57.61
CA VAL B 374 -8.76 49.53 58.72
C VAL B 374 -7.77 50.03 59.76
N SER B 375 -8.23 50.34 60.97
CA SER B 375 -7.34 50.77 62.04
C SER B 375 -6.88 49.60 62.91
N GLU B 376 -7.77 48.63 63.14
CA GLU B 376 -7.41 47.45 63.96
C GLU B 376 -8.38 46.32 63.66
N TYR B 377 -8.14 45.20 64.33
CA TYR B 377 -9.03 44.06 64.26
C TYR B 377 -9.72 43.79 65.59
N GLY B 378 -11.05 43.76 65.58
CA GLY B 378 -11.83 43.34 66.75
C GLY B 378 -11.53 41.89 67.16
N PRO B 379 -12.05 41.47 68.34
CA PRO B 379 -11.87 40.06 68.70
C PRO B 379 -12.79 39.17 67.85
N ALA B 380 -12.48 37.87 67.76
CA ALA B 380 -13.40 36.93 67.14
C ALA B 380 -14.78 36.98 67.85
N ASN B 381 -15.85 36.83 67.08
CA ASN B 381 -17.21 36.75 67.63
C ASN B 381 -17.99 35.60 66.98
N GLU B 382 -19.24 35.43 67.42
CA GLU B 382 -20.17 34.44 66.86
C GLU B 382 -20.38 34.51 65.33
N ASP B 383 -20.10 35.67 64.72
CA ASP B 383 -20.32 35.88 63.27
C ASP B 383 -19.07 35.68 62.38
N GLY B 384 -17.88 35.72 62.96
CA GLY B 384 -16.63 35.51 62.20
C GLY B 384 -15.40 35.78 63.05
N THR B 385 -14.24 35.24 62.64
CA THR B 385 -12.99 35.45 63.39
C THR B 385 -12.25 36.75 62.99
N GLU B 386 -12.36 37.14 61.72
CA GLU B 386 -11.68 38.34 61.17
C GLU B 386 -12.66 39.52 61.13
N ASN B 387 -12.48 40.49 62.05
CA ASN B 387 -13.44 41.59 62.27
C ASN B 387 -12.76 42.97 62.23
N PRO B 388 -12.47 43.48 61.01
CA PRO B 388 -11.82 44.78 60.91
C PRO B 388 -12.66 45.91 61.49
N ILE B 389 -12.00 46.79 62.27
CA ILE B 389 -12.59 48.03 62.80
C ILE B 389 -12.10 49.19 61.91
N TYR B 390 -13.06 49.96 61.39
CA TYR B 390 -12.75 51.04 60.45
C TYR B 390 -12.60 52.37 61.16
N LYS B 391 -11.95 53.29 60.46
CA LYS B 391 -11.71 54.62 60.99
C LYS B 391 -11.60 55.60 59.84
N THR B 392 -12.15 56.79 60.06
CA THR B 392 -12.12 57.85 59.05
C THR B 392 -10.98 58.83 59.36
N ILE B 393 -10.13 59.02 58.35
CA ILE B 393 -9.01 59.95 58.42
C ILE B 393 -9.48 61.23 57.74
N PRO B 394 -9.53 62.35 58.49
CA PRO B 394 -10.03 63.59 57.87
C PRO B 394 -9.15 64.07 56.74
N ALA B 395 -9.73 64.82 55.81
CA ALA B 395 -8.94 65.53 54.81
C ALA B 395 -7.96 66.46 55.52
N GLY B 396 -6.85 66.75 54.85
CA GLY B 396 -5.81 67.55 55.46
C GLY B 396 -4.73 67.88 54.48
N ASP B 397 -3.73 68.59 54.97
CA ASP B 397 -2.59 68.97 54.13
C ASP B 397 -1.34 69.23 54.97
N HIS B 398 -0.19 69.24 54.32
CA HIS B 398 1.10 69.47 55.01
C HIS B 398 1.94 70.43 54.20
N TYR B 399 2.70 71.25 54.91
CA TYR B 399 3.80 72.01 54.30
C TYR B 399 5.12 71.34 54.70
N SER B 400 5.98 71.12 53.71
CA SER B 400 7.20 70.32 53.89
C SER B 400 8.37 70.92 53.12
N PHE B 401 9.57 70.59 53.59
CA PHE B 401 10.81 70.91 52.89
C PHE B 401 11.42 69.66 52.26
N ARG B 402 12.25 69.84 51.25
CA ARG B 402 13.37 68.91 50.98
C ARG B 402 14.63 69.52 51.57
N LEU B 403 15.04 69.05 52.74
CA LEU B 403 16.11 69.73 53.51
C LEU B 403 17.48 69.72 52.85
N GLU B 404 17.74 68.75 51.99
CA GLU B 404 19.03 68.64 51.32
C GLU B 404 19.17 69.78 50.33
N GLU B 405 18.11 69.99 49.55
CA GLU B 405 18.04 71.08 48.61
C GLU B 405 17.96 72.48 49.29
N LEU B 406 17.24 72.56 50.41
CA LEU B 406 17.18 73.78 51.21
C LEU B 406 18.56 74.17 51.74
N ASN B 407 19.31 73.20 52.24
CA ASN B 407 20.66 73.45 52.71
C ASN B 407 21.55 74.03 51.61
N LEU B 408 21.38 73.56 50.38
CA LEU B 408 22.17 74.06 49.24
C LEU B 408 21.75 75.49 48.84
N PHE B 409 20.46 75.78 48.97
CA PHE B 409 19.94 77.12 48.73
C PHE B 409 20.57 78.09 49.73
N ILE B 410 20.48 77.74 51.01
CA ILE B 410 21.09 78.51 52.09
C ILE B 410 22.59 78.69 51.89
N ALA B 411 23.25 77.62 51.44
CA ALA B 411 24.68 77.63 51.21
C ALA B 411 25.10 78.64 50.14
N LYS B 412 24.31 78.75 49.07
CA LYS B 412 24.59 79.76 48.04
C LYS B 412 24.43 81.18 48.57
N GLY B 413 23.50 81.38 49.50
CA GLY B 413 23.37 82.64 50.23
C GLY B 413 24.65 82.99 50.96
N PHE B 414 25.23 82.03 51.67
CA PHE B 414 26.51 82.23 52.36
C PHE B 414 27.66 82.51 51.40
N GLU B 415 27.63 81.87 50.24
CA GLU B 415 28.68 82.04 49.25
C GLU B 415 28.69 83.50 48.70
N ALA B 416 27.50 84.02 48.37
CA ALA B 416 27.34 85.39 47.88
C ALA B 416 27.77 86.45 48.91
N ARG B 417 27.45 86.20 50.19
CA ARG B 417 27.87 87.06 51.29
C ARG B 417 29.40 87.06 51.50
N LEU B 418 30.01 85.89 51.34
CA LEU B 418 31.46 85.76 51.46
C LEU B 418 32.19 86.42 50.30
N SER B 419 31.65 86.29 49.09
CA SER B 419 32.27 86.91 47.91
C SER B 419 32.18 88.45 47.95
N ALA B 420 31.11 88.97 48.54
CA ALA B 420 30.93 90.42 48.71
C ALA B 420 31.94 91.01 49.70
N ILE B 421 32.22 90.25 50.76
CA ILE B 421 33.23 90.62 51.77
C ILE B 421 34.65 90.55 51.21
N GLU B 422 34.96 89.47 50.51
CA GLU B 422 36.27 89.28 49.89
C GLU B 422 36.62 90.35 48.84
N ASP B 423 35.62 90.85 48.10
CA ASP B 423 35.83 91.96 47.18
C ASP B 423 36.10 93.28 47.89
N LYS B 424 35.38 93.52 48.99
CA LYS B 424 35.56 94.75 49.77
C LYS B 424 36.92 94.83 50.48
N LEU B 425 37.57 93.69 50.69
CA LEU B 425 38.90 93.66 51.30
C LEU B 425 39.99 93.32 50.28
N GLY B 426 39.69 93.50 49.00
CA GLY B 426 40.64 93.24 47.91
C GLY B 426 41.39 91.93 48.06
N MET B 427 40.64 90.89 48.36
CA MET B 427 41.20 89.64 48.83
C MET B 427 41.04 88.47 47.85
N CYS C 20 -16.16 -12.97 40.77
CA CYS C 20 -15.81 -11.95 39.75
C CYS C 20 -16.77 -10.72 39.82
N SER C 21 -17.77 -10.63 38.94
CA SER C 21 -18.52 -9.37 38.73
C SER C 21 -19.96 -9.43 39.20
N PHE C 22 -20.37 -8.48 40.02
CA PHE C 22 -21.70 -8.47 40.55
CA PHE C 22 -21.75 -8.40 40.54
C PHE C 22 -22.38 -7.12 40.13
N GLY C 23 -23.65 -7.17 39.73
CA GLY C 23 -24.22 -5.98 39.17
C GLY C 23 -25.70 -5.81 39.35
N ILE C 24 -26.12 -4.55 39.39
CA ILE C 24 -27.52 -4.20 39.40
C ILE C 24 -27.81 -3.42 38.14
N GLU C 25 -28.86 -3.85 37.45
CA GLU C 25 -29.21 -3.34 36.13
C GLU C 25 -30.64 -2.82 36.14
N ASN C 26 -30.82 -1.66 35.55
CA ASN C 26 -32.14 -1.11 35.31
C ASN C 26 -32.21 -0.82 33.82
N THR C 27 -33.05 -1.58 33.14
CA THR C 27 -33.17 -1.53 31.67
C THR C 27 -34.14 -0.44 31.22
N ALA C 28 -34.95 0.04 32.15
CA ALA C 28 -36.07 0.95 31.85
C ALA C 28 -35.69 2.43 31.78
N GLY C 29 -34.47 2.79 32.15
CA GLY C 29 -34.06 4.20 32.16
C GLY C 29 -34.01 4.84 33.54
N GLY C 30 -34.37 4.08 34.58
CA GLY C 30 -34.24 4.50 35.95
C GLY C 30 -32.87 4.17 36.54
N SER C 31 -32.69 4.53 37.80
CA SER C 31 -31.40 4.45 38.50
C SER C 31 -31.13 3.05 39.08
N ALA C 32 -29.86 2.67 39.13
CA ALA C 32 -29.43 1.41 39.68
C ALA C 32 -28.60 1.69 40.93
N VAL C 33 -29.24 1.59 42.09
CA VAL C 33 -28.68 2.11 43.34
C VAL C 33 -28.70 1.08 44.47
N PHE C 34 -27.66 1.08 45.30
CA PHE C 34 -27.53 0.17 46.40
C PHE C 34 -27.79 0.97 47.70
N HIS C 35 -28.53 0.39 48.65
CA HIS C 35 -28.91 1.05 49.89
C HIS C 35 -28.55 0.24 51.10
N ASN C 36 -28.18 0.93 52.18
CA ASN C 36 -27.88 0.29 53.46
C ASN C 36 -28.99 0.74 54.36
N TYR C 37 -29.67 -0.22 54.98
CA TYR C 37 -30.77 0.06 55.90
C TYR C 37 -30.39 -0.42 57.29
N THR C 38 -30.48 0.48 58.28
CA THR C 38 -29.96 0.22 59.61
C THR C 38 -30.93 0.81 60.60
N ARG C 39 -31.02 0.20 61.79
CA ARG C 39 -31.88 0.72 62.86
C ARG C 39 -31.14 0.86 64.15
N GLY C 40 -31.75 1.54 65.09
CA GLY C 40 -31.27 1.55 66.47
C GLY C 40 -31.66 0.25 67.15
N ALA C 41 -31.23 0.06 68.38
CA ALA C 41 -31.60 -1.12 69.17
C ALA C 41 -33.13 -1.14 69.39
N SER C 42 -33.73 -2.33 69.25
CA SER C 42 -35.15 -2.55 69.51
C SER C 42 -36.01 -1.59 68.71
N ASN C 43 -35.69 -1.47 67.43
CA ASN C 43 -36.45 -0.62 66.51
C ASN C 43 -36.45 0.89 66.83
N SER C 44 -35.57 1.33 67.71
CA SER C 44 -35.44 2.75 67.97
C SER C 44 -34.73 3.43 66.78
N VAL C 45 -34.77 4.76 66.79
CA VAL C 45 -34.10 5.58 65.80
C VAL C 45 -32.60 5.29 65.78
N THR C 46 -31.99 5.45 64.60
CA THR C 46 -30.55 5.35 64.47
C THR C 46 -29.94 6.49 65.26
N LYS C 47 -28.73 6.25 65.77
CA LYS C 47 -28.10 7.18 66.68
C LYS C 47 -26.93 7.98 66.05
N ASN C 48 -26.56 9.04 66.76
CA ASN C 48 -25.38 9.82 66.44
C ASN C 48 -24.16 8.92 66.30
N ASN C 49 -23.41 9.11 65.23
CA ASN C 49 -22.21 8.34 64.89
C ASN C 49 -22.38 6.84 64.70
N GLN C 50 -23.63 6.38 64.62
CA GLN C 50 -23.89 4.98 64.36
C GLN C 50 -23.50 4.69 62.91
N LEU C 51 -22.90 3.54 62.66
CA LEU C 51 -22.52 3.15 61.32
C LEU C 51 -23.79 2.75 60.56
N LEU C 52 -24.25 3.62 59.67
CA LEU C 52 -25.47 3.40 58.91
C LEU C 52 -25.26 2.55 57.64
N GLY C 53 -24.01 2.40 57.22
CA GLY C 53 -23.70 1.72 55.97
C GLY C 53 -22.20 1.71 55.74
N GLY C 54 -21.74 0.74 54.97
CA GLY C 54 -20.32 0.52 54.83
C GLY C 54 -20.02 -0.33 53.63
N TYR C 55 -18.85 -0.07 53.05
CA TYR C 55 -18.32 -0.82 51.94
C TYR C 55 -16.85 -0.96 52.25
N GLY C 56 -16.30 -2.15 52.13
CA GLY C 56 -14.92 -2.35 52.55
C GLY C 56 -14.27 -3.58 52.00
N SER C 57 -12.97 -3.49 51.73
CA SER C 57 -12.18 -4.61 51.28
C SER C 57 -11.53 -5.33 52.43
N ARG C 58 -11.46 -6.65 52.32
CA ARG C 58 -10.76 -7.48 53.28
C ARG C 58 -9.77 -8.36 52.54
N PRO C 59 -8.48 -8.13 52.77
CA PRO C 59 -7.47 -8.88 52.07
C PRO C 59 -7.21 -10.28 52.68
N TRP C 60 -6.61 -11.15 51.88
CA TRP C 60 -6.35 -12.54 52.22
C TRP C 60 -4.94 -12.68 52.80
N LEU C 61 -4.87 -13.30 53.97
CA LEU C 61 -3.62 -13.51 54.70
C LEU C 61 -2.93 -14.85 54.39
N GLY C 62 -3.55 -15.71 53.58
CA GLY C 62 -3.00 -17.03 53.27
C GLY C 62 -4.07 -18.11 53.47
N SER C 63 -4.72 -18.10 54.64
CA SER C 63 -5.84 -19.01 54.91
C SER C 63 -7.08 -18.33 55.50
N THR C 64 -7.00 -17.04 55.82
CA THR C 64 -8.16 -16.28 56.25
C THR C 64 -8.12 -14.86 55.68
N TYR C 65 -9.23 -14.15 55.83
CA TYR C 65 -9.29 -12.71 55.55
C TYR C 65 -9.08 -11.91 56.84
N THR C 66 -8.78 -10.62 56.73
CA THR C 66 -8.67 -9.75 57.90
C THR C 66 -10.04 -9.68 58.58
N GLU C 67 -10.06 -9.40 59.88
CA GLU C 67 -11.31 -9.35 60.62
C GLU C 67 -12.10 -8.08 60.38
N HIS C 68 -11.41 -7.01 59.94
CA HIS C 68 -12.06 -5.77 59.56
C HIS C 68 -11.49 -5.30 58.27
N SER C 69 -12.16 -4.34 57.64
CA SER C 69 -11.71 -3.85 56.32
C SER C 69 -10.47 -3.00 56.43
N ASN C 70 -9.55 -3.16 55.48
CA ASN C 70 -8.34 -2.37 55.46
C ASN C 70 -8.48 -1.05 54.73
N ALA C 71 -9.49 -0.97 53.87
CA ALA C 71 -9.88 0.25 53.17
C ALA C 71 -11.41 0.22 53.13
N ALA C 72 -12.06 1.36 53.35
CA ALA C 72 -13.52 1.37 53.55
C ALA C 72 -14.15 2.74 53.37
N LEU C 73 -15.43 2.71 53.05
CA LEU C 73 -16.26 3.88 52.98
C LEU C 73 -17.36 3.67 54.00
N HIS C 74 -17.53 4.61 54.93
CA HIS C 74 -18.52 4.51 55.97
C HIS C 74 -19.50 5.66 55.88
N PHE C 75 -20.77 5.34 56.07
CA PHE C 75 -21.82 6.33 56.20
C PHE C 75 -22.22 6.31 57.66
N LEU C 76 -22.26 7.47 58.31
CA LEU C 76 -22.52 7.53 59.75
C LEU C 76 -23.60 8.56 60.09
N GLY C 77 -24.24 8.40 61.23
CA GLY C 77 -25.23 9.35 61.67
C GLY C 77 -24.60 10.60 62.26
N ALA C 78 -25.28 11.74 62.06
CA ALA C 78 -24.92 13.01 62.67
C ALA C 78 -26.13 13.43 63.51
N GLY C 79 -26.02 13.19 64.81
CA GLY C 79 -27.16 13.32 65.71
C GLY C 79 -28.10 12.12 65.62
N ASP C 80 -28.90 11.92 66.68
CA ASP C 80 -29.91 10.86 66.67
C ASP C 80 -30.98 11.22 65.65
N THR C 81 -31.37 10.25 64.84
CA THR C 81 -32.36 10.48 63.79
C THR C 81 -33.75 10.80 64.39
N SER C 82 -34.51 11.64 63.70
CA SER C 82 -35.82 12.11 64.17
C SER C 82 -36.55 12.73 63.01
N ALA C 83 -37.72 13.29 63.26
CA ALA C 83 -38.53 13.88 62.17
C ALA C 83 -37.89 15.18 61.65
N THR C 84 -37.10 15.83 62.49
CA THR C 84 -36.38 17.04 62.11
C THR C 84 -34.87 16.86 61.85
N ASN C 85 -34.31 15.70 62.19
CA ASN C 85 -32.91 15.39 61.91
C ASN C 85 -32.72 14.12 61.11
N HIS C 86 -32.24 14.23 59.88
CA HIS C 86 -31.72 13.09 59.12
C HIS C 86 -30.20 13.17 58.92
N GLY C 87 -29.50 13.82 59.84
CA GLY C 87 -28.09 14.10 59.69
C GLY C 87 -27.26 12.86 59.38
N GLY C 88 -26.31 13.02 58.47
CA GLY C 88 -25.40 11.94 58.12
C GLY C 88 -24.09 12.49 57.53
N TRP C 89 -23.00 11.77 57.76
CA TRP C 89 -21.70 12.15 57.28
C TRP C 89 -20.93 10.93 56.78
N ILE C 90 -19.74 11.17 56.25
CA ILE C 90 -18.99 10.16 55.52
C ILE C 90 -17.55 10.15 55.98
N ARG C 91 -16.93 8.98 56.07
CA ARG C 91 -15.50 8.93 56.10
C ARG C 91 -14.95 7.78 55.29
N LEU C 92 -13.69 7.93 54.88
CA LEU C 92 -12.96 6.93 54.19
C LEU C 92 -11.81 6.54 55.08
N LEU C 93 -11.55 5.24 55.16
CA LEU C 93 -10.51 4.67 55.99
C LEU C 93 -9.45 3.96 55.15
N VAL C 94 -8.19 4.11 55.55
CA VAL C 94 -7.06 3.45 54.90
C VAL C 94 -6.16 2.84 55.97
N THR C 95 -5.28 1.93 55.57
CA THR C 95 -4.39 1.25 56.48
C THR C 95 -2.95 1.48 55.98
N PRO C 96 -2.11 2.11 56.80
CA PRO C 96 -0.73 2.32 56.35
C PRO C 96 0.03 1.03 56.07
N LYS C 97 0.84 1.03 55.02
CA LYS C 97 1.76 -0.08 54.77
C LYS C 97 2.58 -0.29 56.02
N GLY C 98 2.72 -1.56 56.41
CA GLY C 98 3.49 -1.92 57.59
C GLY C 98 2.67 -1.97 58.86
N LYS C 99 1.35 -1.78 58.74
CA LYS C 99 0.48 -1.81 59.92
C LYS C 99 -0.71 -2.68 59.65
N THR C 100 -1.35 -3.13 60.74
CA THR C 100 -2.53 -3.97 60.66
C THR C 100 -3.77 -3.11 60.79
N ILE C 101 -4.94 -3.72 60.59
CA ILE C 101 -6.22 -3.01 60.65
C ILE C 101 -6.56 -2.46 62.04
N SER C 102 -5.78 -2.82 63.06
CA SER C 102 -5.92 -2.20 64.38
C SER C 102 -5.51 -0.75 64.30
N ASP C 103 -4.64 -0.42 63.35
CA ASP C 103 -4.10 0.94 63.22
C ASP C 103 -4.55 1.62 61.93
N ARG C 104 -5.77 1.36 61.51
CA ARG C 104 -6.27 1.99 60.32
C ARG C 104 -6.77 3.39 60.65
N VAL C 105 -6.78 4.24 59.63
CA VAL C 105 -6.86 5.70 59.80
C VAL C 105 -8.07 6.21 59.05
N PRO C 106 -9.03 6.84 59.76
CA PRO C 106 -10.10 7.55 59.06
C PRO C 106 -9.60 8.90 58.55
N ALA C 107 -8.84 8.85 57.47
CA ALA C 107 -8.05 9.99 57.00
C ALA C 107 -8.85 11.05 56.29
N PHE C 108 -10.03 10.70 55.80
CA PHE C 108 -10.87 11.59 55.03
C PHE C 108 -12.23 11.61 55.72
N ARG C 109 -12.68 12.78 56.16
CA ARG C 109 -13.93 12.89 56.85
C ARG C 109 -14.71 14.03 56.24
N LEU C 110 -15.82 13.70 55.63
CA LEU C 110 -16.68 14.69 55.02
C LEU C 110 -17.78 14.94 56.01
N SER C 111 -17.67 16.06 56.71
CA SER C 111 -18.57 16.40 57.78
C SER C 111 -20.00 16.56 57.28
N ASP C 112 -20.94 16.45 58.19
CA ASP C 112 -22.35 16.73 57.87
C ASP C 112 -22.60 18.17 57.44
N ASN C 113 -21.75 19.10 57.90
CA ASN C 113 -21.81 20.50 57.49
C ASN C 113 -21.22 20.70 56.08
N GLY C 114 -20.60 19.67 55.52
CA GLY C 114 -19.99 19.72 54.18
C GLY C 114 -18.48 19.98 54.12
N ASP C 115 -17.85 20.24 55.27
CA ASP C 115 -16.39 20.45 55.32
C ASP C 115 -15.67 19.17 55.08
N LEU C 116 -14.46 19.27 54.55
CA LEU C 116 -13.62 18.13 54.40
C LEU C 116 -12.48 18.26 55.40
N TRP C 117 -12.30 17.22 56.22
CA TRP C 117 -11.18 17.08 57.11
C TRP C 117 -10.22 16.04 56.57
N LEU C 118 -8.96 16.41 56.46
CA LEU C 118 -7.90 15.52 56.13
C LEU C 118 -7.07 15.28 57.37
N VAL C 119 -7.00 14.02 57.81
CA VAL C 119 -6.35 13.66 59.03
C VAL C 119 -5.45 12.45 58.82
N PRO C 120 -4.22 12.68 58.30
CA PRO C 120 -3.34 11.56 57.94
C PRO C 120 -2.86 10.76 59.13
N ASP C 121 -2.18 9.67 58.84
CA ASP C 121 -1.58 8.83 59.88
C ASP C 121 -0.72 9.65 60.85
N GLY C 122 -0.93 9.44 62.15
CA GLY C 122 -0.14 10.13 63.19
C GLY C 122 -0.72 11.43 63.69
N ALA C 123 -1.77 11.93 63.03
CA ALA C 123 -2.37 13.20 63.41
C ALA C 123 -3.31 13.14 64.62
N MET C 124 -4.26 12.20 64.63
CA MET C 124 -5.20 12.02 65.76
C MET C 124 -5.19 10.60 66.31
N HIS C 125 -5.31 10.47 67.61
CA HIS C 125 -5.48 9.17 68.24
C HIS C 125 -6.79 8.54 67.73
N SER C 126 -6.86 7.22 67.71
CA SER C 126 -8.07 6.48 67.25
C SER C 126 -9.33 6.79 68.07
N ASP C 127 -9.17 7.23 69.31
CA ASP C 127 -10.30 7.74 70.13
C ASP C 127 -11.03 8.90 69.51
N LEU C 128 -10.36 9.62 68.62
CA LEU C 128 -10.96 10.78 67.95
C LEU C 128 -11.41 10.47 66.52
N GLY C 129 -11.49 9.20 66.14
CA GLY C 129 -11.98 8.80 64.81
C GLY C 129 -13.36 9.30 64.39
N LEU C 130 -14.21 9.68 65.35
CA LEU C 130 -15.57 10.17 65.04
C LEU C 130 -15.67 11.71 65.05
N VAL C 131 -14.56 12.39 65.29
CA VAL C 131 -14.51 13.83 65.20
C VAL C 131 -14.73 14.24 63.75
N ARG C 132 -15.68 15.15 63.53
CA ARG C 132 -16.09 15.56 62.21
C ARG C 132 -16.28 17.09 62.09
N SER C 133 -15.83 17.85 63.09
CA SER C 133 -16.04 19.28 63.14
C SER C 133 -15.25 19.88 64.29
N ILE C 134 -15.15 21.19 64.29
CA ILE C 134 -14.53 21.92 65.39
C ILE C 134 -15.36 21.81 66.63
N GLU C 135 -16.68 21.82 66.50
CA GLU C 135 -17.55 21.61 67.65
C GLU C 135 -17.31 20.25 68.32
N THR C 136 -17.26 19.17 67.52
CA THR C 136 -17.05 17.82 68.06
C THR C 136 -15.63 17.62 68.53
N LEU C 137 -14.66 18.29 67.89
CA LEU C 137 -13.27 18.29 68.37
C LEU C 137 -13.10 19.02 69.72
N ASN C 138 -13.72 20.18 69.86
CA ASN C 138 -13.71 20.90 71.13
C ASN C 138 -14.28 20.04 72.26
N ALA C 139 -15.35 19.29 72.00
CA ALA C 139 -16.00 18.48 73.03
C ALA C 139 -15.10 17.35 73.43
N ALA C 140 -14.42 16.74 72.45
CA ALA C 140 -13.50 15.60 72.71
C ALA C 140 -12.20 16.00 73.38
N VAL C 141 -11.75 17.23 73.11
CA VAL C 141 -10.51 17.78 73.66
C VAL C 141 -10.86 19.11 74.29
N PRO C 142 -11.24 19.08 75.58
CA PRO C 142 -11.82 20.30 76.20
C PRO C 142 -10.91 21.54 76.19
N ARG C 143 -9.59 21.37 76.24
CA ARG C 143 -8.66 22.51 76.18
C ARG C 143 -8.43 23.14 74.79
N PHE C 144 -8.88 22.47 73.73
CA PHE C 144 -8.67 22.92 72.36
C PHE C 144 -9.28 24.30 72.07
N ASN C 145 -10.58 24.44 72.30
CA ASN C 145 -11.28 25.71 72.15
C ASN C 145 -10.97 26.48 70.88
N ALA C 146 -11.19 25.86 69.73
CA ALA C 146 -11.11 26.57 68.47
C ALA C 146 -12.48 27.19 68.17
N PRO C 147 -12.52 28.21 67.29
CA PRO C 147 -13.81 28.84 67.00
C PRO C 147 -14.70 27.99 66.06
N SER C 148 -15.88 27.62 66.53
CA SER C 148 -16.80 26.82 65.74
C SER C 148 -17.39 27.58 64.54
N ILE C 149 -17.31 28.91 64.55
CA ILE C 149 -17.70 29.69 63.34
C ILE C 149 -16.88 29.30 62.11
N GLN C 150 -15.73 28.65 62.31
CA GLN C 150 -14.94 28.14 61.19
C GLN C 150 -15.50 26.88 60.54
N ASP C 151 -16.45 26.21 61.19
CA ASP C 151 -17.14 25.04 60.60
C ASP C 151 -18.01 25.44 59.41
N GLY C 152 -17.98 24.62 58.37
CA GLY C 152 -18.76 24.85 57.16
C GLY C 152 -18.14 25.76 56.13
N ARG C 153 -16.83 26.00 56.26
CA ARG C 153 -16.09 26.97 55.42
CA ARG C 153 -16.11 26.95 55.43
C ARG C 153 -15.19 26.30 54.40
N GLY C 154 -14.92 25.01 54.54
CA GLY C 154 -14.12 24.31 53.53
C GLY C 154 -13.22 23.21 54.05
N LEU C 155 -11.92 23.37 53.85
CA LEU C 155 -10.96 22.31 54.09
C LEU C 155 -10.22 22.52 55.39
N LYS C 156 -10.09 21.46 56.19
CA LYS C 156 -9.24 21.45 57.38
C LYS C 156 -8.23 20.29 57.30
N ILE C 157 -6.94 20.59 57.48
CA ILE C 157 -5.89 19.60 57.48
C ILE C 157 -5.23 19.57 58.83
N VAL C 158 -5.20 18.40 59.46
CA VAL C 158 -4.57 18.20 60.76
C VAL C 158 -3.43 17.24 60.53
N ALA C 159 -2.22 17.65 60.90
CA ALA C 159 -1.07 16.76 60.78
C ALA C 159 -0.09 17.07 61.91
N PRO C 160 0.67 16.06 62.37
CA PRO C 160 1.66 16.36 63.39
C PRO C 160 2.72 17.35 62.86
N GLN C 161 2.82 18.49 63.54
CA GLN C 161 3.80 19.56 63.29
C GLN C 161 3.60 20.37 62.03
N ALA C 162 3.60 19.72 60.87
CA ALA C 162 3.71 20.40 59.59
C ALA C 162 2.64 20.01 58.57
N PRO C 163 1.38 20.34 58.86
CA PRO C 163 0.39 20.11 57.83
C PRO C 163 0.73 21.00 56.65
N GLU C 164 0.46 20.51 55.45
CA GLU C 164 1.03 21.08 54.28
C GLU C 164 0.17 20.86 53.07
N ILE C 165 0.20 21.83 52.16
CA ILE C 165 -0.32 21.67 50.82
C ILE C 165 0.82 21.84 49.84
N ASP C 166 1.03 20.84 48.98
CA ASP C 166 2.09 20.86 47.95
C ASP C 166 1.48 21.00 46.60
N LEU C 167 1.98 21.95 45.81
CA LEU C 167 1.48 22.18 44.47
C LEU C 167 2.65 21.86 43.53
N ILE C 168 2.58 20.69 42.93
CA ILE C 168 3.62 20.16 42.10
C ILE C 168 3.29 20.54 40.65
N ALA C 169 4.22 21.23 40.01
CA ALA C 169 3.93 21.98 38.80
C ALA C 169 5.00 21.75 37.74
N PRO C 170 4.93 20.61 37.03
CA PRO C 170 5.85 20.39 35.90
C PRO C 170 5.61 21.34 34.72
N ARG C 171 6.68 21.92 34.22
CA ARG C 171 6.61 22.98 33.24
C ARG C 171 6.00 22.54 31.92
N GLY C 172 6.33 21.33 31.49
CA GLY C 172 6.04 20.89 30.13
C GLY C 172 6.68 21.84 29.14
N SER C 173 5.86 22.38 28.25
CA SER C 173 6.31 23.35 27.26
C SER C 173 5.95 24.79 27.61
N GLY C 174 5.41 25.01 28.82
CA GLY C 174 4.94 26.35 29.23
C GLY C 174 5.80 26.87 30.36
N ALA C 175 5.16 27.20 31.48
CA ALA C 175 5.85 27.72 32.69
C ALA C 175 5.30 27.03 33.95
N SER C 176 6.17 26.75 34.94
CA SER C 176 5.69 26.27 36.23
C SER C 176 5.12 27.47 36.98
N ALA C 177 3.80 27.48 37.16
CA ALA C 177 3.10 28.63 37.68
C ALA C 177 1.95 28.23 38.59
N PRO C 178 2.25 27.54 39.71
CA PRO C 178 1.17 27.23 40.62
C PRO C 178 0.58 28.50 41.18
N ALA C 179 -0.64 28.44 41.70
CA ALA C 179 -1.38 29.60 42.14
C ALA C 179 -2.40 29.26 43.20
N ILE C 180 -2.59 30.20 44.13
CA ILE C 180 -3.69 30.19 45.03
C ILE C 180 -4.44 31.45 44.76
N ARG C 181 -5.72 31.30 44.44
CA ARG C 181 -6.52 32.38 43.92
C ARG C 181 -7.83 32.54 44.68
N ALA C 182 -7.98 33.65 45.37
CA ALA C 182 -9.28 34.07 45.88
C ALA C 182 -10.09 34.62 44.73
N MET C 183 -11.40 34.42 44.77
CA MET C 183 -12.30 34.92 43.74
C MET C 183 -13.46 35.63 44.43
N TRP C 184 -13.34 36.96 44.47
CA TRP C 184 -14.29 37.82 45.11
C TRP C 184 -15.45 38.12 44.17
N CYS C 185 -16.65 38.23 44.72
CA CYS C 185 -17.80 38.76 44.00
C CYS C 185 -18.88 39.20 44.96
N ASP C 186 -19.78 40.04 44.45
CA ASP C 186 -21.01 40.39 45.14
C ASP C 186 -22.05 39.30 44.80
N GLY C 187 -23.01 39.10 45.69
CA GLY C 187 -24.12 38.19 45.37
C GLY C 187 -24.08 36.88 46.12
N SER C 188 -24.75 35.89 45.55
CA SER C 188 -25.01 34.64 46.21
C SER C 188 -25.34 33.55 45.19
N LEU C 189 -24.82 32.35 45.44
CA LEU C 189 -25.19 31.16 44.68
C LEU C 189 -26.24 30.32 45.42
N ALA C 190 -26.68 30.80 46.59
CA ALA C 190 -27.40 29.99 47.59
C ALA C 190 -28.90 30.11 47.54
N ASP C 191 -29.39 31.14 46.85
CA ASP C 191 -30.82 31.43 46.84
C ASP C 191 -31.49 30.93 45.58
N THR C 192 -32.79 31.14 45.51
CA THR C 192 -33.66 30.58 44.47
C THR C 192 -33.43 31.26 43.15
N THR C 193 -33.09 32.54 43.22
CA THR C 193 -32.51 33.27 42.12
C THR C 193 -31.09 33.62 42.49
N ARG C 194 -30.19 33.28 41.61
CA ARG C 194 -28.77 33.62 41.75
C ARG C 194 -28.41 34.89 41.08
N TYR C 195 -27.58 35.69 41.75
CA TYR C 195 -27.18 36.96 41.28
C TYR C 195 -25.72 37.11 41.63
N ILE C 196 -24.97 37.66 40.69
CA ILE C 196 -23.54 37.84 40.85
C ILE C 196 -23.18 39.23 40.36
N GLY C 197 -22.38 39.96 41.13
CA GLY C 197 -21.95 41.29 40.71
C GLY C 197 -20.54 41.66 41.13
N ALA C 198 -20.22 42.93 40.93
CA ALA C 198 -18.85 43.42 41.07
C ALA C 198 -18.37 43.36 42.49
N THR C 199 -17.08 43.03 42.60
CA THR C 199 -16.36 43.02 43.87
C THR C 199 -16.64 44.32 44.63
N GLN C 200 -17.04 44.19 45.89
CA GLN C 200 -17.37 45.29 46.74
C GLN C 200 -16.19 45.79 47.61
N PRO C 201 -16.27 47.03 48.12
CA PRO C 201 -15.33 47.49 49.15
C PRO C 201 -15.32 46.54 50.33
N GLY C 202 -14.16 46.38 50.96
CA GLY C 202 -14.02 45.47 52.11
C GLY C 202 -13.76 44.00 51.75
N SER C 203 -13.58 43.71 50.46
CA SER C 203 -13.20 42.38 50.01
C SER C 203 -11.71 42.17 50.36
N THR C 204 -11.41 41.06 51.05
CA THR C 204 -10.07 40.78 51.51
C THR C 204 -9.74 39.32 51.31
N PHE C 205 -8.44 39.01 51.30
CA PHE C 205 -7.95 37.65 51.24
C PHE C 205 -6.82 37.58 52.23
N TYR C 206 -7.04 36.89 53.35
CA TYR C 206 -6.03 36.77 54.39
C TYR C 206 -5.27 35.44 54.31
N ILE C 207 -3.93 35.54 54.31
CA ILE C 207 -3.06 34.39 54.47
C ILE C 207 -2.31 34.65 55.77
N GLY C 208 -2.66 33.93 56.83
CA GLY C 208 -2.17 34.23 58.13
C GLY C 208 -2.25 33.10 59.12
N ALA C 209 -1.92 33.41 60.37
CA ALA C 209 -1.79 32.43 61.43
C ALA C 209 -2.55 32.82 62.67
N SER C 210 -3.44 31.93 63.08
CA SER C 210 -4.04 31.90 64.41
C SER C 210 -3.18 30.99 65.25
N GLY C 211 -3.44 30.99 66.54
CA GLY C 211 -2.75 30.06 67.42
C GLY C 211 -3.46 30.00 68.76
N HIS C 212 -3.15 28.95 69.52
CA HIS C 212 -3.62 28.82 70.89
C HIS C 212 -2.83 29.79 71.77
N ASP C 213 -3.52 30.48 72.68
CA ASP C 213 -2.89 31.47 73.57
C ASP C 213 -2.80 30.98 75.02
N GLY C 214 -2.98 29.69 75.22
CA GLY C 214 -3.06 29.10 76.54
C GLY C 214 -4.47 28.76 76.96
N GLU C 215 -5.46 29.47 76.42
CA GLU C 215 -6.89 29.21 76.68
C GLU C 215 -7.70 28.80 75.44
N LYS C 216 -7.40 29.40 74.29
CA LYS C 216 -8.15 29.13 73.07
C LYS C 216 -7.45 29.65 71.82
N PHE C 217 -7.97 29.24 70.66
CA PHE C 217 -7.61 29.85 69.38
C PHE C 217 -8.59 30.98 69.14
N ASP C 218 -8.19 31.97 68.34
CA ASP C 218 -9.05 33.10 68.05
C ASP C 218 -8.75 33.64 66.65
N SER C 219 -8.70 34.95 66.50
CA SER C 219 -8.41 35.55 65.22
C SER C 219 -6.94 35.41 64.86
N MET C 220 -6.65 35.68 63.59
CA MET C 220 -5.27 35.67 63.12
C MET C 220 -4.53 36.80 63.80
N ARG C 221 -3.28 36.56 64.13
CA ARG C 221 -2.45 37.59 64.77
C ARG C 221 -1.24 38.00 63.95
N GLY C 222 -1.07 37.40 62.78
CA GLY C 222 -0.09 37.85 61.81
C GLY C 222 -0.62 37.44 60.44
N SER C 223 -0.42 38.27 59.41
CA SER C 223 -0.91 37.94 58.08
C SER C 223 -0.41 38.83 56.97
N VAL C 224 -0.51 38.28 55.76
CA VAL C 224 -0.51 39.03 54.52
C VAL C 224 -1.96 39.11 54.07
N ALA C 225 -2.39 40.26 53.60
CA ALA C 225 -3.77 40.43 53.17
C ALA C 225 -3.80 41.15 51.82
N ILE C 226 -4.39 40.53 50.82
CA ILE C 226 -4.74 41.20 49.56
C ILE C 226 -6.15 41.76 49.72
N LYS C 227 -6.34 43.03 49.39
CA LYS C 227 -7.61 43.71 49.64
C LYS C 227 -8.02 44.48 48.41
N SER C 228 -9.32 44.57 48.15
CA SER C 228 -9.83 45.54 47.19
C SER C 228 -9.66 46.91 47.80
N ALA C 229 -9.27 47.88 46.99
CA ALA C 229 -9.12 49.27 47.44
C ALA C 229 -10.24 50.06 46.83
N GLY C 230 -11.43 49.87 47.36
CA GLY C 230 -12.61 50.40 46.71
C GLY C 230 -13.34 49.32 45.93
N GLY C 231 -14.54 49.67 45.49
CA GLY C 231 -15.35 48.79 44.68
C GLY C 231 -14.78 48.76 43.30
N TRP C 232 -15.14 47.71 42.58
CA TRP C 232 -14.61 47.46 41.24
C TRP C 232 -15.67 47.72 40.20
N GLY C 233 -15.20 47.89 38.98
CA GLY C 233 -16.05 48.08 37.83
C GLY C 233 -15.26 47.62 36.65
N PRO C 234 -15.88 47.62 35.46
CA PRO C 234 -15.17 47.02 34.32
C PRO C 234 -13.88 47.71 33.91
N THR C 235 -13.70 48.98 34.28
CA THR C 235 -12.50 49.73 33.90
C THR C 235 -11.57 50.03 35.09
N SER C 236 -11.91 49.52 36.28
CA SER C 236 -11.19 49.84 37.51
C SER C 236 -11.30 48.70 38.54
N THR C 237 -10.17 48.02 38.80
CA THR C 237 -10.12 46.94 39.76
C THR C 237 -8.93 47.11 40.74
N PRO C 238 -8.98 48.16 41.57
CA PRO C 238 -7.83 48.49 42.41
C PRO C 238 -7.65 47.51 43.57
N THR C 239 -6.40 47.31 43.97
CA THR C 239 -6.07 46.44 45.08
C THR C 239 -4.93 47.01 45.90
N GLN C 240 -4.72 46.41 47.06
CA GLN C 240 -3.53 46.63 47.83
C GLN C 240 -3.10 45.35 48.55
N VAL C 241 -1.84 45.31 48.95
CA VAL C 241 -1.27 44.21 49.70
C VAL C 241 -0.73 44.75 51.01
N VAL C 242 -1.16 44.16 52.14
CA VAL C 242 -0.87 44.66 53.46
C VAL C 242 -0.26 43.56 54.36
N LEU C 243 0.77 43.92 55.13
CA LEU C 243 1.36 43.03 56.11
C LEU C 243 0.94 43.48 57.50
N GLU C 244 0.50 42.54 58.31
CA GLU C 244 -0.10 42.83 59.61
C GLU C 244 0.54 41.97 60.70
N THR C 245 0.83 42.58 61.85
CA THR C 245 1.44 41.87 62.95
C THR C 245 0.85 42.33 64.25
N CYS C 246 1.15 41.58 65.31
CA CYS C 246 0.64 41.85 66.62
C CYS C 246 1.80 42.09 67.54
N GLU C 247 1.67 43.10 68.39
CA GLU C 247 2.72 43.49 69.31
C GLU C 247 2.71 42.64 70.57
N SER C 248 3.90 42.39 71.08
CA SER C 248 4.14 41.91 72.42
C SER C 248 3.29 42.66 73.44
N GLY C 249 2.64 41.91 74.33
CA GLY C 249 1.72 42.51 75.31
C GLY C 249 0.38 42.89 74.77
N SER C 250 0.12 42.54 73.52
CA SER C 250 -1.14 42.91 72.85
C SER C 250 -1.75 41.66 72.19
N ILE C 251 -3.06 41.68 71.95
CA ILE C 251 -3.77 40.53 71.38
C ILE C 251 -4.60 40.88 70.13
N SER C 252 -4.23 41.97 69.47
CA SER C 252 -4.97 42.49 68.35
C SER C 252 -3.96 42.91 67.29
N ARG C 253 -4.07 42.36 66.08
CA ARG C 253 -3.09 42.67 65.06
C ARG C 253 -3.48 43.94 64.33
N LEU C 254 -2.48 44.62 63.79
CA LEU C 254 -2.68 45.89 63.13
C LEU C 254 -2.01 45.85 61.77
N PRO C 255 -2.61 46.52 60.76
CA PRO C 255 -1.89 46.72 59.53
C PRO C 255 -0.68 47.61 59.80
N ARG C 256 0.46 47.22 59.25
CA ARG C 256 1.72 47.90 59.53
C ARG C 256 2.25 48.61 58.29
N TRP C 257 2.51 47.83 57.24
CA TRP C 257 3.05 48.29 55.98
C TRP C 257 2.26 47.66 54.85
N GLY C 258 2.10 48.41 53.76
CA GLY C 258 1.37 47.91 52.61
C GLY C 258 1.80 48.56 51.30
N VAL C 259 1.49 47.90 50.21
CA VAL C 259 1.66 48.44 48.89
C VAL C 259 0.27 48.87 48.42
N ASP C 260 0.14 50.13 48.04
CA ASP C 260 -1.12 50.70 47.69
C ASP C 260 -1.45 50.41 46.23
N HIS C 261 -2.68 50.74 45.85
CA HIS C 261 -3.12 50.58 44.47
C HIS C 261 -2.22 51.30 43.48
N ASN C 262 -1.59 52.37 43.92
CA ASN C 262 -0.69 53.12 43.01
C ASN C 262 0.75 52.70 43.10
N GLY C 263 1.04 51.73 43.95
CA GLY C 263 2.41 51.17 44.03
C GLY C 263 3.27 51.74 45.13
N THR C 264 2.75 52.73 45.84
CA THR C 264 3.44 53.28 46.98
C THR C 264 3.61 52.22 48.07
N LEU C 265 4.82 52.10 48.61
CA LEU C 265 5.04 51.32 49.83
C LEU C 265 4.96 52.28 50.97
N MET C 266 4.06 52.02 51.90
CA MET C 266 3.75 52.97 52.92
C MET C 266 3.44 52.32 54.25
N PRO C 267 3.70 53.03 55.35
CA PRO C 267 3.20 52.56 56.62
C PRO C 267 1.71 52.80 56.64
N MET C 268 0.98 51.97 57.37
CA MET C 268 -0.49 52.03 57.37
C MET C 268 -1.06 52.94 58.45
N ALA C 269 -0.17 53.54 59.24
CA ALA C 269 -0.54 54.65 60.11
C ALA C 269 0.53 55.70 59.95
N ASP C 270 0.12 56.95 60.14
CA ASP C 270 0.99 58.09 59.94
C ASP C 270 1.91 58.27 61.12
N ASN C 271 3.17 58.58 60.85
CA ASN C 271 4.11 58.95 61.89
C ASN C 271 4.10 57.96 63.06
N ARG C 272 4.30 56.69 62.72
CA ARG C 272 4.24 55.67 63.72
C ARG C 272 5.27 54.55 63.58
N TYR C 273 5.62 54.17 62.35
CA TYR C 273 6.50 53.03 62.10
C TYR C 273 7.80 53.44 61.43
N ASN C 274 8.89 52.80 61.84
CA ASN C 274 10.20 53.12 61.29
C ASN C 274 10.63 52.18 60.20
N LEU C 275 11.63 52.63 59.47
CA LEU C 275 12.37 51.79 58.57
C LEU C 275 13.73 51.55 59.21
N GLY C 276 13.98 50.30 59.60
CA GLY C 276 15.24 49.92 60.24
C GLY C 276 15.21 50.20 61.74
N TRP C 277 16.26 49.78 62.42
CA TRP C 277 16.50 50.10 63.83
C TRP C 277 18.00 50.00 64.10
N GLY C 278 18.44 50.27 65.33
CA GLY C 278 19.88 50.28 65.66
C GLY C 278 20.69 49.08 65.23
N SER C 279 20.16 47.89 65.46
CA SER C 279 20.83 46.64 65.11
C SER C 279 20.28 46.06 63.80
N GLY C 280 19.56 46.86 63.04
CA GLY C 280 19.01 46.45 61.76
C GLY C 280 18.89 47.65 60.84
N ARG C 281 20.03 48.22 60.50
CA ARG C 281 20.10 49.44 59.72
C ARG C 281 20.17 49.15 58.26
N VAL C 282 19.45 49.96 57.50
CA VAL C 282 19.51 49.89 56.06
C VAL C 282 20.92 50.32 55.66
N LYS C 283 21.52 49.61 54.72
CA LYS C 283 22.86 49.92 54.31
C LYS C 283 22.85 51.24 53.57
N GLN C 284 22.06 51.34 52.49
CA GLN C 284 21.71 52.66 51.94
C GLN C 284 20.48 52.70 51.06
N VAL C 285 20.01 53.93 50.86
CA VAL C 285 18.85 54.23 50.09
C VAL C 285 19.27 54.86 48.77
N TYR C 286 18.69 54.38 47.67
CA TYR C 286 18.78 55.01 46.36
C TYR C 286 17.47 55.73 46.10
N ALA C 287 17.49 57.07 46.13
CA ALA C 287 16.33 57.89 45.81
C ALA C 287 16.63 58.82 44.64
N VAL C 288 15.57 59.31 43.99
CA VAL C 288 15.71 60.24 42.90
C VAL C 288 15.63 61.66 43.46
N ASN C 289 14.57 61.93 44.22
CA ASN C 289 14.36 63.22 44.88
C ASN C 289 14.76 63.18 46.33
N GLY C 290 14.93 64.35 46.92
CA GLY C 290 15.30 64.46 48.32
C GLY C 290 14.14 64.04 49.18
N THR C 291 14.46 63.44 50.32
CA THR C 291 13.47 63.12 51.33
C THR C 291 12.65 64.37 51.65
N ILE C 292 11.33 64.18 51.76
CA ILE C 292 10.41 65.21 52.12
C ILE C 292 10.15 65.11 53.60
N ASN C 293 10.54 66.14 54.34
CA ASN C 293 10.24 66.24 55.76
C ASN C 293 9.25 67.33 56.03
N THR C 294 8.21 66.99 56.78
CA THR C 294 7.19 67.95 57.16
C THR C 294 7.82 69.00 58.08
N ALA C 295 7.53 70.27 57.81
CA ALA C 295 8.02 71.38 58.64
C ALA C 295 6.93 72.46 58.68
N ASP C 296 5.85 72.08 59.34
CA ASP C 296 4.59 72.80 59.29
C ASP C 296 4.42 73.57 60.59
N ALA C 297 4.30 74.89 60.48
CA ALA C 297 4.11 75.76 61.65
C ALA C 297 2.98 75.33 62.56
N ARG C 298 1.92 74.76 61.98
CA ARG C 298 0.70 74.35 62.70
C ARG C 298 0.92 73.17 63.65
N LEU C 299 2.00 72.42 63.45
CA LEU C 299 2.31 71.25 64.29
C LEU C 299 3.43 71.52 65.30
N LYS C 300 4.05 72.71 65.22
CA LYS C 300 5.18 73.07 66.07
C LYS C 300 4.81 74.20 67.02
N ASN C 301 5.54 74.27 68.13
CA ASN C 301 5.57 75.48 68.94
C ASN C 301 6.40 76.54 68.23
N ASP C 302 6.51 77.72 68.84
CA ASP C 302 7.25 78.82 68.22
C ASP C 302 8.72 78.45 68.08
N VAL C 303 9.33 78.94 67.00
CA VAL C 303 10.76 78.78 66.74
C VAL C 303 11.51 79.88 67.48
N ARG C 304 12.16 79.51 68.59
CA ARG C 304 12.99 80.46 69.36
C ARG C 304 14.35 80.62 68.70
N ALA C 305 14.97 81.77 68.95
CA ALA C 305 16.33 82.02 68.47
C ALA C 305 17.32 81.19 69.30
N MET C 306 18.51 80.97 68.73
CA MET C 306 19.57 80.26 69.44
C MET C 306 20.20 81.13 70.52
N SER C 307 20.45 80.54 71.67
CA SER C 307 21.25 81.20 72.71
C SER C 307 22.69 81.39 72.22
N ASP C 308 23.48 82.15 72.97
CA ASP C 308 24.89 82.39 72.60
C ASP C 308 25.75 81.14 72.73
N PRO C 309 25.58 80.35 73.82
CA PRO C 309 26.30 79.08 73.90
C PRO C 309 26.02 78.14 72.70
N GLU C 310 24.75 78.10 72.24
CA GLU C 310 24.35 77.24 71.12
C GLU C 310 24.99 77.70 69.84
N THR C 311 24.96 79.00 69.59
CA THR C 311 25.67 79.56 68.45
C THR C 311 27.17 79.29 68.53
N GLU C 312 27.74 79.35 69.74
CA GLU C 312 29.17 79.13 69.93
C GLU C 312 29.54 77.69 69.58
N ALA C 313 28.71 76.75 70.02
CA ALA C 313 28.92 75.33 69.75
C ALA C 313 28.79 75.03 68.25
N ALA C 314 27.83 75.68 67.61
CA ALA C 314 27.63 75.56 66.16
C ALA C 314 28.85 75.97 65.35
N LYS C 315 29.53 77.01 65.80
CA LYS C 315 30.74 77.48 65.11
C LYS C 315 31.90 76.51 65.28
N ALA C 316 32.02 75.98 66.50
CA ALA C 316 33.12 75.10 66.85
C ALA C 316 33.00 73.75 66.15
N ILE C 317 31.76 73.29 65.99
CA ILE C 317 31.47 72.02 65.32
C ILE C 317 31.84 72.03 63.84
N ALA C 318 31.66 73.16 63.18
CA ALA C 318 32.09 73.33 61.78
C ALA C 318 33.60 73.11 61.57
N LYS C 319 34.40 73.44 62.58
CA LYS C 319 35.86 73.25 62.53
C LYS C 319 36.25 71.77 62.62
N GLU C 320 35.34 70.92 63.09
CA GLU C 320 35.61 69.49 63.24
C GLU C 320 35.40 68.68 61.97
N ILE C 321 34.82 69.29 60.95
CA ILE C 321 34.57 68.60 59.67
C ILE C 321 35.87 68.28 58.93
N GLY C 322 36.08 67.00 58.69
CA GLY C 322 37.25 66.54 57.96
C GLY C 322 36.87 65.27 57.22
N PHE C 323 37.85 64.40 57.02
CA PHE C 323 37.64 63.15 56.31
C PHE C 323 38.00 61.96 57.18
N TRP C 324 37.22 60.89 57.09
CA TRP C 324 37.47 59.67 57.82
C TRP C 324 37.20 58.44 56.96
N THR C 325 37.72 57.31 57.41
CA THR C 325 37.43 56.02 56.81
C THR C 325 36.92 55.08 57.90
N TRP C 326 36.27 54.00 57.48
CA TRP C 326 35.91 52.91 58.39
C TRP C 326 37.12 52.01 58.60
N LYS C 327 37.02 51.07 59.55
CA LYS C 327 38.13 50.16 59.90
C LYS C 327 38.20 48.86 59.10
N ILE C 335 38.11 51.39 50.32
CA ILE C 335 38.17 52.36 51.39
C ILE C 335 38.11 53.78 50.82
N ARG C 336 36.93 54.39 50.79
CA ARG C 336 36.73 55.79 50.35
C ARG C 336 36.76 56.75 51.55
N GLU C 337 37.05 58.03 51.27
CA GLU C 337 37.12 59.08 52.28
C GLU C 337 35.76 59.73 52.46
N HIS C 338 35.20 59.61 53.65
CA HIS C 338 33.89 60.18 53.94
C HIS C 338 34.03 61.49 54.71
N CYS C 339 33.18 62.45 54.38
CA CYS C 339 33.24 63.78 54.97
C CYS C 339 32.32 63.91 56.17
N GLY C 340 32.86 64.40 57.29
CA GLY C 340 32.06 64.67 58.48
C GLY C 340 32.87 64.65 59.77
N LEU C 341 32.19 64.38 60.88
CA LEU C 341 32.81 64.26 62.19
C LEU C 341 32.11 63.20 63.05
N THR C 342 32.60 62.98 64.27
CA THR C 342 32.01 61.98 65.16
C THR C 342 31.03 62.63 66.10
N VAL C 343 30.07 61.84 66.57
CA VAL C 343 29.07 62.32 67.52
C VAL C 343 29.74 62.59 68.87
N GLN C 344 30.72 61.76 69.22
CA GLN C 344 31.43 61.90 70.48
C GLN C 344 32.21 63.19 70.54
N ARG C 345 32.80 63.59 69.41
CA ARG C 345 33.43 64.90 69.32
C ARG C 345 32.43 66.03 69.47
N ALA C 346 31.32 65.94 68.76
CA ALA C 346 30.23 66.91 68.91
C ALA C 346 29.67 67.00 70.35
N ILE C 347 29.58 65.87 71.03
CA ILE C 347 29.12 65.83 72.41
C ILE C 347 30.05 66.60 73.34
N GLU C 348 31.37 66.43 73.19
CA GLU C 348 32.35 67.17 74.02
C GLU C 348 32.21 68.66 73.81
N ILE C 349 32.09 69.08 72.54
CA ILE C 349 31.95 70.52 72.20
C ILE C 349 30.67 71.10 72.80
N MET C 350 29.59 70.36 72.70
CA MET C 350 28.31 70.77 73.24
C MET C 350 28.40 71.01 74.74
N GLU C 351 29.01 70.07 75.43
CA GLU C 351 29.15 70.14 76.88
C GLU C 351 30.11 71.23 77.32
N SER C 352 31.12 71.50 76.51
CA SER C 352 32.09 72.56 76.82
C SER C 352 31.45 73.96 76.85
N PHE C 353 30.28 74.12 76.23
CA PHE C 353 29.49 75.36 76.35
C PHE C 353 28.27 75.17 77.25
N GLY C 354 28.30 74.15 78.10
CA GLY C 354 27.29 73.96 79.15
C GLY C 354 25.96 73.44 78.66
N LEU C 355 25.94 72.79 77.50
CA LEU C 355 24.71 72.28 76.91
C LEU C 355 24.62 70.79 77.16
N ASP C 356 23.41 70.30 77.40
CA ASP C 356 23.11 68.86 77.42
C ASP C 356 22.86 68.41 75.97
N PRO C 357 23.83 67.69 75.36
CA PRO C 357 23.72 67.34 73.93
C PRO C 357 22.49 66.48 73.56
N PHE C 358 21.99 65.69 74.51
CA PHE C 358 20.87 64.78 74.26
C PHE C 358 19.51 65.44 74.37
N LYS C 359 19.47 66.74 74.62
CA LYS C 359 18.24 67.52 74.51
C LYS C 359 18.04 68.06 73.10
N TYR C 360 18.97 67.75 72.20
CA TYR C 360 18.95 68.25 70.81
C TYR C 360 18.69 67.12 69.84
N GLY C 361 17.83 67.38 68.86
CA GLY C 361 17.33 66.34 67.96
C GLY C 361 18.35 65.79 66.97
N PHE C 362 19.44 66.51 66.72
CA PHE C 362 20.46 66.05 65.77
C PHE C 362 21.50 65.09 66.37
N ILE C 363 21.39 64.81 67.67
CA ILE C 363 22.26 63.84 68.33
C ILE C 363 21.43 62.70 68.86
N CYS C 364 21.75 61.48 68.42
CA CYS C 364 20.99 60.28 68.80
C CYS C 364 21.85 59.19 69.44
N TYR C 365 21.24 58.46 70.36
CA TYR C 365 21.85 57.30 70.99
C TYR C 365 20.85 56.14 71.04
N ASP C 366 21.27 54.98 70.55
CA ASP C 366 20.43 53.78 70.53
C ASP C 366 21.20 52.68 71.20
N LYS C 367 20.47 51.84 71.93
CA LYS C 367 21.02 50.73 72.65
C LYS C 367 20.13 49.51 72.41
N TRP C 368 20.68 48.30 72.40
CA TRP C 368 19.83 47.11 72.30
C TRP C 368 20.43 45.96 73.12
N ASP C 369 19.56 45.07 73.58
CA ASP C 369 19.99 43.90 74.36
C ASP C 369 20.52 42.85 73.43
N GLU C 370 21.20 41.86 74.00
CA GLU C 370 21.53 40.65 73.27
C GLU C 370 20.24 39.96 72.84
N HIS C 371 20.23 39.43 71.62
CA HIS C 371 19.03 38.77 71.09
C HIS C 371 19.41 37.73 70.05
N THR C 372 18.50 36.79 69.83
CA THR C 372 18.75 35.66 68.96
C THR C 372 17.84 35.76 67.74
N VAL C 373 18.41 35.48 66.58
CA VAL C 373 17.71 35.60 65.31
C VAL C 373 17.98 34.39 64.43
N VAL C 374 17.05 34.11 63.51
CA VAL C 374 17.31 33.19 62.40
C VAL C 374 18.29 33.86 61.44
N SER C 375 19.47 33.28 61.28
CA SER C 375 20.45 33.83 60.35
C SER C 375 20.32 33.21 58.98
N GLU C 376 20.02 31.91 58.92
CA GLU C 376 19.91 31.20 57.63
C GLU C 376 19.10 29.93 57.80
N TYR C 377 18.91 29.23 56.70
CA TYR C 377 18.26 27.94 56.71
C TYR C 377 19.22 26.82 56.30
N GLY C 378 19.34 25.81 57.18
CA GLY C 378 20.09 24.59 56.86
C GLY C 378 19.48 23.83 55.67
N PRO C 379 20.19 22.80 55.19
CA PRO C 379 19.61 22.00 54.10
C PRO C 379 18.49 21.10 54.65
N ALA C 380 17.61 20.62 53.76
CA ALA C 380 16.63 19.61 54.16
C ALA C 380 17.32 18.36 54.70
N ASN C 381 16.72 17.74 55.72
CA ASN C 381 17.23 16.50 56.28
C ASN C 381 16.08 15.51 56.49
N GLU C 382 16.44 14.32 56.97
CA GLU C 382 15.49 13.27 57.31
C GLU C 382 14.35 13.67 58.27
N ASP C 383 14.55 14.74 59.06
CA ASP C 383 13.56 15.19 60.07
C ASP C 383 12.64 16.34 59.61
N GLY C 384 13.02 17.07 58.57
CA GLY C 384 12.18 18.14 58.01
C GLY C 384 12.90 18.91 56.92
N THR C 385 12.13 19.62 56.08
CA THR C 385 12.72 20.43 54.97
C THR C 385 13.12 21.86 55.41
N GLU C 386 12.38 22.44 56.37
CA GLU C 386 12.63 23.81 56.86
C GLU C 386 13.42 23.77 58.18
N ASN C 387 14.72 24.12 58.13
CA ASN C 387 15.66 23.95 59.26
C ASN C 387 16.42 25.26 59.60
N PRO C 388 15.77 26.17 60.33
CA PRO C 388 16.41 27.42 60.68
C PRO C 388 17.68 27.24 61.54
N ILE C 389 18.75 27.97 61.17
CA ILE C 389 19.99 28.09 61.96
C ILE C 389 19.96 29.43 62.73
N TYR C 390 20.15 29.36 64.05
CA TYR C 390 20.08 30.54 64.91
C TYR C 390 21.45 31.19 65.13
N LYS C 391 21.41 32.44 65.55
CA LYS C 391 22.61 33.22 65.83
C LYS C 391 22.31 34.27 66.89
N THR C 392 23.30 34.50 67.75
CA THR C 392 23.15 35.47 68.82
C THR C 392 23.84 36.78 68.41
N ILE C 393 23.06 37.85 68.49
CA ILE C 393 23.55 39.20 68.25
C ILE C 393 23.87 39.86 69.61
N PRO C 394 25.14 40.24 69.84
CA PRO C 394 25.50 40.80 71.15
C PRO C 394 24.82 42.13 71.41
N ALA C 395 24.63 42.45 72.69
CA ALA C 395 24.16 43.76 73.08
C ALA C 395 25.14 44.81 72.56
N GLY C 396 24.66 46.02 72.39
CA GLY C 396 25.48 47.08 71.84
C GLY C 396 24.79 48.42 71.87
N ASP C 397 25.46 49.43 71.33
CA ASP C 397 24.89 50.76 71.20
C ASP C 397 25.58 51.57 70.09
N HIS C 398 24.95 52.67 69.68
CA HIS C 398 25.44 53.49 68.57
C HIS C 398 25.23 54.94 68.92
N TYR C 399 26.18 55.77 68.49
CA TYR C 399 26.01 57.21 68.49
C TYR C 399 25.76 57.62 67.05
N SER C 400 24.74 58.45 66.84
CA SER C 400 24.30 58.83 65.49
C SER C 400 23.92 60.31 65.41
N PHE C 401 23.99 60.84 64.20
CA PHE C 401 23.45 62.17 63.87
C PHE C 401 22.15 62.08 63.07
N ARG C 402 21.35 63.14 63.10
CA ARG C 402 20.47 63.48 61.96
C ARG C 402 21.16 64.58 61.15
N LEU C 403 21.78 64.21 60.03
CA LEU C 403 22.67 65.12 59.31
C LEU C 403 22.00 66.35 58.71
N GLU C 404 20.71 66.24 58.41
CA GLU C 404 19.97 67.35 57.82
C GLU C 404 19.84 68.45 58.86
N GLU C 405 19.45 68.07 60.08
CA GLU C 405 19.37 68.98 61.21
C GLU C 405 20.75 69.55 61.59
N LEU C 406 21.76 68.69 61.57
CA LEU C 406 23.12 69.08 61.92
C LEU C 406 23.64 70.13 60.95
N ASN C 407 23.40 69.94 59.67
CA ASN C 407 23.76 70.93 58.66
C ASN C 407 23.12 72.30 58.91
N LEU C 408 21.88 72.31 59.39
CA LEU C 408 21.18 73.55 59.68
C LEU C 408 21.73 74.24 60.93
N PHE C 409 22.14 73.42 61.91
CA PHE C 409 22.77 73.93 63.13
C PHE C 409 24.09 74.62 62.75
N ILE C 410 24.91 73.91 61.99
CA ILE C 410 26.16 74.44 61.47
C ILE C 410 25.95 75.74 60.66
N ALA C 411 24.92 75.73 59.84
CA ALA C 411 24.60 76.86 58.98
C ALA C 411 24.29 78.13 59.79
N LYS C 412 23.58 77.99 60.90
CA LYS C 412 23.29 79.13 61.76
C LYS C 412 24.58 79.68 62.38
N GLY C 413 25.53 78.80 62.67
CA GLY C 413 26.86 79.20 63.10
C GLY C 413 27.52 80.10 62.07
N PHE C 414 27.49 79.71 60.80
CA PHE C 414 28.02 80.53 59.70
C PHE C 414 27.30 81.87 59.53
N GLU C 415 26.00 81.86 59.77
CA GLU C 415 25.21 83.07 59.66
C GLU C 415 25.64 84.11 60.73
N ALA C 416 25.79 83.66 61.96
CA ALA C 416 26.20 84.53 63.09
C ALA C 416 27.59 85.12 62.87
N ARG C 417 28.50 84.30 62.31
CA ARG C 417 29.86 84.75 61.99
C ARG C 417 29.88 85.78 60.87
N LEU C 418 29.02 85.59 59.87
CA LEU C 418 28.90 86.55 58.76
C LEU C 418 28.28 87.88 59.22
N SER C 419 27.29 87.82 60.09
CA SER C 419 26.65 89.03 60.62
C SER C 419 27.59 89.84 61.51
N ALA C 420 28.46 89.16 62.25
CA ALA C 420 29.47 89.81 63.11
C ALA C 420 30.52 90.56 62.29
N ILE C 421 30.92 89.97 61.15
CA ILE C 421 31.84 90.58 60.20
C ILE C 421 31.22 91.80 59.49
N GLU C 422 30.00 91.63 59.02
CA GLU C 422 29.27 92.70 58.34
C GLU C 422 29.02 93.94 59.21
N ASP C 423 28.79 93.72 60.51
CA ASP C 423 28.66 94.84 61.46
C ASP C 423 29.97 95.58 61.69
N LYS C 424 31.06 94.82 61.78
CA LYS C 424 32.39 95.40 61.98
C LYS C 424 32.90 96.21 60.76
N LEU C 425 32.35 95.96 59.58
CA LEU C 425 32.70 96.72 58.38
C LEU C 425 31.57 97.67 57.95
N GLY C 426 30.66 97.99 58.87
CA GLY C 426 29.51 98.88 58.60
C GLY C 426 28.81 98.58 57.28
N MET C 427 28.51 97.31 57.04
CA MET C 427 28.00 96.82 55.74
C MET C 427 26.47 96.75 55.75
N CYS D 20 38.66 49.19 16.08
CA CYS D 20 37.19 48.91 16.12
C CYS D 20 36.59 48.84 14.70
N SER D 21 35.95 49.91 14.20
CA SER D 21 35.13 49.87 12.97
C SER D 21 35.74 50.62 11.78
N PHE D 22 35.90 49.95 10.65
CA PHE D 22 36.44 50.56 9.41
CA PHE D 22 36.47 50.55 9.45
C PHE D 22 35.36 50.55 8.37
N GLY D 23 35.23 51.63 7.61
CA GLY D 23 34.10 51.72 6.74
C GLY D 23 34.29 52.50 5.48
N ILE D 24 33.54 52.12 4.47
CA ILE D 24 33.47 52.83 3.24
C ILE D 24 32.06 53.32 3.06
N GLU D 25 31.93 54.59 2.77
CA GLU D 25 30.66 55.28 2.74
C GLU D 25 30.47 55.95 1.38
N ASN D 26 29.28 55.78 0.82
CA ASN D 26 28.87 56.48 -0.36
C ASN D 26 27.57 57.18 0.00
N THR D 27 27.64 58.51 0.05
CA THR D 27 26.54 59.37 0.47
C THR D 27 25.56 59.68 -0.67
N ALA D 28 26.02 59.46 -1.90
CA ALA D 28 25.29 59.84 -3.11
C ALA D 28 24.19 58.85 -3.58
N GLY D 29 24.14 57.65 -2.99
CA GLY D 29 23.20 56.64 -3.46
C GLY D 29 23.81 55.52 -4.30
N GLY D 30 25.12 55.62 -4.57
CA GLY D 30 25.86 54.55 -5.24
C GLY D 30 26.36 53.50 -4.26
N SER D 31 27.07 52.51 -4.81
CA SER D 31 27.55 51.34 -4.06
C SER D 31 28.87 51.59 -3.31
N ALA D 32 29.03 50.92 -2.17
CA ALA D 32 30.23 51.01 -1.36
C ALA D 32 30.90 49.63 -1.36
N VAL D 33 31.89 49.46 -2.22
CA VAL D 33 32.43 48.12 -2.57
C VAL D 33 33.95 48.04 -2.41
N PHE D 34 34.46 46.92 -1.92
CA PHE D 34 35.92 46.71 -1.83
C PHE D 34 36.35 45.80 -2.97
N HIS D 35 37.52 46.05 -3.53
CA HIS D 35 38.05 45.25 -4.65
C HIS D 35 39.45 44.78 -4.39
N ASN D 36 39.77 43.60 -4.92
CA ASN D 36 41.09 43.04 -4.82
C ASN D 36 41.61 43.02 -6.24
N TYR D 37 42.77 43.61 -6.46
CA TYR D 37 43.36 43.71 -7.78
C TYR D 37 44.68 42.98 -7.79
N THR D 38 44.82 42.04 -8.73
CA THR D 38 45.93 41.09 -8.69
C THR D 38 46.38 40.89 -10.12
N ARG D 39 47.68 40.64 -10.31
CA ARG D 39 48.23 40.34 -11.64
C ARG D 39 49.01 39.05 -11.63
N GLY D 40 49.31 38.55 -12.82
CA GLY D 40 50.29 37.49 -12.98
C GLY D 40 51.69 38.05 -12.79
N ALA D 41 52.68 37.16 -12.85
CA ALA D 41 54.09 37.59 -12.79
C ALA D 41 54.45 38.48 -14.01
N SER D 42 55.21 39.56 -13.75
CA SER D 42 55.70 40.48 -14.80
C SER D 42 54.56 41.01 -15.66
N ASN D 43 53.49 41.44 -15.02
CA ASN D 43 52.32 42.01 -15.71
C ASN D 43 51.57 41.06 -16.65
N SER D 44 51.82 39.76 -16.55
CA SER D 44 51.05 38.81 -17.34
C SER D 44 49.66 38.63 -16.73
N VAL D 45 48.80 37.97 -17.50
CA VAL D 45 47.44 37.67 -17.07
C VAL D 45 47.44 36.84 -15.79
N THR D 46 46.39 37.01 -14.98
CA THR D 46 46.21 36.19 -13.78
C THR D 46 45.97 34.77 -14.25
N LYS D 47 46.37 33.81 -13.41
CA LYS D 47 46.38 32.41 -13.81
C LYS D 47 45.27 31.58 -13.17
N ASN D 48 45.06 30.40 -13.73
CA ASN D 48 44.18 29.39 -13.16
C ASN D 48 44.55 29.11 -11.72
N ASN D 49 43.53 29.14 -10.85
CA ASN D 49 43.68 28.93 -9.41
C ASN D 49 44.55 29.93 -8.63
N GLN D 50 44.91 31.04 -9.26
CA GLN D 50 45.67 32.08 -8.60
C GLN D 50 44.75 32.76 -7.60
N LEU D 51 45.27 33.10 -6.43
CA LEU D 51 44.46 33.77 -5.42
C LEU D 51 44.30 35.23 -5.85
N LEU D 52 43.11 35.56 -6.32
CA LEU D 52 42.82 36.91 -6.80
C LEU D 52 42.42 37.88 -5.71
N GLY D 53 42.07 37.36 -4.55
CA GLY D 53 41.57 38.20 -3.46
C GLY D 53 41.29 37.35 -2.25
N GLY D 54 41.32 37.96 -1.08
CA GLY D 54 41.17 37.23 0.16
C GLY D 54 40.79 38.13 1.32
N TYR D 55 40.06 37.55 2.28
CA TYR D 55 39.65 38.20 3.50
C TYR D 55 39.80 37.12 4.55
N GLY D 56 40.42 37.44 5.68
CA GLY D 56 40.76 36.41 6.63
C GLY D 56 41.08 36.92 8.01
N SER D 57 40.72 36.14 9.03
CA SER D 57 41.05 36.46 10.39
C SER D 57 42.35 35.79 10.80
N ARG D 58 43.12 36.49 11.62
CA ARG D 58 44.32 35.92 12.27
C ARG D 58 44.24 36.14 13.75
N PRO D 59 44.12 35.04 14.51
CA PRO D 59 43.97 35.18 15.94
C PRO D 59 45.30 35.41 16.67
N TRP D 60 45.20 35.89 17.90
CA TRP D 60 46.34 36.24 18.74
C TRP D 60 46.71 35.08 19.67
N LEU D 61 47.99 34.72 19.63
CA LEU D 61 48.52 33.60 20.39
C LEU D 61 49.06 33.99 21.77
N GLY D 62 49.12 35.29 22.07
CA GLY D 62 49.71 35.77 23.32
C GLY D 62 50.69 36.91 23.06
N SER D 63 51.61 36.69 22.12
CA SER D 63 52.54 37.73 21.69
C SER D 63 52.68 37.88 20.16
N THR D 64 52.05 36.99 19.38
CA THR D 64 52.00 37.11 17.92
C THR D 64 50.64 36.66 17.38
N TYR D 65 50.41 36.93 16.10
CA TYR D 65 49.27 36.40 15.37
C TYR D 65 49.69 35.16 14.61
N THR D 66 48.73 34.36 14.16
CA THR D 66 49.02 33.20 13.32
C THR D 66 49.60 33.67 11.99
N GLU D 67 50.38 32.82 11.34
CA GLU D 67 51.05 33.21 10.10
C GLU D 67 50.13 33.21 8.90
N HIS D 68 49.03 32.46 9.00
CA HIS D 68 48.00 32.47 7.98
C HIS D 68 46.64 32.57 8.65
N SER D 69 45.60 32.86 7.86
CA SER D 69 44.26 33.02 8.42
C SER D 69 43.67 31.68 8.86
N ASN D 70 42.98 31.68 9.99
CA ASN D 70 42.31 30.46 10.45
C ASN D 70 40.89 30.29 9.89
N ALA D 71 40.31 31.38 9.41
CA ALA D 71 39.04 31.39 8.72
C ALA D 71 39.18 32.44 7.62
N ALA D 72 38.67 32.16 6.42
CA ALA D 72 38.95 33.00 5.28
C ALA D 72 37.96 32.83 4.11
N LEU D 73 37.88 33.87 3.29
CA LEU D 73 37.15 33.85 2.05
C LEU D 73 38.16 34.13 0.95
N HIS D 74 38.23 33.25 -0.06
CA HIS D 74 39.18 33.38 -1.14
C HIS D 74 38.44 33.47 -2.46
N PHE D 75 38.91 34.37 -3.32
CA PHE D 75 38.48 34.48 -4.70
C PHE D 75 39.63 33.95 -5.53
N LEU D 76 39.36 33.01 -6.44
CA LEU D 76 40.40 32.37 -7.21
C LEU D 76 40.08 32.34 -8.70
N GLY D 77 41.11 32.22 -9.53
CA GLY D 77 40.90 32.15 -10.96
C GLY D 77 40.45 30.76 -11.39
N ALA D 78 39.65 30.73 -12.45
CA ALA D 78 39.24 29.51 -13.10
C ALA D 78 39.70 29.63 -14.55
N GLY D 79 40.82 28.98 -14.85
CA GLY D 79 41.54 29.17 -16.12
C GLY D 79 42.36 30.45 -16.11
N ASP D 80 43.35 30.51 -17.01
CA ASP D 80 44.16 31.72 -17.18
C ASP D 80 43.27 32.81 -17.77
N THR D 81 43.36 34.01 -17.23
CA THR D 81 42.54 35.11 -17.69
C THR D 81 42.91 35.54 -19.14
N SER D 82 41.91 35.96 -19.90
CA SER D 82 42.08 36.33 -21.30
C SER D 82 40.87 37.13 -21.75
N ALA D 83 40.79 37.49 -23.02
CA ALA D 83 39.65 38.27 -23.53
C ALA D 83 38.36 37.45 -23.52
N THR D 84 38.49 36.14 -23.61
CA THR D 84 37.34 35.23 -23.62
C THR D 84 37.12 34.48 -22.33
N ASN D 85 38.08 34.56 -21.39
CA ASN D 85 37.95 33.93 -20.09
C ASN D 85 38.16 34.89 -18.93
N HIS D 86 37.11 35.16 -18.15
CA HIS D 86 37.26 35.86 -16.87
C HIS D 86 36.94 34.94 -15.69
N GLY D 87 37.14 33.64 -15.86
CA GLY D 87 36.66 32.64 -14.93
C GLY D 87 37.15 32.88 -13.53
N GLY D 88 36.26 32.66 -12.56
CA GLY D 88 36.59 32.84 -11.15
C GLY D 88 35.68 32.04 -10.28
N TRP D 89 36.21 31.58 -9.15
CA TRP D 89 35.44 30.77 -8.18
C TRP D 89 35.80 31.18 -6.73
N ILE D 90 35.13 30.58 -5.76
CA ILE D 90 35.17 31.01 -4.38
C ILE D 90 35.37 29.82 -3.47
N ARG D 91 36.15 29.98 -2.40
CA ARG D 91 36.07 29.03 -1.34
C ARG D 91 36.16 29.70 0.01
N LEU D 92 35.63 29.00 1.00
CA LEU D 92 35.70 29.42 2.37
C LEU D 92 36.48 28.37 3.13
N LEU D 93 37.36 28.82 4.03
CA LEU D 93 38.27 27.97 4.77
C LEU D 93 37.99 28.10 6.27
N VAL D 94 38.10 26.98 6.98
CA VAL D 94 37.93 26.94 8.41
C VAL D 94 39.04 26.08 9.01
N THR D 95 39.25 26.19 10.32
CA THR D 95 40.28 25.44 11.00
C THR D 95 39.62 24.67 12.15
N PRO D 96 39.73 23.32 12.14
CA PRO D 96 39.10 22.57 13.20
C PRO D 96 39.66 22.88 14.58
N LYS D 97 38.78 22.94 15.57
CA LYS D 97 39.21 23.05 16.96
C LYS D 97 40.19 21.94 17.24
N GLY D 98 41.30 22.28 17.87
CA GLY D 98 42.34 21.32 18.20
C GLY D 98 43.41 21.20 17.15
N LYS D 99 43.34 22.02 16.12
CA LYS D 99 44.34 21.96 15.06
C LYS D 99 44.88 23.35 14.77
N THR D 100 46.02 23.39 14.11
CA THR D 100 46.64 24.64 13.68
C THR D 100 46.30 24.94 12.21
N ILE D 101 46.68 26.12 11.75
CA ILE D 101 46.36 26.59 10.40
C ILE D 101 47.08 25.75 9.33
N SER D 102 47.99 24.86 9.74
CA SER D 102 48.58 23.92 8.79
C SER D 102 47.54 22.93 8.32
N ASP D 103 46.52 22.71 9.14
CA ASP D 103 45.49 21.74 8.85
C ASP D 103 44.13 22.40 8.63
N ARG D 104 44.12 23.57 8.02
CA ARG D 104 42.86 24.21 7.73
C ARG D 104 42.24 23.62 6.47
N VAL D 105 40.93 23.75 6.37
CA VAL D 105 40.11 22.98 5.46
C VAL D 105 39.33 23.93 4.55
N PRO D 106 39.55 23.88 3.22
CA PRO D 106 38.66 24.57 2.29
C PRO D 106 37.35 23.82 2.13
N ALA D 107 36.52 23.91 3.15
CA ALA D 107 35.35 23.04 3.26
C ALA D 107 34.20 23.40 2.34
N PHE D 108 34.18 24.62 1.85
CA PHE D 108 33.08 25.14 1.05
C PHE D 108 33.71 25.65 -0.22
N ARG D 109 33.31 25.10 -1.35
CA ARG D 109 33.88 25.50 -2.62
C ARG D 109 32.73 25.75 -3.55
N LEU D 110 32.60 27.00 -3.97
CA LEU D 110 31.59 27.36 -4.94
C LEU D 110 32.29 27.42 -6.28
N SER D 111 32.05 26.40 -7.09
CA SER D 111 32.71 26.23 -8.36
C SER D 111 32.37 27.35 -9.33
N ASP D 112 33.21 27.52 -10.35
CA ASP D 112 32.95 28.49 -11.42
C ASP D 112 31.68 28.13 -12.21
N ASN D 113 31.33 26.84 -12.25
CA ASN D 113 30.07 26.38 -12.88
C ASN D 113 28.83 26.64 -12.01
N GLY D 114 29.04 27.07 -10.75
CA GLY D 114 27.96 27.37 -9.83
C GLY D 114 27.59 26.27 -8.85
N ASP D 115 28.20 25.10 -8.97
CA ASP D 115 27.99 24.01 -7.99
C ASP D 115 28.59 24.33 -6.67
N LEU D 116 28.01 23.77 -5.63
CA LEU D 116 28.57 23.88 -4.29
C LEU D 116 29.11 22.54 -3.86
N TRP D 117 30.38 22.53 -3.46
CA TRP D 117 31.06 21.35 -2.93
C TRP D 117 31.28 21.55 -1.46
N LEU D 118 30.85 20.57 -0.69
CA LEU D 118 31.07 20.54 0.73
C LEU D 118 32.08 19.46 0.99
N VAL D 119 33.23 19.84 1.54
CA VAL D 119 34.34 18.91 1.75
C VAL D 119 34.87 19.06 3.17
N PRO D 120 34.18 18.44 4.16
CA PRO D 120 34.56 18.61 5.55
C PRO D 120 35.91 18.04 5.91
N ASP D 121 36.33 18.30 7.14
CA ASP D 121 37.62 17.81 7.64
C ASP D 121 37.76 16.29 7.46
N GLY D 122 38.89 15.88 6.93
CA GLY D 122 39.18 14.47 6.72
C GLY D 122 38.79 13.89 5.38
N ALA D 123 38.08 14.67 4.57
CA ALA D 123 37.56 14.18 3.29
C ALA D 123 38.61 14.17 2.16
N MET D 124 39.32 15.28 1.97
CA MET D 124 40.34 15.39 0.93
C MET D 124 41.67 15.85 1.49
N HIS D 125 42.76 15.31 0.97
CA HIS D 125 44.11 15.79 1.31
C HIS D 125 44.25 17.24 0.87
N SER D 126 45.09 17.99 1.56
CA SER D 126 45.36 19.42 1.24
C SER D 126 45.91 19.68 -0.17
N ASP D 127 46.57 18.69 -0.75
CA ASP D 127 46.92 18.71 -2.19
C ASP D 127 45.73 18.91 -3.14
N LEU D 128 44.52 18.54 -2.72
CA LEU D 128 43.33 18.68 -3.54
C LEU D 128 42.49 19.91 -3.16
N GLY D 129 43.04 20.83 -2.38
CA GLY D 129 42.33 22.05 -2.00
C GLY D 129 41.84 22.95 -3.13
N LEU D 130 42.39 22.81 -4.33
CA LEU D 130 41.95 23.57 -5.52
C LEU D 130 40.96 22.84 -6.45
N VAL D 131 40.60 21.63 -6.08
CA VAL D 131 39.57 20.90 -6.81
C VAL D 131 38.23 21.61 -6.64
N ARG D 132 37.57 21.88 -7.76
CA ARG D 132 36.33 22.66 -7.78
C ARG D 132 35.25 22.05 -8.69
N SER D 133 35.45 20.83 -9.15
CA SER D 133 34.56 20.19 -10.11
C SER D 133 34.96 18.73 -10.30
N ILE D 134 34.08 17.98 -10.93
CA ILE D 134 34.36 16.60 -11.29
C ILE D 134 35.47 16.56 -12.32
N GLU D 135 35.47 17.50 -13.24
CA GLU D 135 36.54 17.58 -14.24
C GLU D 135 37.92 17.76 -13.60
N THR D 136 38.02 18.71 -12.66
CA THR D 136 39.29 18.98 -11.98
C THR D 136 39.65 17.87 -11.00
N LEU D 137 38.64 17.24 -10.39
CA LEU D 137 38.88 16.06 -9.54
C LEU D 137 39.39 14.86 -10.34
N ASN D 138 38.79 14.59 -11.50
CA ASN D 138 39.26 13.53 -12.38
C ASN D 138 40.73 13.73 -12.80
N ALA D 139 41.11 14.98 -13.07
CA ALA D 139 42.48 15.28 -13.49
C ALA D 139 43.47 15.07 -12.35
N ALA D 140 43.08 15.46 -11.13
CA ALA D 140 43.93 15.31 -9.96
C ALA D 140 44.04 13.88 -9.48
N VAL D 141 42.98 13.10 -9.70
CA VAL D 141 42.93 11.68 -9.28
C VAL D 141 42.56 10.88 -10.53
N PRO D 142 43.59 10.48 -11.29
CA PRO D 142 43.30 9.87 -12.60
C PRO D 142 42.37 8.65 -12.61
N ARG D 143 42.38 7.86 -11.55
CA ARG D 143 41.53 6.67 -11.49
C ARG D 143 40.06 6.93 -11.12
N PHE D 144 39.75 8.14 -10.67
CA PHE D 144 38.42 8.50 -10.20
C PHE D 144 37.35 8.32 -11.28
N ASN D 145 37.55 8.97 -12.42
CA ASN D 145 36.66 8.82 -13.57
C ASN D 145 35.17 8.88 -13.26
N ALA D 146 34.73 9.97 -12.64
CA ALA D 146 33.31 10.23 -12.49
C ALA D 146 32.79 10.97 -13.72
N PRO D 147 31.48 10.90 -13.98
CA PRO D 147 30.95 11.60 -15.16
C PRO D 147 30.88 13.14 -14.99
N SER D 148 31.58 13.86 -15.87
CA SER D 148 31.60 15.33 -15.80
C SER D 148 30.26 15.97 -16.19
N ILE D 149 29.38 15.23 -16.85
CA ILE D 149 28.02 15.71 -17.08
C ILE D 149 27.26 16.02 -15.77
N GLN D 150 27.74 15.49 -14.65
CA GLN D 150 27.17 15.84 -13.33
C GLN D 150 27.58 17.24 -12.80
N ASP D 151 28.58 17.86 -13.41
CA ASP D 151 28.94 19.24 -13.08
C ASP D 151 27.85 20.23 -13.47
N GLY D 152 27.61 21.21 -12.60
CA GLY D 152 26.66 22.27 -12.85
C GLY D 152 25.23 21.92 -12.50
N ARG D 153 25.05 20.87 -11.69
CA ARG D 153 23.73 20.33 -11.33
CA ARG D 153 23.74 20.36 -11.34
C ARG D 153 23.32 20.64 -9.90
N GLY D 154 24.27 21.08 -9.07
CA GLY D 154 23.91 21.47 -7.70
C GLY D 154 24.93 21.15 -6.63
N LEU D 155 24.54 20.32 -5.66
CA LEU D 155 25.33 20.10 -4.46
C LEU D 155 26.09 18.79 -4.48
N LYS D 156 27.38 18.83 -4.11
CA LYS D 156 28.20 17.63 -3.97
C LYS D 156 28.81 17.62 -2.58
N ILE D 157 28.66 16.51 -1.88
CA ILE D 157 29.22 16.36 -0.54
C ILE D 157 30.21 15.18 -0.58
N VAL D 158 31.45 15.44 -0.16
CA VAL D 158 32.49 14.44 -0.05
C VAL D 158 32.85 14.31 1.43
N ALA D 159 32.77 13.10 1.97
CA ALA D 159 33.17 12.88 3.35
C ALA D 159 33.70 11.48 3.45
N PRO D 160 34.62 11.25 4.42
CA PRO D 160 35.12 9.88 4.60
C PRO D 160 33.99 8.95 5.09
N GLN D 161 33.73 7.92 4.28
CA GLN D 161 32.74 6.86 4.55
C GLN D 161 31.26 7.25 4.45
N ALA D 162 30.83 8.23 5.26
CA ALA D 162 29.43 8.50 5.48
C ALA D 162 29.04 9.96 5.25
N PRO D 163 29.18 10.47 4.02
CA PRO D 163 28.60 11.79 3.79
C PRO D 163 27.10 11.75 4.05
N GLU D 164 26.56 12.83 4.58
CA GLU D 164 25.23 12.79 5.16
C GLU D 164 24.53 14.13 5.07
N ILE D 165 23.21 14.07 4.91
CA ILE D 165 22.34 15.22 5.09
C ILE D 165 21.38 14.94 6.22
N ASP D 166 21.36 15.81 7.24
CA ASP D 166 20.46 15.69 8.37
C ASP D 166 19.39 16.75 8.31
N LEU D 167 18.14 16.35 8.50
CA LEU D 167 17.01 17.27 8.47
C LEU D 167 16.37 17.23 9.86
N ILE D 168 16.65 18.25 10.67
CA ILE D 168 16.26 18.29 12.04
C ILE D 168 14.97 19.07 12.14
N ALA D 169 13.94 18.42 12.68
CA ALA D 169 12.56 18.88 12.48
C ALA D 169 11.76 18.89 13.79
N PRO D 170 11.92 19.95 14.61
CA PRO D 170 11.16 20.04 15.84
C PRO D 170 9.69 20.32 15.54
N ARG D 171 8.80 19.58 16.20
CA ARG D 171 7.38 19.62 15.91
C ARG D 171 6.76 20.99 16.14
N GLY D 172 7.19 21.68 17.20
CA GLY D 172 6.50 22.86 17.67
C GLY D 172 5.04 22.53 17.96
N SER D 173 4.13 23.29 17.34
CA SER D 173 2.69 23.05 17.50
C SER D 173 2.06 22.34 16.29
N GLY D 174 2.87 21.88 15.34
CA GLY D 174 2.40 21.21 14.13
C GLY D 174 2.79 19.74 14.11
N ALA D 175 3.53 19.34 13.07
CA ALA D 175 4.01 17.95 12.91
C ALA D 175 5.46 17.97 12.43
N SER D 176 6.28 17.02 12.90
CA SER D 176 7.63 16.86 12.37
C SER D 176 7.49 16.19 11.02
N ALA D 177 7.78 16.94 9.97
CA ALA D 177 7.53 16.52 8.60
C ALA D 177 8.63 16.98 7.66
N PRO D 178 9.87 16.54 7.89
CA PRO D 178 10.89 16.86 6.90
C PRO D 178 10.55 16.24 5.56
N ALA D 179 11.14 16.78 4.50
CA ALA D 179 10.78 16.38 3.16
C ALA D 179 11.91 16.64 2.21
N ILE D 180 12.02 15.76 1.22
CA ILE D 180 12.80 16.02 0.04
C ILE D 180 11.84 16.02 -1.11
N ARG D 181 11.81 17.12 -1.85
CA ARG D 181 10.77 17.36 -2.83
C ARG D 181 11.33 17.72 -4.18
N ALA D 182 11.12 16.86 -5.16
CA ALA D 182 11.35 17.21 -6.55
C ALA D 182 10.21 18.08 -7.00
N MET D 183 10.48 18.99 -7.93
CA MET D 183 9.46 19.87 -8.47
C MET D 183 9.59 19.87 -9.95
N TRP D 184 8.74 19.06 -10.58
CA TRP D 184 8.72 18.90 -12.02
C TRP D 184 7.91 19.99 -12.69
N CYS D 185 8.37 20.42 -13.85
CA CYS D 185 7.57 21.28 -14.72
C CYS D 185 8.10 21.20 -16.15
N ASP D 186 7.26 21.65 -17.06
CA ASP D 186 7.69 21.86 -18.45
C ASP D 186 8.29 23.25 -18.52
N GLY D 187 9.21 23.47 -19.46
CA GLY D 187 9.67 24.82 -19.73
C GLY D 187 11.09 25.12 -19.30
N SER D 188 11.36 26.41 -19.05
CA SER D 188 12.72 26.90 -18.82
C SER D 188 12.69 28.23 -18.12
N LEU D 189 13.61 28.39 -17.17
CA LEU D 189 13.85 29.68 -16.52
C LEU D 189 15.08 30.37 -17.08
N ALA D 190 15.67 29.78 -18.11
CA ALA D 190 17.00 30.17 -18.60
C ALA D 190 17.00 31.15 -19.76
N ASP D 191 15.88 31.29 -20.45
CA ASP D 191 15.79 32.14 -21.63
C ASP D 191 15.01 33.44 -21.31
N THR D 192 14.77 34.27 -22.33
CA THR D 192 13.96 35.48 -22.20
C THR D 192 12.48 35.14 -22.06
N THR D 193 12.05 34.11 -22.75
CA THR D 193 10.62 33.71 -22.80
C THR D 193 10.03 33.24 -21.46
N ARG D 194 10.73 32.35 -20.80
CA ARG D 194 10.33 31.74 -19.53
C ARG D 194 8.93 31.15 -19.47
N TYR D 195 8.75 30.15 -20.31
CA TYR D 195 7.51 29.44 -20.36
C TYR D 195 7.63 28.40 -19.24
N ILE D 196 6.53 28.23 -18.50
CA ILE D 196 6.42 27.18 -17.49
C ILE D 196 5.08 26.50 -17.69
N GLY D 197 5.08 25.17 -17.70
CA GLY D 197 3.85 24.42 -17.93
C GLY D 197 3.79 23.10 -17.23
N ALA D 198 2.77 22.34 -17.58
CA ALA D 198 2.44 21.13 -16.86
C ALA D 198 3.53 20.09 -17.00
N THR D 199 3.71 19.34 -15.92
CA THR D 199 4.57 18.19 -15.88
C THR D 199 4.30 17.29 -17.08
N GLN D 200 5.36 16.93 -17.79
CA GLN D 200 5.27 16.10 -18.99
C GLN D 200 5.47 14.59 -18.68
N PRO D 201 5.01 13.70 -19.60
CA PRO D 201 5.45 12.31 -19.56
C PRO D 201 6.99 12.18 -19.49
N GLY D 202 7.47 11.15 -18.79
CA GLY D 202 8.91 10.93 -18.65
C GLY D 202 9.58 11.75 -17.54
N SER D 203 8.79 12.47 -16.74
CA SER D 203 9.29 13.13 -15.57
C SER D 203 9.59 12.09 -14.49
N THR D 204 10.79 12.12 -13.93
CA THR D 204 11.21 11.15 -12.93
C THR D 204 11.98 11.80 -11.81
N PHE D 205 12.09 11.10 -10.69
CA PHE D 205 12.89 11.53 -9.54
C PHE D 205 13.58 10.30 -9.01
N TYR D 206 14.90 10.21 -9.21
CA TYR D 206 15.65 9.04 -8.80
C TYR D 206 16.38 9.28 -7.51
N ILE D 207 16.24 8.35 -6.56
CA ILE D 207 17.00 8.34 -5.33
C ILE D 207 17.75 7.01 -5.35
N GLY D 208 19.04 7.05 -5.61
CA GLY D 208 19.79 5.84 -5.90
C GLY D 208 21.28 5.99 -5.73
N ALA D 209 22.00 4.95 -6.11
CA ALA D 209 23.42 4.83 -5.90
C ALA D 209 24.14 4.45 -7.19
N SER D 210 25.10 5.30 -7.57
CA SER D 210 26.17 4.96 -8.50
C SER D 210 27.34 4.45 -7.67
N GLY D 211 28.35 3.92 -8.35
CA GLY D 211 29.55 3.45 -7.68
C GLY D 211 30.65 3.20 -8.67
N HIS D 212 31.87 3.14 -8.17
CA HIS D 212 33.03 2.83 -8.97
C HIS D 212 32.99 1.31 -9.22
N ASP D 213 33.28 0.89 -10.45
CA ASP D 213 33.26 -0.53 -10.84
C ASP D 213 34.67 -1.12 -11.01
N GLY D 214 35.68 -0.42 -10.52
CA GLY D 214 37.08 -0.74 -10.79
C GLY D 214 37.73 0.15 -11.84
N GLU D 215 36.93 0.72 -12.75
CA GLU D 215 37.43 1.63 -13.80
C GLU D 215 36.83 3.04 -13.72
N LYS D 216 35.55 3.15 -13.36
CA LYS D 216 34.88 4.45 -13.34
C LYS D 216 33.55 4.41 -12.59
N PHE D 217 32.98 5.60 -12.34
CA PHE D 217 31.59 5.72 -11.94
C PHE D 217 30.75 5.88 -13.20
N ASP D 218 29.47 5.52 -13.13
CA ASP D 218 28.58 5.62 -14.29
C ASP D 218 27.14 5.89 -13.82
N SER D 219 26.16 5.23 -14.45
CA SER D 219 24.78 5.40 -14.06
C SER D 219 24.48 4.71 -12.73
N MET D 220 23.33 5.07 -12.16
CA MET D 220 22.87 4.44 -10.93
C MET D 220 22.55 2.98 -11.22
N ARG D 221 22.85 2.10 -10.26
CA ARG D 221 22.62 0.67 -10.43
C ARG D 221 21.63 0.11 -9.42
N GLY D 222 21.14 0.95 -8.53
CA GLY D 222 20.02 0.61 -7.66
C GLY D 222 19.30 1.91 -7.33
N SER D 223 17.96 1.89 -7.28
CA SER D 223 17.23 3.10 -6.97
C SER D 223 15.77 2.90 -6.62
N VAL D 224 15.21 3.91 -5.95
CA VAL D 224 13.80 4.19 -5.89
C VAL D 224 13.53 5.33 -6.88
N ALA D 225 12.44 5.25 -7.65
CA ALA D 225 12.14 6.28 -8.62
C ALA D 225 10.66 6.64 -8.53
N ILE D 226 10.37 7.91 -8.26
CA ILE D 226 9.04 8.43 -8.40
C ILE D 226 8.94 8.97 -9.84
N LYS D 227 7.87 8.59 -10.55
CA LYS D 227 7.70 8.94 -11.95
C LYS D 227 6.31 9.46 -12.20
N SER D 228 6.16 10.42 -13.11
CA SER D 228 4.83 10.77 -13.64
C SER D 228 4.38 9.60 -14.50
N ALA D 229 3.10 9.26 -14.41
CA ALA D 229 2.50 8.19 -15.20
C ALA D 229 1.60 8.85 -16.23
N GLY D 230 2.22 9.47 -17.22
CA GLY D 230 1.48 10.28 -18.12
C GLY D 230 1.66 11.74 -17.79
N GLY D 231 1.20 12.58 -18.71
CA GLY D 231 1.23 14.02 -18.54
C GLY D 231 0.15 14.42 -17.57
N TRP D 232 0.34 15.59 -17.00
CA TRP D 232 -0.51 16.09 -15.94
C TRP D 232 -1.39 17.19 -16.46
N GLY D 233 -2.46 17.44 -15.74
CA GLY D 233 -3.35 18.54 -15.98
C GLY D 233 -3.99 18.88 -14.65
N PRO D 234 -4.80 19.95 -14.60
CA PRO D 234 -5.32 20.39 -13.31
C PRO D 234 -6.23 19.40 -12.58
N THR D 235 -6.81 18.44 -13.29
CA THR D 235 -7.68 17.42 -12.66
C THR D 235 -7.05 16.01 -12.59
N SER D 236 -5.80 15.87 -13.04
CA SER D 236 -5.15 14.57 -13.17
C SER D 236 -3.60 14.68 -13.05
N THR D 237 -3.06 14.15 -11.95
CA THR D 237 -1.61 14.19 -11.70
C THR D 237 -1.10 12.79 -11.29
N PRO D 238 -1.20 11.81 -12.20
CA PRO D 238 -0.87 10.43 -11.87
C PRO D 238 0.64 10.20 -11.69
N THR D 239 0.96 9.26 -10.82
CA THR D 239 2.33 8.93 -10.51
C THR D 239 2.49 7.44 -10.27
N GLN D 240 3.75 7.01 -10.24
CA GLN D 240 4.07 5.70 -9.76
C GLN D 240 5.40 5.70 -9.01
N VAL D 241 5.61 4.70 -8.17
CA VAL D 241 6.85 4.53 -7.44
C VAL D 241 7.45 3.17 -7.83
N VAL D 242 8.71 3.17 -8.29
CA VAL D 242 9.38 1.98 -8.82
C VAL D 242 10.72 1.69 -8.13
N LEU D 243 10.97 0.41 -7.81
CA LEU D 243 12.23 -0.04 -7.23
C LEU D 243 13.03 -0.76 -8.31
N GLU D 244 14.30 -0.41 -8.43
CA GLU D 244 15.13 -0.86 -9.53
C GLU D 244 16.45 -1.40 -8.99
N THR D 245 16.89 -2.52 -9.54
CA THR D 245 18.13 -3.15 -9.14
C THR D 245 18.85 -3.72 -10.30
N CYS D 246 20.10 -4.10 -10.06
CA CYS D 246 20.99 -4.61 -11.11
C CYS D 246 21.41 -5.98 -10.70
N GLU D 247 21.36 -6.89 -11.66
CA GLU D 247 21.71 -8.28 -11.41
C GLU D 247 23.23 -8.50 -11.44
N SER D 248 23.65 -9.45 -10.62
CA SER D 248 24.95 -10.07 -10.70
C SER D 248 25.32 -10.48 -12.13
N GLY D 249 26.53 -10.15 -12.56
CA GLY D 249 26.94 -10.40 -13.96
C GLY D 249 26.41 -9.41 -14.96
N SER D 250 25.75 -8.37 -14.50
CA SER D 250 25.13 -7.38 -15.39
C SER D 250 25.53 -5.97 -14.92
N ILE D 251 25.42 -5.00 -15.82
CA ILE D 251 25.82 -3.60 -15.53
C ILE D 251 24.73 -2.59 -15.85
N SER D 252 23.48 -3.05 -15.87
CA SER D 252 22.36 -2.21 -16.29
C SER D 252 21.22 -2.53 -15.35
N ARG D 253 20.67 -1.51 -14.71
CA ARG D 253 19.61 -1.74 -13.75
C ARG D 253 18.25 -1.76 -14.46
N LEU D 254 17.32 -2.50 -13.88
CA LEU D 254 16.00 -2.70 -14.47
C LEU D 254 14.95 -2.39 -13.43
N PRO D 255 13.82 -1.83 -13.87
CA PRO D 255 12.67 -1.74 -12.96
C PRO D 255 12.20 -3.14 -12.63
N ARG D 256 11.98 -3.39 -11.35
CA ARG D 256 11.62 -4.71 -10.87
C ARG D 256 10.16 -4.77 -10.36
N TRP D 257 9.86 -3.96 -9.36
CA TRP D 257 8.57 -3.89 -8.72
C TRP D 257 8.18 -2.44 -8.55
N GLY D 258 6.88 -2.15 -8.64
CA GLY D 258 6.42 -0.79 -8.50
C GLY D 258 4.99 -0.72 -8.01
N VAL D 259 4.62 0.44 -7.48
CA VAL D 259 3.25 0.76 -7.16
C VAL D 259 2.73 1.70 -8.27
N ASP D 260 1.62 1.32 -8.89
CA ASP D 260 1.09 2.02 -10.04
C ASP D 260 0.19 3.18 -9.59
N HIS D 261 -0.20 4.00 -10.55
CA HIS D 261 -1.11 5.12 -10.29
C HIS D 261 -2.41 4.67 -9.64
N ASN D 262 -2.83 3.43 -9.89
CA ASN D 262 -4.05 2.92 -9.27
C ASN D 262 -3.82 2.13 -8.00
N GLY D 263 -2.57 2.02 -7.56
CA GLY D 263 -2.26 1.42 -6.26
C GLY D 263 -1.85 -0.03 -6.33
N THR D 264 -1.91 -0.62 -7.52
CA THR D 264 -1.51 -1.98 -7.72
C THR D 264 -0.01 -2.12 -7.45
N LEU D 265 0.37 -3.14 -6.68
CA LEU D 265 1.77 -3.49 -6.55
C LEU D 265 2.04 -4.55 -7.54
N MET D 266 2.98 -4.31 -8.42
CA MET D 266 3.14 -5.18 -9.56
C MET D 266 4.62 -5.34 -9.95
N PRO D 267 4.97 -6.50 -10.54
CA PRO D 267 6.27 -6.59 -11.15
C PRO D 267 6.24 -5.75 -12.41
N MET D 268 7.39 -5.21 -12.78
CA MET D 268 7.46 -4.30 -13.91
C MET D 268 7.74 -5.01 -15.23
N ALA D 269 7.89 -6.33 -15.18
CA ALA D 269 7.84 -7.15 -16.39
C ALA D 269 6.92 -8.31 -16.10
N ASP D 270 6.26 -8.80 -17.15
CA ASP D 270 5.31 -9.89 -17.02
C ASP D 270 6.01 -11.22 -16.90
N ASN D 271 5.51 -12.08 -16.02
CA ASN D 271 5.98 -13.45 -15.93
C ASN D 271 7.49 -13.53 -15.85
N ARG D 272 8.04 -12.78 -14.92
CA ARG D 272 9.49 -12.75 -14.77
C ARG D 272 10.00 -12.75 -13.34
N TYR D 273 9.28 -12.12 -12.40
CA TYR D 273 9.77 -11.94 -11.02
C TYR D 273 8.90 -12.65 -10.01
N ASN D 274 9.53 -13.25 -9.01
CA ASN D 274 8.83 -13.99 -7.98
C ASN D 274 8.62 -13.17 -6.70
N LEU D 275 7.68 -13.65 -5.89
CA LEU D 275 7.48 -13.17 -4.55
C LEU D 275 8.01 -14.26 -3.63
N GLY D 276 9.08 -13.96 -2.92
CA GLY D 276 9.74 -14.91 -2.07
C GLY D 276 10.68 -15.79 -2.85
N TRP D 277 11.40 -16.63 -2.12
CA TRP D 277 12.29 -17.64 -2.70
C TRP D 277 12.50 -18.72 -1.63
N GLY D 278 13.26 -19.75 -1.96
CA GLY D 278 13.44 -20.90 -1.04
C GLY D 278 13.85 -20.58 0.38
N SER D 279 14.83 -19.68 0.53
CA SER D 279 15.33 -19.29 1.84
C SER D 279 14.69 -17.98 2.31
N GLY D 280 13.62 -17.53 1.66
CA GLY D 280 12.95 -16.28 1.99
C GLY D 280 11.49 -16.40 1.60
N ARG D 281 10.79 -17.30 2.28
CA ARG D 281 9.41 -17.60 1.98
C ARG D 281 8.48 -16.70 2.76
N VAL D 282 7.43 -16.26 2.10
CA VAL D 282 6.37 -15.53 2.75
C VAL D 282 5.68 -16.47 3.74
N LYS D 283 5.37 -15.98 4.93
CA LYS D 283 4.78 -16.80 5.94
C LYS D 283 3.37 -17.13 5.48
N GLN D 284 2.55 -16.11 5.22
CA GLN D 284 1.30 -16.31 4.49
C GLN D 284 0.71 -15.06 3.90
N VAL D 285 -0.23 -15.29 2.99
CA VAL D 285 -0.92 -14.26 2.25
C VAL D 285 -2.36 -14.18 2.73
N TYR D 286 -2.84 -12.96 2.97
CA TYR D 286 -4.24 -12.67 3.23
C TYR D 286 -4.83 -12.03 1.99
N ALA D 287 -5.68 -12.77 1.30
CA ALA D 287 -6.35 -12.27 0.11
C ALA D 287 -7.87 -12.40 0.32
N VAL D 288 -8.63 -11.64 -0.47
CA VAL D 288 -10.09 -11.68 -0.41
C VAL D 288 -10.57 -12.70 -1.44
N ASN D 289 -10.10 -12.55 -2.68
CA ASN D 289 -10.42 -13.47 -3.77
C ASN D 289 -9.32 -14.48 -4.00
N GLY D 290 -9.67 -15.55 -4.70
CA GLY D 290 -8.70 -16.58 -5.01
C GLY D 290 -7.69 -16.04 -6.01
N THR D 291 -6.45 -16.52 -5.90
CA THR D 291 -5.42 -16.25 -6.87
C THR D 291 -5.94 -16.56 -8.27
N ILE D 292 -5.66 -15.65 -9.19
CA ILE D 292 -6.01 -15.78 -10.58
C ILE D 292 -4.81 -16.33 -11.31
N ASN D 293 -4.95 -17.53 -11.86
CA ASN D 293 -3.92 -18.16 -12.71
C ASN D 293 -4.40 -18.26 -14.13
N THR D 294 -3.59 -17.76 -15.04
CA THR D 294 -3.91 -17.75 -16.45
C THR D 294 -3.94 -19.20 -16.91
N ALA D 295 -4.96 -19.55 -17.68
CA ALA D 295 -5.10 -20.91 -18.24
C ALA D 295 -5.76 -20.79 -19.63
N ASP D 296 -5.00 -20.17 -20.52
CA ASP D 296 -5.49 -19.66 -21.78
C ASP D 296 -5.03 -20.60 -22.88
N ALA D 297 -5.99 -21.16 -23.61
CA ALA D 297 -5.70 -22.13 -24.69
C ALA D 297 -4.70 -21.60 -25.72
N ARG D 298 -4.75 -20.28 -25.94
CA ARG D 298 -3.90 -19.61 -26.93
C ARG D 298 -2.39 -19.59 -26.57
N LEU D 299 -2.06 -19.80 -25.30
CA LEU D 299 -0.66 -19.79 -24.81
C LEU D 299 -0.12 -21.21 -24.54
N LYS D 300 -0.98 -22.21 -24.66
CA LYS D 300 -0.62 -23.60 -24.40
C LYS D 300 -0.65 -24.46 -25.67
N ASN D 301 0.12 -25.54 -25.63
CA ASN D 301 -0.08 -26.65 -26.56
C ASN D 301 -1.32 -27.45 -26.17
N ASP D 302 -1.62 -28.51 -26.92
CA ASP D 302 -2.81 -29.34 -26.64
C ASP D 302 -2.67 -30.03 -25.29
N VAL D 303 -3.80 -30.17 -24.61
CA VAL D 303 -3.88 -30.90 -23.36
C VAL D 303 -4.03 -32.39 -23.66
N ARG D 304 -2.96 -33.16 -23.47
CA ARG D 304 -3.01 -34.61 -23.67
C ARG D 304 -3.66 -35.30 -22.48
N ALA D 305 -4.20 -36.49 -22.73
CA ALA D 305 -4.76 -37.31 -21.66
C ALA D 305 -3.64 -37.93 -20.83
N MET D 306 -3.98 -38.33 -19.62
CA MET D 306 -3.02 -39.00 -18.76
C MET D 306 -2.80 -40.44 -19.20
N SER D 307 -1.54 -40.88 -19.19
CA SER D 307 -1.21 -42.29 -19.35
C SER D 307 -1.76 -43.12 -18.17
N ASP D 308 -1.72 -44.43 -18.30
CA ASP D 308 -2.22 -45.32 -17.23
C ASP D 308 -1.35 -45.30 -15.97
N PRO D 309 0.00 -45.31 -16.13
CA PRO D 309 0.86 -45.12 -14.94
C PRO D 309 0.60 -43.81 -14.17
N GLU D 310 0.34 -42.71 -14.91
CA GLU D 310 0.04 -41.40 -14.30
C GLU D 310 -1.27 -41.44 -13.51
N THR D 311 -2.30 -42.00 -14.12
CA THR D 311 -3.57 -42.20 -13.43
C THR D 311 -3.40 -43.09 -12.20
N GLU D 312 -2.55 -44.12 -12.32
CA GLU D 312 -2.32 -45.05 -11.19
C GLU D 312 -1.66 -44.36 -10.01
N ALA D 313 -0.66 -43.52 -10.31
CA ALA D 313 0.04 -42.73 -9.30
C ALA D 313 -0.90 -41.73 -8.62
N ALA D 314 -1.77 -41.10 -9.42
CA ALA D 314 -2.78 -40.17 -8.91
C ALA D 314 -3.71 -40.81 -7.87
N LYS D 315 -4.08 -42.06 -8.11
CA LYS D 315 -4.96 -42.77 -7.18
C LYS D 315 -4.26 -43.11 -5.88
N ALA D 316 -3.00 -43.53 -6.00
CA ALA D 316 -2.18 -43.95 -4.87
C ALA D 316 -1.83 -42.77 -3.95
N ILE D 317 -1.61 -41.61 -4.56
CA ILE D 317 -1.27 -40.38 -3.83
C ILE D 317 -2.41 -39.91 -2.95
N ALA D 318 -3.65 -40.06 -3.41
CA ALA D 318 -4.83 -39.71 -2.61
C ALA D 318 -4.91 -40.49 -1.29
N LYS D 319 -4.38 -41.71 -1.29
CA LYS D 319 -4.36 -42.56 -0.09
C LYS D 319 -3.36 -42.08 0.97
N GLU D 320 -2.39 -41.26 0.54
CA GLU D 320 -1.37 -40.73 1.44
C GLU D 320 -1.80 -39.52 2.24
N ILE D 321 -2.95 -38.94 1.91
CA ILE D 321 -3.44 -37.75 2.60
C ILE D 321 -3.83 -38.08 4.05
N GLY D 322 -3.18 -37.41 4.98
CA GLY D 322 -3.50 -37.53 6.40
C GLY D 322 -3.22 -36.22 7.09
N PHE D 323 -2.83 -36.29 8.36
CA PHE D 323 -2.53 -35.10 9.14
C PHE D 323 -1.12 -35.11 9.67
N TRP D 324 -0.49 -33.95 9.70
CA TRP D 324 0.87 -33.81 10.23
C TRP D 324 1.00 -32.53 11.06
N THR D 325 2.07 -32.47 11.85
CA THR D 325 2.45 -31.26 12.57
C THR D 325 3.91 -30.94 12.24
N TRP D 326 4.31 -29.70 12.50
CA TRP D 326 5.71 -29.29 12.44
C TRP D 326 6.40 -29.68 13.76
N LYS D 327 7.72 -29.55 13.80
CA LYS D 327 8.53 -29.99 14.96
C LYS D 327 8.74 -28.90 16.02
N ILE D 335 1.23 -26.18 16.82
CA ILE D 335 0.46 -27.15 17.58
C ILE D 335 -0.81 -27.65 16.85
N ARG D 336 -1.10 -27.14 15.64
CA ARG D 336 -2.31 -27.49 14.88
C ARG D 336 -2.03 -28.64 13.88
N GLU D 337 -3.09 -29.36 13.52
CA GLU D 337 -2.99 -30.50 12.59
C GLU D 337 -3.20 -30.03 11.15
N HIS D 338 -2.18 -30.18 10.31
CA HIS D 338 -2.27 -29.76 8.92
C HIS D 338 -2.52 -30.95 7.99
N CYS D 339 -3.39 -30.76 7.00
CA CYS D 339 -3.82 -31.84 6.12
C CYS D 339 -2.94 -31.91 4.86
N GLY D 340 -2.44 -33.10 4.54
CA GLY D 340 -1.68 -33.32 3.32
C GLY D 340 -0.71 -34.48 3.40
N LEU D 341 0.33 -34.42 2.59
CA LEU D 341 1.39 -35.45 2.55
C LEU D 341 2.74 -34.83 2.24
N THR D 342 3.78 -35.65 2.20
CA THR D 342 5.13 -35.16 1.92
C THR D 342 5.45 -35.34 0.44
N VAL D 343 6.37 -34.51 -0.05
CA VAL D 343 6.81 -34.59 -1.44
C VAL D 343 7.64 -35.85 -1.65
N GLN D 344 8.39 -36.22 -0.63
CA GLN D 344 9.23 -37.42 -0.69
C GLN D 344 8.40 -38.67 -0.82
N ARG D 345 7.26 -38.72 -0.11
CA ARG D 345 6.31 -39.82 -0.28
C ARG D 345 5.73 -39.85 -1.69
N ALA D 346 5.30 -38.69 -2.18
CA ALA D 346 4.82 -38.56 -3.57
C ALA D 346 5.87 -38.97 -4.59
N ILE D 347 7.13 -38.63 -4.35
CA ILE D 347 8.23 -39.01 -5.23
C ILE D 347 8.38 -40.53 -5.34
N GLU D 348 8.28 -41.25 -4.21
CA GLU D 348 8.41 -42.72 -4.20
C GLU D 348 7.29 -43.36 -5.00
N ILE D 349 6.07 -42.90 -4.78
CA ILE D 349 4.90 -43.39 -5.52
C ILE D 349 5.04 -43.15 -7.02
N MET D 350 5.49 -41.96 -7.39
CA MET D 350 5.69 -41.59 -8.79
C MET D 350 6.66 -42.54 -9.46
N GLU D 351 7.76 -42.82 -8.78
CA GLU D 351 8.81 -43.67 -9.34
C GLU D 351 8.41 -45.13 -9.37
N SER D 352 7.58 -45.55 -8.42
CA SER D 352 7.06 -46.93 -8.39
C SER D 352 6.18 -47.26 -9.62
N PHE D 353 5.65 -46.25 -10.32
CA PHE D 353 4.98 -46.46 -11.62
C PHE D 353 5.85 -46.00 -12.81
N GLY D 354 7.16 -45.92 -12.59
CA GLY D 354 8.10 -45.67 -13.67
C GLY D 354 8.11 -44.25 -14.20
N LEU D 355 7.67 -43.29 -13.38
CA LEU D 355 7.62 -41.88 -13.78
C LEU D 355 8.80 -41.13 -13.17
N ASP D 356 9.33 -40.17 -13.93
CA ASP D 356 10.29 -39.19 -13.40
C ASP D 356 9.50 -38.04 -12.74
N PRO D 357 9.49 -37.97 -11.40
CA PRO D 357 8.64 -36.99 -10.71
C PRO D 357 8.97 -35.53 -11.02
N PHE D 358 10.23 -35.25 -11.40
CA PHE D 358 10.69 -33.88 -11.63
C PHE D 358 10.42 -33.40 -13.03
N LYS D 359 9.74 -34.21 -13.85
CA LYS D 359 9.22 -33.73 -15.13
C LYS D 359 7.78 -33.18 -14.98
N TYR D 360 7.25 -33.20 -13.76
CA TYR D 360 5.90 -32.74 -13.48
C TYR D 360 5.92 -31.43 -12.65
N GLY D 361 5.06 -30.50 -13.03
CA GLY D 361 5.07 -29.16 -12.47
C GLY D 361 4.64 -29.04 -11.02
N PHE D 362 3.91 -30.03 -10.50
CA PHE D 362 3.44 -29.97 -9.10
C PHE D 362 4.48 -30.46 -8.06
N ILE D 363 5.66 -30.89 -8.53
CA ILE D 363 6.74 -31.29 -7.64
C ILE D 363 7.94 -30.38 -7.87
N CYS D 364 8.39 -29.73 -6.80
CA CYS D 364 9.45 -28.73 -6.90
C CYS D 364 10.60 -29.02 -5.95
N TYR D 365 11.80 -28.66 -6.40
CA TYR D 365 12.99 -28.74 -5.59
C TYR D 365 13.79 -27.44 -5.73
N ASP D 366 14.13 -26.83 -4.60
CA ASP D 366 14.93 -25.59 -4.59
C ASP D 366 16.14 -25.83 -3.71
N LYS D 367 17.28 -25.29 -4.13
CA LYS D 367 18.51 -25.34 -3.33
C LYS D 367 19.14 -23.93 -3.33
N TRP D 368 19.88 -23.62 -2.30
CA TRP D 368 20.57 -22.33 -2.23
C TRP D 368 21.91 -22.50 -1.54
N ASP D 369 22.86 -21.65 -1.92
CA ASP D 369 24.19 -21.68 -1.32
C ASP D 369 24.16 -21.00 0.03
N GLU D 370 25.22 -21.21 0.80
CA GLU D 370 25.46 -20.43 2.00
C GLU D 370 25.61 -18.95 1.61
N HIS D 371 25.02 -18.07 2.40
CA HIS D 371 25.06 -16.63 2.10
C HIS D 371 24.95 -15.83 3.38
N THR D 372 25.40 -14.59 3.31
CA THR D 372 25.44 -13.70 4.47
C THR D 372 24.45 -12.55 4.28
N VAL D 373 23.73 -12.23 5.35
CA VAL D 373 22.70 -11.21 5.32
C VAL D 373 22.81 -10.32 6.54
N VAL D 374 22.29 -9.09 6.41
CA VAL D 374 22.04 -8.24 7.57
C VAL D 374 20.86 -8.82 8.35
N SER D 375 21.09 -9.22 9.60
CA SER D 375 20.01 -9.75 10.43
C SER D 375 19.40 -8.67 11.32
N GLU D 376 20.24 -7.78 11.85
CA GLU D 376 19.88 -6.81 12.88
C GLU D 376 20.69 -5.54 12.70
N TYR D 377 20.28 -4.45 13.36
CA TYR D 377 21.15 -3.30 13.53
C TYR D 377 21.56 -3.14 15.00
N GLY D 378 22.88 -3.10 15.23
CA GLY D 378 23.42 -2.78 16.56
C GLY D 378 23.05 -1.38 17.02
N PRO D 379 23.34 -1.05 18.30
CA PRO D 379 23.05 0.32 18.75
C PRO D 379 24.09 1.29 18.17
N ALA D 380 23.77 2.58 18.14
CA ALA D 380 24.77 3.59 17.78
C ALA D 380 25.98 3.50 18.73
N ASN D 381 27.17 3.71 18.19
CA ASN D 381 28.39 3.75 19.00
C ASN D 381 29.25 4.95 18.62
N GLU D 382 30.38 5.10 19.31
CA GLU D 382 31.38 6.12 19.03
C GLU D 382 31.89 6.19 17.56
N ASP D 383 31.78 5.09 16.80
CA ASP D 383 32.28 5.00 15.40
C ASP D 383 31.21 5.26 14.31
N GLY D 384 29.93 5.15 14.65
CA GLY D 384 28.86 5.42 13.67
C GLY D 384 27.48 5.06 14.24
N THR D 385 26.43 5.63 13.65
CA THR D 385 25.05 5.37 14.13
C THR D 385 24.42 4.11 13.50
N GLU D 386 24.79 3.82 12.24
CA GLU D 386 24.25 2.68 11.49
C GLU D 386 25.23 1.49 11.54
N ASN D 387 24.89 0.46 12.32
CA ASN D 387 25.81 -0.64 12.63
C ASN D 387 25.16 -2.01 12.35
N PRO D 388 25.12 -2.41 11.06
CA PRO D 388 24.54 -3.71 10.73
C PRO D 388 25.27 -4.88 11.38
N ILE D 389 24.48 -5.82 11.94
CA ILE D 389 24.98 -7.10 12.44
C ILE D 389 24.69 -8.16 11.36
N TYR D 390 25.74 -8.88 10.97
CA TYR D 390 25.64 -9.89 9.92
C TYR D 390 25.35 -11.29 10.46
N LYS D 391 24.87 -12.15 9.58
CA LYS D 391 24.56 -13.53 9.93
C LYS D 391 24.70 -14.39 8.70
N THR D 392 25.22 -15.60 8.92
CA THR D 392 25.41 -16.57 7.85
C THR D 392 24.24 -17.56 7.83
N ILE D 393 23.61 -17.66 6.66
CA ILE D 393 22.52 -18.60 6.41
C ILE D 393 23.13 -19.81 5.73
N PRO D 394 23.04 -20.99 6.38
CA PRO D 394 23.65 -22.17 5.76
C PRO D 394 23.01 -22.54 4.42
N ALA D 395 23.79 -23.19 3.55
CA ALA D 395 23.23 -23.81 2.35
C ALA D 395 22.13 -24.80 2.76
N GLY D 396 21.18 -25.04 1.86
CA GLY D 396 20.05 -25.89 2.17
C GLY D 396 19.21 -26.14 0.95
N ASP D 397 18.14 -26.89 1.15
CA ASP D 397 17.22 -27.19 0.06
C ASP D 397 15.82 -27.53 0.60
N HIS D 398 14.83 -27.49 -0.28
CA HIS D 398 13.44 -27.77 0.11
C HIS D 398 12.79 -28.64 -0.98
N TYR D 399 11.91 -29.53 -0.53
CA TYR D 399 10.98 -30.21 -1.43
C TYR D 399 9.62 -29.56 -1.22
N SER D 400 8.98 -29.21 -2.34
CA SER D 400 7.74 -28.45 -2.31
C SER D 400 6.74 -28.96 -3.35
N PHE D 401 5.46 -28.67 -3.09
CA PHE D 401 4.37 -28.88 -4.05
C PHE D 401 3.88 -27.57 -4.62
N ARG D 402 3.24 -27.63 -5.80
CA ARG D 402 2.21 -26.67 -6.17
C ARG D 402 0.85 -27.30 -5.89
N LEU D 403 0.22 -26.94 -4.79
CA LEU D 403 -0.95 -27.68 -4.30
C LEU D 403 -2.18 -27.60 -5.19
N GLU D 404 -2.27 -26.54 -5.98
CA GLU D 404 -3.41 -26.34 -6.87
C GLU D 404 -3.33 -27.38 -7.98
N GLU D 405 -2.14 -27.50 -8.56
CA GLU D 405 -1.88 -28.54 -9.57
C GLU D 405 -2.02 -29.96 -8.99
N LEU D 406 -1.50 -30.17 -7.80
CA LEU D 406 -1.57 -31.47 -7.14
C LEU D 406 -3.02 -31.90 -6.93
N ASN D 407 -3.85 -30.97 -6.47
CA ASN D 407 -5.28 -31.24 -6.30
C ASN D 407 -5.94 -31.70 -7.60
N LEU D 408 -5.53 -31.11 -8.71
CA LEU D 408 -6.09 -31.46 -10.03
C LEU D 408 -5.61 -32.84 -10.48
N PHE D 409 -4.37 -33.17 -10.14
CA PHE D 409 -3.81 -34.49 -10.42
C PHE D 409 -4.59 -35.55 -9.66
N ILE D 410 -4.74 -35.34 -8.37
CA ILE D 410 -5.54 -36.20 -7.51
C ILE D 410 -6.97 -36.34 -8.03
N ALA D 411 -7.55 -35.21 -8.45
CA ALA D 411 -8.92 -35.17 -8.93
C ALA D 411 -9.12 -36.06 -10.17
N LYS D 412 -8.14 -36.09 -11.07
CA LYS D 412 -8.22 -36.97 -12.23
C LYS D 412 -8.17 -38.45 -11.82
N GLY D 413 -7.41 -38.75 -10.77
CA GLY D 413 -7.42 -40.08 -10.17
C GLY D 413 -8.82 -40.49 -9.74
N PHE D 414 -9.52 -39.59 -9.04
CA PHE D 414 -10.90 -39.84 -8.63
C PHE D 414 -11.86 -40.02 -9.80
N GLU D 415 -11.62 -39.27 -10.88
CA GLU D 415 -12.47 -39.32 -12.05
C GLU D 415 -12.38 -40.71 -12.73
N ALA D 416 -11.14 -41.21 -12.89
CA ALA D 416 -10.89 -42.53 -13.48
C ALA D 416 -11.50 -43.67 -12.65
N ARG D 417 -11.44 -43.54 -11.33
CA ARG D 417 -12.04 -44.52 -10.41
C ARG D 417 -13.57 -44.51 -10.46
N LEU D 418 -14.15 -43.32 -10.60
CA LEU D 418 -15.60 -43.18 -10.73
C LEU D 418 -16.10 -43.72 -12.07
N SER D 419 -15.36 -43.50 -13.15
CA SER D 419 -15.75 -43.99 -14.47
C SER D 419 -15.67 -45.52 -14.58
N ALA D 420 -14.70 -46.11 -13.87
CA ALA D 420 -14.55 -47.57 -13.81
C ALA D 420 -15.72 -48.24 -13.06
N ILE D 421 -16.19 -47.60 -12.00
CA ILE D 421 -17.36 -48.04 -11.23
C ILE D 421 -18.67 -47.90 -12.03
N GLU D 422 -18.85 -46.76 -12.66
CA GLU D 422 -20.04 -46.49 -13.47
C GLU D 422 -20.20 -47.44 -14.67
N ASP D 423 -19.08 -47.87 -15.27
CA ASP D 423 -19.11 -48.88 -16.33
C ASP D 423 -19.51 -50.27 -15.81
N LYS D 424 -18.99 -50.64 -14.64
CA LYS D 424 -19.29 -51.93 -14.03
C LYS D 424 -20.74 -52.07 -13.57
N LEU D 425 -21.42 -50.94 -13.35
CA LEU D 425 -22.85 -50.97 -12.99
C LEU D 425 -23.75 -50.51 -14.14
N GLY D 426 -23.23 -50.57 -15.38
CA GLY D 426 -23.97 -50.17 -16.59
C GLY D 426 -24.73 -48.87 -16.43
N MET D 427 -24.06 -47.87 -15.90
CA MET D 427 -24.73 -46.69 -15.38
C MET D 427 -24.49 -45.40 -16.19
N CYS E 20 32.47 55.48 -3.20
CA CYS E 20 32.34 54.52 -4.33
C CYS E 20 33.27 53.27 -4.12
N SER E 21 34.45 53.23 -4.72
CA SER E 21 35.27 51.99 -4.82
C SER E 21 36.56 52.05 -4.01
N PHE E 22 36.78 51.06 -3.15
CA PHE E 22 38.02 50.97 -2.35
CA PHE E 22 37.98 51.02 -2.35
C PHE E 22 38.75 49.72 -2.73
N GLY E 23 40.07 49.80 -2.86
CA GLY E 23 40.78 48.69 -3.41
C GLY E 23 42.20 48.50 -2.97
N ILE E 24 42.63 47.25 -2.95
CA ILE E 24 43.97 46.89 -2.67
C ILE E 24 44.53 46.22 -3.90
N GLU E 25 45.69 46.69 -4.32
CA GLU E 25 46.32 46.28 -5.54
C GLU E 25 47.72 45.75 -5.24
N ASN E 26 48.05 44.63 -5.88
CA ASN E 26 49.39 44.09 -5.86
C ASN E 26 49.79 43.93 -7.33
N THR E 27 50.75 44.75 -7.74
CA THR E 27 51.19 44.82 -9.13
C THR E 27 52.24 43.75 -9.46
N ALA E 28 52.84 43.18 -8.41
CA ALA E 28 54.00 42.29 -8.53
C ALA E 28 53.67 40.82 -8.81
N GLY E 29 52.40 40.45 -8.75
CA GLY E 29 52.01 39.05 -8.95
C GLY E 29 51.69 38.29 -7.67
N GLY E 30 51.83 38.94 -6.52
CA GLY E 30 51.39 38.41 -5.24
C GLY E 30 49.91 38.68 -4.97
N SER E 31 49.47 38.25 -3.80
CA SER E 31 48.06 38.31 -3.39
C SER E 31 47.65 39.65 -2.78
N ALA E 32 46.39 40.04 -2.97
CA ALA E 32 45.83 41.27 -2.41
C ALA E 32 44.75 40.92 -1.41
N VAL E 33 45.11 40.90 -0.12
CA VAL E 33 44.31 40.26 0.92
C VAL E 33 44.06 41.20 2.09
N PHE E 34 42.84 41.15 2.65
CA PHE E 34 42.51 41.93 3.83
C PHE E 34 42.53 41.00 5.03
N HIS E 35 42.98 41.50 6.18
CA HIS E 35 43.07 40.73 7.40
C HIS E 35 42.41 41.45 8.54
N ASN E 36 41.81 40.68 9.43
CA ASN E 36 41.25 41.19 10.66
C ASN E 36 42.13 40.65 11.77
N TYR E 37 42.63 41.52 12.62
CA TYR E 37 43.52 41.13 13.70
C TYR E 37 42.86 41.49 15.00
N THR E 38 42.74 40.49 15.89
CA THR E 38 41.96 40.64 17.10
C THR E 38 42.72 39.96 18.24
N ARG E 39 42.55 40.46 19.45
CA ARG E 39 43.13 39.82 20.64
C ARG E 39 42.09 39.55 21.71
N GLY E 40 42.47 38.75 22.69
CA GLY E 40 41.70 38.65 23.93
C GLY E 40 41.90 39.88 24.78
N ALA E 41 41.20 39.94 25.91
CA ALA E 41 41.37 41.04 26.87
C ALA E 41 42.78 41.03 27.45
N SER E 42 43.38 42.23 27.57
CA SER E 42 44.72 42.40 28.16
C SER E 42 45.77 41.53 27.48
N ASN E 43 45.76 41.52 26.15
CA ASN E 43 46.73 40.75 25.36
C ASN E 43 46.69 39.22 25.54
N SER E 44 45.63 38.71 26.13
CA SER E 44 45.46 37.27 26.22
C SER E 44 45.05 36.71 24.84
N VAL E 45 45.10 35.38 24.73
CA VAL E 45 44.69 34.67 23.54
C VAL E 45 43.23 34.97 23.19
N THR E 46 42.91 34.93 21.89
CA THR E 46 41.54 35.06 21.45
C THR E 46 40.76 33.84 21.98
N LYS E 47 39.48 34.04 22.22
CA LYS E 47 38.64 33.04 22.88
C LYS E 47 37.67 32.34 21.94
N ASN E 48 37.14 31.22 22.43
CA ASN E 48 36.08 30.47 21.77
C ASN E 48 34.90 31.38 21.46
N ASN E 49 34.44 31.33 20.22
CA ASN E 49 33.36 32.13 19.68
C ASN E 49 33.56 33.64 19.67
N GLN E 50 34.78 34.10 19.92
CA GLN E 50 35.06 35.53 19.85
C GLN E 50 35.00 35.94 18.40
N LEU E 51 34.43 37.11 18.13
CA LEU E 51 34.38 37.63 16.76
C LEU E 51 35.78 38.08 16.37
N LEU E 52 36.44 37.28 15.55
CA LEU E 52 37.79 37.57 15.08
C LEU E 52 37.85 38.54 13.88
N GLY E 53 36.72 38.74 13.20
CA GLY E 53 36.67 39.55 11.99
C GLY E 53 35.27 39.61 11.46
N GLY E 54 34.95 40.65 10.71
CA GLY E 54 33.61 40.84 10.21
C GLY E 54 33.58 41.79 9.03
N TYR E 55 32.57 41.61 8.15
CA TYR E 55 32.30 42.46 7.01
C TYR E 55 30.78 42.56 6.97
N GLY E 56 30.25 43.76 6.83
CA GLY E 56 28.82 43.94 6.99
C GLY E 56 28.29 45.22 6.42
N SER E 57 27.08 45.16 5.88
CA SER E 57 26.40 46.33 5.38
C SER E 57 25.52 46.97 6.44
N ARG E 58 25.45 48.30 6.43
CA ARG E 58 24.52 49.05 7.26
C ARG E 58 23.72 49.99 6.39
N PRO E 59 22.41 49.73 6.30
CA PRO E 59 21.57 50.56 5.43
C PRO E 59 21.13 51.90 6.09
N TRP E 60 20.70 52.83 5.25
CA TRP E 60 20.37 54.20 5.63
C TRP E 60 18.87 54.29 5.88
N LEU E 61 18.53 54.77 7.06
CA LEU E 61 17.15 54.92 7.49
C LEU E 61 16.49 56.29 7.15
N GLY E 62 17.27 57.23 6.62
CA GLY E 62 16.78 58.58 6.31
C GLY E 62 17.73 59.64 6.87
N SER E 63 18.11 59.49 8.15
CA SER E 63 19.10 60.36 8.77
C SER E 63 20.19 59.63 9.57
N THR E 64 20.07 58.31 9.72
CA THR E 64 21.11 57.50 10.33
C THR E 64 21.25 56.16 9.63
N TYR E 65 22.31 55.43 9.96
CA TYR E 65 22.47 54.03 9.58
C TYR E 65 21.98 53.13 10.71
N THR E 66 21.73 51.85 10.41
CA THR E 66 21.38 50.87 11.46
C THR E 66 22.56 50.71 12.42
N GLU E 67 22.29 50.32 13.65
CA GLU E 67 23.34 50.20 14.66
C GLU E 67 24.19 48.95 14.49
N HIS E 68 23.65 47.95 13.82
CA HIS E 68 24.38 46.73 13.49
C HIS E 68 24.10 46.38 12.04
N SER E 69 24.90 45.47 11.48
CA SER E 69 24.79 45.13 10.09
C SER E 69 23.55 44.30 9.84
N ASN E 70 22.87 44.56 8.73
CA ASN E 70 21.71 43.76 8.38
C ASN E 70 22.05 42.50 7.58
N ALA E 71 23.25 42.50 6.97
CA ALA E 71 23.80 41.36 6.27
C ALA E 71 25.29 41.38 6.56
N ALA E 72 25.89 40.22 6.83
CA ALA E 72 27.26 40.18 7.33
C ALA E 72 27.95 38.84 7.16
N LEU E 73 29.27 38.88 7.14
CA LEU E 73 30.13 37.71 7.17
C LEU E 73 30.94 37.83 8.44
N HIS E 74 30.92 36.80 9.29
CA HIS E 74 31.69 36.79 10.53
C HIS E 74 32.69 35.65 10.53
N PHE E 75 33.89 35.93 11.04
CA PHE E 75 34.89 34.93 11.33
C PHE E 75 34.95 34.82 12.86
N LEU E 76 34.87 33.62 13.39
CA LEU E 76 34.79 33.41 14.83
C LEU E 76 35.77 32.35 15.31
N GLY E 77 36.15 32.41 16.58
CA GLY E 77 37.01 31.40 17.15
C GLY E 77 36.28 30.10 17.48
N ALA E 78 37.00 28.99 17.34
CA ALA E 78 36.54 27.66 17.71
C ALA E 78 37.52 27.16 18.76
N GLY E 79 37.12 27.28 20.03
CA GLY E 79 38.02 27.05 21.15
C GLY E 79 38.93 28.26 21.40
N ASP E 80 39.46 28.34 22.63
CA ASP E 80 40.45 29.38 22.95
C ASP E 80 41.73 29.10 22.16
N THR E 81 42.28 30.14 21.56
CA THR E 81 43.47 29.99 20.75
C THR E 81 44.69 29.57 21.61
N SER E 82 45.56 28.76 21.04
CA SER E 82 46.74 28.27 21.75
C SER E 82 47.75 27.78 20.72
N ALA E 83 48.84 27.19 21.18
CA ALA E 83 49.85 26.67 20.25
C ALA E 83 49.35 25.43 19.46
N THR E 84 48.40 24.70 20.05
CA THR E 84 47.80 23.53 19.43
C THR E 84 46.38 23.74 18.85
N ASN E 85 45.76 24.88 19.14
CA ASN E 85 44.47 25.23 18.59
C ASN E 85 44.44 26.59 17.89
N HIS E 86 44.24 26.59 16.57
CA HIS E 86 43.93 27.81 15.84
C HIS E 86 42.51 27.77 15.28
N GLY E 87 41.65 27.04 15.94
CA GLY E 87 40.30 26.80 15.44
C GLY E 87 39.56 28.08 15.06
N GLY E 88 38.84 28.03 13.95
CA GLY E 88 38.00 29.15 13.51
C GLY E 88 36.89 28.69 12.61
N TRP E 89 35.77 29.40 12.65
CA TRP E 89 34.59 29.07 11.86
C TRP E 89 33.91 30.33 11.30
N ILE E 90 32.90 30.15 10.45
CA ILE E 90 32.32 31.23 9.70
C ILE E 90 30.82 31.20 9.81
N ARG E 91 30.18 32.37 9.88
CA ARG E 91 28.78 32.43 9.59
C ARG E 91 28.41 33.62 8.77
N LEU E 92 27.26 33.52 8.10
CA LEU E 92 26.67 34.60 7.32
C LEU E 92 25.33 34.92 7.93
N LEU E 93 25.02 36.20 8.04
CA LEU E 93 23.82 36.69 8.73
C LEU E 93 22.96 37.47 7.75
N VAL E 94 21.64 37.33 7.88
CA VAL E 94 20.68 38.05 7.04
C VAL E 94 19.57 38.56 7.92
N THR E 95 18.78 39.50 7.40
CA THR E 95 17.68 40.10 8.16
C THR E 95 16.40 39.98 7.36
N PRO E 96 15.40 39.26 7.90
CA PRO E 96 14.18 39.06 7.11
C PRO E 96 13.46 40.36 6.79
N LYS E 97 12.93 40.47 5.59
CA LYS E 97 12.08 41.59 5.22
C LYS E 97 10.97 41.71 6.24
N GLY E 98 10.73 42.93 6.71
CA GLY E 98 9.71 43.18 7.73
C GLY E 98 10.22 43.09 9.15
N LYS E 99 11.52 42.90 9.34
CA LYS E 99 12.10 42.85 10.67
C LYS E 99 13.33 43.77 10.76
N THR E 100 13.72 44.09 12.00
CA THR E 100 14.87 44.91 12.27
C THR E 100 16.08 44.02 12.58
N ILE E 101 17.25 44.64 12.70
CA ILE E 101 18.50 43.93 12.97
C ILE E 101 18.53 43.29 14.37
N SER E 102 17.54 43.57 15.21
CA SER E 102 17.38 42.81 16.47
C SER E 102 17.03 41.37 16.18
N ASP E 103 16.38 41.12 15.03
CA ASP E 103 15.91 39.78 14.68
C ASP E 103 16.64 39.21 13.47
N ARG E 104 17.92 39.51 13.36
CA ARG E 104 18.69 38.99 12.24
C ARG E 104 19.12 37.57 12.56
N VAL E 105 19.39 36.81 11.50
CA VAL E 105 19.46 35.37 11.55
C VAL E 105 20.83 34.93 11.03
N PRO E 106 21.62 34.25 11.87
CA PRO E 106 22.84 33.58 11.37
C PRO E 106 22.48 32.28 10.65
N ALA E 107 21.94 32.42 9.45
CA ALA E 107 21.29 31.33 8.76
C ALA E 107 22.27 30.32 8.14
N PHE E 108 23.51 30.71 7.94
CA PHE E 108 24.51 29.90 7.29
C PHE E 108 25.67 29.81 8.27
N ARG E 109 26.01 28.61 8.71
CA ARG E 109 27.09 28.44 9.63
C ARG E 109 28.00 27.34 9.10
N LEU E 110 29.23 27.71 8.77
CA LEU E 110 30.22 26.78 8.31
C LEU E 110 31.06 26.45 9.50
N SER E 111 30.81 25.27 10.05
CA SER E 111 31.47 24.83 11.25
C SER E 111 32.98 24.70 11.08
N ASP E 112 33.70 24.67 12.20
CA ASP E 112 35.14 24.44 12.17
C ASP E 112 35.49 23.03 11.67
N ASN E 113 34.55 22.09 11.84
CA ASN E 113 34.74 20.73 11.31
C ASN E 113 34.47 20.65 9.78
N GLY E 114 33.97 21.73 9.19
CA GLY E 114 33.67 21.77 7.76
C GLY E 114 32.23 21.51 7.35
N ASP E 115 31.36 21.15 8.32
CA ASP E 115 29.94 21.00 8.05
C ASP E 115 29.27 22.31 7.77
N LEU E 116 28.20 22.26 6.98
CA LEU E 116 27.37 23.42 6.74
C LEU E 116 26.04 23.23 7.44
N TRP E 117 25.68 24.21 8.28
CA TRP E 117 24.40 24.27 8.94
C TRP E 117 23.57 25.35 8.31
N LEU E 118 22.36 25.00 7.92
CA LEU E 118 21.38 25.92 7.41
C LEU E 118 20.27 26.06 8.42
N VAL E 119 20.11 27.28 8.95
CA VAL E 119 19.21 27.53 10.06
C VAL E 119 18.36 28.76 9.76
N PRO E 120 17.26 28.57 8.98
CA PRO E 120 16.48 29.71 8.51
C PRO E 120 15.71 30.38 9.62
N ASP E 121 15.05 31.48 9.27
CA ASP E 121 14.28 32.25 10.23
C ASP E 121 13.25 31.39 10.95
N GLY E 122 13.19 31.51 12.28
CA GLY E 122 12.23 30.76 13.09
C GLY E 122 12.72 29.43 13.61
N ALA E 123 13.89 28.98 13.16
CA ALA E 123 14.39 27.67 13.53
C ALA E 123 15.04 27.64 14.93
N MET E 124 15.94 28.58 15.21
CA MET E 124 16.63 28.65 16.52
C MET E 124 16.51 30.02 17.16
N HIS E 125 16.35 30.06 18.47
CA HIS E 125 16.36 31.31 19.19
C HIS E 125 17.75 31.96 19.04
N SER E 126 17.80 33.29 19.11
CA SER E 126 19.06 34.05 18.97
C SER E 126 20.12 33.69 20.02
N ASP E 127 19.72 33.18 21.17
CA ASP E 127 20.65 32.60 22.17
C ASP E 127 21.55 31.51 21.58
N LEU E 128 21.09 30.86 20.51
CA LEU E 128 21.81 29.72 19.96
C LEU E 128 22.55 30.09 18.69
N GLY E 129 22.70 31.39 18.43
CA GLY E 129 23.44 31.86 17.28
C GLY E 129 24.88 31.38 17.13
N LEU E 130 25.52 30.93 18.22
CA LEU E 130 26.90 30.44 18.19
C LEU E 130 27.02 28.92 18.08
N VAL E 131 25.89 28.24 18.02
CA VAL E 131 25.89 26.81 17.80
C VAL E 131 26.43 26.51 16.39
N ARG E 132 27.42 25.63 16.31
CA ARG E 132 28.10 25.31 15.06
C ARG E 132 28.34 23.80 14.88
N SER E 133 27.71 22.97 15.71
CA SER E 133 27.90 21.54 15.67
C SER E 133 26.88 20.86 16.58
N ILE E 134 26.81 19.55 16.46
CA ILE E 134 25.99 18.74 17.33
C ILE E 134 26.55 18.76 18.75
N GLU E 135 27.86 18.75 18.89
CA GLU E 135 28.47 18.87 20.20
C GLU E 135 28.06 20.16 20.92
N THR E 136 28.14 21.30 20.22
CA THR E 136 27.84 22.57 20.82
C THR E 136 26.34 22.73 21.00
N LEU E 137 25.56 22.14 20.11
CA LEU E 137 24.09 22.14 20.27
C LEU E 137 23.65 21.30 21.49
N ASN E 138 24.25 20.12 21.68
CA ASN E 138 23.99 19.31 22.86
C ASN E 138 24.32 20.04 24.15
N ALA E 139 25.40 20.82 24.16
CA ALA E 139 25.80 21.57 25.36
C ALA E 139 24.82 22.72 25.65
N ALA E 140 24.36 23.41 24.62
CA ALA E 140 23.40 24.50 24.76
C ALA E 140 21.99 24.04 25.11
N VAL E 141 21.63 22.84 24.64
CA VAL E 141 20.30 22.26 24.87
C VAL E 141 20.53 20.89 25.46
N PRO E 142 20.64 20.82 26.79
CA PRO E 142 21.07 19.56 27.41
C PRO E 142 20.19 18.34 27.10
N ARG E 143 18.89 18.51 26.84
CA ARG E 143 18.02 17.39 26.52
C ARG E 143 18.08 16.89 25.09
N PHE E 144 18.74 17.62 24.21
CA PHE E 144 18.83 17.29 22.78
C PHE E 144 19.51 15.94 22.51
N ASN E 145 20.74 15.78 22.99
CA ASN E 145 21.46 14.50 22.92
C ASN E 145 21.44 13.81 21.58
N ALA E 146 21.88 14.52 20.54
CA ALA E 146 22.08 13.90 19.25
C ALA E 146 23.48 13.31 19.20
N PRO E 147 23.73 12.35 18.29
CA PRO E 147 25.06 11.73 18.23
C PRO E 147 26.12 12.62 17.55
N SER E 148 27.17 12.95 18.29
CA SER E 148 28.21 13.83 17.77
C SER E 148 29.03 13.16 16.67
N ILE E 149 28.99 11.84 16.56
CA ILE E 149 29.64 11.15 15.44
C ILE E 149 29.09 11.64 14.09
N GLN E 150 27.93 12.26 14.08
CA GLN E 150 27.38 12.85 12.85
C GLN E 150 28.05 14.16 12.42
N ASP E 151 28.83 14.77 13.30
CA ASP E 151 29.60 15.98 12.96
C ASP E 151 30.69 15.67 11.96
N GLY E 152 30.86 16.56 11.00
CA GLY E 152 31.91 16.44 9.96
C GLY E 152 31.51 15.63 8.75
N ARG E 153 30.21 15.40 8.59
CA ARG E 153 29.66 14.49 7.55
CA ARG E 153 29.68 14.52 7.55
C ARG E 153 28.99 15.25 6.42
N GLY E 154 28.70 16.53 6.59
CA GLY E 154 28.13 17.32 5.51
C GLY E 154 27.13 18.38 5.92
N LEU E 155 25.90 18.27 5.43
CA LEU E 155 24.90 19.31 5.55
C LEU E 155 23.88 18.99 6.61
N LYS E 156 23.56 19.99 7.44
CA LYS E 156 22.47 19.88 8.43
C LYS E 156 21.52 21.04 8.26
N ILE E 157 20.22 20.74 8.16
CA ILE E 157 19.19 21.76 8.01
C ILE E 157 18.24 21.67 9.19
N VAL E 158 18.07 22.78 9.88
CA VAL E 158 17.17 22.89 11.00
C VAL E 158 16.09 23.88 10.61
N ALA E 159 14.83 23.47 10.68
CA ALA E 159 13.73 24.39 10.41
C ALA E 159 12.54 23.97 11.27
N PRO E 160 11.69 24.95 11.63
CA PRO E 160 10.49 24.57 12.38
C PRO E 160 9.57 23.64 11.55
N GLN E 161 9.33 22.45 12.09
CA GLN E 161 8.42 21.42 11.53
C GLN E 161 8.90 20.71 10.29
N ALA E 162 9.16 21.48 9.23
CA ALA E 162 9.34 20.89 7.90
C ALA E 162 10.61 21.35 7.20
N PRO E 163 11.78 21.00 7.72
CA PRO E 163 12.99 21.28 6.94
C PRO E 163 12.94 20.49 5.65
N GLU E 164 13.45 21.07 4.58
CA GLU E 164 13.13 20.59 3.27
C GLU E 164 14.24 20.88 2.31
N ILE E 165 14.40 19.96 1.34
CA ILE E 165 15.19 20.20 0.16
C ILE E 165 14.31 20.13 -1.06
N ASP E 166 14.31 21.20 -1.88
CA ASP E 166 13.54 21.29 -3.13
C ASP E 166 14.44 21.24 -4.32
N LEU E 167 14.12 20.38 -5.27
CA LEU E 167 14.90 20.23 -6.47
C LEU E 167 14.01 20.61 -7.62
N ILE E 168 14.20 21.83 -8.13
CA ILE E 168 13.33 22.43 -9.13
C ILE E 168 13.95 22.17 -10.49
N ALA E 169 13.18 21.49 -11.34
CA ALA E 169 13.73 20.82 -12.50
C ALA E 169 12.94 21.13 -13.77
N PRO E 170 13.20 22.27 -14.41
CA PRO E 170 12.53 22.58 -15.66
C PRO E 170 12.99 21.67 -16.81
N ARG E 171 12.03 21.13 -17.54
CA ARG E 171 12.31 20.16 -18.59
C ARG E 171 13.20 20.67 -19.73
N GLY E 172 12.99 21.92 -20.12
CA GLY E 172 13.59 22.45 -21.35
C GLY E 172 13.18 21.58 -22.53
N SER E 173 14.18 21.11 -23.28
CA SER E 173 13.95 20.22 -24.40
C SER E 173 14.25 18.75 -24.07
N GLY E 174 14.54 18.43 -22.80
CA GLY E 174 14.88 17.06 -22.38
C GLY E 174 13.80 16.44 -21.52
N ALA E 175 14.17 16.08 -20.28
CA ALA E 175 13.26 15.54 -19.29
C ALA E 175 13.49 16.18 -17.92
N SER E 176 12.42 16.37 -17.11
CA SER E 176 12.60 16.72 -15.70
C SER E 176 13.00 15.48 -14.91
N ALA E 177 14.25 15.46 -14.44
CA ALA E 177 14.89 14.29 -13.89
C ALA E 177 15.81 14.63 -12.73
N PRO E 178 15.27 15.25 -11.67
CA PRO E 178 16.10 15.47 -10.50
C PRO E 178 16.56 14.14 -9.92
N ALA E 179 17.63 14.18 -9.14
CA ALA E 179 18.26 12.96 -8.63
C ALA E 179 19.02 13.22 -7.35
N ILE E 180 18.99 12.23 -6.48
CA ILE E 180 19.87 12.15 -5.33
C ILE E 180 20.70 10.91 -5.51
N ARG E 181 22.01 11.08 -5.60
CA ARG E 181 22.90 10.02 -6.03
C ARG E 181 24.04 9.80 -5.04
N ALA E 182 24.05 8.64 -4.38
CA ALA E 182 25.20 8.20 -3.63
C ALA E 182 26.23 7.74 -4.62
N MET E 183 27.50 7.92 -4.29
CA MET E 183 28.61 7.48 -5.13
C MET E 183 29.57 6.75 -4.25
N TRP E 184 29.45 5.42 -4.31
CA TRP E 184 30.29 4.51 -3.57
C TRP E 184 31.64 4.29 -4.27
N CYS E 185 32.69 4.14 -3.49
CA CYS E 185 33.97 3.63 -4.00
C CYS E 185 34.83 3.10 -2.86
N ASP E 186 35.82 2.30 -3.22
CA ASP E 186 36.86 1.89 -2.29
C ASP E 186 37.93 3.00 -2.30
N GLY E 187 38.69 3.14 -1.22
CA GLY E 187 39.85 4.03 -1.24
C GLY E 187 39.64 5.28 -0.43
N SER E 188 40.39 6.33 -0.80
CA SER E 188 40.50 7.53 0.01
C SER E 188 41.03 8.68 -0.82
N LEU E 189 40.46 9.85 -0.58
CA LEU E 189 40.97 11.10 -1.16
C LEU E 189 41.79 11.88 -0.12
N ALA E 190 41.95 11.32 1.07
CA ALA E 190 42.48 12.01 2.26
C ALA E 190 43.98 11.87 2.50
N ASP E 191 44.62 10.90 1.85
CA ASP E 191 46.03 10.58 2.11
C ASP E 191 46.96 11.18 1.07
N THR E 192 48.26 10.95 1.25
CA THR E 192 49.31 11.61 0.47
C THR E 192 49.36 11.04 -0.92
N THR E 193 49.03 9.77 -1.03
CA THR E 193 48.71 9.14 -2.29
C THR E 193 47.25 8.74 -2.25
N ARG E 194 46.54 9.17 -3.28
CA ARG E 194 45.11 8.84 -3.45
C ARG E 194 44.92 7.63 -4.28
N TYR E 195 43.97 6.81 -3.87
CA TYR E 195 43.71 5.57 -4.54
C TYR E 195 42.20 5.40 -4.50
N ILE E 196 41.66 4.93 -5.61
CA ILE E 196 40.24 4.74 -5.76
C ILE E 196 40.04 3.38 -6.40
N GLY E 197 39.11 2.58 -5.87
CA GLY E 197 38.78 1.29 -6.47
C GLY E 197 37.31 0.90 -6.41
N ALA E 198 37.04 -0.34 -6.80
CA ALA E 198 35.68 -0.85 -6.96
C ALA E 198 34.90 -0.87 -5.67
N THR E 199 33.63 -0.54 -5.79
CA THR E 199 32.65 -0.61 -4.70
C THR E 199 32.74 -1.98 -4.01
N GLN E 200 32.86 -1.95 -2.69
CA GLN E 200 33.05 -3.13 -1.86
C GLN E 200 31.73 -3.67 -1.32
N PRO E 201 31.71 -4.94 -0.90
CA PRO E 201 30.58 -5.47 -0.15
C PRO E 201 30.30 -4.62 1.07
N GLY E 202 29.02 -4.50 1.43
CA GLY E 202 28.62 -3.69 2.59
C GLY E 202 28.42 -2.22 2.29
N SER E 203 28.53 -1.82 1.02
CA SER E 203 28.25 -0.45 0.62
C SER E 203 26.73 -0.25 0.66
N THR E 204 26.28 0.80 1.35
CA THR E 204 24.87 1.06 1.54
C THR E 204 24.56 2.53 1.38
N PHE E 205 23.30 2.85 1.14
CA PHE E 205 22.82 4.23 1.06
C PHE E 205 21.49 4.26 1.77
N TYR E 206 21.45 4.86 2.96
CA TYR E 206 20.25 4.86 3.74
C TYR E 206 19.52 6.17 3.58
N ILE E 207 18.21 6.07 3.33
CA ILE E 207 17.31 7.21 3.38
C ILE E 207 16.28 6.88 4.44
N GLY E 208 16.38 7.54 5.59
CA GLY E 208 15.62 7.13 6.74
C GLY E 208 15.50 8.18 7.80
N ALA E 209 14.93 7.78 8.93
CA ALA E 209 14.57 8.70 9.98
C ALA E 209 15.07 8.22 11.33
N SER E 210 15.86 9.07 11.97
CA SER E 210 16.15 8.99 13.39
C SER E 210 15.12 9.86 14.08
N GLY E 211 15.07 9.77 15.40
CA GLY E 211 14.16 10.61 16.17
C GLY E 211 14.54 10.55 17.61
N HIS E 212 14.06 11.54 18.35
CA HIS E 212 14.23 11.57 19.79
C HIS E 212 13.25 10.55 20.40
N ASP E 213 13.73 9.77 21.38
CA ASP E 213 12.93 8.74 22.03
C ASP E 213 12.50 9.13 23.46
N GLY E 214 12.63 10.42 23.78
CA GLY E 214 12.43 10.90 25.14
C GLY E 214 13.73 11.22 25.87
N GLU E 215 14.82 10.54 25.50
CA GLU E 215 16.14 10.73 26.11
C GLU E 215 17.19 11.23 25.11
N LYS E 216 17.15 10.75 23.86
CA LYS E 216 18.16 11.07 22.90
C LYS E 216 17.75 10.69 21.49
N PHE E 217 18.52 11.16 20.51
CA PHE E 217 18.47 10.64 19.13
C PHE E 217 19.51 9.53 19.04
N ASP E 218 19.30 8.59 18.12
CA ASP E 218 20.20 7.46 17.96
C ASP E 218 20.22 7.03 16.49
N SER E 219 20.23 5.74 16.23
CA SER E 219 20.23 5.21 14.88
C SER E 219 18.87 5.40 14.21
N MET E 220 18.85 5.20 12.90
CA MET E 220 17.61 5.29 12.15
C MET E 220 16.75 4.13 12.56
N ARG E 221 15.45 4.36 12.66
CA ARG E 221 14.50 3.31 13.04
C ARG E 221 13.48 2.96 11.94
N GLY E 222 13.56 3.65 10.81
CA GLY E 222 12.83 3.27 9.62
C GLY E 222 13.64 3.77 8.43
N SER E 223 13.70 3.00 7.34
CA SER E 223 14.45 3.44 6.19
C SER E 223 14.20 2.66 4.93
N VAL E 224 14.56 3.30 3.82
CA VAL E 224 14.86 2.64 2.54
C VAL E 224 16.38 2.56 2.43
N ALA E 225 16.91 1.44 1.98
CA ALA E 225 18.34 1.28 1.85
C ALA E 225 18.69 0.65 0.50
N ILE E 226 19.49 1.35 -0.29
CA ILE E 226 20.06 0.79 -1.49
C ILE E 226 21.42 0.22 -1.08
N LYS E 227 21.69 -1.03 -1.46
CA LYS E 227 22.89 -1.74 -1.01
C LYS E 227 23.56 -2.41 -2.17
N SER E 228 24.88 -2.46 -2.17
CA SER E 228 25.61 -3.35 -3.08
C SER E 228 25.33 -4.78 -2.62
N ALA E 229 25.13 -5.69 -3.58
CA ALA E 229 24.89 -7.10 -3.29
C ALA E 229 26.12 -7.86 -3.70
N GLY E 230 27.17 -7.71 -2.92
CA GLY E 230 28.47 -8.19 -3.34
C GLY E 230 29.34 -7.06 -3.83
N GLY E 231 30.60 -7.38 -4.04
CA GLY E 231 31.56 -6.45 -4.60
C GLY E 231 31.29 -6.32 -6.08
N TRP E 232 31.78 -5.22 -6.62
CA TRP E 232 31.54 -4.85 -8.00
C TRP E 232 32.78 -5.05 -8.81
N GLY E 233 32.57 -5.13 -10.12
CA GLY E 233 33.65 -5.24 -11.08
C GLY E 233 33.12 -4.67 -12.38
N PRO E 234 33.98 -4.57 -13.40
CA PRO E 234 33.53 -3.85 -14.59
C PRO E 234 32.36 -4.48 -15.34
N THR E 235 32.12 -5.77 -15.13
CA THR E 235 31.03 -6.48 -15.81
C THR E 235 29.88 -6.86 -14.87
N SER E 236 29.95 -6.44 -13.61
CA SER E 236 29.00 -6.85 -12.58
C SER E 236 28.89 -5.81 -11.47
N THR E 237 27.73 -5.16 -11.38
CA THR E 237 27.45 -4.17 -10.36
C THR E 237 26.10 -4.42 -9.69
N PRO E 238 25.96 -5.56 -9.00
CA PRO E 238 24.71 -5.91 -8.42
C PRO E 238 24.28 -5.03 -7.24
N THR E 239 22.97 -4.85 -7.09
CA THR E 239 22.39 -4.08 -6.01
C THR E 239 21.09 -4.71 -5.48
N GLN E 240 20.64 -4.19 -4.34
CA GLN E 240 19.31 -4.48 -3.87
C GLN E 240 18.74 -3.26 -3.17
N VAL E 241 17.42 -3.25 -3.05
CA VAL E 241 16.69 -2.20 -2.35
C VAL E 241 15.88 -2.82 -1.21
N VAL E 242 16.05 -2.32 0.02
CA VAL E 242 15.47 -2.93 1.22
C VAL E 242 14.70 -1.90 2.05
N LEU E 243 13.53 -2.31 2.55
CA LEU E 243 12.70 -1.47 3.41
C LEU E 243 12.80 -2.02 4.82
N GLU E 244 13.06 -1.14 5.79
CA GLU E 244 13.37 -1.53 7.15
C GLU E 244 12.50 -0.75 8.12
N THR E 245 11.95 -1.45 9.12
CA THR E 245 11.12 -0.83 10.12
C THR E 245 11.43 -1.38 11.50
N CYS E 246 10.90 -0.71 12.51
CA CYS E 246 11.14 -1.06 13.88
C CYS E 246 9.80 -1.35 14.50
N GLU E 247 9.75 -2.40 15.30
CA GLU E 247 8.52 -2.83 15.92
C GLU E 247 8.24 -2.05 17.20
N SER E 248 6.95 -1.84 17.45
CA SER E 248 6.42 -1.43 18.74
C SER E 248 7.00 -2.25 19.89
N GLY E 249 7.43 -1.56 20.96
CA GLY E 249 8.13 -2.24 22.06
C GLY E 249 9.58 -2.61 21.79
N SER E 250 10.12 -2.17 20.65
CA SER E 250 11.49 -2.50 20.26
C SER E 250 12.22 -1.22 19.87
N ILE E 251 13.56 -1.26 19.90
CA ILE E 251 14.38 -0.08 19.58
C ILE E 251 15.46 -0.37 18.53
N SER E 252 15.24 -1.39 17.71
CA SER E 252 16.22 -1.81 16.73
C SER E 252 15.46 -2.16 15.47
N ARG E 253 15.84 -1.54 14.35
CA ARG E 253 15.12 -1.77 13.12
C ARG E 253 15.66 -3.00 12.42
N LEU E 254 14.80 -3.63 11.63
CA LEU E 254 15.17 -4.84 10.92
C LEU E 254 14.81 -4.70 9.46
N PRO E 255 15.61 -5.32 8.57
CA PRO E 255 15.17 -5.44 7.16
C PRO E 255 13.95 -6.34 7.11
N ARG E 256 12.95 -5.90 6.36
CA ARG E 256 11.67 -6.59 6.31
C ARG E 256 11.41 -7.19 4.95
N TRP E 257 11.38 -6.33 3.93
CA TRP E 257 11.12 -6.70 2.54
C TRP E 257 12.11 -6.01 1.66
N GLY E 258 12.51 -6.67 0.58
CA GLY E 258 13.46 -6.08 -0.33
C GLY E 258 13.32 -6.60 -1.74
N VAL E 259 13.86 -5.85 -2.70
CA VAL E 259 14.00 -6.31 -4.08
C VAL E 259 15.47 -6.70 -4.30
N ASP E 260 15.68 -7.94 -4.76
CA ASP E 260 17.00 -8.51 -4.85
C ASP E 260 17.64 -8.10 -6.16
N HIS E 261 18.93 -8.43 -6.30
CA HIS E 261 19.65 -8.17 -7.53
C HIS E 261 18.98 -8.79 -8.76
N ASN E 262 18.27 -9.89 -8.56
CA ASN E 262 17.58 -10.54 -9.67
C ASN E 262 16.12 -10.12 -9.84
N GLY E 263 15.64 -9.21 -9.00
CA GLY E 263 14.31 -8.66 -9.16
C GLY E 263 13.25 -9.31 -8.29
N THR E 264 13.62 -10.34 -7.55
CA THR E 264 12.71 -10.98 -6.64
C THR E 264 12.31 -10.01 -5.54
N LEU E 265 11.02 -9.93 -5.25
CA LEU E 265 10.54 -9.24 -4.08
C LEU E 265 10.37 -10.28 -3.01
N MET E 266 11.03 -10.09 -1.88
CA MET E 266 11.14 -11.13 -0.90
C MET E 266 11.17 -10.59 0.49
N PRO E 267 10.68 -11.40 1.47
CA PRO E 267 10.89 -11.02 2.83
C PRO E 267 12.35 -11.27 3.14
N MET E 268 12.89 -10.48 4.07
CA MET E 268 14.32 -10.56 4.38
C MET E 268 14.65 -11.54 5.48
N ALA E 269 13.63 -12.21 6.01
CA ALA E 269 13.79 -13.40 6.85
C ALA E 269 12.77 -14.43 6.39
N ASP E 270 13.14 -15.69 6.56
CA ASP E 270 12.32 -16.81 6.12
C ASP E 270 11.18 -17.05 7.07
N ASN E 271 10.01 -17.35 6.53
CA ASN E 271 8.87 -17.79 7.34
C ASN E 271 8.61 -16.89 8.53
N ARG E 272 8.51 -15.59 8.26
CA ARG E 272 8.36 -14.64 9.33
C ARG E 272 7.37 -13.53 9.02
N TYR E 273 7.30 -13.06 7.77
CA TYR E 273 6.51 -11.88 7.44
C TYR E 273 5.39 -12.21 6.49
N ASN E 274 4.24 -11.59 6.70
CA ASN E 274 3.07 -11.83 5.87
C ASN E 274 2.89 -10.79 4.80
N LEU E 275 2.07 -11.16 3.81
CA LEU E 275 1.55 -10.22 2.86
C LEU E 275 0.08 -9.98 3.22
N GLY E 276 -0.25 -8.76 3.64
CA GLY E 276 -1.59 -8.43 4.06
C GLY E 276 -1.82 -8.84 5.50
N TRP E 277 -2.98 -8.48 6.00
CA TRP E 277 -3.44 -8.91 7.33
C TRP E 277 -5.00 -8.83 7.33
N GLY E 278 -5.63 -9.19 8.45
CA GLY E 278 -7.10 -9.24 8.52
C GLY E 278 -7.84 -8.00 8.07
N SER E 279 -7.37 -6.85 8.48
CA SER E 279 -7.99 -5.58 8.09
C SER E 279 -7.25 -4.89 6.92
N GLY E 280 -6.39 -5.62 6.24
CA GLY E 280 -5.60 -5.08 5.11
C GLY E 280 -5.29 -6.19 4.17
N ARG E 281 -6.35 -6.73 3.58
CA ARG E 281 -6.24 -7.89 2.71
C ARG E 281 -6.00 -7.47 1.28
N VAL E 282 -5.13 -8.21 0.63
CA VAL E 282 -4.93 -8.05 -0.82
C VAL E 282 -6.25 -8.45 -1.51
N LYS E 283 -6.66 -7.69 -2.51
CA LYS E 283 -7.89 -8.00 -3.18
C LYS E 283 -7.70 -9.29 -3.97
N GLN E 284 -6.72 -9.32 -4.86
CA GLN E 284 -6.25 -10.61 -5.43
C GLN E 284 -4.86 -10.57 -6.04
N VAL E 285 -4.34 -11.76 -6.25
CA VAL E 285 -3.03 -11.97 -6.80
C VAL E 285 -3.16 -12.52 -8.23
N TYR E 286 -2.37 -11.96 -9.14
CA TYR E 286 -2.21 -12.47 -10.49
C TYR E 286 -0.86 -13.16 -10.58
N ALA E 287 -0.88 -14.50 -10.66
CA ALA E 287 0.34 -15.28 -10.80
C ALA E 287 0.26 -16.10 -12.06
N VAL E 288 1.41 -16.55 -12.53
CA VAL E 288 1.50 -17.40 -13.73
C VAL E 288 1.47 -18.87 -13.29
N ASN E 289 2.35 -19.24 -12.35
CA ASN E 289 2.44 -20.57 -11.79
C ASN E 289 1.75 -20.66 -10.47
N GLY E 290 1.47 -21.87 -10.06
CA GLY E 290 0.84 -22.10 -8.78
C GLY E 290 1.80 -21.78 -7.65
N THR E 291 1.23 -21.30 -6.55
CA THR E 291 1.97 -21.08 -5.32
C THR E 291 2.74 -22.35 -4.95
N ILE E 292 3.99 -22.16 -4.57
CA ILE E 292 4.86 -23.20 -4.12
C ILE E 292 4.82 -23.26 -2.60
N ASN E 293 4.33 -24.37 -2.06
CA ASN E 293 4.32 -24.62 -0.63
C ASN E 293 5.26 -25.76 -0.32
N THR E 294 6.15 -25.50 0.62
CA THR E 294 7.08 -26.51 1.11
C THR E 294 6.28 -27.63 1.77
N ALA E 295 6.63 -28.87 1.46
CA ALA E 295 5.99 -30.05 2.07
C ALA E 295 7.07 -31.14 2.19
N ASP E 296 8.01 -30.84 3.07
CA ASP E 296 9.26 -31.57 3.20
C ASP E 296 9.18 -32.47 4.43
N ALA E 297 9.33 -33.78 4.23
CA ALA E 297 9.30 -34.79 5.31
C ALA E 297 10.27 -34.48 6.47
N ARG E 298 11.41 -33.87 6.13
CA ARG E 298 12.45 -33.52 7.12
C ARG E 298 12.05 -32.43 8.12
N LEU E 299 11.04 -31.63 7.79
CA LEU E 299 10.57 -30.54 8.66
C LEU E 299 9.27 -30.89 9.40
N LYS E 300 8.69 -32.05 9.10
CA LYS E 300 7.43 -32.48 9.69
C LYS E 300 7.61 -33.70 10.57
N ASN E 301 6.69 -33.88 11.50
CA ASN E 301 6.53 -35.16 12.17
C ASN E 301 5.85 -36.15 11.22
N ASP E 302 5.64 -37.38 11.68
CA ASP E 302 5.00 -38.39 10.85
C ASP E 302 3.56 -37.98 10.50
N VAL E 303 3.15 -38.35 9.29
CA VAL E 303 1.79 -38.10 8.82
C VAL E 303 0.90 -39.23 9.33
N ARG E 304 0.06 -38.94 10.33
CA ARG E 304 -0.90 -39.91 10.83
C ARG E 304 -2.13 -40.01 9.93
N ALA E 305 -2.82 -41.15 9.97
CA ALA E 305 -4.08 -41.34 9.25
C ALA E 305 -5.19 -40.58 9.97
N MET E 306 -6.26 -40.29 9.23
CA MET E 306 -7.43 -39.62 9.80
C MET E 306 -8.24 -40.56 10.65
N SER E 307 -8.71 -40.07 11.79
CA SER E 307 -9.67 -40.81 12.61
C SER E 307 -11.00 -40.94 11.84
N ASP E 308 -11.92 -41.75 12.36
CA ASP E 308 -13.23 -41.92 11.74
C ASP E 308 -14.11 -40.66 11.84
N PRO E 309 -14.14 -39.98 13.01
CA PRO E 309 -14.87 -38.70 13.07
C PRO E 309 -14.37 -37.64 12.06
N GLU E 310 -13.05 -37.59 11.85
CA GLU E 310 -12.43 -36.66 10.88
C GLU E 310 -12.86 -36.99 9.44
N THR E 311 -12.77 -38.26 9.07
CA THR E 311 -13.25 -38.71 7.78
C THR E 311 -14.74 -38.42 7.61
N GLU E 312 -15.51 -38.59 8.68
CA GLU E 312 -16.95 -38.34 8.63
C GLU E 312 -17.26 -36.88 8.35
N ALA E 313 -16.54 -36.00 9.04
CA ALA E 313 -16.69 -34.56 8.88
C ALA E 313 -16.30 -34.13 7.45
N ALA E 314 -15.23 -34.72 6.92
CA ALA E 314 -14.76 -34.48 5.55
C ALA E 314 -15.81 -34.80 4.50
N LYS E 315 -16.56 -35.87 4.71
CA LYS E 315 -17.62 -36.26 3.80
C LYS E 315 -18.81 -35.30 3.85
N ALA E 316 -19.16 -34.89 5.07
CA ALA E 316 -20.30 -33.99 5.31
C ALA E 316 -20.06 -32.58 4.79
N ILE E 317 -18.81 -32.13 4.88
CA ILE E 317 -18.38 -30.81 4.40
C ILE E 317 -18.50 -30.69 2.87
N ALA E 318 -18.17 -31.76 2.15
CA ALA E 318 -18.34 -31.80 0.69
C ALA E 318 -19.79 -31.54 0.24
N LYS E 319 -20.76 -31.94 1.06
CA LYS E 319 -22.19 -31.73 0.77
C LYS E 319 -22.62 -30.27 0.92
N GLU E 320 -21.82 -29.49 1.65
CA GLU E 320 -22.13 -28.07 1.86
C GLU E 320 -21.70 -27.15 0.71
N ILE E 321 -20.93 -27.66 -0.24
CA ILE E 321 -20.44 -26.87 -1.36
C ILE E 321 -21.60 -26.46 -2.27
N GLY E 322 -21.79 -25.15 -2.41
CA GLY E 322 -22.78 -24.61 -3.31
C GLY E 322 -22.29 -23.29 -3.83
N PHE E 323 -23.22 -22.38 -4.10
CA PHE E 323 -22.88 -21.06 -4.63
C PHE E 323 -23.38 -19.95 -3.72
N TRP E 324 -22.59 -18.90 -3.59
CA TRP E 324 -22.98 -17.73 -2.81
C TRP E 324 -22.56 -16.44 -3.50
N THR E 325 -23.15 -15.34 -3.04
CA THR E 325 -22.76 -14.01 -3.46
C THR E 325 -22.42 -13.19 -2.21
N TRP E 326 -21.72 -12.08 -2.41
CA TRP E 326 -21.53 -11.06 -1.37
C TRP E 326 -22.73 -10.11 -1.34
N LYS E 327 -22.79 -9.23 -0.34
CA LYS E 327 -23.93 -8.31 -0.15
C LYS E 327 -23.76 -6.95 -0.83
N ILE E 335 -21.26 -9.22 -8.06
CA ILE E 335 -22.35 -9.60 -8.96
C ILE E 335 -22.34 -11.12 -9.39
N ARG E 336 -21.22 -11.80 -9.15
CA ARG E 336 -20.96 -13.18 -9.63
C ARG E 336 -21.21 -14.25 -8.56
N GLU E 337 -21.43 -15.50 -9.01
CA GLU E 337 -21.67 -16.66 -8.13
C GLU E 337 -20.36 -17.33 -7.76
N HIS E 338 -20.02 -17.32 -6.48
CA HIS E 338 -18.77 -17.94 -6.01
C HIS E 338 -19.02 -19.30 -5.39
N CYS E 339 -18.15 -20.25 -5.67
CA CYS E 339 -18.32 -21.63 -5.25
C CYS E 339 -17.63 -21.90 -3.92
N GLY E 340 -18.36 -22.50 -2.98
CA GLY E 340 -17.79 -22.87 -1.71
C GLY E 340 -18.82 -22.93 -0.60
N LEU E 341 -18.35 -22.76 0.63
CA LEU E 341 -19.18 -22.77 1.82
C LEU E 341 -18.64 -21.77 2.86
N THR E 342 -19.33 -21.65 3.99
CA THR E 342 -18.89 -20.76 5.06
C THR E 342 -18.08 -21.52 6.10
N VAL E 343 -17.20 -20.80 6.78
CA VAL E 343 -16.38 -21.38 7.85
C VAL E 343 -17.28 -21.76 9.04
N GLN E 344 -18.31 -20.94 9.29
CA GLN E 344 -19.23 -21.19 10.38
C GLN E 344 -20.01 -22.48 10.19
N ARG E 345 -20.40 -22.76 8.96
CA ARG E 345 -21.02 -24.05 8.63
C ARG E 345 -20.04 -25.19 8.87
N ALA E 346 -18.81 -25.05 8.39
CA ALA E 346 -17.78 -26.07 8.60
C ALA E 346 -17.51 -26.28 10.08
N ILE E 347 -17.54 -25.21 10.87
CA ILE E 347 -17.34 -25.30 12.33
C ILE E 347 -18.43 -26.14 13.00
N GLU E 348 -19.69 -25.97 12.61
CA GLU E 348 -20.80 -26.74 13.18
C GLU E 348 -20.64 -28.23 12.88
N ILE E 349 -20.32 -28.55 11.63
CA ILE E 349 -20.10 -29.93 11.19
C ILE E 349 -18.95 -30.57 11.96
N MET E 350 -17.87 -29.83 12.10
CA MET E 350 -16.69 -30.31 12.83
C MET E 350 -17.05 -30.69 14.27
N GLU E 351 -17.79 -29.81 14.93
CA GLU E 351 -18.18 -30.00 16.32
C GLU E 351 -19.23 -31.09 16.50
N SER E 352 -20.09 -31.27 15.50
CA SER E 352 -21.08 -32.36 15.51
C SER E 352 -20.45 -33.78 15.49
N PHE E 353 -19.18 -33.91 15.08
CA PHE E 353 -18.43 -35.16 15.24
C PHE E 353 -17.39 -35.08 16.36
N GLY E 354 -17.58 -34.15 17.28
CA GLY E 354 -16.77 -34.06 18.50
C GLY E 354 -15.36 -33.53 18.30
N LEU E 355 -15.15 -32.77 17.22
CA LEU E 355 -13.82 -32.22 16.92
C LEU E 355 -13.77 -30.77 17.31
N ASP E 356 -12.61 -30.33 17.79
CA ASP E 356 -12.31 -28.91 17.99
C ASP E 356 -11.82 -28.35 16.65
N PRO E 357 -12.66 -27.54 15.96
CA PRO E 357 -12.29 -27.05 14.63
C PRO E 357 -11.02 -26.18 14.58
N PHE E 358 -10.69 -25.49 15.67
CA PHE E 358 -9.54 -24.58 15.71
C PHE E 358 -8.22 -25.29 16.00
N LYS E 359 -8.23 -26.61 16.11
CA LYS E 359 -7.00 -27.40 16.16
C LYS E 359 -6.57 -27.84 14.77
N TYR E 360 -7.32 -27.43 13.75
CA TYR E 360 -7.06 -27.79 12.35
C TYR E 360 -6.63 -26.56 11.54
N GLY E 361 -5.58 -26.74 10.73
CA GLY E 361 -4.93 -25.62 10.04
C GLY E 361 -5.76 -24.94 8.95
N PHE E 362 -6.77 -25.63 8.43
CA PHE E 362 -7.60 -25.07 7.36
C PHE E 362 -8.73 -24.15 7.85
N ILE E 363 -8.87 -23.99 9.17
CA ILE E 363 -9.86 -23.07 9.75
C ILE E 363 -9.13 -21.98 10.54
N CYS E 364 -9.38 -20.72 10.18
CA CYS E 364 -8.68 -19.57 10.75
C CYS E 364 -9.62 -18.49 11.30
N TYR E 365 -9.17 -17.82 12.36
CA TYR E 365 -9.89 -16.72 12.96
C TYR E 365 -8.92 -15.56 13.25
N ASP E 366 -9.22 -14.36 12.76
CA ASP E 366 -8.39 -13.17 12.96
C ASP E 366 -9.27 -12.09 13.61
N LYS E 367 -8.72 -11.34 14.55
CA LYS E 367 -9.41 -10.17 15.17
C LYS E 367 -8.44 -8.97 15.22
N TRP E 368 -8.99 -7.76 15.22
CA TRP E 368 -8.15 -6.56 15.31
C TRP E 368 -8.89 -5.49 16.10
N ASP E 369 -8.11 -4.64 16.76
CA ASP E 369 -8.67 -3.52 17.53
C ASP E 369 -9.04 -2.38 16.60
N GLU E 370 -9.81 -1.44 17.12
CA GLU E 370 -10.03 -0.17 16.44
C GLU E 370 -8.68 0.54 16.28
N HIS E 371 -8.46 1.14 15.12
CA HIS E 371 -7.20 1.84 14.85
C HIS E 371 -7.42 2.96 13.84
N THR E 372 -6.48 3.91 13.86
CA THR E 372 -6.58 5.10 13.02
C THR E 372 -5.48 5.07 11.96
N VAL E 373 -5.85 5.45 10.73
CA VAL E 373 -4.95 5.42 9.59
C VAL E 373 -5.08 6.71 8.77
N VAL E 374 -4.01 7.05 8.04
CA VAL E 374 -4.08 8.05 6.97
C VAL E 374 -4.89 7.44 5.82
N SER E 375 -6.04 8.05 5.50
CA SER E 375 -6.85 7.58 4.38
C SER E 375 -6.50 8.31 3.09
N GLU E 376 -6.20 9.61 3.19
CA GLU E 376 -5.89 10.41 2.00
C GLU E 376 -5.13 11.66 2.40
N TYR E 377 -4.78 12.45 1.39
CA TYR E 377 -4.14 13.73 1.62
C TYR E 377 -5.02 14.89 1.15
N GLY E 378 -5.30 15.82 2.07
CA GLY E 378 -5.99 17.08 1.73
C GLY E 378 -5.21 17.91 0.72
N PRO E 379 -5.83 19.00 0.21
CA PRO E 379 -5.08 19.88 -0.70
C PRO E 379 -4.07 20.72 0.09
N ALA E 380 -3.05 21.25 -0.60
CA ALA E 380 -2.15 22.22 0.03
C ALA E 380 -2.93 23.43 0.57
N ASN E 381 -2.51 23.95 1.73
CA ASN E 381 -3.11 25.15 2.31
C ASN E 381 -2.03 26.14 2.76
N GLU E 382 -2.47 27.29 3.30
CA GLU E 382 -1.59 28.30 3.88
C GLU E 382 -0.61 27.81 4.98
N ASP E 383 -0.90 26.68 5.63
CA ASP E 383 -0.06 26.12 6.72
C ASP E 383 0.94 25.04 6.29
N GLY E 384 0.74 24.43 5.12
CA GLY E 384 1.65 23.39 4.62
C GLY E 384 1.12 22.71 3.37
N THR E 385 2.00 22.04 2.61
CA THR E 385 1.57 21.33 1.38
C THR E 385 1.09 19.87 1.65
N GLU E 386 1.68 19.21 2.66
CA GLU E 386 1.35 17.81 3.00
C GLU E 386 0.37 17.75 4.18
N ASN E 387 -0.90 17.40 3.89
CA ASN E 387 -2.01 17.50 4.88
C ASN E 387 -2.82 16.18 4.99
N PRO E 388 -2.28 15.21 5.75
CA PRO E 388 -2.97 13.92 5.87
C PRO E 388 -4.37 14.04 6.53
N ILE E 389 -5.35 13.35 5.92
CA ILE E 389 -6.70 13.19 6.48
C ILE E 389 -6.80 11.79 7.14
N TYR E 390 -7.20 11.75 8.40
CA TYR E 390 -7.26 10.51 9.18
C TYR E 390 -8.63 9.85 9.11
N LYS E 391 -8.66 8.56 9.45
CA LYS E 391 -9.88 7.77 9.46
C LYS E 391 -9.77 6.65 10.47
N THR E 392 -10.87 6.37 11.16
CA THR E 392 -10.91 5.32 12.17
C THR E 392 -11.51 4.07 11.56
N ILE E 393 -10.76 2.98 11.69
CA ILE E 393 -11.18 1.66 11.24
C ILE E 393 -11.72 0.91 12.47
N PRO E 394 -13.03 0.53 12.45
CA PRO E 394 -13.59 -0.11 13.63
C PRO E 394 -12.93 -1.48 13.93
N ALA E 395 -12.96 -1.88 15.19
CA ALA E 395 -12.57 -3.24 15.56
C ALA E 395 -13.44 -4.25 14.79
N GLY E 396 -12.92 -5.45 14.60
CA GLY E 396 -13.63 -6.47 13.85
C GLY E 396 -12.94 -7.80 13.90
N ASP E 397 -13.51 -8.77 13.20
CA ASP E 397 -12.90 -10.10 13.08
C ASP E 397 -13.36 -10.82 11.79
N HIS E 398 -12.65 -11.90 11.43
CA HIS E 398 -12.96 -12.68 10.23
C HIS E 398 -12.83 -14.16 10.52
N TYR E 399 -13.70 -14.95 9.90
CA TYR E 399 -13.54 -16.40 9.81
C TYR E 399 -13.06 -16.71 8.40
N SER E 400 -12.01 -17.54 8.30
CA SER E 400 -11.32 -17.79 7.03
C SER E 400 -10.91 -19.26 6.89
N PHE E 401 -10.75 -19.68 5.63
CA PHE E 401 -10.20 -20.99 5.29
C PHE E 401 -8.78 -20.85 4.74
N ARG E 402 -8.01 -21.93 4.82
CA ARG E 402 -6.93 -22.18 3.85
C ARG E 402 -7.46 -23.17 2.84
N LEU E 403 -7.87 -22.68 1.67
CA LEU E 403 -8.63 -23.53 0.72
C LEU E 403 -7.85 -24.71 0.14
N GLU E 404 -6.53 -24.62 0.11
CA GLU E 404 -5.69 -25.67 -0.45
C GLU E 404 -5.75 -26.86 0.49
N GLU E 405 -5.58 -26.58 1.79
CA GLU E 405 -5.72 -27.60 2.83
C GLU E 405 -7.14 -28.18 2.93
N LEU E 406 -8.13 -27.30 2.84
CA LEU E 406 -9.53 -27.72 2.86
C LEU E 406 -9.84 -28.68 1.71
N ASN E 407 -9.37 -28.36 0.51
CA ASN E 407 -9.56 -29.25 -0.64
C ASN E 407 -8.97 -30.64 -0.39
N LEU E 408 -7.84 -30.72 0.28
CA LEU E 408 -7.20 -32.00 0.59
C LEU E 408 -7.96 -32.78 1.67
N PHE E 409 -8.54 -32.05 2.62
CA PHE E 409 -9.41 -32.65 3.63
C PHE E 409 -10.63 -33.28 2.96
N ILE E 410 -11.31 -32.50 2.13
CA ILE E 410 -12.44 -32.96 1.34
C ILE E 410 -12.09 -34.16 0.46
N ALA E 411 -10.91 -34.09 -0.15
CA ALA E 411 -10.41 -35.15 -1.04
C ALA E 411 -10.24 -36.48 -0.33
N LYS E 412 -9.76 -36.45 0.92
CA LYS E 412 -9.66 -37.68 1.72
C LYS E 412 -11.04 -38.28 2.05
N GLY E 413 -12.03 -37.41 2.25
CA GLY E 413 -13.42 -37.84 2.39
C GLY E 413 -13.87 -38.64 1.18
N PHE E 414 -13.58 -38.12 -0.03
CA PHE E 414 -13.91 -38.84 -1.28
C PHE E 414 -13.16 -40.16 -1.42
N GLU E 415 -11.91 -40.19 -0.97
CA GLU E 415 -11.10 -41.38 -1.05
C GLU E 415 -11.69 -42.52 -0.18
N ALA E 416 -12.08 -42.19 1.05
CA ALA E 416 -12.72 -43.15 1.98
C ALA E 416 -14.05 -43.71 1.46
N ARG E 417 -14.84 -42.84 0.83
CA ARG E 417 -16.11 -43.24 0.21
C ARG E 417 -15.91 -44.16 -0.99
N LEU E 418 -14.86 -43.89 -1.79
CA LEU E 418 -14.52 -44.72 -2.95
C LEU E 418 -13.98 -46.08 -2.53
N SER E 419 -13.16 -46.11 -1.47
CA SER E 419 -12.62 -47.37 -0.96
C SER E 419 -13.71 -48.28 -0.36
N ALA E 420 -14.71 -47.68 0.27
CA ALA E 420 -15.85 -48.40 0.85
C ALA E 420 -16.72 -49.06 -0.23
N ILE E 421 -16.89 -48.36 -1.36
CA ILE E 421 -17.62 -48.88 -2.53
C ILE E 421 -16.85 -50.01 -3.23
N GLU E 422 -15.56 -49.80 -3.45
CA GLU E 422 -14.72 -50.80 -4.08
C GLU E 422 -14.61 -52.11 -3.29
N ASP E 423 -14.64 -52.05 -1.96
CA ASP E 423 -14.67 -53.26 -1.12
C ASP E 423 -15.97 -54.01 -1.25
N LYS E 424 -17.08 -53.26 -1.30
CA LYS E 424 -18.41 -53.86 -1.41
C LYS E 424 -18.66 -54.52 -2.77
N LEU E 425 -17.90 -54.15 -3.79
CA LEU E 425 -17.99 -54.78 -5.12
C LEU E 425 -16.79 -55.66 -5.42
N GLY E 426 -16.06 -56.09 -4.38
CA GLY E 426 -14.89 -56.95 -4.52
C GLY E 426 -13.95 -56.51 -5.65
N MET E 427 -13.63 -55.22 -5.65
CA MET E 427 -12.87 -54.57 -6.73
C MET E 427 -11.36 -54.60 -6.46
N CYS F 20 50.15 43.98 -1.33
CA CYS F 20 50.27 42.74 -0.51
C CYS F 20 49.16 42.67 0.59
N SER F 21 49.47 43.03 1.84
CA SER F 21 48.59 42.74 3.00
C SER F 21 47.99 43.99 3.65
N PHE F 22 46.67 44.04 3.76
CA PHE F 22 45.95 45.16 4.39
CA PHE F 22 45.99 45.17 4.35
C PHE F 22 45.20 44.67 5.59
N GLY F 23 45.22 45.41 6.68
CA GLY F 23 44.66 44.88 7.88
C GLY F 23 44.11 45.87 8.86
N ILE F 24 43.11 45.43 9.61
CA ILE F 24 42.54 46.22 10.67
C ILE F 24 42.76 45.47 11.95
N GLU F 25 43.29 46.18 12.93
CA GLU F 25 43.75 45.57 14.17
C GLU F 25 43.09 46.26 15.34
N ASN F 26 42.65 45.46 16.28
CA ASN F 26 42.15 45.93 17.54
C ASN F 26 42.95 45.20 18.60
N THR F 27 43.77 45.95 19.31
CA THR F 27 44.69 45.42 20.31
C THR F 27 44.02 45.27 21.69
N ALA F 28 42.88 45.93 21.88
CA ALA F 28 42.21 46.04 23.18
C ALA F 28 41.28 44.86 23.53
N GLY F 29 41.02 43.95 22.59
CA GLY F 29 40.09 42.85 22.85
C GLY F 29 38.73 43.00 22.21
N GLY F 30 38.50 44.12 21.54
CA GLY F 30 37.28 44.34 20.76
C GLY F 30 37.41 43.80 19.33
N SER F 31 36.34 43.99 18.56
CA SER F 31 36.22 43.44 17.21
C SER F 31 36.87 44.30 16.13
N ALA F 32 37.37 43.66 15.09
CA ALA F 32 37.99 44.34 13.95
C ALA F 32 37.11 44.08 12.73
N VAL F 33 36.25 45.05 12.40
CA VAL F 33 35.18 44.84 11.43
C VAL F 33 35.15 45.88 10.31
N PHE F 34 34.86 45.47 9.06
CA PHE F 34 34.68 46.39 7.96
C PHE F 34 33.18 46.60 7.73
N HIS F 35 32.77 47.83 7.38
CA HIS F 35 31.38 48.15 7.08
C HIS F 35 31.21 48.86 5.74
N ASN F 36 30.07 48.60 5.08
CA ASN F 36 29.71 49.26 3.84
C ASN F 36 28.52 50.11 4.19
N TYR F 37 28.60 51.40 3.87
CA TYR F 37 27.52 52.36 4.17
C TYR F 37 26.99 52.89 2.87
N THR F 38 25.69 52.75 2.67
CA THR F 38 25.06 53.07 1.38
C THR F 38 23.75 53.78 1.67
N ARG F 39 23.35 54.69 0.77
CA ARG F 39 22.06 55.39 0.88
C ARG F 39 21.25 55.26 -0.38
N GLY F 40 19.98 55.63 -0.29
CA GLY F 40 19.15 55.83 -1.47
C GLY F 40 19.54 57.14 -2.15
N ALA F 41 18.91 57.42 -3.28
CA ALA F 41 19.10 58.70 -3.96
C ALA F 41 18.62 59.87 -3.09
N SER F 42 19.39 60.96 -3.07
CA SER F 42 19.03 62.19 -2.33
C SER F 42 18.75 61.93 -0.86
N ASN F 43 19.59 61.13 -0.23
CA ASN F 43 19.44 60.80 1.19
C ASN F 43 18.18 60.03 1.58
N SER F 44 17.48 59.46 0.60
CA SER F 44 16.34 58.62 0.92
C SER F 44 16.84 57.25 1.44
N VAL F 45 15.91 56.48 1.98
CA VAL F 45 16.18 55.16 2.47
C VAL F 45 16.75 54.27 1.36
N THR F 46 17.56 53.30 1.75
CA THR F 46 18.06 52.28 0.80
C THR F 46 16.85 51.45 0.33
N LYS F 47 16.95 50.94 -0.89
CA LYS F 47 15.80 50.29 -1.54
C LYS F 47 15.93 48.77 -1.60
N ASN F 48 14.81 48.12 -1.86
CA ASN F 48 14.75 46.70 -2.16
C ASN F 48 15.73 46.35 -3.27
N ASN F 49 16.50 45.30 -3.03
CA ASN F 49 17.54 44.80 -3.95
C ASN F 49 18.66 45.78 -4.32
N GLN F 50 18.77 46.88 -3.59
CA GLN F 50 19.87 47.80 -3.79
C GLN F 50 21.14 47.14 -3.27
N LEU F 51 22.25 47.31 -3.98
CA LEU F 51 23.53 46.76 -3.52
C LEU F 51 24.03 47.61 -2.36
N LEU F 52 23.94 47.07 -1.16
CA LEU F 52 24.35 47.76 0.05
C LEU F 52 25.84 47.64 0.37
N GLY F 53 26.52 46.70 -0.27
CA GLY F 53 27.91 46.41 0.03
C GLY F 53 28.41 45.30 -0.85
N GLY F 54 29.72 45.26 -1.07
CA GLY F 54 30.30 44.29 -1.98
C GLY F 54 31.78 44.11 -1.74
N TYR F 55 32.26 42.92 -2.07
CA TYR F 55 33.67 42.56 -2.03
C TYR F 55 33.88 41.71 -3.25
N GLY F 56 34.93 41.99 -4.02
CA GLY F 56 35.08 41.33 -5.30
C GLY F 56 36.48 41.39 -5.85
N SER F 57 36.88 40.35 -6.56
CA SER F 57 38.14 40.30 -7.25
C SER F 57 37.99 40.77 -8.70
N ARG F 58 39.02 41.46 -9.20
CA ARG F 58 39.10 41.84 -10.60
C ARG F 58 40.44 41.40 -11.15
N PRO F 59 40.43 40.44 -12.08
CA PRO F 59 41.65 39.91 -12.61
C PRO F 59 42.27 40.82 -13.70
N TRP F 60 43.57 40.60 -13.95
CA TRP F 60 44.36 41.40 -14.87
C TRP F 60 44.38 40.73 -16.23
N LEU F 61 44.05 41.53 -17.25
CA LEU F 61 43.98 41.09 -18.64
C LEU F 61 45.28 41.28 -19.44
N GLY F 62 46.28 41.92 -18.84
CA GLY F 62 47.54 42.20 -19.54
C GLY F 62 47.93 43.68 -19.37
N SER F 63 46.97 44.58 -19.61
CA SER F 63 47.16 46.01 -19.37
C SER F 63 46.01 46.69 -18.62
N THR F 64 44.92 45.97 -18.37
CA THR F 64 43.82 46.48 -17.56
C THR F 64 43.23 45.38 -16.69
N TYR F 65 42.38 45.78 -15.76
CA TYR F 65 41.55 44.84 -15.00
C TYR F 65 40.16 44.71 -15.66
N THR F 66 39.41 43.68 -15.31
CA THR F 66 38.02 43.54 -15.76
C THR F 66 37.18 44.70 -15.22
N GLU F 67 36.11 45.05 -15.92
CA GLU F 67 35.27 46.19 -15.49
C GLU F 67 34.37 45.88 -14.32
N HIS F 68 34.09 44.59 -14.10
CA HIS F 68 33.32 44.15 -12.95
C HIS F 68 34.01 42.93 -12.35
N SER F 69 33.60 42.56 -11.13
CA SER F 69 34.26 41.47 -10.43
C SER F 69 33.87 40.13 -11.01
N ASN F 70 34.86 39.24 -11.12
CA ASN F 70 34.58 37.89 -11.64
C ASN F 70 34.10 36.94 -10.55
N ALA F 71 34.40 37.27 -9.31
CA ALA F 71 33.94 36.54 -8.13
C ALA F 71 33.67 37.59 -7.06
N ALA F 72 32.57 37.45 -6.31
CA ALA F 72 32.12 38.53 -5.45
C ALA F 72 31.15 38.08 -4.38
N LEU F 73 31.12 38.86 -3.31
CA LEU F 73 30.14 38.73 -2.27
C LEU F 73 29.34 40.01 -2.23
N HIS F 74 28.01 39.91 -2.32
CA HIS F 74 27.13 41.07 -2.33
C HIS F 74 26.18 41.03 -1.18
N PHE F 75 25.97 42.19 -0.56
CA PHE F 75 24.96 42.41 0.45
C PHE F 75 23.89 43.27 -0.19
N LEU F 76 22.62 42.85 -0.12
CA LEU F 76 21.54 43.54 -0.83
C LEU F 76 20.37 43.80 0.08
N GLY F 77 19.56 44.77 -0.27
CA GLY F 77 18.38 45.06 0.50
C GLY F 77 17.26 44.08 0.20
N ALA F 78 16.47 43.80 1.23
CA ALA F 78 15.23 43.02 1.11
C ALA F 78 14.10 43.95 1.57
N GLY F 79 13.42 44.54 0.59
CA GLY F 79 12.43 45.58 0.85
C GLY F 79 13.11 46.93 1.05
N ASP F 80 12.34 48.03 0.87
CA ASP F 80 12.84 49.38 1.15
C ASP F 80 13.06 49.51 2.65
N THR F 81 14.19 50.07 3.04
CA THR F 81 14.52 50.20 4.44
C THR F 81 13.56 51.18 5.13
N SER F 82 13.26 50.92 6.40
CA SER F 82 12.35 51.75 7.17
C SER F 82 12.56 51.47 8.64
N ALA F 83 11.74 52.06 9.51
CA ALA F 83 11.90 51.87 10.94
C ALA F 83 11.51 50.45 11.36
N THR F 84 10.66 49.82 10.56
CA THR F 84 10.22 48.44 10.79
C THR F 84 10.85 47.38 9.87
N ASN F 85 11.56 47.79 8.81
CA ASN F 85 12.26 46.87 7.92
C ASN F 85 13.74 47.19 7.75
N HIS F 86 14.61 46.31 8.24
CA HIS F 86 16.05 46.39 7.94
C HIS F 86 16.48 45.19 7.09
N GLY F 87 15.56 44.67 6.27
CA GLY F 87 15.77 43.46 5.53
C GLY F 87 17.04 43.52 4.69
N GLY F 88 17.77 42.41 4.69
CA GLY F 88 18.96 42.27 3.86
C GLY F 88 19.28 40.81 3.58
N TRP F 89 19.86 40.57 2.41
CA TRP F 89 20.22 39.23 1.96
C TRP F 89 21.58 39.23 1.27
N ILE F 90 22.07 38.05 0.92
CA ILE F 90 23.43 37.84 0.46
C ILE F 90 23.46 36.99 -0.79
N ARG F 91 24.34 37.32 -1.72
CA ARG F 91 24.65 36.37 -2.77
C ARG F 91 26.13 36.37 -3.09
N LEU F 92 26.57 35.24 -3.65
CA LEU F 92 27.93 35.04 -4.08
C LEU F 92 27.86 34.78 -5.56
N LEU F 93 28.75 35.43 -6.30
CA LEU F 93 28.80 35.39 -7.75
C LEU F 93 30.11 34.75 -8.23
N VAL F 94 30.02 33.96 -9.29
CA VAL F 94 31.18 33.31 -9.89
C VAL F 94 31.08 33.46 -11.41
N THR F 95 32.18 33.20 -12.10
CA THR F 95 32.23 33.35 -13.54
C THR F 95 32.74 32.07 -14.16
N PRO F 96 31.94 31.43 -15.01
CA PRO F 96 32.41 30.12 -15.54
C PRO F 96 33.66 30.26 -16.36
N LYS F 97 34.55 29.31 -16.25
CA LYS F 97 35.69 29.24 -17.17
C LYS F 97 35.17 29.25 -18.60
N GLY F 98 35.80 30.06 -19.45
CA GLY F 98 35.41 30.18 -20.84
C GLY F 98 34.39 31.28 -21.09
N LYS F 99 34.04 32.03 -20.06
CA LYS F 99 33.09 33.11 -20.19
C LYS F 99 33.61 34.39 -19.54
N THR F 100 33.03 35.52 -19.95
CA THR F 100 33.40 36.83 -19.44
C THR F 100 32.46 37.22 -18.34
N ILE F 101 32.77 38.32 -17.67
CA ILE F 101 31.96 38.82 -16.53
C ILE F 101 30.56 39.27 -16.96
N SER F 102 30.30 39.34 -18.26
CA SER F 102 28.92 39.56 -18.74
C SER F 102 28.04 38.38 -18.40
N ASP F 103 28.65 37.19 -18.27
CA ASP F 103 27.91 35.96 -18.04
C ASP F 103 28.23 35.35 -16.67
N ARG F 104 28.42 36.20 -15.67
CA ARG F 104 28.65 35.71 -14.35
C ARG F 104 27.33 35.35 -13.68
N VAL F 105 27.42 34.46 -12.69
CA VAL F 105 26.29 33.71 -12.17
C VAL F 105 26.17 33.93 -10.68
N PRO F 106 25.02 34.47 -10.22
CA PRO F 106 24.78 34.55 -8.77
C PRO F 106 24.31 33.21 -8.24
N ALA F 107 25.26 32.28 -8.14
CA ALA F 107 24.94 30.86 -7.96
C ALA F 107 24.52 30.49 -6.57
N PHE F 108 24.85 31.32 -5.60
CA PHE F 108 24.56 31.09 -4.21
C PHE F 108 23.74 32.30 -3.75
N ARG F 109 22.53 32.08 -3.26
CA ARG F 109 21.70 33.16 -2.76
C ARG F 109 21.17 32.78 -1.41
N LEU F 110 21.58 33.52 -0.38
CA LEU F 110 21.10 33.29 0.92
C LEU F 110 20.00 34.32 1.13
N SER F 111 18.76 33.85 1.11
CA SER F 111 17.60 34.68 1.19
C SER F 111 17.51 35.37 2.53
N ASP F 112 16.72 36.44 2.58
CA ASP F 112 16.46 37.14 3.84
C ASP F 112 15.69 36.26 4.83
N ASN F 113 14.94 35.30 4.33
CA ASN F 113 14.25 34.33 5.19
C ASN F 113 15.17 33.24 5.73
N GLY F 114 16.42 33.20 5.25
CA GLY F 114 17.41 32.22 5.70
C GLY F 114 17.59 30.97 4.84
N ASP F 115 16.76 30.82 3.81
CA ASP F 115 16.94 29.75 2.84
C ASP F 115 18.17 29.94 1.98
N LEU F 116 18.72 28.83 1.52
CA LEU F 116 19.80 28.86 0.59
C LEU F 116 19.30 28.35 -0.75
N TRP F 117 19.52 29.17 -1.77
CA TRP F 117 19.24 28.83 -3.16
C TRP F 117 20.54 28.57 -3.87
N LEU F 118 20.62 27.43 -4.52
CA LEU F 118 21.72 27.09 -5.39
C LEU F 118 21.23 27.12 -6.81
N VAL F 119 21.82 28.01 -7.61
CA VAL F 119 21.38 28.25 -8.95
C VAL F 119 22.59 28.28 -9.88
N PRO F 120 23.06 27.08 -10.29
CA PRO F 120 24.26 27.01 -11.14
C PRO F 120 24.09 27.60 -12.53
N ASP F 121 25.19 27.65 -13.26
CA ASP F 121 25.20 28.17 -14.62
C ASP F 121 24.14 27.45 -15.49
N GLY F 122 23.35 28.24 -16.22
CA GLY F 122 22.35 27.70 -17.14
C GLY F 122 20.96 27.56 -16.55
N ALA F 123 20.82 27.75 -15.25
CA ALA F 123 19.55 27.49 -14.58
C ALA F 123 18.55 28.66 -14.72
N MET F 124 19.00 29.89 -14.45
CA MET F 124 18.15 31.07 -14.54
C MET F 124 18.77 32.17 -15.41
N HIS F 125 17.93 32.84 -16.20
CA HIS F 125 18.38 33.98 -17.01
C HIS F 125 18.87 35.06 -16.04
N SER F 126 19.78 35.90 -16.51
CA SER F 126 20.34 37.01 -15.69
C SER F 126 19.28 38.00 -15.20
N ASP F 127 18.16 38.09 -15.91
CA ASP F 127 17.00 38.90 -15.45
C ASP F 127 16.47 38.45 -14.10
N LEU F 128 16.73 37.20 -13.74
CA LEU F 128 16.25 36.67 -12.49
C LEU F 128 17.34 36.61 -11.41
N GLY F 129 18.46 37.31 -11.61
CA GLY F 129 19.55 37.36 -10.62
C GLY F 129 19.19 37.87 -9.23
N LEU F 130 18.09 38.60 -9.10
CA LEU F 130 17.65 39.12 -7.79
C LEU F 130 16.55 38.27 -7.13
N VAL F 131 16.16 37.19 -7.78
CA VAL F 131 15.21 36.25 -7.16
C VAL F 131 15.88 35.60 -5.94
N ARG F 132 15.19 35.64 -4.81
CA ARG F 132 15.72 35.16 -3.55
C ARG F 132 14.70 34.33 -2.74
N SER F 133 13.59 33.94 -3.37
CA SER F 133 12.50 33.23 -2.69
C SER F 133 11.47 32.77 -3.71
N ILE F 134 10.59 31.88 -3.26
CA ILE F 134 9.46 31.44 -4.07
C ILE F 134 8.51 32.60 -4.33
N GLU F 135 8.31 33.46 -3.34
CA GLU F 135 7.48 34.64 -3.53
C GLU F 135 8.03 35.55 -4.65
N THR F 136 9.33 35.85 -4.61
CA THR F 136 9.94 36.74 -5.61
C THR F 136 10.06 36.03 -6.96
N LEU F 137 10.24 34.71 -6.95
CA LEU F 137 10.21 33.93 -8.19
C LEU F 137 8.82 33.89 -8.84
N ASN F 138 7.78 33.67 -8.05
CA ASN F 138 6.40 33.73 -8.56
C ASN F 138 6.11 35.09 -9.21
N ALA F 139 6.59 36.17 -8.61
CA ALA F 139 6.32 37.52 -9.13
C ALA F 139 7.04 37.73 -10.46
N ALA F 140 8.27 37.24 -10.57
CA ALA F 140 9.06 37.38 -11.77
C ALA F 140 8.60 36.49 -12.93
N VAL F 141 8.03 35.33 -12.58
CA VAL F 141 7.54 34.35 -13.54
C VAL F 141 6.09 34.04 -13.17
N PRO F 142 5.13 34.82 -13.72
CA PRO F 142 3.75 34.75 -13.21
C PRO F 142 3.08 33.39 -13.32
N ARG F 143 3.46 32.59 -14.32
CA ARG F 143 2.90 31.23 -14.45
C ARG F 143 3.47 30.15 -13.50
N PHE F 144 4.56 30.45 -12.81
CA PHE F 144 5.25 29.49 -11.95
C PHE F 144 4.35 28.98 -10.80
N ASN F 145 3.83 29.91 -10.00
CA ASN F 145 2.88 29.56 -8.92
C ASN F 145 3.28 28.37 -8.05
N ALA F 146 4.46 28.44 -7.44
CA ALA F 146 4.85 27.47 -6.44
C ALA F 146 4.36 27.94 -5.08
N PRO F 147 4.25 27.00 -4.11
CA PRO F 147 3.69 27.41 -2.81
C PRO F 147 4.72 28.18 -1.97
N SER F 148 4.41 29.41 -1.60
CA SER F 148 5.30 30.23 -0.81
C SER F 148 5.44 29.74 0.63
N ILE F 149 4.53 28.89 1.11
CA ILE F 149 4.71 28.23 2.41
C ILE F 149 6.02 27.40 2.46
N GLN F 150 6.58 27.06 1.29
CA GLN F 150 7.89 26.38 1.23
C GLN F 150 9.11 27.30 1.49
N ASP F 151 8.92 28.61 1.49
CA ASP F 151 9.97 29.56 1.88
C ASP F 151 10.31 29.46 3.36
N GLY F 152 11.61 29.54 3.66
CA GLY F 152 12.11 29.45 5.04
C GLY F 152 12.28 28.04 5.59
N ARG F 153 12.31 27.05 4.71
CA ARG F 153 12.39 25.62 5.08
CA ARG F 153 12.39 25.64 5.08
C ARG F 153 13.76 24.99 4.83
N GLY F 154 14.62 25.65 4.06
CA GLY F 154 15.98 25.15 3.87
C GLY F 154 16.56 25.39 2.50
N LEU F 155 16.90 24.29 1.80
CA LEU F 155 17.69 24.36 0.58
C LEU F 155 16.83 24.19 -0.67
N LYS F 156 17.06 25.03 -1.66
CA LYS F 156 16.42 24.92 -2.97
C LYS F 156 17.50 24.88 -4.01
N ILE F 157 17.45 23.90 -4.90
CA ILE F 157 18.41 23.77 -6.02
C ILE F 157 17.65 23.84 -7.32
N VAL F 158 18.05 24.74 -8.20
CA VAL F 158 17.43 24.93 -9.49
C VAL F 158 18.50 24.66 -10.50
N ALA F 159 18.23 23.75 -11.41
CA ALA F 159 19.17 23.45 -12.47
C ALA F 159 18.38 23.03 -13.68
N PRO F 160 18.93 23.28 -14.88
CA PRO F 160 18.23 22.80 -16.07
C PRO F 160 18.15 21.26 -16.07
N GLN F 161 16.92 20.77 -16.08
CA GLN F 161 16.58 19.34 -16.21
C GLN F 161 16.85 18.47 -14.98
N ALA F 162 18.12 18.43 -14.54
CA ALA F 162 18.56 17.45 -13.56
C ALA F 162 19.29 18.05 -12.37
N PRO F 163 18.60 18.86 -11.55
CA PRO F 163 19.22 19.25 -10.30
C PRO F 163 19.51 18.01 -9.45
N GLU F 164 20.63 18.04 -8.75
CA GLU F 164 21.17 16.83 -8.19
C GLU F 164 21.94 17.10 -6.90
N ILE F 165 21.88 16.13 -6.00
CA ILE F 165 22.78 16.05 -4.86
C ILE F 165 23.59 14.78 -4.94
N ASP F 166 24.94 14.91 -4.93
CA ASP F 166 25.86 13.76 -4.98
C ASP F 166 26.52 13.57 -3.63
N LEU F 167 26.52 12.34 -3.13
CA LEU F 167 27.14 12.02 -1.88
C LEU F 167 28.27 11.04 -2.17
N ILE F 168 29.51 11.55 -2.20
CA ILE F 168 30.67 10.80 -2.58
C ILE F 168 31.31 10.23 -1.34
N ALA F 169 31.44 8.91 -1.30
CA ALA F 169 31.66 8.20 -0.03
C ALA F 169 32.79 7.16 -0.17
N PRO F 170 34.06 7.59 -0.11
CA PRO F 170 35.17 6.65 -0.15
C PRO F 170 35.20 5.81 1.13
N ARG F 171 35.32 4.49 0.96
CA ARG F 171 35.26 3.54 2.05
C ARG F 171 36.33 3.75 3.12
N GLY F 172 37.55 4.09 2.70
CA GLY F 172 38.69 4.09 3.59
C GLY F 172 38.83 2.71 4.22
N SER F 173 38.86 2.65 5.54
CA SER F 173 38.98 1.39 6.26
C SER F 173 37.65 0.92 6.85
N GLY F 174 36.56 1.61 6.53
CA GLY F 174 35.25 1.29 7.08
C GLY F 174 34.31 0.78 5.99
N ALA F 175 33.19 1.47 5.82
CA ALA F 175 32.18 1.13 4.80
C ALA F 175 31.72 2.40 4.06
N SER F 176 31.45 2.32 2.76
CA SER F 176 30.76 3.42 2.07
C SER F 176 29.30 3.38 2.45
N ALA F 177 28.87 4.37 3.23
CA ALA F 177 27.55 4.40 3.83
C ALA F 177 26.98 5.82 3.86
N PRO F 178 26.85 6.47 2.70
CA PRO F 178 26.14 7.73 2.72
C PRO F 178 24.72 7.60 3.26
N ALA F 179 24.14 8.70 3.70
CA ALA F 179 22.85 8.66 4.36
C ALA F 179 22.13 10.00 4.26
N ILE F 180 20.81 9.92 4.18
CA ILE F 180 19.95 11.06 4.33
C ILE F 180 19.05 10.75 5.50
N ARG F 181 19.10 11.60 6.51
CA ARG F 181 18.58 11.29 7.77
C ARG F 181 17.67 12.39 8.27
N ALA F 182 16.38 12.09 8.39
CA ALA F 182 15.45 12.95 9.12
C ALA F 182 15.70 12.75 10.59
N MET F 183 15.51 13.81 11.37
CA MET F 183 15.65 13.73 12.81
C MET F 183 14.44 14.39 13.46
N TRP F 184 13.51 13.53 13.88
CA TRP F 184 12.24 13.95 14.46
C TRP F 184 12.40 14.24 15.94
N CYS F 185 11.68 15.24 16.44
CA CYS F 185 11.52 15.43 17.86
C CYS F 185 10.30 16.29 18.15
N ASP F 186 9.86 16.25 19.41
CA ASP F 186 8.84 17.15 19.91
C ASP F 186 9.56 18.40 20.39
N GLY F 187 8.88 19.53 20.37
CA GLY F 187 9.45 20.73 20.94
C GLY F 187 9.92 21.75 19.93
N SER F 188 10.86 22.59 20.37
CA SER F 188 11.24 23.80 19.63
C SER F 188 12.58 24.29 20.12
N LEU F 189 13.41 24.76 19.17
CA LEU F 189 14.66 25.42 19.48
C LEU F 189 14.52 26.92 19.36
N ALA F 190 13.30 27.39 19.07
CA ALA F 190 13.05 28.78 18.66
C ALA F 190 12.73 29.75 19.76
N ASP F 191 12.37 29.23 20.93
CA ASP F 191 11.98 30.07 22.07
C ASP F 191 13.10 30.15 23.12
N THR F 192 12.88 30.92 24.18
CA THR F 192 13.91 31.29 25.16
C THR F 192 14.27 30.13 26.08
N THR F 193 13.25 29.36 26.42
CA THR F 193 13.33 28.19 27.27
C THR F 193 12.92 27.00 26.41
N ARG F 194 13.94 26.30 25.93
CA ARG F 194 13.81 25.22 24.92
C ARG F 194 13.35 23.91 25.53
N TYR F 195 12.34 23.27 24.90
CA TYR F 195 11.78 21.98 25.34
C TYR F 195 12.05 21.05 24.13
N ILE F 196 12.63 19.88 24.40
CA ILE F 196 12.86 18.84 23.39
C ILE F 196 12.39 17.52 23.97
N GLY F 197 11.58 16.81 23.20
CA GLY F 197 11.00 15.57 23.71
C GLY F 197 10.80 14.52 22.65
N ALA F 198 10.13 13.45 23.06
CA ALA F 198 9.99 12.26 22.25
C ALA F 198 9.18 12.52 20.98
N THR F 199 9.63 11.88 19.91
CA THR F 199 8.94 11.85 18.64
C THR F 199 7.46 11.55 18.85
N GLN F 200 6.61 12.38 18.25
CA GLN F 200 5.15 12.30 18.40
C GLN F 200 4.49 11.51 17.26
N PRO F 201 3.24 11.06 17.48
CA PRO F 201 2.45 10.47 16.40
C PRO F 201 2.32 11.48 15.27
N GLY F 202 2.26 10.98 14.04
CA GLY F 202 2.16 11.87 12.87
C GLY F 202 3.49 12.42 12.38
N SER F 203 4.62 11.97 12.94
CA SER F 203 5.93 12.35 12.45
C SER F 203 6.15 11.58 11.15
N THR F 204 6.53 12.29 10.11
CA THR F 204 6.73 11.66 8.79
C THR F 204 7.98 12.22 8.12
N PHE F 205 8.48 11.50 7.11
CA PHE F 205 9.61 11.94 6.29
C PHE F 205 9.28 11.57 4.86
N TYR F 206 8.95 12.55 4.04
CA TYR F 206 8.50 12.29 2.68
C TYR F 206 9.64 12.53 1.72
N ILE F 207 9.85 11.56 0.84
CA ILE F 207 10.72 11.69 -0.28
C ILE F 207 9.83 11.51 -1.50
N GLY F 208 9.55 12.60 -2.22
CA GLY F 208 8.55 12.57 -3.26
C GLY F 208 8.65 13.70 -4.24
N ALA F 209 7.65 13.78 -5.11
CA ALA F 209 7.63 14.72 -6.22
C ALA F 209 6.33 15.49 -6.28
N SER F 210 6.46 16.81 -6.24
CA SER F 210 5.45 17.77 -6.68
C SER F 210 5.74 18.12 -8.12
N GLY F 211 4.81 18.78 -8.76
CA GLY F 211 4.95 19.14 -10.16
C GLY F 211 3.92 20.19 -10.53
N HIS F 212 4.20 20.90 -11.61
CA HIS F 212 3.27 21.85 -12.19
C HIS F 212 2.17 21.05 -12.92
N ASP F 213 0.92 21.47 -12.74
CA ASP F 213 -0.24 20.78 -13.33
C ASP F 213 -0.85 21.55 -14.50
N GLY F 214 -0.12 22.54 -15.01
CA GLY F 214 -0.65 23.48 -15.99
C GLY F 214 -1.02 24.84 -15.39
N GLU F 215 -1.35 24.88 -14.10
CA GLU F 215 -1.67 26.12 -13.40
C GLU F 215 -0.72 26.46 -12.24
N LYS F 216 -0.28 25.44 -11.48
CA LYS F 216 0.56 25.66 -10.32
C LYS F 216 1.23 24.37 -9.83
N PHE F 217 2.19 24.53 -8.92
CA PHE F 217 2.72 23.41 -8.13
C PHE F 217 1.84 23.29 -6.89
N ASP F 218 1.78 22.11 -6.29
CA ASP F 218 1.01 21.92 -5.08
C ASP F 218 1.67 20.84 -4.20
N SER F 219 0.86 19.98 -3.60
CA SER F 219 1.40 18.91 -2.78
C SER F 219 2.08 17.84 -3.62
N MET F 220 2.82 16.97 -2.95
CA MET F 220 3.43 15.82 -3.61
C MET F 220 2.33 14.91 -4.10
N ARG F 221 2.54 14.32 -5.25
CA ARG F 221 1.59 13.37 -5.80
C ARG F 221 2.12 11.93 -5.93
N GLY F 222 3.39 11.72 -5.58
CA GLY F 222 3.96 10.39 -5.48
C GLY F 222 5.08 10.46 -4.47
N SER F 223 5.22 9.43 -3.63
CA SER F 223 6.25 9.47 -2.61
C SER F 223 6.52 8.16 -1.91
N VAL F 224 7.70 8.09 -1.29
CA VAL F 224 8.03 7.15 -0.24
C VAL F 224 7.98 7.93 1.08
N ALA F 225 7.42 7.33 2.13
CA ALA F 225 7.25 8.05 3.39
C ALA F 225 7.63 7.15 4.53
N ILE F 226 8.60 7.57 5.32
CA ILE F 226 8.94 6.92 6.57
C ILE F 226 8.15 7.64 7.65
N LYS F 227 7.42 6.88 8.48
CA LYS F 227 6.50 7.44 9.44
C LYS F 227 6.68 6.81 10.78
N SER F 228 6.50 7.57 11.85
CA SER F 228 6.40 6.99 13.18
C SER F 228 5.04 6.28 13.22
N ALA F 229 5.00 5.10 13.84
CA ALA F 229 3.76 4.33 14.00
C ALA F 229 3.36 4.42 15.45
N GLY F 230 2.85 5.58 15.85
CA GLY F 230 2.66 5.85 17.25
C GLY F 230 3.77 6.75 17.79
N GLY F 231 3.55 7.22 19.01
CA GLY F 231 4.54 7.98 19.73
C GLY F 231 5.65 7.06 20.19
N TRP F 232 6.79 7.68 20.46
CA TRP F 232 7.98 6.95 20.86
C TRP F 232 8.23 7.12 22.34
N GLY F 233 9.03 6.21 22.86
CA GLY F 233 9.52 6.29 24.21
C GLY F 233 10.86 5.61 24.24
N PRO F 234 11.56 5.67 25.37
CA PRO F 234 12.91 5.04 25.41
C PRO F 234 13.01 3.53 25.09
N THR F 235 11.91 2.78 25.24
CA THR F 235 11.89 1.34 24.95
C THR F 235 11.11 0.95 23.69
N SER F 236 10.58 1.94 22.97
CA SER F 236 9.69 1.72 21.84
C SER F 236 9.74 2.85 20.82
N THR F 237 10.29 2.55 19.65
CA THR F 237 10.40 3.54 18.57
C THR F 237 9.88 2.98 17.22
N PRO F 238 8.58 2.67 17.15
CA PRO F 238 8.02 1.98 15.99
C PRO F 238 7.93 2.88 14.76
N THR F 239 8.09 2.27 13.59
CA THR F 239 8.02 2.97 12.32
C THR F 239 7.33 2.14 11.26
N GLN F 240 7.02 2.81 10.16
CA GLN F 240 6.60 2.12 8.96
C GLN F 240 7.09 2.87 7.72
N VAL F 241 7.11 2.17 6.60
CA VAL F 241 7.51 2.74 5.31
C VAL F 241 6.36 2.55 4.35
N VAL F 242 5.91 3.63 3.71
CA VAL F 242 4.72 3.62 2.87
C VAL F 242 4.99 4.21 1.48
N LEU F 243 4.44 3.57 0.44
CA LEU F 243 4.54 4.06 -0.93
C LEU F 243 3.18 4.62 -1.33
N GLU F 244 3.20 5.82 -1.90
CA GLU F 244 1.99 6.56 -2.19
C GLU F 244 1.98 7.05 -3.64
N THR F 245 0.83 6.90 -4.30
CA THR F 245 0.69 7.34 -5.68
C THR F 245 -0.65 8.01 -5.90
N CYS F 246 -0.77 8.66 -7.05
CA CYS F 246 -1.97 9.40 -7.41
C CYS F 246 -2.50 8.82 -8.70
N GLU F 247 -3.80 8.62 -8.73
CA GLU F 247 -4.46 7.98 -9.87
C GLU F 247 -4.71 9.00 -10.97
N SER F 248 -4.64 8.52 -12.19
CA SER F 248 -5.17 9.20 -13.36
C SER F 248 -6.59 9.73 -13.12
N GLY F 249 -6.83 10.98 -13.52
CA GLY F 249 -8.13 11.63 -13.28
C GLY F 249 -8.32 12.09 -11.85
N SER F 250 -7.28 11.99 -11.02
CA SER F 250 -7.36 12.38 -9.62
C SER F 250 -6.17 13.33 -9.29
N ILE F 251 -6.31 14.10 -8.23
CA ILE F 251 -5.28 15.08 -7.82
C ILE F 251 -4.87 14.94 -6.36
N SER F 252 -5.11 13.77 -5.80
CA SER F 252 -4.85 13.52 -4.40
C SER F 252 -4.19 12.16 -4.26
N ARG F 253 -3.01 12.12 -3.65
CA ARG F 253 -2.29 10.86 -3.57
C ARG F 253 -2.78 10.08 -2.37
N LEU F 254 -2.66 8.77 -2.46
CA LEU F 254 -3.11 7.89 -1.41
C LEU F 254 -1.99 6.96 -1.02
N PRO F 255 -1.91 6.60 0.26
CA PRO F 255 -1.09 5.44 0.61
C PRO F 255 -1.62 4.18 -0.02
N ARG F 256 -0.73 3.40 -0.63
CA ARG F 256 -1.11 2.20 -1.39
C ARG F 256 -0.63 0.93 -0.70
N TRP F 257 0.68 0.81 -0.54
CA TRP F 257 1.33 -0.34 0.06
C TRP F 257 2.34 0.15 1.05
N GLY F 258 2.54 -0.61 2.12
CA GLY F 258 3.52 -0.24 3.13
C GLY F 258 4.08 -1.42 3.89
N VAL F 259 5.24 -1.23 4.52
CA VAL F 259 5.79 -2.19 5.45
C VAL F 259 5.50 -1.65 6.85
N ASP F 260 4.89 -2.48 7.67
CA ASP F 260 4.44 -2.07 8.99
C ASP F 260 5.55 -2.22 10.01
N HIS F 261 5.30 -1.71 11.21
CA HIS F 261 6.24 -1.82 12.32
C HIS F 261 6.60 -3.26 12.62
N ASN F 262 5.71 -4.20 12.33
CA ASN F 262 6.02 -5.62 12.55
C ASN F 262 6.57 -6.35 11.32
N GLY F 263 6.73 -5.64 10.22
CA GLY F 263 7.37 -6.21 9.03
C GLY F 263 6.41 -6.71 7.96
N THR F 264 5.13 -6.68 8.27
CA THR F 264 4.09 -7.07 7.31
C THR F 264 4.11 -6.12 6.12
N LEU F 265 4.09 -6.68 4.92
CA LEU F 265 3.88 -5.90 3.69
C LEU F 265 2.42 -5.98 3.40
N MET F 266 1.77 -4.83 3.36
CA MET F 266 0.33 -4.82 3.32
C MET F 266 -0.19 -3.70 2.44
N PRO F 267 -1.36 -3.91 1.83
CA PRO F 267 -2.03 -2.77 1.24
C PRO F 267 -2.53 -1.87 2.34
N MET F 268 -2.60 -0.58 2.06
CA MET F 268 -2.97 0.41 3.07
C MET F 268 -4.47 0.65 3.14
N ALA F 269 -5.25 -0.02 2.29
CA ALA F 269 -6.71 -0.11 2.44
C ALA F 269 -7.08 -1.56 2.23
N ASP F 270 -8.17 -1.96 2.87
CA ASP F 270 -8.64 -3.34 2.81
C ASP F 270 -9.39 -3.62 1.51
N ASN F 271 -9.14 -4.80 0.93
CA ASN F 271 -9.90 -5.26 -0.23
C ASN F 271 -9.99 -4.19 -1.31
N ARG F 272 -8.84 -3.67 -1.71
CA ARG F 272 -8.83 -2.61 -2.69
C ARG F 272 -7.73 -2.73 -3.72
N TYR F 273 -6.57 -3.22 -3.33
CA TYR F 273 -5.39 -3.24 -4.21
C TYR F 273 -4.93 -4.65 -4.52
N ASN F 274 -4.53 -4.87 -5.76
CA ASN F 274 -4.05 -6.19 -6.18
C ASN F 274 -2.52 -6.31 -6.17
N LEU F 275 -2.07 -7.56 -6.22
CA LEU F 275 -0.70 -7.88 -6.49
C LEU F 275 -0.64 -8.41 -7.92
N GLY F 276 0.02 -7.66 -8.80
CA GLY F 276 0.10 -8.00 -10.19
C GLY F 276 -1.14 -7.55 -10.91
N TRP F 277 -1.11 -7.70 -12.23
CA TRP F 277 -2.24 -7.43 -13.08
C TRP F 277 -2.05 -8.26 -14.34
N GLY F 278 -3.02 -8.19 -15.27
CA GLY F 278 -3.00 -9.06 -16.45
C GLY F 278 -1.72 -9.04 -17.27
N SER F 279 -1.16 -7.86 -17.49
CA SER F 279 0.08 -7.71 -18.24
C SER F 279 1.32 -7.56 -17.33
N GLY F 280 1.17 -7.88 -16.03
CA GLY F 280 2.25 -7.75 -15.07
C GLY F 280 2.02 -8.78 -13.97
N ARG F 281 2.12 -10.04 -14.37
CA ARG F 281 1.83 -11.15 -13.47
C ARG F 281 3.07 -11.59 -12.74
N VAL F 282 2.87 -11.89 -11.47
CA VAL F 282 3.91 -12.50 -10.67
C VAL F 282 4.20 -13.88 -11.27
N LYS F 283 5.46 -14.23 -11.38
CA LYS F 283 5.82 -15.52 -11.94
C LYS F 283 5.37 -16.60 -10.97
N GLN F 284 5.84 -16.57 -9.73
CA GLN F 284 5.24 -17.36 -8.66
C GLN F 284 5.53 -16.90 -7.26
N VAL F 285 4.74 -17.42 -6.34
CA VAL F 285 4.79 -17.09 -4.94
C VAL F 285 5.35 -18.28 -4.15
N TYR F 286 6.29 -18.00 -3.25
CA TYR F 286 6.80 -18.95 -2.28
C TYR F 286 6.22 -18.62 -0.94
N ALA F 287 5.29 -19.46 -0.47
CA ALA F 287 4.68 -19.29 0.82
C ALA F 287 4.90 -20.56 1.65
N VAL F 288 4.79 -20.41 2.97
CA VAL F 288 4.95 -21.52 3.90
C VAL F 288 3.56 -22.12 4.16
N ASN F 289 2.61 -21.25 4.52
CA ASN F 289 1.22 -21.63 4.74
C ASN F 289 0.35 -21.33 3.56
N GLY F 290 -0.82 -21.93 3.53
CA GLY F 290 -1.77 -21.66 2.47
C GLY F 290 -2.32 -20.26 2.59
N THR F 291 -2.62 -19.64 1.44
CA THR F 291 -3.36 -18.39 1.40
C THR F 291 -4.62 -18.49 2.25
N ILE F 292 -4.86 -17.44 3.03
CA ILE F 292 -6.04 -17.34 3.86
C ILE F 292 -7.07 -16.52 3.11
N ASN F 293 -8.21 -17.16 2.80
CA ASN F 293 -9.34 -16.49 2.18
C ASN F 293 -10.49 -16.42 3.14
N THR F 294 -11.02 -15.22 3.31
CA THR F 294 -12.16 -14.99 4.18
C THR F 294 -13.35 -15.75 3.59
N ALA F 295 -14.08 -16.45 4.45
CA ALA F 295 -15.30 -17.17 4.05
C ALA F 295 -16.30 -17.09 5.21
N ASP F 296 -16.77 -15.86 5.45
CA ASP F 296 -17.50 -15.47 6.64
C ASP F 296 -18.97 -15.35 6.30
N ALA F 297 -19.81 -16.15 6.97
CA ALA F 297 -21.26 -16.15 6.75
C ALA F 297 -21.91 -14.76 6.83
N ARG F 298 -21.36 -13.90 7.70
CA ARG F 298 -21.87 -12.56 7.95
C ARG F 298 -21.69 -11.59 6.77
N LEU F 299 -20.78 -11.91 5.83
CA LEU F 299 -20.53 -11.08 4.65
C LEU F 299 -21.17 -11.63 3.36
N LYS F 300 -21.77 -12.83 3.45
CA LYS F 300 -22.36 -13.51 2.31
C LYS F 300 -23.87 -13.64 2.43
N ASN F 301 -24.52 -13.77 1.29
CA ASN F 301 -25.89 -14.24 1.24
C ASN F 301 -25.92 -15.75 1.50
N ASP F 302 -27.11 -16.33 1.52
CA ASP F 302 -27.24 -17.75 1.82
C ASP F 302 -26.55 -18.57 0.73
N VAL F 303 -25.97 -19.69 1.15
CA VAL F 303 -25.34 -20.64 0.24
C VAL F 303 -26.42 -21.56 -0.34
N ARG F 304 -26.78 -21.36 -1.61
CA ARG F 304 -27.73 -22.26 -2.30
C ARG F 304 -27.04 -23.52 -2.83
N ALA F 305 -27.81 -24.59 -3.01
CA ALA F 305 -27.31 -25.84 -3.60
C ALA F 305 -27.11 -25.64 -5.11
N MET F 306 -26.30 -26.50 -5.71
CA MET F 306 -26.08 -26.46 -7.16
C MET F 306 -27.28 -27.02 -7.91
N SER F 307 -27.65 -26.35 -8.99
CA SER F 307 -28.65 -26.89 -9.91
C SER F 307 -28.11 -28.15 -10.58
N ASP F 308 -28.96 -28.86 -11.32
CA ASP F 308 -28.54 -30.07 -12.05
C ASP F 308 -27.61 -29.80 -13.23
N PRO F 309 -27.92 -28.77 -14.05
CA PRO F 309 -26.93 -28.37 -15.08
C PRO F 309 -25.52 -28.03 -14.52
N GLU F 310 -25.46 -27.36 -13.37
CA GLU F 310 -24.18 -27.00 -12.71
C GLU F 310 -23.42 -28.23 -12.26
N THR F 311 -24.12 -29.13 -11.61
CA THR F 311 -23.53 -30.42 -11.25
C THR F 311 -23.06 -31.19 -12.48
N GLU F 312 -23.84 -31.13 -13.57
CA GLU F 312 -23.48 -31.85 -14.79
C GLU F 312 -22.20 -31.30 -15.43
N ALA F 313 -22.08 -29.97 -15.46
CA ALA F 313 -20.88 -29.29 -15.96
C ALA F 313 -19.65 -29.61 -15.10
N ALA F 314 -19.83 -29.66 -13.77
CA ALA F 314 -18.77 -30.03 -12.83
C ALA F 314 -18.21 -31.41 -13.09
N LYS F 315 -19.07 -32.36 -13.45
CA LYS F 315 -18.63 -33.73 -13.75
C LYS F 315 -17.86 -33.81 -15.06
N ALA F 316 -18.35 -33.08 -16.07
CA ALA F 316 -17.74 -33.04 -17.39
C ALA F 316 -16.36 -32.36 -17.41
N ILE F 317 -16.22 -31.32 -16.58
CA ILE F 317 -14.97 -30.58 -16.46
C ILE F 317 -13.84 -31.41 -15.86
N ALA F 318 -14.16 -32.29 -14.92
CA ALA F 318 -13.18 -33.22 -14.36
C ALA F 318 -12.55 -34.13 -15.42
N LYS F 319 -13.30 -34.47 -16.47
CA LYS F 319 -12.82 -35.33 -17.57
C LYS F 319 -11.83 -34.62 -18.47
N GLU F 320 -11.81 -33.29 -18.41
CA GLU F 320 -10.89 -32.49 -19.22
C GLU F 320 -9.48 -32.38 -18.65
N ILE F 321 -9.28 -32.80 -17.40
CA ILE F 321 -7.99 -32.64 -16.73
C ILE F 321 -6.98 -33.58 -17.38
N GLY F 322 -5.91 -33.01 -17.92
CA GLY F 322 -4.80 -33.77 -18.48
C GLY F 322 -3.51 -33.00 -18.25
N PHE F 323 -2.57 -33.15 -19.17
CA PHE F 323 -1.27 -32.48 -19.06
C PHE F 323 -1.01 -31.59 -20.28
N TRP F 324 -0.42 -30.43 -20.04
CA TRP F 324 -0.08 -29.50 -21.10
C TRP F 324 1.28 -28.87 -20.87
N THR F 325 1.82 -28.28 -21.92
CA THR F 325 3.05 -27.50 -21.85
C THR F 325 2.77 -26.12 -22.46
N TRP F 326 3.64 -25.16 -22.16
CA TRP F 326 3.61 -23.84 -22.81
C TRP F 326 4.35 -23.94 -24.14
N LYS F 327 4.29 -22.87 -24.93
CA LYS F 327 4.90 -22.84 -26.26
C LYS F 327 6.34 -22.34 -26.28
N ILE F 335 10.52 -26.99 -19.32
CA ILE F 335 9.73 -27.74 -20.32
C ILE F 335 9.08 -28.97 -19.64
N ARG F 336 8.37 -28.62 -18.59
CA ARG F 336 7.67 -29.54 -17.70
C ARG F 336 6.17 -29.69 -18.08
N GLU F 337 5.59 -30.82 -17.65
CA GLU F 337 4.19 -31.15 -17.89
C GLU F 337 3.32 -30.60 -16.76
N HIS F 338 2.42 -29.68 -17.08
CA HIS F 338 1.55 -29.09 -16.07
C HIS F 338 0.18 -29.73 -16.13
N CYS F 339 -0.41 -29.93 -14.98
CA CYS F 339 -1.70 -30.57 -14.87
C CYS F 339 -2.85 -29.56 -14.86
N GLY F 340 -3.85 -29.79 -15.71
CA GLY F 340 -5.07 -28.97 -15.72
C GLY F 340 -5.77 -28.95 -17.05
N LEU F 341 -6.52 -27.87 -17.30
CA LEU F 341 -7.27 -27.67 -18.55
C LEU F 341 -7.30 -26.18 -18.92
N THR F 342 -7.92 -25.86 -20.06
CA THR F 342 -8.02 -24.47 -20.50
C THR F 342 -9.36 -23.89 -20.08
N VAL F 343 -9.38 -22.57 -19.93
CA VAL F 343 -10.61 -21.86 -19.57
C VAL F 343 -11.59 -21.90 -20.74
N GLN F 344 -11.06 -21.85 -21.95
CA GLN F 344 -11.90 -21.91 -23.15
C GLN F 344 -12.63 -23.23 -23.26
N ARG F 345 -11.97 -24.33 -22.90
CA ARG F 345 -12.63 -25.62 -22.85
C ARG F 345 -13.74 -25.63 -21.78
N ALA F 346 -13.43 -25.13 -20.60
CA ALA F 346 -14.40 -25.02 -19.52
C ALA F 346 -15.59 -24.15 -19.91
N ILE F 347 -15.33 -23.07 -20.64
CA ILE F 347 -16.40 -22.20 -21.14
C ILE F 347 -17.38 -22.97 -22.06
N GLU F 348 -16.87 -23.81 -22.96
CA GLU F 348 -17.68 -24.56 -23.92
C GLU F 348 -18.57 -25.54 -23.18
N ILE F 349 -17.99 -26.25 -22.23
CA ILE F 349 -18.74 -27.20 -21.38
C ILE F 349 -19.84 -26.50 -20.57
N MET F 350 -19.48 -25.37 -19.98
CA MET F 350 -20.41 -24.58 -19.18
C MET F 350 -21.64 -24.18 -20.05
N GLU F 351 -21.38 -23.71 -21.26
CA GLU F 351 -22.42 -23.26 -22.17
C GLU F 351 -23.26 -24.43 -22.70
N SER F 352 -22.64 -25.58 -22.88
CA SER F 352 -23.34 -26.77 -23.37
C SER F 352 -24.43 -27.25 -22.40
N PHE F 353 -24.37 -26.84 -21.13
CA PHE F 353 -25.47 -27.08 -20.17
C PHE F 353 -26.27 -25.79 -19.88
N GLY F 354 -26.18 -24.82 -20.78
CA GLY F 354 -27.01 -23.62 -20.72
C GLY F 354 -26.63 -22.62 -19.66
N LEU F 355 -25.37 -22.65 -19.20
CA LEU F 355 -24.88 -21.74 -18.18
C LEU F 355 -24.09 -20.62 -18.81
N ASP F 356 -24.21 -19.41 -18.25
CA ASP F 356 -23.34 -18.28 -18.58
C ASP F 356 -22.07 -18.42 -17.73
N PRO F 357 -20.94 -18.82 -18.34
CA PRO F 357 -19.71 -19.07 -17.56
C PRO F 357 -19.17 -17.84 -16.79
N PHE F 358 -19.44 -16.63 -17.26
CA PHE F 358 -18.91 -15.42 -16.65
C PHE F 358 -19.75 -14.91 -15.49
N LYS F 359 -20.78 -15.66 -15.11
CA LYS F 359 -21.51 -15.40 -13.87
C LYS F 359 -20.94 -16.20 -12.71
N TYR F 360 -19.87 -16.97 -12.97
CA TYR F 360 -19.22 -17.80 -11.97
C TYR F 360 -17.81 -17.28 -11.64
N GLY F 361 -17.48 -17.27 -10.35
CA GLY F 361 -16.25 -16.62 -9.88
C GLY F 361 -14.95 -17.30 -10.26
N PHE F 362 -15.01 -18.59 -10.62
CA PHE F 362 -13.80 -19.32 -10.96
C PHE F 362 -13.34 -19.15 -12.41
N ILE F 363 -14.09 -18.37 -13.20
CA ILE F 363 -13.73 -18.07 -14.56
C ILE F 363 -13.52 -16.57 -14.72
N CYS F 364 -12.32 -16.18 -15.16
CA CYS F 364 -11.94 -14.76 -15.24
C CYS F 364 -11.44 -14.34 -16.60
N TYR F 365 -11.71 -13.09 -16.94
CA TYR F 365 -11.23 -12.50 -18.18
C TYR F 365 -10.66 -11.09 -17.90
N ASP F 366 -9.44 -10.83 -18.34
CA ASP F 366 -8.76 -9.54 -18.16
C ASP F 366 -8.31 -9.05 -19.55
N LYS F 367 -8.37 -7.74 -19.74
CA LYS F 367 -8.00 -7.10 -20.98
C LYS F 367 -7.15 -5.87 -20.68
N TRP F 368 -6.23 -5.47 -21.58
CA TRP F 368 -5.50 -4.21 -21.38
C TRP F 368 -5.18 -3.54 -22.73
N ASP F 369 -5.04 -2.21 -22.69
CA ASP F 369 -4.68 -1.44 -23.88
C ASP F 369 -3.18 -1.54 -24.16
N GLU F 370 -2.80 -1.14 -25.36
CA GLU F 370 -1.38 -0.95 -25.67
C GLU F 370 -0.83 0.15 -24.76
N HIS F 371 0.39 -0.06 -24.26
CA HIS F 371 1.00 0.90 -23.34
C HIS F 371 2.52 0.81 -23.43
N THR F 372 3.16 1.89 -23.00
CA THR F 372 4.59 2.04 -23.12
C THR F 372 5.21 2.03 -21.73
N VAL F 373 6.32 1.32 -21.60
CA VAL F 373 7.01 1.16 -20.33
C VAL F 373 8.51 1.35 -20.50
N VAL F 374 9.19 1.74 -19.40
CA VAL F 374 10.65 1.64 -19.32
C VAL F 374 11.03 0.17 -19.23
N SER F 375 11.76 -0.33 -20.22
CA SER F 375 12.20 -1.71 -20.20
C SER F 375 13.60 -1.86 -19.62
N GLU F 376 14.47 -0.90 -19.92
CA GLU F 376 15.90 -0.98 -19.63
C GLU F 376 16.46 0.43 -19.38
N TYR F 377 17.67 0.51 -18.83
CA TYR F 377 18.41 1.76 -18.82
C TYR F 377 19.65 1.65 -19.70
N GLY F 378 19.75 2.56 -20.67
CA GLY F 378 20.95 2.68 -21.51
C GLY F 378 22.19 3.02 -20.67
N PRO F 379 23.38 2.94 -21.29
CA PRO F 379 24.58 3.38 -20.55
C PRO F 379 24.60 4.91 -20.40
N ALA F 380 25.37 5.41 -19.44
CA ALA F 380 25.63 6.86 -19.34
C ALA F 380 26.25 7.38 -20.65
N ASN F 381 25.85 8.59 -21.05
CA ASN F 381 26.42 9.25 -22.23
C ASN F 381 26.79 10.70 -21.92
N GLU F 382 27.33 11.38 -22.91
CA GLU F 382 27.64 12.82 -22.84
C GLU F 382 26.48 13.75 -22.44
N ASP F 383 25.22 13.30 -22.60
CA ASP F 383 24.02 14.12 -22.27
C ASP F 383 23.39 13.85 -20.90
N GLY F 384 23.69 12.70 -20.28
CA GLY F 384 23.15 12.37 -18.94
C GLY F 384 23.48 10.95 -18.54
N THR F 385 23.42 10.66 -17.23
CA THR F 385 23.76 9.31 -16.71
C THR F 385 22.55 8.35 -16.69
N GLU F 386 21.34 8.89 -16.48
CA GLU F 386 20.09 8.12 -16.43
C GLU F 386 19.34 8.18 -17.77
N ASN F 387 19.38 7.08 -18.53
CA ASN F 387 18.89 7.04 -19.94
C ASN F 387 17.91 5.89 -20.16
N PRO F 388 16.63 6.08 -19.76
CA PRO F 388 15.63 5.02 -19.93
C PRO F 388 15.37 4.67 -21.41
N ILE F 389 15.34 3.35 -21.69
CA ILE F 389 14.95 2.79 -22.99
C ILE F 389 13.48 2.33 -22.88
N TYR F 390 12.64 2.82 -23.80
CA TYR F 390 11.21 2.53 -23.78
C TYR F 390 10.85 1.32 -24.64
N LYS F 391 9.68 0.76 -24.36
CA LYS F 391 9.16 -0.38 -25.10
C LYS F 391 7.64 -0.38 -25.08
N THR F 392 7.05 -0.77 -26.21
CA THR F 392 5.60 -0.81 -26.34
C THR F 392 5.11 -2.23 -26.09
N ILE F 393 4.18 -2.34 -25.16
CA ILE F 393 3.50 -3.60 -24.84
C ILE F 393 2.15 -3.63 -25.59
N PRO F 394 1.95 -4.61 -26.49
CA PRO F 394 0.72 -4.60 -27.28
C PRO F 394 -0.51 -4.83 -26.42
N ALA F 395 -1.66 -4.33 -26.88
CA ALA F 395 -2.94 -4.68 -26.26
C ALA F 395 -3.11 -6.20 -26.27
N GLY F 396 -3.90 -6.69 -25.33
CA GLY F 396 -4.08 -8.13 -25.20
C GLY F 396 -5.14 -8.47 -24.17
N ASP F 397 -5.33 -9.77 -23.97
CA ASP F 397 -6.26 -10.26 -22.97
C ASP F 397 -5.90 -11.67 -22.51
N HIS F 398 -6.47 -12.10 -21.39
CA HIS F 398 -6.18 -13.42 -20.82
C HIS F 398 -7.46 -14.06 -20.31
N TYR F 399 -7.53 -15.37 -20.45
CA TYR F 399 -8.55 -16.18 -19.79
C TYR F 399 -7.87 -16.89 -18.65
N SER F 400 -8.49 -16.82 -17.47
CA SER F 400 -7.88 -17.32 -16.24
C SER F 400 -8.90 -18.04 -15.35
N PHE F 401 -8.40 -18.90 -14.50
CA PHE F 401 -9.16 -19.56 -13.45
C PHE F 401 -8.83 -18.97 -12.08
N ARG F 402 -9.74 -19.13 -11.12
CA ARG F 402 -9.38 -19.23 -9.70
C ARG F 402 -9.38 -20.71 -9.33
N LEU F 403 -8.21 -21.32 -9.25
CA LEU F 403 -8.10 -22.76 -9.14
C LEU F 403 -8.64 -23.35 -7.85
N GLU F 404 -8.67 -22.55 -6.79
CA GLU F 404 -9.15 -23.02 -5.49
C GLU F 404 -10.66 -23.23 -5.59
N GLU F 405 -11.34 -22.24 -6.14
CA GLU F 405 -12.78 -22.33 -6.42
C GLU F 405 -13.14 -23.45 -7.44
N LEU F 406 -12.33 -23.55 -8.50
CA LEU F 406 -12.52 -24.58 -9.51
C LEU F 406 -12.42 -25.96 -8.91
N ASN F 407 -11.43 -26.19 -8.07
CA ASN F 407 -11.27 -27.47 -7.38
C ASN F 407 -12.51 -27.84 -6.57
N LEU F 408 -13.14 -26.85 -5.94
CA LEU F 408 -14.35 -27.08 -5.14
C LEU F 408 -15.57 -27.37 -6.00
N PHE F 409 -15.62 -26.73 -7.17
CA PHE F 409 -16.66 -27.00 -8.18
C PHE F 409 -16.55 -28.46 -8.63
N ILE F 410 -15.36 -28.85 -9.05
CA ILE F 410 -15.05 -30.22 -9.44
C ILE F 410 -15.38 -31.21 -8.35
N ALA F 411 -15.03 -30.85 -7.11
CA ALA F 411 -15.26 -31.70 -5.95
C ALA F 411 -16.75 -31.99 -5.72
N LYS F 412 -17.60 -30.99 -5.91
CA LYS F 412 -19.04 -31.20 -5.80
C LYS F 412 -19.56 -32.16 -6.87
N GLY F 413 -18.95 -32.10 -8.06
CA GLY F 413 -19.23 -33.06 -9.13
C GLY F 413 -18.96 -34.49 -8.67
N PHE F 414 -17.81 -34.71 -8.03
CA PHE F 414 -17.47 -36.03 -7.46
C PHE F 414 -18.42 -36.46 -6.35
N GLU F 415 -18.88 -35.52 -5.53
CA GLU F 415 -19.80 -35.81 -4.44
C GLU F 415 -21.15 -36.32 -4.97
N ALA F 416 -21.70 -35.64 -5.98
CA ALA F 416 -22.96 -36.04 -6.62
C ALA F 416 -22.87 -37.43 -7.29
N ARG F 417 -21.72 -37.73 -7.91
CA ARG F 417 -21.48 -39.04 -8.54
C ARG F 417 -21.38 -40.16 -7.50
N LEU F 418 -20.76 -39.85 -6.36
CA LEU F 418 -20.66 -40.82 -5.27
C LEU F 418 -22.00 -41.07 -4.59
N SER F 419 -22.81 -40.03 -4.42
CA SER F 419 -24.15 -40.18 -3.81
C SER F 419 -25.12 -40.97 -4.71
N ALA F 420 -24.96 -40.83 -6.04
CA ALA F 420 -25.77 -41.57 -7.01
C ALA F 420 -25.44 -43.08 -7.00
N ILE F 421 -24.16 -43.39 -6.83
CA ILE F 421 -23.69 -44.78 -6.69
C ILE F 421 -24.16 -45.42 -5.36
N GLU F 422 -24.01 -44.67 -4.28
CA GLU F 422 -24.43 -45.14 -2.95
C GLU F 422 -25.94 -45.41 -2.83
N ASP F 423 -26.75 -44.63 -3.53
CA ASP F 423 -28.20 -44.88 -3.61
C ASP F 423 -28.55 -46.15 -4.41
N LYS F 424 -27.83 -46.36 -5.51
CA LYS F 424 -28.04 -47.56 -6.35
C LYS F 424 -27.60 -48.86 -5.68
N LEU F 425 -26.74 -48.79 -4.67
CA LEU F 425 -26.34 -49.98 -3.91
C LEU F 425 -26.95 -49.99 -2.51
N GLY F 426 -28.04 -49.24 -2.31
CA GLY F 426 -28.74 -49.17 -1.03
C GLY F 426 -27.83 -49.03 0.18
N MET F 427 -26.89 -48.08 0.13
CA MET F 427 -25.91 -47.89 1.26
C MET F 427 -25.77 -46.47 1.80
N CYS G 20 -48.02 -2.24 -63.28
CA CYS G 20 -46.53 -2.22 -63.42
C CYS G 20 -45.82 -2.31 -62.04
N SER G 21 -45.40 -1.19 -61.45
CA SER G 21 -44.49 -1.19 -60.27
C SER G 21 -45.13 -0.69 -58.97
N PHE G 22 -45.05 -1.48 -57.92
CA PHE G 22 -45.57 -1.10 -56.59
CA PHE G 22 -45.58 -1.10 -56.64
C PHE G 22 -44.42 -1.03 -55.63
N GLY G 23 -44.41 -0.02 -54.77
CA GLY G 23 -43.26 0.18 -53.94
C GLY G 23 -43.49 0.84 -52.62
N ILE G 24 -42.63 0.50 -51.67
CA ILE G 24 -42.62 1.13 -50.37
C ILE G 24 -41.30 1.82 -50.22
N GLU G 25 -41.36 3.09 -49.82
CA GLU G 25 -40.20 3.97 -49.77
C GLU G 25 -40.06 4.54 -48.38
N ASN G 26 -38.82 4.55 -47.89
CA ASN G 26 -38.47 5.20 -46.67
C ASN G 26 -37.32 6.13 -47.03
N THR G 27 -37.61 7.42 -46.96
CA THR G 27 -36.66 8.48 -47.36
C THR G 27 -35.70 8.85 -46.23
N ALA G 28 -36.04 8.45 -45.00
CA ALA G 28 -35.32 8.88 -43.79
C ALA G 28 -34.09 8.04 -43.43
N GLY G 29 -33.87 6.91 -44.10
CA GLY G 29 -32.74 6.03 -43.77
C GLY G 29 -33.14 4.77 -43.02
N GLY G 30 -34.42 4.63 -42.69
CA GLY G 30 -34.96 3.41 -42.07
C GLY G 30 -35.33 2.37 -43.12
N SER G 31 -35.85 1.26 -42.64
CA SER G 31 -36.16 0.08 -43.45
C SER G 31 -37.53 0.16 -44.13
N ALA G 32 -37.65 -0.46 -45.30
CA ALA G 32 -38.90 -0.50 -46.07
C ALA G 32 -39.33 -1.95 -46.14
N VAL G 33 -40.25 -2.33 -45.25
CA VAL G 33 -40.55 -3.73 -44.99
C VAL G 33 -42.04 -4.03 -45.07
N PHE G 34 -42.38 -5.20 -45.62
CA PHE G 34 -43.76 -5.61 -45.77
C PHE G 34 -44.04 -6.73 -44.73
N HIS G 35 -45.21 -6.71 -44.10
CA HIS G 35 -45.55 -7.61 -43.02
C HIS G 35 -46.87 -8.29 -43.27
N ASN G 36 -46.98 -9.54 -42.83
CA ASN G 36 -48.22 -10.28 -42.89
C ASN G 36 -48.65 -10.46 -41.46
N TYR G 37 -49.89 -10.07 -41.16
CA TYR G 37 -50.43 -10.16 -39.81
C TYR G 37 -51.61 -11.11 -39.80
N THR G 38 -51.56 -12.12 -38.94
CA THR G 38 -52.51 -13.23 -38.98
C THR G 38 -52.84 -13.61 -37.55
N ARG G 39 -54.05 -14.10 -37.34
CA ARG G 39 -54.49 -14.56 -36.01
C ARG G 39 -55.07 -15.94 -36.08
N GLY G 40 -55.26 -16.55 -34.91
CA GLY G 40 -56.03 -17.78 -34.80
C GLY G 40 -57.51 -17.43 -34.89
N ALA G 41 -58.36 -18.46 -34.87
CA ALA G 41 -59.79 -18.25 -34.84
C ALA G 41 -60.21 -17.52 -33.56
N SER G 42 -61.13 -16.56 -33.70
CA SER G 42 -61.70 -15.83 -32.55
C SER G 42 -60.62 -15.19 -31.68
N ASN G 43 -59.67 -14.54 -32.35
CA ASN G 43 -58.57 -13.84 -31.66
C ASN G 43 -57.63 -14.72 -30.84
N SER G 44 -57.69 -16.04 -31.03
CA SER G 44 -56.76 -16.92 -30.35
C SER G 44 -55.39 -16.83 -31.02
N VAL G 45 -54.40 -17.39 -30.34
CA VAL G 45 -53.02 -17.44 -30.85
C VAL G 45 -52.97 -18.16 -32.19
N THR G 46 -52.03 -17.75 -33.02
CA THR G 46 -51.77 -18.45 -34.26
C THR G 46 -51.31 -19.87 -33.90
N LYS G 47 -51.58 -20.82 -34.80
CA LYS G 47 -51.34 -22.22 -34.54
C LYS G 47 -50.14 -22.80 -35.29
N ASN G 48 -49.71 -23.97 -34.82
CA ASN G 48 -48.72 -24.78 -35.51
C ASN G 48 -49.11 -24.99 -36.95
N ASN G 49 -48.16 -24.75 -37.85
CA ASN G 49 -48.34 -24.88 -39.30
C ASN G 49 -49.39 -24.00 -39.96
N GLN G 50 -49.90 -23.01 -39.23
CA GLN G 50 -50.83 -22.05 -39.79
C GLN G 50 -50.06 -21.18 -40.76
N LEU G 51 -50.67 -20.85 -41.91
CA LEU G 51 -50.05 -19.98 -42.89
C LEU G 51 -50.10 -18.55 -42.35
N LEU G 52 -48.95 -18.04 -41.91
CA LEU G 52 -48.86 -16.71 -41.32
C LEU G 52 -48.69 -15.61 -42.35
N GLY G 53 -48.33 -15.97 -43.57
CA GLY G 53 -47.99 -15.01 -44.60
C GLY G 53 -47.61 -15.72 -45.88
N GLY G 54 -47.79 -15.05 -47.01
CA GLY G 54 -47.56 -15.66 -48.31
C GLY G 54 -47.39 -14.64 -49.39
N TYR G 55 -46.64 -15.03 -50.41
CA TYR G 55 -46.39 -14.24 -51.60
C TYR G 55 -46.42 -15.24 -52.71
N GLY G 56 -47.14 -14.95 -53.79
CA GLY G 56 -47.32 -15.95 -54.82
C GLY G 56 -47.78 -15.41 -56.15
N SER G 57 -47.34 -16.02 -57.23
CA SER G 57 -47.76 -15.66 -58.58
C SER G 57 -48.96 -16.49 -59.00
N ARG G 58 -49.87 -15.87 -59.73
CA ARG G 58 -50.99 -16.57 -60.36
C ARG G 58 -51.00 -16.24 -61.83
N PRO G 59 -50.75 -17.25 -62.66
CA PRO G 59 -50.69 -17.00 -64.09
C PRO G 59 -52.09 -16.94 -64.76
N TRP G 60 -52.13 -16.37 -65.97
CA TRP G 60 -53.35 -16.14 -66.72
C TRP G 60 -53.60 -17.27 -67.70
N LEU G 61 -54.80 -17.83 -67.63
CA LEU G 61 -55.21 -18.95 -68.46
C LEU G 61 -55.90 -18.57 -69.79
N GLY G 62 -56.15 -17.28 -70.00
CA GLY G 62 -56.86 -16.79 -71.18
C GLY G 62 -57.98 -15.85 -70.79
N SER G 63 -58.81 -16.27 -69.83
CA SER G 63 -59.86 -15.41 -69.30
C SER G 63 -59.94 -15.39 -67.77
N THR G 64 -59.15 -16.22 -67.08
CA THR G 64 -59.04 -16.18 -65.61
C THR G 64 -57.60 -16.43 -65.17
N TYR G 65 -57.34 -16.21 -63.89
CA TYR G 65 -56.11 -16.62 -63.26
C TYR G 65 -56.29 -17.99 -62.58
N THR G 66 -55.19 -18.66 -62.23
CA THR G 66 -55.26 -19.91 -61.44
C THR G 66 -55.87 -19.63 -60.07
N GLU G 67 -56.51 -20.61 -59.46
CA GLU G 67 -57.14 -20.44 -58.17
C GLU G 67 -56.17 -20.39 -57.01
N HIS G 68 -54.97 -20.95 -57.20
CA HIS G 68 -53.89 -20.86 -56.21
C HIS G 68 -52.61 -20.53 -56.93
N SER G 69 -51.59 -20.15 -56.17
CA SER G 69 -50.33 -19.72 -56.76
C SER G 69 -49.54 -20.90 -57.30
N ASN G 70 -48.91 -20.70 -58.44
CA ASN G 70 -48.10 -21.76 -59.02
C ASN G 70 -46.66 -21.76 -58.51
N ALA G 71 -46.23 -20.62 -57.97
CA ALA G 71 -44.92 -20.45 -57.34
C ALA G 71 -45.17 -19.52 -56.17
N ALA G 72 -44.59 -19.81 -55.01
CA ALA G 72 -44.94 -19.10 -53.79
C ALA G 72 -43.88 -19.19 -52.70
N LEU G 73 -43.91 -18.22 -51.80
CA LEU G 73 -43.14 -18.22 -50.59
C LEU G 73 -44.13 -18.19 -49.44
N HIS G 74 -44.02 -19.12 -48.51
CA HIS G 74 -44.94 -19.21 -47.38
C HIS G 74 -44.17 -19.07 -46.08
N PHE G 75 -44.74 -18.32 -45.14
CA PHE G 75 -44.28 -18.24 -43.77
C PHE G 75 -45.29 -19.01 -42.92
N LEU G 76 -44.83 -19.95 -42.10
CA LEU G 76 -45.73 -20.82 -41.33
C LEU G 76 -45.36 -20.89 -39.87
N GLY G 77 -46.31 -21.24 -39.02
CA GLY G 77 -46.05 -21.37 -37.59
C GLY G 77 -45.37 -22.70 -37.27
N ALA G 78 -44.49 -22.67 -36.28
CA ALA G 78 -43.86 -23.84 -35.72
C ALA G 78 -44.28 -23.89 -34.27
N GLY G 79 -45.27 -24.74 -33.99
CA GLY G 79 -45.92 -24.78 -32.68
C GLY G 79 -46.94 -23.65 -32.53
N ASP G 80 -47.89 -23.82 -31.61
CA ASP G 80 -48.86 -22.77 -31.31
C ASP G 80 -48.12 -21.61 -30.66
N THR G 81 -48.43 -20.39 -31.10
CA THR G 81 -47.78 -19.20 -30.59
C THR G 81 -48.14 -18.96 -29.12
N SER G 82 -47.17 -18.45 -28.36
CA SER G 82 -47.33 -18.22 -26.92
C SER G 82 -46.24 -17.26 -26.46
N ALA G 83 -46.18 -16.99 -25.17
CA ALA G 83 -45.18 -16.05 -24.64
C ALA G 83 -43.76 -16.62 -24.73
N THR G 84 -43.66 -17.96 -24.74
CA THR G 84 -42.38 -18.66 -24.85
C THR G 84 -42.10 -19.25 -26.23
N ASN G 85 -43.11 -19.29 -27.11
CA ASN G 85 -42.93 -19.79 -28.48
C ASN G 85 -43.37 -18.81 -29.56
N HIS G 86 -42.41 -18.31 -30.34
CA HIS G 86 -42.75 -17.56 -31.56
C HIS G 86 -42.30 -18.31 -32.82
N GLY G 87 -42.28 -19.63 -32.74
CA GLY G 87 -41.71 -20.47 -33.77
C GLY G 87 -42.30 -20.22 -35.14
N GLY G 88 -41.44 -20.23 -36.16
CA GLY G 88 -41.87 -20.02 -37.51
C GLY G 88 -40.88 -20.59 -38.50
N TRP G 89 -41.38 -21.03 -39.64
CA TRP G 89 -40.55 -21.64 -40.68
C TRP G 89 -41.03 -21.23 -42.07
N ILE G 90 -40.31 -21.65 -43.11
CA ILE G 90 -40.49 -21.14 -44.45
C ILE G 90 -40.55 -22.28 -45.42
N ARG G 91 -41.40 -22.19 -46.43
CA ARG G 91 -41.22 -23.03 -47.61
C ARG G 91 -41.46 -22.29 -48.89
N LEU G 92 -40.89 -22.83 -49.96
CA LEU G 92 -41.05 -22.32 -51.31
C LEU G 92 -41.70 -23.42 -52.12
N LEU G 93 -42.69 -23.05 -52.93
CA LEU G 93 -43.52 -23.99 -53.70
C LEU G 93 -43.37 -23.73 -55.17
N VAL G 94 -43.31 -24.79 -55.95
CA VAL G 94 -43.17 -24.70 -57.40
C VAL G 94 -44.15 -25.66 -58.02
N THR G 95 -44.40 -25.50 -59.33
CA THR G 95 -45.37 -26.37 -60.03
C THR G 95 -44.65 -26.96 -61.25
N PRO G 96 -44.52 -28.30 -61.31
CA PRO G 96 -43.84 -28.89 -62.46
C PRO G 96 -44.51 -28.56 -63.79
N LYS G 97 -43.71 -28.30 -64.80
CA LYS G 97 -44.22 -28.19 -66.17
C LYS G 97 -45.05 -29.43 -66.50
N GLY G 98 -46.22 -29.22 -67.07
CA GLY G 98 -47.12 -30.31 -67.43
C GLY G 98 -48.08 -30.68 -66.32
N LYS G 99 -48.06 -29.94 -65.23
CA LYS G 99 -49.01 -30.20 -64.14
C LYS G 99 -49.72 -28.92 -63.71
N THR G 100 -50.84 -29.09 -63.01
CA THR G 100 -51.63 -27.98 -62.51
C THR G 100 -51.26 -27.72 -61.06
N ILE G 101 -51.80 -26.63 -60.50
CA ILE G 101 -51.52 -26.23 -59.13
C ILE G 101 -52.08 -27.21 -58.08
N SER G 102 -52.86 -28.19 -58.51
CA SER G 102 -53.24 -29.29 -57.63
C SER G 102 -52.03 -30.13 -57.25
N ASP G 103 -51.03 -30.14 -58.13
CA ASP G 103 -49.84 -30.98 -57.96
C ASP G 103 -48.59 -30.13 -57.75
N ARG G 104 -48.72 -29.02 -57.06
CA ARG G 104 -47.57 -28.20 -56.78
C ARG G 104 -46.81 -28.77 -55.58
N VAL G 105 -45.52 -28.44 -55.52
CA VAL G 105 -44.56 -29.14 -54.68
C VAL G 105 -43.91 -28.15 -53.73
N PRO G 106 -44.08 -28.32 -52.40
CA PRO G 106 -43.24 -27.56 -51.45
C PRO G 106 -41.81 -28.10 -51.37
N ALA G 107 -41.04 -27.81 -52.42
CA ALA G 107 -39.77 -28.49 -52.64
C ALA G 107 -38.63 -28.01 -51.75
N PHE G 108 -38.77 -26.82 -51.19
CA PHE G 108 -37.74 -26.18 -50.39
C PHE G 108 -38.39 -25.88 -49.06
N ARG G 109 -37.88 -26.46 -47.98
CA ARG G 109 -38.44 -26.23 -46.65
C ARG G 109 -37.30 -25.87 -45.73
N LEU G 110 -37.34 -24.65 -45.23
CA LEU G 110 -36.37 -24.18 -44.29
C LEU G 110 -36.99 -24.32 -42.93
N SER G 111 -36.56 -25.33 -42.22
CA SER G 111 -37.14 -25.69 -40.93
C SER G 111 -36.94 -24.60 -39.91
N ASP G 112 -37.75 -24.65 -38.85
CA ASP G 112 -37.58 -23.71 -37.71
C ASP G 112 -36.24 -23.92 -36.99
N ASN G 113 -35.68 -25.13 -37.07
CA ASN G 113 -34.34 -25.41 -36.52
C ASN G 113 -33.19 -24.89 -37.43
N GLY G 114 -33.53 -24.42 -38.63
CA GLY G 114 -32.55 -23.89 -39.57
C GLY G 114 -32.06 -24.86 -40.65
N ASP G 115 -32.47 -26.13 -40.59
CA ASP G 115 -32.13 -27.11 -41.62
C ASP G 115 -32.87 -26.81 -42.92
N LEU G 116 -32.25 -27.20 -44.02
CA LEU G 116 -32.88 -27.07 -45.31
C LEU G 116 -33.22 -28.47 -45.80
N TRP G 117 -34.49 -28.66 -46.15
CA TRP G 117 -34.99 -29.88 -46.74
C TRP G 117 -35.29 -29.63 -48.19
N LEU G 118 -34.73 -30.47 -49.05
CA LEU G 118 -35.01 -30.45 -50.47
C LEU G 118 -35.84 -31.66 -50.79
N VAL G 119 -37.07 -31.43 -51.25
CA VAL G 119 -38.03 -32.49 -51.48
C VAL G 119 -38.66 -32.35 -52.86
N PRO G 120 -37.94 -32.81 -53.91
CA PRO G 120 -38.41 -32.59 -55.29
C PRO G 120 -39.67 -33.36 -55.63
N ASP G 121 -40.19 -33.09 -56.82
CA ASP G 121 -41.41 -33.74 -57.29
C ASP G 121 -41.30 -35.28 -57.19
N GLY G 122 -42.34 -35.91 -56.64
CA GLY G 122 -42.38 -37.36 -56.54
C GLY G 122 -41.87 -37.94 -55.24
N ALA G 123 -41.27 -37.09 -54.40
CA ALA G 123 -40.60 -37.58 -53.20
C ALA G 123 -41.55 -37.83 -52.05
N MET G 124 -42.43 -36.85 -51.76
CA MET G 124 -43.40 -36.97 -50.67
C MET G 124 -44.82 -36.68 -51.16
N HIS G 125 -45.78 -37.43 -50.64
CA HIS G 125 -47.18 -37.15 -50.89
C HIS G 125 -47.53 -35.77 -50.33
N SER G 126 -48.53 -35.11 -50.92
CA SER G 126 -48.98 -33.78 -50.49
C SER G 126 -49.48 -33.72 -49.04
N ASP G 127 -49.93 -34.85 -48.50
CA ASP G 127 -50.25 -34.97 -47.05
C ASP G 127 -49.06 -34.62 -46.15
N LEU G 128 -47.84 -34.74 -46.67
CA LEU G 128 -46.65 -34.49 -45.88
C LEU G 128 -46.02 -33.14 -46.20
N GLY G 129 -46.76 -32.27 -46.89
CA GLY G 129 -46.26 -30.93 -47.23
C GLY G 129 -45.87 -30.04 -46.05
N LEU G 130 -46.34 -30.36 -44.86
CA LEU G 130 -45.98 -29.61 -43.63
C LEU G 130 -44.84 -30.24 -42.80
N VAL G 131 -44.29 -31.36 -43.27
CA VAL G 131 -43.12 -31.96 -42.63
C VAL G 131 -41.93 -31.00 -42.80
N ARG G 132 -41.26 -30.69 -41.68
CA ARG G 132 -40.16 -29.74 -41.67
C ARG G 132 -38.95 -30.23 -40.85
N SER G 133 -38.95 -31.51 -40.46
CA SER G 133 -37.92 -32.05 -39.57
C SER G 133 -38.07 -33.55 -39.47
N ILE G 134 -37.06 -34.18 -38.91
CA ILE G 134 -37.11 -35.61 -38.62
C ILE G 134 -38.15 -35.90 -37.54
N GLU G 135 -38.26 -35.02 -36.57
CA GLU G 135 -39.28 -35.19 -35.53
C GLU G 135 -40.69 -35.18 -36.11
N THR G 136 -40.97 -34.22 -36.98
CA THR G 136 -42.32 -34.12 -37.59
C THR G 136 -42.53 -35.22 -38.61
N LEU G 137 -41.48 -35.64 -39.30
CA LEU G 137 -41.56 -36.77 -40.23
C LEU G 137 -41.84 -38.08 -39.51
N ASN G 138 -41.16 -38.32 -38.39
CA ASN G 138 -41.43 -39.50 -37.56
C ASN G 138 -42.87 -39.55 -37.08
N ALA G 139 -43.43 -38.39 -36.72
CA ALA G 139 -44.82 -38.33 -36.22
C ALA G 139 -45.83 -38.63 -37.34
N ALA G 140 -45.56 -38.12 -38.54
CA ALA G 140 -46.41 -38.32 -39.71
C ALA G 140 -46.32 -39.73 -40.28
N VAL G 141 -45.15 -40.35 -40.14
CA VAL G 141 -44.89 -41.70 -40.66
C VAL G 141 -44.36 -42.51 -39.48
N PRO G 142 -45.27 -43.15 -38.72
CA PRO G 142 -44.84 -43.74 -37.45
C PRO G 142 -43.74 -44.80 -37.56
N ARG G 143 -43.67 -45.52 -38.67
CA ARG G 143 -42.64 -46.55 -38.84
C ARG G 143 -41.24 -46.04 -39.24
N PHE G 144 -41.14 -44.77 -39.60
CA PHE G 144 -39.88 -44.18 -40.11
C PHE G 144 -38.75 -44.21 -39.09
N ASN G 145 -39.01 -43.67 -37.89
CA ASN G 145 -38.07 -43.76 -36.76
C ASN G 145 -36.61 -43.44 -37.11
N ALA G 146 -36.38 -42.27 -37.69
CA ALA G 146 -35.03 -41.78 -37.89
C ALA G 146 -34.58 -41.04 -36.62
N PRO G 147 -33.26 -40.87 -36.43
CA PRO G 147 -32.80 -40.19 -35.20
C PRO G 147 -32.95 -38.67 -35.26
N SER G 148 -33.72 -38.12 -34.34
CA SER G 148 -33.98 -36.69 -34.32
C SER G 148 -32.74 -35.87 -33.94
N ILE G 149 -31.73 -36.50 -33.35
CA ILE G 149 -30.45 -35.82 -33.11
C ILE G 149 -29.82 -35.31 -34.42
N GLN G 150 -30.26 -35.84 -35.58
CA GLN G 150 -29.81 -35.34 -36.87
C GLN G 150 -30.45 -34.01 -37.28
N ASP G 151 -31.51 -33.58 -36.58
CA ASP G 151 -32.12 -32.26 -36.84
C ASP G 151 -31.19 -31.12 -36.41
N GLY G 152 -31.15 -30.07 -37.22
CA GLY G 152 -30.33 -28.89 -36.95
C GLY G 152 -28.88 -29.00 -37.38
N ARG G 153 -28.59 -29.95 -38.27
CA ARG G 153 -27.22 -30.25 -38.73
CA ARG G 153 -27.23 -30.24 -38.73
C ARG G 153 -26.92 -29.80 -40.17
N GLY G 154 -27.96 -29.45 -40.94
CA GLY G 154 -27.73 -28.90 -42.26
C GLY G 154 -28.75 -29.30 -43.30
N LEU G 155 -28.29 -29.97 -44.34
CA LEU G 155 -29.08 -30.27 -45.50
C LEU G 155 -29.62 -31.70 -45.52
N LYS G 156 -30.91 -31.86 -45.84
CA LYS G 156 -31.54 -33.17 -46.07
C LYS G 156 -32.24 -33.19 -47.41
N ILE G 157 -31.93 -34.21 -48.22
CA ILE G 157 -32.50 -34.36 -49.54
C ILE G 157 -33.29 -35.66 -49.56
N VAL G 158 -34.57 -35.58 -49.91
CA VAL G 158 -35.45 -36.73 -50.06
C VAL G 158 -35.86 -36.82 -51.51
N ALA G 159 -35.62 -37.97 -52.14
CA ALA G 159 -36.01 -38.17 -53.52
C ALA G 159 -36.31 -39.63 -53.72
N PRO G 160 -37.21 -39.96 -54.67
CA PRO G 160 -37.51 -41.36 -54.91
C PRO G 160 -36.26 -42.06 -55.49
N GLN G 161 -35.80 -43.08 -54.75
CA GLN G 161 -34.67 -43.95 -55.14
C GLN G 161 -33.28 -43.34 -55.06
N ALA G 162 -33.05 -42.25 -55.80
CA ALA G 162 -31.70 -41.75 -56.02
C ALA G 162 -31.53 -40.26 -55.74
N PRO G 163 -31.69 -39.86 -54.47
CA PRO G 163 -31.33 -38.49 -54.17
C PRO G 163 -29.85 -38.27 -54.45
N GLU G 164 -29.51 -37.08 -54.92
CA GLU G 164 -28.23 -36.88 -55.56
C GLU G 164 -27.75 -35.46 -55.40
N ILE G 165 -26.43 -35.32 -55.32
CA ILE G 165 -25.76 -34.03 -55.45
C ILE G 165 -24.81 -34.08 -56.63
N ASP G 166 -24.95 -33.14 -57.56
CA ASP G 166 -24.08 -33.05 -58.73
C ASP G 166 -23.18 -31.84 -58.61
N LEU G 167 -21.90 -32.04 -58.88
CA LEU G 167 -20.93 -30.96 -58.85
C LEU G 167 -20.35 -30.81 -60.25
N ILE G 168 -20.84 -29.79 -60.96
CA ILE G 168 -20.52 -29.59 -62.36
C ILE G 168 -19.38 -28.60 -62.46
N ALA G 169 -18.29 -29.03 -63.09
CA ALA G 169 -16.99 -28.39 -62.91
C ALA G 169 -16.27 -28.19 -64.25
N PRO G 170 -16.64 -27.15 -65.01
CA PRO G 170 -15.92 -26.84 -66.26
C PRO G 170 -14.50 -26.33 -66.01
N ARG G 171 -13.55 -26.90 -66.72
CA ARG G 171 -12.13 -26.66 -66.48
C ARG G 171 -11.71 -25.22 -66.67
N GLY G 172 -12.28 -24.56 -67.68
CA GLY G 172 -11.83 -23.23 -68.07
C GLY G 172 -10.36 -23.31 -68.41
N SER G 173 -9.57 -22.45 -67.79
CA SER G 173 -8.12 -22.45 -68.00
C SER G 173 -7.33 -23.11 -66.85
N GLY G 174 -8.03 -23.74 -65.90
CA GLY G 174 -7.39 -24.39 -64.75
C GLY G 174 -7.55 -25.90 -64.80
N ALA G 175 -8.18 -26.46 -63.78
CA ALA G 175 -8.44 -27.91 -63.69
C ALA G 175 -9.87 -28.16 -63.19
N SER G 176 -10.53 -29.21 -63.67
CA SER G 176 -11.81 -29.63 -63.08
C SER G 176 -11.53 -30.36 -61.78
N ALA G 177 -11.88 -29.73 -60.66
CA ALA G 177 -11.48 -30.19 -59.35
C ALA G 177 -12.58 -29.98 -58.32
N PRO G 178 -13.75 -30.60 -58.52
CA PRO G 178 -14.76 -30.49 -57.51
C PRO G 178 -14.27 -31.13 -56.23
N ALA G 179 -14.90 -30.76 -55.12
CA ALA G 179 -14.43 -31.19 -53.82
C ALA G 179 -15.56 -31.18 -52.82
N ILE G 180 -15.50 -32.12 -51.88
CA ILE G 180 -16.28 -32.06 -50.65
C ILE G 180 -15.28 -32.01 -49.51
N ARG G 181 -15.38 -30.96 -48.71
CA ARG G 181 -14.34 -30.62 -47.76
C ARG G 181 -14.91 -30.43 -46.37
N ALA G 182 -14.55 -31.31 -45.45
CA ALA G 182 -14.76 -31.07 -44.03
C ALA G 182 -13.73 -30.05 -43.56
N MET G 183 -14.11 -29.24 -42.59
CA MET G 183 -13.21 -28.26 -42.03
C MET G 183 -13.31 -28.40 -40.53
N TRP G 184 -12.31 -29.07 -39.96
CA TRP G 184 -12.21 -29.30 -38.55
C TRP G 184 -11.57 -28.12 -37.82
N CYS G 185 -12.06 -27.84 -36.61
CA CYS G 185 -11.36 -26.95 -35.69
C CYS G 185 -11.80 -27.22 -34.27
N ASP G 186 -11.00 -26.73 -33.32
CA ASP G 186 -11.39 -26.66 -31.92
C ASP G 186 -12.19 -25.38 -31.74
N GLY G 187 -13.10 -25.37 -30.78
CA GLY G 187 -13.79 -24.13 -30.42
C GLY G 187 -15.23 -24.05 -30.84
N SER G 188 -15.70 -22.81 -30.99
CA SER G 188 -17.12 -22.54 -31.18
C SER G 188 -17.33 -21.17 -31.78
N LEU G 189 -18.29 -21.07 -32.71
CA LEU G 189 -18.74 -19.77 -33.25
C LEU G 189 -20.06 -19.34 -32.63
N ALA G 190 -20.56 -20.12 -31.66
CA ALA G 190 -21.90 -19.96 -31.14
C ALA G 190 -22.03 -19.06 -29.91
N ASP G 191 -20.93 -18.79 -29.22
CA ASP G 191 -20.95 -18.01 -27.96
C ASP G 191 -20.36 -16.59 -28.18
N THR G 192 -20.24 -15.81 -27.10
CA THR G 192 -19.64 -14.48 -27.12
C THR G 192 -18.12 -14.58 -27.31
N THR G 193 -17.53 -15.61 -26.69
CA THR G 193 -16.07 -15.80 -26.67
C THR G 193 -15.41 -16.06 -28.04
N ARG G 194 -15.97 -17.01 -28.78
CA ARG G 194 -15.52 -17.44 -30.10
C ARG G 194 -14.06 -17.80 -30.21
N TYR G 195 -13.73 -18.83 -29.46
CA TYR G 195 -12.37 -19.33 -29.47
C TYR G 195 -12.34 -20.28 -30.67
N ILE G 196 -11.27 -20.19 -31.46
CA ILE G 196 -11.01 -21.13 -32.54
C ILE G 196 -9.58 -21.61 -32.40
N GLY G 197 -9.37 -22.92 -32.46
CA GLY G 197 -8.03 -23.46 -32.32
C GLY G 197 -7.77 -24.70 -33.15
N ALA G 198 -6.63 -25.31 -32.88
CA ALA G 198 -6.15 -26.41 -33.67
C ALA G 198 -7.06 -27.62 -33.57
N THR G 199 -7.18 -28.30 -34.71
CA THR G 199 -7.85 -29.60 -34.81
C THR G 199 -7.38 -30.54 -33.70
N GLN G 200 -8.34 -31.11 -32.99
CA GLN G 200 -8.08 -31.99 -31.84
C GLN G 200 -8.09 -33.46 -32.22
N PRO G 201 -7.53 -34.31 -31.34
CA PRO G 201 -7.67 -35.76 -31.51
C PRO G 201 -9.13 -36.15 -31.54
N GLY G 202 -9.47 -37.19 -32.31
CA GLY G 202 -10.88 -37.62 -32.45
C GLY G 202 -11.70 -36.85 -33.47
N SER G 203 -11.07 -35.95 -34.23
CA SER G 203 -11.72 -35.29 -35.33
C SER G 203 -11.89 -36.31 -36.47
N THR G 204 -13.12 -36.44 -36.98
CA THR G 204 -13.41 -37.41 -38.06
C THR G 204 -14.32 -36.80 -39.13
N PHE G 205 -14.36 -37.44 -40.30
CA PHE G 205 -15.26 -37.07 -41.36
C PHE G 205 -15.76 -38.36 -41.95
N TYR G 206 -17.03 -38.68 -41.71
CA TYR G 206 -17.63 -39.92 -42.20
C TYR G 206 -18.42 -39.71 -43.47
N ILE G 207 -18.14 -40.54 -44.47
CA ILE G 207 -18.96 -40.63 -45.66
C ILE G 207 -19.49 -42.05 -45.70
N GLY G 208 -20.77 -42.24 -45.40
CA GLY G 208 -21.30 -43.56 -45.16
C GLY G 208 -22.81 -43.65 -45.29
N ALA G 209 -23.35 -44.82 -44.92
CA ALA G 209 -24.72 -45.15 -45.10
C ALA G 209 -25.33 -45.71 -43.82
N SER G 210 -26.41 -45.05 -43.37
CA SER G 210 -27.37 -45.60 -42.42
C SER G 210 -28.46 -46.26 -43.23
N GLY G 211 -29.33 -47.01 -42.56
CA GLY G 211 -30.45 -47.62 -43.22
C GLY G 211 -31.47 -48.11 -42.22
N HIS G 212 -32.69 -48.33 -42.69
CA HIS G 212 -33.77 -48.87 -41.87
C HIS G 212 -33.54 -50.38 -41.72
N ASP G 213 -33.72 -50.90 -40.51
CA ASP G 213 -33.42 -52.30 -40.19
C ASP G 213 -34.68 -53.09 -39.97
N GLY G 214 -35.81 -52.53 -40.37
CA GLY G 214 -37.13 -53.11 -40.10
C GLY G 214 -37.87 -52.40 -38.98
N GLU G 215 -37.13 -51.78 -38.06
CA GLU G 215 -37.70 -51.01 -36.94
C GLU G 215 -37.33 -49.51 -36.95
N LYS G 216 -36.09 -49.18 -37.32
CA LYS G 216 -35.62 -47.79 -37.31
C LYS G 216 -34.34 -47.58 -38.09
N PHE G 217 -33.98 -46.32 -38.31
CA PHE G 217 -32.65 -45.95 -38.76
C PHE G 217 -31.80 -45.73 -37.51
N ASP G 218 -30.48 -45.87 -37.65
CA ASP G 218 -29.58 -45.70 -36.50
C ASP G 218 -28.24 -45.17 -37.01
N SER G 219 -27.15 -45.68 -36.48
CA SER G 219 -25.83 -45.27 -36.88
C SER G 219 -25.48 -45.82 -38.26
N MET G 220 -24.43 -45.25 -38.84
CA MET G 220 -23.93 -45.74 -40.11
C MET G 220 -23.40 -47.13 -39.91
N ARG G 221 -23.59 -47.99 -40.91
CA ARG G 221 -23.11 -49.36 -40.83
C ARG G 221 -22.04 -49.69 -41.88
N GLY G 222 -21.72 -48.72 -42.74
CA GLY G 222 -20.61 -48.85 -43.66
C GLY G 222 -20.14 -47.45 -43.96
N SER G 223 -18.82 -47.25 -44.10
CA SER G 223 -18.31 -45.92 -44.36
C SER G 223 -16.85 -45.86 -44.73
N VAL G 224 -16.49 -44.74 -45.37
CA VAL G 224 -15.13 -44.24 -45.44
C VAL G 224 -15.01 -43.14 -44.39
N ALA G 225 -13.91 -43.09 -43.67
CA ALA G 225 -13.72 -42.08 -42.63
C ALA G 225 -12.31 -41.48 -42.74
N ILE G 226 -12.24 -40.16 -42.94
CA ILE G 226 -11.00 -39.44 -42.83
C ILE G 226 -10.91 -38.96 -41.37
N LYS G 227 -9.77 -39.19 -40.72
CA LYS G 227 -9.60 -38.92 -39.27
C LYS G 227 -8.30 -38.22 -39.02
N SER G 228 -8.29 -37.30 -38.05
CA SER G 228 -7.02 -36.78 -37.56
C SER G 228 -6.34 -37.92 -36.78
N ALA G 229 -5.02 -38.04 -36.93
CA ALA G 229 -4.23 -39.06 -36.23
C ALA G 229 -3.40 -38.35 -35.16
N GLY G 230 -4.06 -37.90 -34.11
CA GLY G 230 -3.43 -37.01 -33.18
C GLY G 230 -3.86 -35.57 -33.42
N GLY G 231 -3.50 -34.74 -32.46
CA GLY G 231 -3.79 -33.32 -32.53
C GLY G 231 -2.83 -32.70 -33.51
N TRP G 232 -3.23 -31.54 -34.00
CA TRP G 232 -2.52 -30.82 -35.04
C TRP G 232 -1.83 -29.62 -34.45
N GLY G 233 -0.84 -29.16 -35.19
CA GLY G 233 -0.11 -27.96 -34.85
C GLY G 233 0.41 -27.41 -36.17
N PRO G 234 1.04 -26.23 -36.13
CA PRO G 234 1.47 -25.63 -37.41
C PRO G 234 2.47 -26.43 -38.25
N THR G 235 3.21 -27.34 -37.63
CA THR G 235 4.22 -28.15 -38.36
C THR G 235 3.83 -29.63 -38.47
N SER G 236 2.62 -29.99 -38.02
CA SER G 236 2.19 -31.37 -37.98
C SER G 236 0.67 -31.52 -38.07
N THR G 237 0.18 -32.07 -39.18
CA THR G 237 -1.27 -32.27 -39.39
C THR G 237 -1.61 -33.67 -39.88
N PRO G 238 -1.35 -34.68 -39.04
CA PRO G 238 -1.44 -36.06 -39.47
C PRO G 238 -2.87 -36.52 -39.62
N THR G 239 -3.08 -37.44 -40.57
CA THR G 239 -4.40 -37.99 -40.86
C THR G 239 -4.32 -39.47 -41.19
N GLN G 240 -5.48 -40.10 -41.21
CA GLN G 240 -5.62 -41.42 -41.78
C GLN G 240 -6.97 -41.57 -42.47
N VAL G 241 -7.04 -42.57 -43.34
CA VAL G 241 -8.27 -42.90 -44.07
C VAL G 241 -8.64 -44.35 -43.76
N VAL G 242 -9.86 -44.58 -43.32
CA VAL G 242 -10.30 -45.87 -42.81
C VAL G 242 -11.58 -46.34 -43.50
N LEU G 243 -11.64 -47.62 -43.87
CA LEU G 243 -12.85 -48.24 -44.41
C LEU G 243 -13.49 -49.13 -43.35
N GLU G 244 -14.81 -48.99 -43.17
CA GLU G 244 -15.51 -49.63 -42.07
C GLU G 244 -16.75 -50.33 -42.57
N THR G 245 -16.99 -51.55 -42.09
CA THR G 245 -18.12 -52.35 -42.51
C THR G 245 -18.70 -53.09 -41.34
N CYS G 246 -19.88 -53.65 -41.57
CA CYS G 246 -20.63 -54.34 -40.53
C CYS G 246 -20.86 -55.77 -41.02
N GLU G 247 -20.68 -56.72 -40.12
CA GLU G 247 -20.78 -58.11 -40.46
C GLU G 247 -22.23 -58.58 -40.42
N SER G 248 -22.53 -59.53 -41.29
CA SER G 248 -23.72 -60.35 -41.21
C SER G 248 -23.96 -60.90 -39.80
N GLY G 249 -25.19 -60.79 -39.33
CA GLY G 249 -25.51 -61.19 -37.95
C GLY G 249 -25.07 -60.20 -36.89
N SER G 250 -24.57 -59.03 -37.30
CA SER G 250 -24.09 -58.00 -36.38
C SER G 250 -24.72 -56.64 -36.73
N ILE G 251 -24.77 -55.73 -35.76
CA ILE G 251 -25.38 -54.41 -35.96
C ILE G 251 -24.45 -53.25 -35.58
N SER G 252 -23.14 -53.51 -35.61
CA SER G 252 -22.16 -52.53 -35.18
C SER G 252 -21.01 -52.60 -36.16
N ARG G 253 -20.67 -51.47 -36.76
CA ARG G 253 -19.62 -51.48 -37.76
C ARG G 253 -18.26 -51.33 -37.10
N LEU G 254 -17.24 -51.86 -37.76
CA LEU G 254 -15.89 -51.86 -37.23
C LEU G 254 -14.93 -51.32 -38.27
N PRO G 255 -13.88 -50.63 -37.84
CA PRO G 255 -12.80 -50.29 -38.76
C PRO G 255 -12.11 -51.57 -39.19
N ARG G 256 -11.87 -51.71 -40.49
CA ARG G 256 -11.34 -52.93 -41.04
C ARG G 256 -9.94 -52.72 -41.57
N TRP G 257 -9.82 -51.81 -42.55
CA TRP G 257 -8.55 -51.52 -43.22
C TRP G 257 -8.42 -50.02 -43.32
N GLY G 258 -7.19 -49.52 -43.25
CA GLY G 258 -6.95 -48.12 -43.33
C GLY G 258 -5.57 -47.77 -43.84
N VAL G 259 -5.41 -46.55 -44.31
CA VAL G 259 -4.11 -46.00 -44.66
C VAL G 259 -3.70 -45.07 -43.51
N ASP G 260 -2.53 -45.31 -42.94
CA ASP G 260 -2.08 -44.58 -41.78
C ASP G 260 -1.39 -43.28 -42.19
N HIS G 261 -1.10 -42.44 -41.20
CA HIS G 261 -0.40 -41.18 -41.44
C HIS G 261 0.94 -41.37 -42.15
N ASN G 262 1.58 -42.52 -41.97
CA ASN G 262 2.83 -42.79 -42.66
C ASN G 262 2.66 -43.54 -43.98
N GLY G 263 1.43 -43.84 -44.36
CA GLY G 263 1.16 -44.42 -45.69
C GLY G 263 1.00 -45.91 -45.70
N THR G 264 1.20 -46.54 -44.55
CA THR G 264 1.01 -47.96 -44.41
C THR G 264 -0.45 -48.30 -44.66
N LEU G 265 -0.70 -49.34 -45.46
CA LEU G 265 -2.01 -49.91 -45.57
C LEU G 265 -2.06 -51.06 -44.63
N MET G 266 -3.00 -51.04 -43.70
CA MET G 266 -2.98 -51.99 -42.62
C MET G 266 -4.38 -52.39 -42.21
N PRO G 267 -4.52 -53.62 -41.70
CA PRO G 267 -5.77 -53.95 -41.03
C PRO G 267 -5.83 -53.18 -39.72
N MET G 268 -7.05 -52.87 -39.29
CA MET G 268 -7.22 -52.05 -38.10
C MET G 268 -7.32 -52.84 -36.82
N ALA G 269 -7.24 -54.17 -36.93
CA ALA G 269 -7.06 -55.05 -35.78
C ALA G 269 -6.01 -56.06 -36.15
N ASP G 270 -5.25 -56.51 -35.15
CA ASP G 270 -4.11 -57.38 -35.37
C ASP G 270 -4.61 -58.79 -35.55
N ASN G 271 -3.98 -59.49 -36.49
CA ASN G 271 -4.23 -60.93 -36.67
C ASN G 271 -5.73 -61.26 -36.73
N ARG G 272 -6.43 -60.56 -37.60
CA ARG G 272 -7.86 -60.72 -37.70
C ARG G 272 -8.43 -60.73 -39.12
N TYR G 273 -7.85 -59.95 -40.04
CA TYR G 273 -8.40 -59.77 -41.39
C TYR G 273 -7.46 -60.27 -42.46
N ASN G 274 -8.02 -60.90 -43.48
CA ASN G 274 -7.24 -61.44 -44.58
C ASN G 274 -7.18 -60.51 -45.80
N LEU G 275 -6.19 -60.75 -46.65
CA LEU G 275 -6.13 -60.18 -47.97
C LEU G 275 -6.53 -61.29 -48.94
N GLY G 276 -7.66 -61.12 -49.61
CA GLY G 276 -8.20 -62.13 -50.50
C GLY G 276 -8.96 -63.20 -49.74
N TRP G 277 -9.58 -64.09 -50.51
CA TRP G 277 -10.26 -65.26 -49.97
C TRP G 277 -10.31 -66.32 -51.09
N GLY G 278 -10.88 -67.49 -50.80
CA GLY G 278 -10.92 -68.58 -51.78
C GLY G 278 -11.44 -68.25 -53.17
N SER G 279 -12.55 -67.52 -53.24
CA SER G 279 -13.16 -67.13 -54.52
C SER G 279 -12.75 -65.71 -54.94
N GLY G 280 -11.73 -65.15 -54.29
CA GLY G 280 -11.29 -63.77 -54.55
C GLY G 280 -9.82 -63.65 -54.22
N ARG G 281 -9.01 -64.37 -54.99
CA ARG G 281 -7.59 -64.48 -54.72
C ARG G 281 -6.83 -63.41 -55.48
N VAL G 282 -5.85 -62.84 -54.80
CA VAL G 282 -4.94 -61.92 -55.43
C VAL G 282 -4.15 -62.69 -56.50
N LYS G 283 -3.97 -62.10 -57.66
CA LYS G 283 -3.26 -62.76 -58.72
C LYS G 283 -1.81 -62.87 -58.31
N GLN G 284 -1.16 -61.75 -58.04
CA GLN G 284 0.14 -61.77 -57.36
C GLN G 284 0.55 -60.49 -56.71
N VAL G 285 1.54 -60.62 -55.84
CA VAL G 285 2.08 -59.54 -55.05
C VAL G 285 3.48 -59.19 -55.55
N TYR G 286 3.73 -57.91 -55.72
CA TYR G 286 5.05 -57.37 -55.99
C TYR G 286 5.57 -56.74 -54.71
N ALA G 287 6.55 -57.37 -54.09
CA ALA G 287 7.20 -56.85 -52.90
C ALA G 287 8.70 -56.68 -53.16
N VAL G 288 9.33 -55.86 -52.33
CA VAL G 288 10.78 -55.67 -52.40
C VAL G 288 11.48 -56.64 -51.45
N ASN G 289 11.04 -56.66 -50.19
CA ASN G 289 11.53 -57.58 -49.18
C ASN G 289 10.62 -58.78 -49.01
N GLY G 290 11.15 -59.81 -48.37
CA GLY G 290 10.33 -61.00 -48.07
C GLY G 290 9.28 -60.69 -47.02
N THR G 291 8.13 -61.35 -47.13
CA THR G 291 7.09 -61.31 -46.11
C THR G 291 7.70 -61.62 -44.74
N ILE G 292 7.30 -60.83 -43.75
CA ILE G 292 7.73 -61.00 -42.38
C ILE G 292 6.65 -61.79 -41.65
N ASN G 293 7.01 -62.99 -41.19
CA ASN G 293 6.13 -63.82 -40.36
C ASN G 293 6.67 -63.90 -38.95
N THR G 294 5.83 -63.59 -38.00
CA THR G 294 6.17 -63.63 -36.61
C THR G 294 6.43 -65.09 -36.24
N ALA G 295 7.51 -65.32 -35.50
CA ALA G 295 7.88 -66.67 -35.02
C ALA G 295 8.53 -66.52 -33.65
N ASP G 296 7.70 -66.06 -32.72
CA ASP G 296 8.13 -65.59 -31.43
C ASP G 296 7.85 -66.69 -30.39
N ALA G 297 8.90 -67.16 -29.72
CA ALA G 297 8.78 -68.19 -28.69
C ALA G 297 7.73 -67.86 -27.61
N ARG G 298 7.57 -66.57 -27.30
CA ARG G 298 6.64 -66.10 -26.26
C ARG G 298 5.16 -66.27 -26.59
N LEU G 299 4.84 -66.45 -27.88
CA LEU G 299 3.46 -66.64 -28.34
C LEU G 299 3.13 -68.11 -28.70
N LYS G 300 4.13 -68.97 -28.65
CA LYS G 300 3.98 -70.39 -28.99
C LYS G 300 4.16 -71.30 -27.78
N ASN G 301 3.57 -72.49 -27.88
CA ASN G 301 3.94 -73.60 -26.99
C ASN G 301 5.29 -74.17 -27.44
N ASP G 302 5.76 -75.21 -26.74
CA ASP G 302 7.06 -75.80 -27.06
C ASP G 302 7.02 -76.41 -28.45
N VAL G 303 8.16 -76.33 -29.13
CA VAL G 303 8.35 -76.95 -30.42
C VAL G 303 8.75 -78.41 -30.19
N ARG G 304 7.82 -79.33 -30.43
CA ARG G 304 8.10 -80.75 -30.34
C ARG G 304 8.82 -81.26 -31.59
N ALA G 305 9.57 -82.35 -31.42
CA ALA G 305 10.23 -83.01 -32.56
C ALA G 305 9.19 -83.75 -33.39
N MET G 306 9.55 -84.02 -34.64
CA MET G 306 8.67 -84.80 -35.53
C MET G 306 8.68 -86.29 -35.16
N SER G 307 7.50 -86.91 -35.18
CA SER G 307 7.39 -88.36 -35.07
C SER G 307 8.03 -89.02 -36.30
N ASP G 308 8.18 -90.34 -36.25
CA ASP G 308 8.77 -91.08 -37.37
C ASP G 308 7.87 -91.11 -38.62
N PRO G 309 6.55 -91.32 -38.44
CA PRO G 309 5.64 -91.22 -39.60
C PRO G 309 5.69 -89.83 -40.30
N GLU G 310 5.81 -88.76 -39.51
CA GLU G 310 5.90 -87.39 -40.06
C GLU G 310 7.20 -87.20 -40.86
N THR G 311 8.32 -87.62 -40.29
CA THR G 311 9.64 -87.58 -40.97
C THR G 311 9.55 -88.45 -42.27
N GLU G 312 8.84 -89.58 -42.21
CA GLU G 312 8.69 -90.46 -43.38
C GLU G 312 7.90 -89.81 -44.52
N ALA G 313 6.80 -89.16 -44.15
CA ALA G 313 5.95 -88.44 -45.10
C ALA G 313 6.71 -87.26 -45.75
N ALA G 314 7.50 -86.55 -44.94
CA ALA G 314 8.35 -85.45 -45.42
C ALA G 314 9.33 -85.88 -46.49
N LYS G 315 9.90 -87.08 -46.34
CA LYS G 315 10.85 -87.62 -47.33
C LYS G 315 10.18 -88.01 -48.63
N ALA G 316 8.99 -88.61 -48.51
CA ALA G 316 8.21 -89.08 -49.65
C ALA G 316 7.65 -87.92 -50.48
N ILE G 317 7.28 -86.83 -49.80
CA ILE G 317 6.74 -85.63 -50.46
C ILE G 317 7.78 -84.93 -51.33
N ALA G 318 9.04 -84.92 -50.90
CA ALA G 318 10.14 -84.36 -51.70
C ALA G 318 10.30 -85.05 -53.07
N LYS G 319 9.95 -86.34 -53.13
CA LYS G 319 10.02 -87.12 -54.38
C LYS G 319 8.92 -86.75 -55.38
N GLU G 320 7.85 -86.11 -54.90
CA GLU G 320 6.74 -85.68 -55.75
C GLU G 320 6.97 -84.36 -56.49
N ILE G 321 8.03 -83.63 -56.15
CA ILE G 321 8.30 -82.33 -56.78
C ILE G 321 8.69 -82.52 -58.26
N GLY G 322 7.92 -81.91 -59.14
CA GLY G 322 8.22 -81.89 -60.57
C GLY G 322 7.73 -80.58 -61.17
N PHE G 323 7.34 -80.63 -62.44
CA PHE G 323 6.85 -79.44 -63.14
C PHE G 323 5.43 -79.65 -63.65
N TRP G 324 4.62 -78.60 -63.60
CA TRP G 324 3.24 -78.64 -64.07
C TRP G 324 2.89 -77.34 -64.80
N THR G 325 1.80 -77.40 -65.56
CA THR G 325 1.21 -76.21 -66.19
C THR G 325 -0.27 -76.15 -65.80
N TRP G 326 -0.87 -74.97 -65.98
CA TRP G 326 -2.31 -74.79 -65.84
C TRP G 326 -2.99 -75.18 -67.15
N LYS G 327 -4.32 -75.25 -67.16
CA LYS G 327 -5.09 -75.69 -68.31
C LYS G 327 -5.46 -74.54 -69.28
N ARG G 336 3.99 -71.38 -69.05
CA ARG G 336 5.24 -71.61 -68.35
C ARG G 336 5.18 -72.85 -67.42
N GLU G 337 6.35 -73.43 -67.13
CA GLU G 337 6.47 -74.63 -66.27
C GLU G 337 6.66 -74.23 -64.81
N HIS G 338 5.70 -74.59 -63.96
CA HIS G 338 5.77 -74.24 -62.54
C HIS G 338 6.22 -75.44 -61.70
N CYS G 339 7.07 -75.18 -60.71
CA CYS G 339 7.69 -76.24 -59.91
C CYS G 339 6.88 -76.52 -58.64
N GLY G 340 6.57 -77.79 -58.41
CA GLY G 340 5.88 -78.20 -57.19
C GLY G 340 5.10 -79.49 -57.34
N LEU G 341 4.07 -79.66 -56.50
CA LEU G 341 3.20 -80.82 -56.50
C LEU G 341 1.77 -80.44 -56.12
N THR G 342 0.87 -81.42 -56.12
CA THR G 342 -0.52 -81.15 -55.78
C THR G 342 -0.79 -81.47 -54.32
N VAL G 343 -1.79 -80.79 -53.75
CA VAL G 343 -2.18 -81.00 -52.37
C VAL G 343 -2.79 -82.38 -52.21
N GLN G 344 -3.52 -82.82 -53.23
CA GLN G 344 -4.17 -84.12 -53.22
C GLN G 344 -3.14 -85.24 -53.16
N ARG G 345 -2.04 -85.08 -53.89
CA ARG G 345 -0.93 -86.03 -53.82
C ARG G 345 -0.30 -86.04 -52.42
N ALA G 346 -0.04 -84.86 -51.87
CA ALA G 346 0.45 -84.74 -50.51
C ALA G 346 -0.51 -85.36 -49.47
N ILE G 347 -1.80 -85.19 -49.67
CA ILE G 347 -2.81 -85.79 -48.79
C ILE G 347 -2.74 -87.33 -48.76
N GLU G 348 -2.57 -87.95 -49.93
CA GLU G 348 -2.49 -89.43 -50.02
C GLU G 348 -1.25 -89.93 -49.28
N ILE G 349 -0.11 -89.28 -49.52
CA ILE G 349 1.14 -89.62 -48.84
C ILE G 349 1.01 -89.48 -47.30
N MET G 350 0.40 -88.39 -46.86
CA MET G 350 0.19 -88.13 -45.44
C MET G 350 -0.61 -89.27 -44.80
N GLU G 351 -1.68 -89.67 -45.47
CA GLU G 351 -2.58 -90.69 -44.94
C GLU G 351 -1.96 -92.09 -45.01
N SER G 352 -1.10 -92.32 -46.00
CA SER G 352 -0.38 -93.58 -46.12
C SER G 352 0.58 -93.86 -44.93
N PHE G 353 0.97 -92.82 -44.19
CA PHE G 353 1.70 -93.00 -42.91
C PHE G 353 0.81 -92.75 -41.69
N GLY G 354 -0.50 -92.85 -41.87
CA GLY G 354 -1.45 -92.80 -40.75
C GLY G 354 -1.67 -91.41 -40.14
N LEU G 355 -1.39 -90.37 -40.91
CA LEU G 355 -1.54 -88.98 -40.43
C LEU G 355 -2.83 -88.39 -40.99
N ASP G 356 -3.48 -87.57 -40.16
CA ASP G 356 -4.59 -86.72 -40.62
C ASP G 356 -3.99 -85.44 -41.22
N PRO G 357 -4.01 -85.32 -42.56
CA PRO G 357 -3.34 -84.16 -43.21
C PRO G 357 -3.89 -82.77 -42.80
N PHE G 358 -5.16 -82.70 -42.40
CA PHE G 358 -5.82 -81.43 -42.08
C PHE G 358 -5.58 -80.99 -40.65
N LYS G 359 -4.77 -81.74 -39.89
CA LYS G 359 -4.27 -81.25 -38.60
C LYS G 359 -2.95 -80.49 -38.74
N TYR G 360 -2.46 -80.35 -39.97
CA TYR G 360 -1.20 -79.68 -40.26
C TYR G 360 -1.44 -78.36 -41.00
N GLY G 361 -0.71 -77.33 -40.59
CA GLY G 361 -0.94 -75.98 -41.09
C GLY G 361 -0.60 -75.72 -42.53
N PHE G 362 0.26 -76.55 -43.13
CA PHE G 362 0.69 -76.34 -44.52
C PHE G 362 -0.30 -76.92 -45.56
N ILE G 363 -1.38 -77.55 -45.10
CA ILE G 363 -2.42 -78.06 -45.98
C ILE G 363 -3.73 -77.34 -45.67
N CYS G 364 -4.29 -76.68 -46.69
CA CYS G 364 -5.50 -75.87 -46.52
C CYS G 364 -6.62 -76.29 -47.47
N TYR G 365 -7.84 -76.16 -46.96
CA TYR G 365 -9.03 -76.40 -47.76
C TYR G 365 -10.02 -75.26 -47.51
N ASP G 366 -10.50 -74.66 -48.59
CA ASP G 366 -11.50 -73.59 -48.52
C ASP G 366 -12.67 -73.97 -49.38
N LYS G 367 -13.85 -73.61 -48.91
CA LYS G 367 -15.07 -73.87 -49.58
C LYS G 367 -15.94 -72.63 -49.56
N TRP G 368 -16.79 -72.41 -50.56
CA TRP G 368 -17.70 -71.24 -50.52
C TRP G 368 -19.02 -71.61 -51.16
N ASP G 369 -20.07 -70.95 -50.70
CA ASP G 369 -21.40 -71.15 -51.29
C ASP G 369 -21.54 -70.39 -52.59
N GLU G 370 -22.57 -70.72 -53.35
CA GLU G 370 -22.96 -69.92 -54.50
C GLU G 370 -23.35 -68.53 -54.01
N HIS G 371 -22.94 -67.51 -54.76
CA HIS G 371 -23.21 -66.13 -54.36
C HIS G 371 -23.28 -65.24 -55.61
N THR G 372 -23.95 -64.10 -55.44
CA THR G 372 -24.17 -63.16 -56.53
C THR G 372 -23.39 -61.86 -56.29
N VAL G 373 -22.78 -61.35 -57.36
CA VAL G 373 -21.92 -60.18 -57.28
C VAL G 373 -22.22 -59.25 -58.44
N VAL G 374 -21.91 -57.97 -58.23
CA VAL G 374 -21.84 -57.01 -59.34
C VAL G 374 -20.60 -57.33 -60.19
N SER G 375 -20.81 -57.71 -61.45
CA SER G 375 -19.68 -57.98 -62.34
C SER G 375 -19.29 -56.76 -63.16
N GLU G 376 -20.28 -55.98 -63.61
CA GLU G 376 -20.12 -54.90 -64.58
C GLU G 376 -21.13 -53.79 -64.31
N TYR G 377 -20.93 -52.63 -64.91
CA TYR G 377 -21.99 -51.62 -64.98
C TYR G 377 -22.47 -51.43 -66.41
N GLY G 378 -23.77 -51.60 -66.62
CA GLY G 378 -24.41 -51.31 -67.91
C GLY G 378 -24.28 -49.85 -68.30
N PRO G 379 -24.67 -49.51 -69.54
CA PRO G 379 -24.62 -48.09 -69.90
C PRO G 379 -25.77 -47.33 -69.23
N ALA G 380 -25.66 -46.02 -69.13
CA ALA G 380 -26.80 -45.19 -68.70
C ALA G 380 -28.02 -45.43 -69.61
N ASN G 381 -29.21 -45.45 -69.01
CA ASN G 381 -30.46 -45.56 -69.77
C ASN G 381 -31.49 -44.53 -69.29
N GLU G 382 -32.65 -44.54 -69.93
CA GLU G 382 -33.80 -43.72 -69.54
C GLU G 382 -34.24 -43.82 -68.07
N ASP G 383 -33.90 -44.92 -67.38
CA ASP G 383 -34.32 -45.15 -65.97
C ASP G 383 -33.27 -44.76 -64.91
N GLY G 384 -32.00 -44.62 -65.30
CA GLY G 384 -30.93 -44.23 -64.36
C GLY G 384 -29.56 -44.33 -65.00
N THR G 385 -28.56 -43.65 -64.41
CA THR G 385 -27.17 -43.67 -64.95
C THR G 385 -26.33 -44.85 -64.41
N GLU G 386 -26.61 -45.27 -63.17
CA GLU G 386 -25.87 -46.36 -62.51
C GLU G 386 -26.67 -47.66 -62.59
N ASN G 387 -26.20 -48.59 -63.44
CA ASN G 387 -26.95 -49.82 -63.78
C ASN G 387 -26.10 -51.09 -63.61
N PRO G 388 -25.97 -51.57 -62.35
CA PRO G 388 -25.16 -52.76 -62.12
C PRO G 388 -25.71 -54.00 -62.82
N ILE G 389 -24.80 -54.75 -63.45
CA ILE G 389 -25.09 -56.08 -64.03
C ILE G 389 -24.61 -57.15 -63.04
N TYR G 390 -25.50 -58.06 -62.67
CA TYR G 390 -25.18 -59.11 -61.70
C TYR G 390 -24.70 -60.40 -62.35
N LYS G 391 -24.05 -61.23 -61.53
CA LYS G 391 -23.50 -62.49 -61.98
C LYS G 391 -23.44 -63.46 -60.82
N THR G 392 -23.74 -64.73 -61.10
CA THR G 392 -23.74 -65.76 -60.07
C THR G 392 -22.42 -66.54 -60.16
N ILE G 393 -21.75 -66.60 -59.01
CA ILE G 393 -20.50 -67.35 -58.84
C ILE G 393 -20.87 -68.69 -58.22
N PRO G 394 -20.59 -69.81 -58.94
CA PRO G 394 -21.01 -71.10 -58.41
C PRO G 394 -20.28 -71.46 -57.12
N ALA G 395 -20.90 -72.28 -56.29
CA ALA G 395 -20.21 -72.87 -55.14
C ALA G 395 -18.98 -73.64 -55.64
N GLY G 396 -17.99 -73.76 -54.77
CA GLY G 396 -16.74 -74.39 -55.16
C GLY G 396 -15.84 -74.57 -53.97
N ASP G 397 -14.66 -75.12 -54.24
CA ASP G 397 -13.66 -75.31 -53.20
C ASP G 397 -12.24 -75.38 -53.79
N HIS G 398 -11.24 -75.22 -52.93
CA HIS G 398 -9.84 -75.26 -53.34
C HIS G 398 -9.01 -76.05 -52.35
N TYR G 399 -8.00 -76.75 -52.87
CA TYR G 399 -6.96 -77.33 -52.04
C TYR G 399 -5.72 -76.48 -52.24
N SER G 400 -5.09 -76.10 -51.11
CA SER G 400 -3.99 -75.15 -51.12
C SER G 400 -2.89 -75.54 -50.14
N PHE G 401 -1.68 -75.05 -50.41
CA PHE G 401 -0.55 -75.14 -49.49
C PHE G 401 -0.24 -73.81 -48.84
N ARG G 402 0.42 -73.83 -47.69
CA ARG G 402 1.32 -72.73 -47.28
C ARG G 402 2.74 -73.14 -47.62
N LEU G 403 3.28 -72.63 -48.72
CA LEU G 403 4.54 -73.16 -49.28
C LEU G 403 5.78 -72.93 -48.40
N GLU G 404 5.74 -71.90 -47.55
CA GLU G 404 6.86 -71.59 -46.67
C GLU G 404 6.97 -72.68 -45.61
N GLU G 405 5.83 -73.02 -45.00
CA GLU G 405 5.74 -74.16 -44.06
C GLU G 405 6.05 -75.52 -44.70
N LEU G 406 5.53 -75.74 -45.90
CA LEU G 406 5.80 -76.97 -46.65
C LEU G 406 7.29 -77.14 -46.93
N ASN G 407 7.97 -76.09 -47.37
CA ASN G 407 9.42 -76.13 -47.58
C ASN G 407 10.18 -76.54 -46.31
N LEU G 408 9.73 -76.09 -45.15
CA LEU G 408 10.36 -76.44 -43.87
C LEU G 408 10.10 -77.90 -43.48
N PHE G 409 8.90 -78.38 -43.80
CA PHE G 409 8.55 -79.79 -43.59
C PHE G 409 9.46 -80.67 -44.43
N ILE G 410 9.55 -80.36 -45.72
CA ILE G 410 10.44 -81.05 -46.64
C ILE G 410 11.90 -80.99 -46.17
N ALA G 411 12.31 -79.82 -45.69
CA ALA G 411 13.68 -79.60 -45.21
C ALA G 411 14.06 -80.50 -44.02
N LYS G 412 13.12 -80.73 -43.11
CA LYS G 412 13.33 -81.67 -42.01
C LYS G 412 13.49 -83.11 -42.50
N GLY G 413 12.77 -83.46 -43.55
CA GLY G 413 12.97 -84.74 -44.24
C GLY G 413 14.40 -84.91 -44.73
N PHE G 414 14.94 -83.89 -45.40
CA PHE G 414 16.33 -83.90 -45.84
C PHE G 414 17.33 -83.98 -44.70
N GLU G 415 17.01 -83.33 -43.58
CA GLU G 415 17.88 -83.33 -42.42
C GLU G 415 18.02 -84.75 -41.80
N ALA G 416 16.88 -85.44 -41.65
CA ALA G 416 16.84 -86.80 -41.14
C ALA G 416 17.59 -87.80 -42.05
N ARG G 417 17.48 -87.62 -43.36
CA ARG G 417 18.20 -88.44 -44.35
C ARG G 417 19.71 -88.20 -44.31
N LEU G 418 20.11 -86.96 -44.11
CA LEU G 418 21.53 -86.59 -43.99
C LEU G 418 22.14 -87.12 -42.69
N SER G 419 21.38 -87.06 -41.59
CA SER G 419 21.86 -87.56 -40.30
C SER G 419 22.01 -89.10 -40.28
N ALA G 420 21.13 -89.80 -41.00
CA ALA G 420 21.20 -91.25 -41.15
C ALA G 420 22.45 -91.70 -41.95
N ILE G 421 22.79 -90.93 -42.97
CA ILE G 421 24.01 -91.15 -43.78
C ILE G 421 25.28 -90.86 -42.97
N GLU G 422 25.31 -89.74 -42.28
CA GLU G 422 26.45 -89.34 -41.46
C GLU G 422 26.78 -90.31 -40.32
N ASP G 423 25.75 -90.94 -39.74
CA ASP G 423 25.94 -91.99 -38.73
C ASP G 423 26.54 -93.26 -39.34
N LYS G 424 26.07 -93.64 -40.52
CA LYS G 424 26.55 -94.84 -41.21
C LYS G 424 28.01 -94.71 -41.69
N LEU G 425 28.50 -93.49 -41.84
CA LEU G 425 29.90 -93.26 -42.21
C LEU G 425 30.73 -92.71 -41.03
N GLY G 426 30.25 -92.93 -39.80
CA GLY G 426 30.93 -92.49 -38.58
C GLY G 426 31.47 -91.07 -38.68
N MET G 427 30.62 -90.16 -39.16
CA MET G 427 31.03 -88.77 -39.48
C MET G 427 30.68 -87.86 -38.31
N CYS H 20 -41.62 3.40 -43.52
CA CYS H 20 -41.33 2.34 -42.50
C CYS H 20 -42.07 1.02 -42.84
N SER H 21 -43.23 0.74 -42.21
CA SER H 21 -43.87 -0.59 -42.26
C SER H 21 -45.18 -0.63 -43.04
N PHE H 22 -45.29 -1.55 -43.99
CA PHE H 22 -46.53 -1.78 -44.75
CA PHE H 22 -46.50 -1.73 -44.73
C PHE H 22 -47.01 -3.16 -44.45
N GLY H 23 -48.31 -3.33 -44.28
CA GLY H 23 -48.79 -4.61 -43.83
C GLY H 23 -50.18 -4.98 -44.25
N ILE H 24 -50.41 -6.28 -44.33
CA ILE H 24 -51.72 -6.82 -44.61
C ILE H 24 -52.12 -7.65 -43.43
N GLU H 25 -53.33 -7.40 -42.95
CA GLU H 25 -53.83 -7.99 -41.72
C GLU H 25 -55.15 -8.71 -42.00
N ASN H 26 -55.28 -9.89 -41.42
CA ASN H 26 -56.51 -10.62 -41.44
C ASN H 26 -56.79 -10.96 -39.97
N THR H 27 -57.84 -10.34 -39.45
CA THR H 27 -58.22 -10.44 -38.04
C THR H 27 -59.08 -11.67 -37.77
N ALA H 28 -59.64 -12.24 -38.84
CA ALA H 28 -60.65 -13.33 -38.73
C ALA H 28 -60.08 -14.75 -38.59
N GLY H 29 -58.76 -14.92 -38.75
CA GLY H 29 -58.16 -16.24 -38.68
C GLY H 29 -57.76 -16.84 -40.03
N GLY H 30 -58.05 -16.12 -41.11
CA GLY H 30 -57.62 -16.49 -42.45
C GLY H 30 -56.23 -15.95 -42.76
N SER H 31 -55.79 -16.25 -43.98
CA SER H 31 -54.41 -15.96 -44.42
C SER H 31 -54.24 -14.52 -44.93
N ALA H 32 -53.04 -13.98 -44.76
CA ALA H 32 -52.70 -12.64 -45.22
C ALA H 32 -51.64 -12.78 -46.28
N VAL H 33 -52.06 -12.75 -47.55
CA VAL H 33 -51.22 -13.15 -48.68
C VAL H 33 -51.16 -12.09 -49.77
N PHE H 34 -49.99 -11.91 -50.38
CA PHE H 34 -49.79 -10.97 -51.46
C PHE H 34 -49.67 -11.78 -52.79
N HIS H 35 -50.26 -11.27 -53.86
CA HIS H 35 -50.30 -11.96 -55.15
C HIS H 35 -49.82 -11.08 -56.27
N ASN H 36 -49.15 -11.71 -57.25
CA ASN H 36 -48.74 -11.04 -58.45
C ASN H 36 -49.61 -11.63 -59.55
N TYR H 37 -50.27 -10.78 -60.33
CA TYR H 37 -51.13 -11.21 -61.42
C TYR H 37 -50.54 -10.67 -62.72
N THR H 38 -50.31 -11.55 -63.68
CA THR H 38 -49.60 -11.21 -64.90
C THR H 38 -50.28 -11.92 -66.07
N ARG H 39 -50.22 -11.32 -67.26
CA ARG H 39 -50.77 -11.95 -68.46
C ARG H 39 -49.75 -11.97 -69.59
N GLY H 40 -50.06 -12.75 -70.62
CA GLY H 40 -49.34 -12.66 -71.88
C GLY H 40 -49.77 -11.41 -72.64
N ALA H 41 -49.13 -11.15 -73.77
CA ALA H 41 -49.51 -10.03 -74.62
C ALA H 41 -50.95 -10.22 -75.15
N SER H 42 -51.71 -9.13 -75.17
CA SER H 42 -53.08 -9.12 -75.70
C SER H 42 -53.96 -10.19 -75.06
N ASN H 43 -53.90 -10.27 -73.73
CA ASN H 43 -54.69 -11.24 -72.98
C ASN H 43 -54.43 -12.72 -73.26
N SER H 44 -53.32 -13.03 -73.93
CA SER H 44 -52.95 -14.43 -74.13
C SER H 44 -52.40 -15.01 -72.81
N VAL H 45 -52.26 -16.33 -72.80
CA VAL H 45 -51.68 -17.06 -71.68
C VAL H 45 -50.28 -16.55 -71.37
N THR H 46 -49.90 -16.64 -70.10
CA THR H 46 -48.52 -16.34 -69.69
C THR H 46 -47.60 -17.38 -70.32
N LYS H 47 -46.37 -16.98 -70.58
CA LYS H 47 -45.43 -17.79 -71.36
C LYS H 47 -44.34 -18.42 -70.50
N ASN H 48 -43.68 -19.41 -71.09
CA ASN H 48 -42.47 -20.01 -70.54
C ASN H 48 -41.45 -18.95 -70.19
N ASN H 49 -40.91 -19.03 -68.99
CA ASN H 49 -39.92 -18.09 -68.46
C ASN H 49 -40.34 -16.63 -68.35
N GLN H 50 -41.64 -16.36 -68.50
CA GLN H 50 -42.14 -15.01 -68.29
C GLN H 50 -42.06 -14.69 -66.81
N LEU H 51 -41.68 -13.47 -66.48
CA LEU H 51 -41.65 -13.06 -65.09
C LEU H 51 -43.09 -12.86 -64.62
N LEU H 52 -43.59 -13.80 -63.82
CA LEU H 52 -44.95 -13.74 -63.28
C LEU H 52 -45.11 -12.87 -62.02
N GLY H 53 -44.00 -12.54 -61.36
CA GLY H 53 -44.02 -11.84 -60.09
C GLY H 53 -42.62 -11.61 -59.59
N GLY H 54 -42.46 -10.59 -58.78
CA GLY H 54 -41.14 -10.20 -58.33
C GLY H 54 -41.19 -9.33 -57.09
N TYR H 55 -40.13 -9.41 -56.29
CA TYR H 55 -39.93 -8.62 -55.08
C TYR H 55 -38.46 -8.29 -55.10
N GLY H 56 -38.12 -7.02 -54.92
CA GLY H 56 -36.74 -6.61 -55.11
C GLY H 56 -36.39 -5.30 -54.47
N SER H 57 -35.17 -5.20 -53.99
CA SER H 57 -34.67 -3.98 -53.40
C SER H 57 -33.97 -3.15 -54.44
N ARG H 58 -34.10 -1.83 -54.32
CA ARG H 58 -33.34 -0.88 -55.13
C ARG H 58 -32.65 0.12 -54.22
N PRO H 59 -31.32 0.10 -54.21
CA PRO H 59 -30.60 0.96 -53.31
C PRO H 59 -30.43 2.38 -53.86
N TRP H 60 -30.12 3.31 -52.97
CA TRP H 60 -30.00 4.74 -53.27
C TRP H 60 -28.54 5.08 -53.55
N LEU H 61 -28.33 5.72 -54.71
CA LEU H 61 -27.01 6.13 -55.18
C LEU H 61 -26.57 7.55 -54.75
N GLY H 62 -27.47 8.31 -54.13
CA GLY H 62 -27.19 9.68 -53.73
C GLY H 62 -28.31 10.61 -54.16
N SER H 63 -28.72 10.50 -55.42
CA SER H 63 -29.88 11.24 -55.93
C SER H 63 -30.88 10.41 -56.74
N THR H 64 -30.56 9.14 -57.00
CA THR H 64 -31.49 8.21 -57.64
C THR H 64 -31.37 6.82 -57.04
N TYR H 65 -32.31 5.95 -57.41
CA TYR H 65 -32.22 4.52 -57.13
C TYR H 65 -31.65 3.79 -58.34
N THR H 66 -31.20 2.54 -58.15
CA THR H 66 -30.74 1.72 -59.28
C THR H 66 -31.92 1.45 -60.21
N GLU H 67 -31.63 1.21 -61.48
CA GLU H 67 -32.70 0.98 -62.45
C GLU H 67 -33.34 -0.40 -62.35
N HIS H 68 -32.62 -1.35 -61.77
CA HIS H 68 -33.15 -2.68 -61.51
C HIS H 68 -32.77 -3.08 -60.09
N SER H 69 -33.39 -4.14 -59.59
CA SER H 69 -33.14 -4.59 -58.24
C SER H 69 -31.77 -5.24 -58.09
N ASN H 70 -31.10 -4.97 -56.98
CA ASN H 70 -29.78 -5.59 -56.73
C ASN H 70 -29.88 -6.91 -56.01
N ALA H 71 -31.02 -7.14 -55.36
CA ALA H 71 -31.35 -8.42 -54.74
C ALA H 71 -32.83 -8.62 -54.97
N ALA H 72 -33.24 -9.83 -55.31
CA ALA H 72 -34.63 -10.04 -55.78
C ALA H 72 -35.09 -11.48 -55.70
N LEU H 73 -36.41 -11.65 -55.60
CA LEU H 73 -37.06 -12.93 -55.68
C LEU H 73 -37.97 -12.89 -56.88
N HIS H 74 -37.82 -13.84 -57.81
CA HIS H 74 -38.61 -13.88 -59.04
C HIS H 74 -39.41 -15.15 -59.11
N PHE H 75 -40.67 -15.03 -59.54
CA PHE H 75 -41.52 -16.15 -59.87
C PHE H 75 -41.60 -16.16 -61.38
N LEU H 76 -41.32 -17.30 -62.02
CA LEU H 76 -41.30 -17.40 -63.47
C LEU H 76 -42.11 -18.57 -63.99
N GLY H 77 -42.55 -18.48 -65.23
CA GLY H 77 -43.31 -19.56 -65.83
C GLY H 77 -42.41 -20.70 -66.27
N ALA H 78 -42.94 -21.92 -66.17
CA ALA H 78 -42.29 -23.13 -66.70
C ALA H 78 -43.25 -23.70 -67.76
N GLY H 79 -42.94 -23.41 -69.01
CA GLY H 79 -43.85 -23.72 -70.12
C GLY H 79 -44.95 -22.67 -70.24
N ASP H 80 -45.55 -22.58 -71.42
CA ASP H 80 -46.68 -21.68 -71.64
C ASP H 80 -47.86 -22.21 -70.83
N THR H 81 -48.54 -21.29 -70.14
CA THR H 81 -49.66 -21.68 -69.31
C THR H 81 -50.83 -22.22 -70.16
N SER H 82 -51.56 -23.19 -69.62
CA SER H 82 -52.68 -23.81 -70.32
C SER H 82 -53.54 -24.53 -69.29
N ALA H 83 -54.55 -25.26 -69.76
CA ALA H 83 -55.45 -25.96 -68.83
C ALA H 83 -54.73 -27.14 -68.16
N THR H 84 -53.71 -27.66 -68.82
CA THR H 84 -52.92 -28.77 -68.30
C THR H 84 -51.55 -28.38 -67.75
N ASN H 85 -51.11 -27.15 -67.98
CA ASN H 85 -49.84 -26.65 -67.46
C ASN H 85 -49.96 -25.37 -66.68
N HIS H 86 -49.69 -25.43 -65.36
CA HIS H 86 -49.53 -24.21 -64.55
C HIS H 86 -48.09 -24.05 -64.06
N GLY H 87 -47.14 -24.58 -64.83
CA GLY H 87 -45.77 -24.68 -64.40
C GLY H 87 -45.22 -23.36 -63.94
N GLY H 88 -44.45 -23.40 -62.85
CA GLY H 88 -43.77 -22.20 -62.34
C GLY H 88 -42.56 -22.55 -61.49
N TRP H 89 -41.55 -21.68 -61.53
CA TRP H 89 -40.32 -21.87 -60.80
C TRP H 89 -39.86 -20.56 -60.17
N ILE H 90 -38.76 -20.62 -59.40
CA ILE H 90 -38.31 -19.51 -58.56
C ILE H 90 -36.84 -19.30 -58.74
N ARG H 91 -36.40 -18.05 -58.77
CA ARG H 91 -35.00 -17.78 -58.55
C ARG H 91 -34.78 -16.58 -57.65
N LEU H 92 -33.59 -16.55 -57.03
CA LEU H 92 -33.16 -15.46 -56.19
C LEU H 92 -31.92 -14.88 -56.84
N LEU H 93 -31.85 -13.55 -56.90
CA LEU H 93 -30.77 -12.83 -57.57
C LEU H 93 -30.00 -11.99 -56.55
N VAL H 94 -28.68 -11.94 -56.73
CA VAL H 94 -27.82 -11.14 -55.87
C VAL H 94 -26.84 -10.38 -56.75
N THR H 95 -26.18 -9.38 -56.19
CA THR H 95 -25.24 -8.58 -56.94
C THR H 95 -23.91 -8.58 -56.18
N PRO H 96 -22.84 -9.07 -56.82
CA PRO H 96 -21.56 -9.09 -56.12
C PRO H 96 -21.06 -7.72 -55.71
N LYS H 97 -20.49 -7.62 -54.52
CA LYS H 97 -19.81 -6.41 -54.11
C LYS H 97 -18.79 -6.03 -55.18
N GLY H 98 -18.77 -4.76 -55.56
CA GLY H 98 -17.86 -4.26 -56.58
C GLY H 98 -18.43 -4.31 -57.99
N LYS H 99 -19.68 -4.71 -58.12
CA LYS H 99 -20.31 -4.77 -59.44
C LYS H 99 -21.65 -4.08 -59.41
N THR H 100 -22.13 -3.72 -60.61
CA THR H 100 -23.41 -3.06 -60.77
C THR H 100 -24.47 -4.12 -61.10
N ILE H 101 -25.73 -3.69 -61.13
CA ILE H 101 -26.85 -4.57 -61.41
C ILE H 101 -26.84 -5.14 -62.85
N SER H 102 -25.96 -4.64 -63.71
CA SER H 102 -25.74 -5.26 -65.02
C SER H 102 -25.15 -6.65 -64.86
N ASP H 103 -24.44 -6.86 -63.75
CA ASP H 103 -23.74 -8.12 -63.51
C ASP H 103 -24.30 -8.87 -62.32
N ARG H 104 -25.62 -8.81 -62.15
CA ARG H 104 -26.24 -9.53 -61.06
C ARG H 104 -26.44 -10.98 -61.47
N VAL H 105 -26.54 -11.83 -60.46
CA VAL H 105 -26.39 -13.28 -60.60
C VAL H 105 -27.62 -13.99 -60.06
N PRO H 106 -28.31 -14.75 -60.93
CA PRO H 106 -29.40 -15.61 -60.44
C PRO H 106 -28.82 -16.88 -59.84
N ALA H 107 -28.27 -16.72 -58.65
CA ALA H 107 -27.40 -17.73 -58.05
C ALA H 107 -28.17 -18.91 -57.46
N PHE H 108 -29.45 -18.72 -57.19
CA PHE H 108 -30.28 -19.75 -56.58
C PHE H 108 -31.46 -19.96 -57.51
N ARG H 109 -31.63 -21.18 -58.00
CA ARG H 109 -32.72 -21.46 -58.91
C ARG H 109 -33.40 -22.69 -58.42
N LEU H 110 -34.65 -22.54 -58.01
CA LEU H 110 -35.45 -23.65 -57.59
C LEU H 110 -36.32 -24.04 -58.80
N SER H 111 -35.92 -25.13 -59.45
CA SER H 111 -36.53 -25.60 -60.65
C SER H 111 -37.98 -25.99 -60.43
N ASP H 112 -38.75 -26.05 -61.52
CA ASP H 112 -40.14 -26.50 -61.46
C ASP H 112 -40.26 -27.97 -61.07
N ASN H 113 -39.20 -28.75 -61.34
CA ASN H 113 -39.13 -30.15 -60.88
C ASN H 113 -38.77 -30.28 -59.38
N GLY H 114 -38.42 -29.18 -58.73
CA GLY H 114 -38.08 -29.16 -57.30
C GLY H 114 -36.60 -29.17 -56.96
N ASP H 115 -35.72 -29.30 -57.96
CA ASP H 115 -34.28 -29.29 -57.75
C ASP H 115 -33.82 -27.93 -57.41
N LEU H 116 -32.72 -27.87 -56.68
CA LEU H 116 -32.09 -26.62 -56.39
C LEU H 116 -30.78 -26.57 -57.16
N TRP H 117 -30.62 -25.51 -57.94
CA TRP H 117 -29.38 -25.20 -58.61
C TRP H 117 -28.70 -24.04 -57.93
N LEU H 118 -27.42 -24.22 -57.61
CA LEU H 118 -26.58 -23.18 -57.08
C LEU H 118 -25.56 -22.78 -58.12
N VAL H 119 -25.62 -21.53 -58.54
CA VAL H 119 -24.83 -21.07 -59.67
C VAL H 119 -24.19 -19.73 -59.31
N PRO H 120 -23.08 -19.79 -58.55
CA PRO H 120 -22.43 -18.57 -58.08
C PRO H 120 -21.83 -17.71 -59.17
N ASP H 121 -21.35 -16.55 -58.79
CA ASP H 121 -20.74 -15.60 -59.71
C ASP H 121 -19.61 -16.26 -60.51
N GLY H 122 -19.62 -16.05 -61.82
CA GLY H 122 -18.58 -16.59 -62.71
C GLY H 122 -18.89 -17.95 -63.32
N ALA H 123 -19.96 -18.60 -62.89
CA ALA H 123 -20.26 -19.95 -63.32
C ALA H 123 -20.95 -20.02 -64.68
N MET H 124 -22.01 -19.22 -64.86
CA MET H 124 -22.74 -19.17 -66.13
C MET H 124 -22.86 -17.75 -66.66
N HIS H 125 -22.76 -17.59 -67.98
CA HIS H 125 -23.02 -16.31 -68.61
C HIS H 125 -24.49 -15.92 -68.37
N SER H 126 -24.75 -14.62 -68.34
CA SER H 126 -26.13 -14.07 -68.12
C SER H 126 -27.16 -14.52 -69.16
N ASP H 127 -26.72 -14.88 -70.36
CA ASP H 127 -27.58 -15.55 -71.36
C ASP H 127 -28.23 -16.83 -70.85
N LEU H 128 -27.63 -17.47 -69.85
CA LEU H 128 -28.15 -18.73 -69.33
C LEU H 128 -28.91 -18.54 -68.02
N GLY H 129 -29.26 -17.29 -67.68
CA GLY H 129 -30.00 -17.00 -66.45
C GLY H 129 -31.35 -17.69 -66.29
N LEU H 130 -31.94 -18.18 -67.39
CA LEU H 130 -33.23 -18.90 -67.33
C LEU H 130 -33.10 -20.42 -67.34
N VAL H 131 -31.86 -20.92 -67.36
CA VAL H 131 -31.65 -22.36 -67.24
C VAL H 131 -32.07 -22.81 -65.85
N ARG H 132 -32.89 -23.85 -65.79
CA ARG H 132 -33.46 -24.35 -64.55
C ARG H 132 -33.44 -25.87 -64.45
N SER H 133 -32.71 -26.54 -65.33
CA SER H 133 -32.68 -28.00 -65.38
C SER H 133 -31.60 -28.47 -66.34
N ILE H 134 -31.32 -29.77 -66.29
CA ILE H 134 -30.42 -30.39 -67.26
C ILE H 134 -31.04 -30.38 -68.67
N GLU H 135 -32.35 -30.58 -68.76
CA GLU H 135 -33.03 -30.49 -70.04
C GLU H 135 -32.87 -29.10 -70.68
N THR H 136 -33.12 -28.06 -69.91
CA THR H 136 -33.02 -26.68 -70.43
C THR H 136 -31.56 -26.28 -70.66
N LEU H 137 -30.64 -26.81 -69.84
CA LEU H 137 -29.21 -26.58 -70.05
C LEU H 137 -28.70 -27.25 -71.32
N ASN H 138 -29.12 -28.48 -71.56
CA ASN H 138 -28.79 -29.19 -72.81
C ASN H 138 -29.28 -28.45 -74.06
N ALA H 139 -30.47 -27.86 -73.97
CA ALA H 139 -31.03 -27.09 -75.09
C ALA H 139 -30.24 -25.80 -75.37
N ALA H 140 -29.84 -25.11 -74.30
CA ALA H 140 -29.08 -23.86 -74.40
C ALA H 140 -27.63 -24.07 -74.81
N VAL H 141 -27.07 -25.22 -74.44
CA VAL H 141 -25.68 -25.57 -74.77
C VAL H 141 -25.70 -26.93 -75.45
N PRO H 142 -25.82 -26.94 -76.78
CA PRO H 142 -26.11 -28.21 -77.47
C PRO H 142 -25.05 -29.31 -77.28
N ARG H 143 -23.78 -28.94 -77.07
CA ARG H 143 -22.70 -29.92 -76.85
C ARG H 143 -22.67 -30.55 -75.43
N PHE H 144 -23.42 -29.99 -74.49
CA PHE H 144 -23.38 -30.41 -73.09
C PHE H 144 -23.82 -31.86 -72.88
N ASN H 145 -25.02 -32.18 -73.32
CA ASN H 145 -25.53 -33.56 -73.31
C ASN H 145 -25.33 -34.30 -72.00
N ALA H 146 -25.83 -33.73 -70.92
CA ALA H 146 -25.88 -34.44 -69.66
C ALA H 146 -27.18 -35.26 -69.59
N PRO H 147 -27.23 -36.29 -68.72
CA PRO H 147 -28.42 -37.13 -68.65
C PRO H 147 -29.57 -36.44 -67.89
N SER H 148 -30.70 -36.27 -68.56
CA SER H 148 -31.85 -35.60 -67.95
C SER H 148 -32.54 -36.44 -66.89
N ILE H 149 -32.27 -37.74 -66.85
CA ILE H 149 -32.72 -38.58 -65.74
C ILE H 149 -32.20 -38.09 -64.37
N GLN H 150 -31.15 -37.27 -64.37
CA GLN H 150 -30.66 -36.67 -63.13
C GLN H 150 -31.51 -35.50 -62.62
N ASP H 151 -32.42 -34.98 -63.44
CA ASP H 151 -33.36 -33.92 -63.01
C ASP H 151 -34.34 -34.46 -61.98
N GLY H 152 -34.64 -33.66 -60.97
CA GLY H 152 -35.59 -34.02 -59.91
C GLY H 152 -35.03 -34.83 -58.77
N ARG H 153 -33.70 -34.86 -58.65
CA ARG H 153 -33.00 -35.71 -57.68
CA ARG H 153 -33.01 -35.70 -57.67
C ARG H 153 -32.42 -34.94 -56.51
N GLY H 154 -32.32 -33.61 -56.62
CA GLY H 154 -31.84 -32.80 -55.51
C GLY H 154 -31.02 -31.58 -55.90
N LEU H 155 -29.78 -31.55 -55.44
CA LEU H 155 -28.95 -30.37 -55.54
C LEU H 155 -27.93 -30.45 -56.67
N LYS H 156 -27.80 -29.36 -57.44
CA LYS H 156 -26.76 -29.24 -58.45
C LYS H 156 -26.00 -27.97 -58.24
N ILE H 157 -24.67 -28.06 -58.21
CA ILE H 157 -23.81 -26.90 -58.03
C ILE H 157 -22.92 -26.76 -59.24
N VAL H 158 -22.93 -25.57 -59.83
CA VAL H 158 -22.10 -25.27 -60.99
C VAL H 158 -21.19 -24.15 -60.58
N ALA H 159 -19.89 -24.35 -60.75
CA ALA H 159 -18.93 -23.30 -60.45
C ALA H 159 -17.74 -23.47 -61.38
N PRO H 160 -17.06 -22.36 -61.69
CA PRO H 160 -15.86 -22.48 -62.51
C PRO H 160 -14.77 -23.30 -61.77
N GLN H 161 -14.39 -24.41 -62.40
CA GLN H 161 -13.29 -25.30 -61.95
C GLN H 161 -13.59 -26.15 -60.72
N ALA H 162 -13.92 -25.51 -59.60
CA ALA H 162 -13.96 -26.19 -58.31
C ALA H 162 -15.25 -25.99 -57.53
N PRO H 163 -16.38 -26.49 -58.06
CA PRO H 163 -17.57 -26.47 -57.21
C PRO H 163 -17.35 -27.32 -55.98
N GLU H 164 -17.89 -26.90 -54.86
CA GLU H 164 -17.44 -27.39 -53.59
C GLU H 164 -18.53 -27.33 -52.55
N ILE H 165 -18.51 -28.31 -51.64
CA ILE H 165 -19.28 -28.27 -50.42
C ILE H 165 -18.34 -28.28 -49.25
N ASP H 166 -18.45 -27.28 -48.37
CA ASP H 166 -17.64 -27.20 -47.14
C ASP H 166 -18.49 -27.48 -45.92
N LEU H 167 -17.99 -28.34 -45.04
CA LEU H 167 -18.69 -28.69 -43.81
C LEU H 167 -17.83 -28.23 -42.64
N ILE H 168 -18.21 -27.10 -42.06
CA ILE H 168 -17.41 -26.42 -41.04
C ILE H 168 -17.92 -26.86 -39.68
N ALA H 169 -17.02 -27.46 -38.89
CA ALA H 169 -17.43 -28.28 -37.76
C ALA H 169 -16.61 -27.95 -36.53
N PRO H 170 -16.97 -26.86 -35.83
CA PRO H 170 -16.32 -26.57 -34.54
C PRO H 170 -16.62 -27.61 -33.46
N ARG H 171 -15.58 -28.07 -32.79
CA ARG H 171 -15.69 -29.13 -31.80
C ARG H 171 -16.58 -28.82 -30.61
N GLY H 172 -16.52 -27.58 -30.12
CA GLY H 172 -17.19 -27.21 -28.85
C GLY H 172 -16.67 -28.12 -27.75
N SER H 173 -17.58 -28.77 -27.06
CA SER H 173 -17.22 -29.69 -25.99
C SER H 173 -17.32 -31.15 -26.41
N GLY H 174 -17.59 -31.43 -27.69
CA GLY H 174 -17.73 -32.79 -28.19
C GLY H 174 -16.58 -33.18 -29.13
N ALA H 175 -16.92 -33.52 -30.38
CA ALA H 175 -15.94 -33.89 -31.40
C ALA H 175 -16.31 -33.23 -32.73
N SER H 176 -15.31 -32.80 -33.52
CA SER H 176 -15.58 -32.38 -34.89
C SER H 176 -15.80 -33.61 -35.74
N ALA H 177 -17.04 -33.80 -36.17
CA ALA H 177 -17.48 -35.02 -36.83
C ALA H 177 -18.48 -34.74 -37.93
N PRO H 178 -18.09 -33.95 -38.93
CA PRO H 178 -18.97 -33.80 -40.08
C PRO H 178 -19.24 -35.16 -40.73
N ALA H 179 -20.34 -35.25 -41.45
CA ALA H 179 -20.78 -36.52 -42.03
C ALA H 179 -21.61 -36.29 -43.27
N ILE H 180 -21.47 -37.21 -44.23
CA ILE H 180 -22.38 -37.33 -45.34
C ILE H 180 -23.00 -38.69 -45.23
N ARG H 181 -24.32 -38.72 -45.10
CA ARG H 181 -25.01 -39.92 -44.70
C ARG H 181 -26.14 -40.27 -45.68
N ALA H 182 -26.00 -41.39 -46.37
CA ALA H 182 -27.10 -41.98 -47.11
C ALA H 182 -28.02 -42.64 -46.11
N MET H 183 -29.32 -42.66 -46.39
CA MET H 183 -30.29 -43.30 -45.54
C MET H 183 -31.18 -44.15 -46.42
N TRP H 184 -30.85 -45.44 -46.44
CA TRP H 184 -31.56 -46.42 -47.22
C TRP H 184 -32.81 -46.89 -46.51
N CYS H 185 -33.85 -47.16 -47.28
CA CYS H 185 -35.01 -47.89 -46.77
C CYS H 185 -35.83 -48.45 -47.90
N ASP H 186 -36.69 -49.41 -47.55
CA ASP H 186 -37.70 -49.94 -48.47
C ASP H 186 -38.93 -49.04 -48.35
N GLY H 187 -39.73 -48.97 -49.40
CA GLY H 187 -41.01 -48.26 -49.31
C GLY H 187 -41.06 -46.96 -50.08
N SER H 188 -41.95 -46.08 -49.63
CA SER H 188 -42.28 -44.85 -50.33
C SER H 188 -42.96 -43.86 -49.42
N LEU H 189 -42.60 -42.60 -49.58
CA LEU H 189 -43.28 -41.49 -48.91
C LEU H 189 -44.27 -40.78 -49.86
N ALA H 190 -44.40 -41.29 -51.08
CA ALA H 190 -45.08 -40.62 -52.19
C ALA H 190 -46.55 -40.98 -52.39
N ASP H 191 -47.01 -42.07 -51.80
CA ASP H 191 -48.36 -42.56 -52.02
CA ASP H 191 -48.38 -42.57 -52.01
C ASP H 191 -49.31 -42.21 -50.86
N THR H 192 -50.57 -42.59 -51.00
CA THR H 192 -51.66 -42.20 -50.11
C THR H 192 -51.55 -42.87 -48.75
N THR H 193 -51.04 -44.10 -48.76
CA THR H 193 -50.56 -44.75 -47.57
C THR H 193 -49.06 -44.89 -47.72
N ARG H 194 -48.36 -44.41 -46.71
CA ARG H 194 -46.91 -44.53 -46.64
C ARG H 194 -46.49 -45.76 -45.89
N TYR H 195 -45.44 -46.40 -46.42
CA TYR H 195 -44.94 -47.61 -45.85
C TYR H 195 -43.44 -47.52 -45.93
N ILE H 196 -42.78 -47.94 -44.85
CA ILE H 196 -41.33 -47.88 -44.76
C ILE H 196 -40.86 -49.21 -44.19
N GLY H 197 -39.82 -49.81 -44.78
CA GLY H 197 -39.27 -51.04 -44.27
C GLY H 197 -37.78 -51.20 -44.42
N ALA H 198 -37.31 -52.41 -44.12
CA ALA H 198 -35.91 -52.70 -44.02
C ALA H 198 -35.18 -52.52 -45.32
N THR H 199 -33.97 -52.00 -45.21
CA THR H 199 -33.04 -51.87 -46.33
C THR H 199 -32.97 -53.18 -47.10
N GLN H 200 -33.12 -53.09 -48.42
CA GLN H 200 -33.15 -54.25 -49.31
C GLN H 200 -31.77 -54.54 -49.92
N PRO H 201 -31.59 -55.77 -50.46
CA PRO H 201 -30.40 -56.08 -51.26
C PRO H 201 -30.31 -55.13 -52.43
N GLY H 202 -29.08 -54.79 -52.82
CA GLY H 202 -28.85 -53.85 -53.93
C GLY H 202 -28.89 -52.38 -53.55
N SER H 203 -29.00 -52.07 -52.26
CA SER H 203 -28.91 -50.72 -51.77
C SER H 203 -27.45 -50.28 -51.83
N THR H 204 -27.19 -49.13 -52.46
CA THR H 204 -25.83 -48.63 -52.69
C THR H 204 -25.77 -47.15 -52.43
N PHE H 205 -24.57 -46.64 -52.22
CA PHE H 205 -24.30 -45.22 -52.09
C PHE H 205 -23.02 -44.94 -52.84
N TYR H 206 -23.11 -44.26 -53.97
CA TYR H 206 -21.95 -44.01 -54.81
C TYR H 206 -21.43 -42.61 -54.60
N ILE H 207 -20.12 -42.50 -54.39
CA ILE H 207 -19.43 -41.24 -54.39
C ILE H 207 -18.42 -41.35 -55.52
N GLY H 208 -18.67 -40.65 -56.61
CA GLY H 208 -17.87 -40.85 -57.80
C GLY H 208 -17.95 -39.71 -58.79
N ALA H 209 -17.36 -39.95 -59.96
CA ALA H 209 -17.19 -38.92 -60.98
C ALA H 209 -17.66 -39.43 -62.35
N SER H 210 -18.61 -38.67 -62.93
CA SER H 210 -18.94 -38.70 -64.34
C SER H 210 -18.11 -37.64 -65.01
N GLY H 211 -18.11 -37.65 -66.33
CA GLY H 211 -17.40 -36.64 -67.07
C GLY H 211 -17.83 -36.66 -68.52
N HIS H 212 -17.54 -35.57 -69.21
CA HIS H 212 -17.79 -35.46 -70.64
C HIS H 212 -16.69 -36.26 -71.37
N ASP H 213 -17.08 -37.02 -72.38
CA ASP H 213 -16.17 -37.88 -73.12
C ASP H 213 -15.87 -37.35 -74.52
N GLY H 214 -16.18 -36.09 -74.76
CA GLY H 214 -16.11 -35.50 -76.10
C GLY H 214 -17.46 -35.38 -76.79
N GLU H 215 -18.42 -36.24 -76.41
CA GLU H 215 -19.79 -36.20 -76.94
C GLU H 215 -20.87 -35.93 -75.86
N LYS H 216 -20.71 -36.50 -74.66
CA LYS H 216 -21.72 -36.40 -73.63
C LYS H 216 -21.19 -36.80 -72.26
N PHE H 217 -21.98 -36.53 -71.21
CA PHE H 217 -21.79 -37.10 -69.89
C PHE H 217 -22.60 -38.39 -69.84
N ASP H 218 -22.21 -39.31 -68.98
CA ASP H 218 -22.92 -40.58 -68.84
C ASP H 218 -22.81 -41.10 -67.40
N SER H 219 -22.62 -42.40 -67.23
CA SER H 219 -22.46 -42.98 -65.90
C SER H 219 -21.11 -42.61 -65.27
N MET H 220 -21.02 -42.86 -63.96
CA MET H 220 -19.76 -42.64 -63.25
C MET H 220 -18.74 -43.64 -63.76
N ARG H 221 -17.50 -43.20 -63.88
CA ARG H 221 -16.42 -44.08 -64.35
C ARG H 221 -15.34 -44.35 -63.29
N GLY H 222 -15.48 -43.73 -62.11
CA GLY H 222 -14.65 -44.04 -60.98
C GLY H 222 -15.46 -43.73 -59.74
N SER H 223 -15.35 -44.55 -58.69
CA SER H 223 -16.12 -44.32 -57.50
C SER H 223 -15.70 -45.13 -56.28
N VAL H 224 -16.10 -44.63 -55.12
CA VAL H 224 -16.23 -45.40 -53.90
C VAL H 224 -17.72 -45.72 -53.72
N ALA H 225 -18.04 -46.93 -53.30
CA ALA H 225 -19.44 -47.32 -53.15
C ALA H 225 -19.62 -48.07 -51.85
N ILE H 226 -20.50 -47.57 -51.00
CA ILE H 226 -20.94 -48.29 -49.83
C ILE H 226 -22.21 -49.04 -50.22
N LYS H 227 -22.26 -50.34 -49.92
CA LYS H 227 -23.35 -51.21 -50.38
C LYS H 227 -23.85 -52.06 -49.26
N SER H 228 -25.15 -52.34 -49.23
CA SER H 228 -25.69 -53.37 -48.34
C SER H 228 -25.20 -54.71 -48.90
N ALA H 229 -24.83 -55.61 -48.01
CA ALA H 229 -24.38 -56.97 -48.42
C ALA H 229 -25.47 -57.94 -48.01
N GLY H 230 -26.57 -57.91 -48.75
CA GLY H 230 -27.76 -58.60 -48.32
C GLY H 230 -28.78 -57.66 -47.71
N GLY H 231 -29.97 -58.19 -47.50
CA GLY H 231 -31.04 -57.46 -46.85
C GLY H 231 -30.75 -57.37 -45.35
N TRP H 232 -31.38 -56.39 -44.72
CA TRP H 232 -31.13 -56.07 -43.35
C TRP H 232 -32.31 -56.50 -42.51
N GLY H 233 -32.05 -56.62 -41.23
CA GLY H 233 -33.07 -56.93 -40.25
C GLY H 233 -32.60 -56.35 -38.95
N PRO H 234 -33.44 -56.45 -37.90
CA PRO H 234 -33.05 -55.79 -36.64
C PRO H 234 -31.77 -56.30 -35.96
N THR H 235 -31.34 -57.53 -36.26
CA THR H 235 -30.10 -58.09 -35.68
C THR H 235 -28.94 -58.24 -36.68
N SER H 236 -29.12 -57.76 -37.93
CA SER H 236 -28.15 -57.95 -39.00
C SER H 236 -28.21 -56.83 -40.06
N THR H 237 -27.16 -56.01 -40.12
CA THR H 237 -27.09 -54.92 -41.08
C THR H 237 -25.74 -54.90 -41.82
N PRO H 238 -25.48 -55.93 -42.64
CA PRO H 238 -24.17 -56.08 -43.25
C PRO H 238 -23.93 -55.11 -44.39
N THR H 239 -22.67 -54.72 -44.56
CA THR H 239 -22.27 -53.76 -45.58
C THR H 239 -20.92 -54.12 -46.18
N GLN H 240 -20.60 -53.47 -47.29
CA GLN H 240 -19.26 -53.49 -47.81
C GLN H 240 -18.92 -52.17 -48.43
N VAL H 241 -17.62 -51.93 -48.62
CA VAL H 241 -17.11 -50.74 -49.26
C VAL H 241 -16.25 -51.16 -50.46
N VAL H 242 -16.54 -50.61 -51.65
CA VAL H 242 -15.92 -51.04 -52.91
C VAL H 242 -15.34 -49.88 -53.69
N LEU H 243 -14.14 -50.07 -54.25
CA LEU H 243 -13.51 -49.06 -55.08
C LEU H 243 -13.59 -49.54 -56.52
N GLU H 244 -13.99 -48.64 -57.41
CA GLU H 244 -14.30 -49.01 -58.79
C GLU H 244 -13.61 -48.05 -59.73
N THR H 245 -13.01 -48.59 -60.79
CA THR H 245 -12.31 -47.77 -61.78
C THR H 245 -12.59 -48.29 -63.18
N CYS H 246 -12.20 -47.48 -64.16
CA CYS H 246 -12.43 -47.79 -65.56
C CYS H 246 -11.10 -47.83 -66.23
N GLU H 247 -10.91 -48.84 -67.07
CA GLU H 247 -9.66 -49.04 -67.76
C GLU H 247 -9.56 -48.14 -69.00
N SER H 248 -8.34 -47.73 -69.29
CA SER H 248 -7.94 -47.19 -70.57
C SER H 248 -8.44 -48.03 -71.75
N GLY H 249 -9.01 -47.37 -72.74
CA GLY H 249 -9.62 -48.09 -73.89
C GLY H 249 -10.99 -48.70 -73.58
N SER H 250 -11.53 -48.42 -72.41
CA SER H 250 -12.82 -48.96 -72.01
C SER H 250 -13.73 -47.80 -71.50
N ILE H 251 -15.05 -48.04 -71.47
CA ILE H 251 -16.03 -47.02 -71.07
C ILE H 251 -17.01 -47.56 -70.03
N SER H 252 -16.60 -48.59 -69.31
CA SER H 252 -17.44 -49.22 -68.32
C SER H 252 -16.58 -49.48 -67.08
N ARG H 253 -17.01 -48.98 -65.91
CA ARG H 253 -16.21 -49.17 -64.71
C ARG H 253 -16.52 -50.50 -64.07
N LEU H 254 -15.54 -51.06 -63.36
CA LEU H 254 -15.67 -52.35 -62.71
C LEU H 254 -15.30 -52.24 -61.25
N PRO H 255 -15.96 -53.02 -60.38
CA PRO H 255 -15.46 -53.15 -59.01
C PRO H 255 -14.11 -53.84 -59.02
N ARG H 256 -13.16 -53.30 -58.28
CA ARG H 256 -11.77 -53.76 -58.33
C ARG H 256 -11.39 -54.40 -57.01
N TRP H 257 -11.45 -53.59 -55.95
CA TRP H 257 -11.07 -54.00 -54.59
C TRP H 257 -12.13 -53.51 -53.63
N GLY H 258 -12.39 -54.29 -52.59
CA GLY H 258 -13.38 -53.93 -51.61
C GLY H 258 -13.12 -54.51 -50.24
N VAL H 259 -13.73 -53.92 -49.22
CA VAL H 259 -13.74 -54.47 -47.88
C VAL H 259 -15.10 -55.11 -47.64
N ASP H 260 -15.11 -56.37 -47.26
CA ASP H 260 -16.32 -57.14 -47.16
C ASP H 260 -16.96 -56.95 -45.82
N HIS H 261 -18.17 -57.47 -45.67
CA HIS H 261 -18.89 -57.42 -44.41
C HIS H 261 -18.08 -58.01 -43.24
N ASN H 262 -17.21 -58.98 -43.52
CA ASN H 262 -16.39 -59.56 -42.48
C ASN H 262 -15.00 -58.93 -42.34
N GLY H 263 -14.70 -57.93 -43.14
CA GLY H 263 -13.48 -57.16 -42.95
C GLY H 263 -12.36 -57.55 -43.88
N THR H 264 -12.59 -58.58 -44.68
CA THR H 264 -11.62 -59.02 -45.67
C THR H 264 -11.43 -57.94 -46.70
N LEU H 265 -10.17 -57.61 -46.99
CA LEU H 265 -9.86 -56.78 -48.14
C LEU H 265 -9.60 -57.74 -49.28
N MET H 266 -10.34 -57.60 -50.36
CA MET H 266 -10.28 -58.57 -51.41
C MET H 266 -10.41 -57.93 -52.79
N PRO H 267 -9.81 -58.56 -53.81
CA PRO H 267 -10.17 -58.18 -55.15
C PRO H 267 -11.58 -58.65 -55.43
N MET H 268 -12.26 -57.92 -56.29
CA MET H 268 -13.69 -58.21 -56.55
C MET H 268 -13.89 -59.19 -57.69
N ALA H 269 -12.80 -59.63 -58.31
CA ALA H 269 -12.81 -60.78 -59.22
C ALA H 269 -11.64 -61.68 -58.84
N ASP H 270 -11.81 -62.96 -59.09
CA ASP H 270 -10.80 -63.97 -58.74
C ASP H 270 -9.69 -64.00 -59.75
N ASN H 271 -8.46 -64.12 -59.25
CA ASN H 271 -7.29 -64.32 -60.10
C ASN H 271 -7.23 -63.32 -61.24
N ARG H 272 -7.33 -62.05 -60.90
CA ARG H 272 -7.36 -61.02 -61.91
C ARG H 272 -6.52 -59.79 -61.59
N TYR H 273 -6.46 -59.38 -60.31
CA TYR H 273 -5.86 -58.11 -59.93
C TYR H 273 -4.67 -58.31 -59.04
N ASN H 274 -3.63 -57.51 -59.25
CA ASN H 274 -2.42 -57.62 -58.48
C ASN H 274 -2.34 -56.63 -57.33
N LEU H 275 -1.44 -56.93 -56.41
CA LEU H 275 -1.02 -55.99 -55.39
C LEU H 275 0.38 -55.52 -55.76
N GLY H 276 0.50 -54.25 -56.11
CA GLY H 276 1.76 -53.68 -56.57
C GLY H 276 1.99 -53.95 -58.03
N TRP H 277 3.07 -53.36 -58.55
CA TRP H 277 3.56 -53.64 -59.89
C TRP H 277 5.05 -53.29 -59.92
N GLY H 278 5.70 -53.49 -61.07
CA GLY H 278 7.16 -53.32 -61.16
C GLY H 278 7.72 -52.01 -60.64
N SER H 279 7.05 -50.92 -60.96
CA SER H 279 7.47 -49.59 -60.53
C SER H 279 6.66 -49.10 -59.32
N GLY H 280 5.95 -50.00 -58.66
CA GLY H 280 5.12 -49.66 -57.49
C GLY H 280 5.03 -50.88 -56.59
N ARG H 281 6.19 -51.27 -56.06
CA ARG H 281 6.29 -52.48 -55.29
C ARG H 281 6.05 -52.19 -53.82
N VAL H 282 5.35 -53.11 -53.18
CA VAL H 282 5.17 -53.06 -51.75
C VAL H 282 6.52 -53.26 -51.10
N LYS H 283 6.85 -52.47 -50.09
CA LYS H 283 8.14 -52.58 -49.46
C LYS H 283 8.19 -53.92 -48.71
N GLN H 284 7.26 -54.17 -47.81
CA GLN H 284 7.02 -55.53 -47.31
C GLN H 284 5.70 -55.74 -46.65
N VAL H 285 5.38 -57.02 -46.47
CA VAL H 285 4.15 -57.47 -45.91
C VAL H 285 4.42 -58.04 -44.52
N TYR H 286 3.59 -57.66 -43.56
CA TYR H 286 3.54 -58.26 -42.25
C TYR H 286 2.33 -59.16 -42.17
N ALA H 287 2.57 -60.47 -42.15
CA ALA H 287 1.50 -61.45 -42.02
C ALA H 287 1.78 -62.32 -40.79
N VAL H 288 0.73 -62.98 -40.30
CA VAL H 288 0.85 -63.89 -39.16
C VAL H 288 1.06 -65.31 -39.68
N ASN H 289 0.20 -65.74 -40.60
CA ASN H 289 0.29 -67.04 -41.27
C ASN H 289 0.93 -66.93 -42.64
N GLY H 290 1.38 -68.07 -43.14
CA GLY H 290 2.01 -68.11 -44.46
C GLY H 290 0.97 -67.85 -45.54
N THR H 291 1.41 -67.21 -46.63
CA THR H 291 0.59 -67.05 -47.81
C THR H 291 0.02 -68.40 -48.25
N ILE H 292 -1.26 -68.40 -48.58
CA ILE H 292 -1.94 -69.58 -49.07
C ILE H 292 -1.94 -69.54 -50.59
N ASN H 293 -1.28 -70.50 -51.21
CA ASN H 293 -1.26 -70.66 -52.67
C ASN H 293 -2.01 -71.90 -53.04
N THR H 294 -2.95 -71.73 -53.96
CA THR H 294 -3.75 -72.85 -54.47
C THR H 294 -2.80 -73.81 -55.21
N ALA H 295 -2.95 -75.10 -54.94
CA ALA H 295 -2.16 -76.15 -55.61
C ALA H 295 -3.07 -77.38 -55.76
N ASP H 296 -4.07 -77.18 -56.62
CA ASP H 296 -5.20 -78.07 -56.75
C ASP H 296 -5.03 -78.90 -58.01
N ALA H 297 -4.99 -80.22 -57.85
CA ALA H 297 -4.83 -81.16 -58.98
C ALA H 297 -5.84 -80.94 -60.11
N ARG H 298 -7.06 -80.51 -59.75
CA ARG H 298 -8.16 -80.30 -60.70
C ARG H 298 -7.95 -79.13 -61.65
N LEU H 299 -7.04 -78.20 -61.30
CA LEU H 299 -6.74 -77.02 -62.13
C LEU H 299 -5.41 -77.16 -62.92
N LYS H 300 -4.67 -78.24 -62.67
CA LYS H 300 -3.38 -78.47 -63.29
C LYS H 300 -3.40 -79.67 -64.21
N ASN H 301 -2.48 -79.67 -65.17
CA ASN H 301 -2.15 -80.88 -65.90
C ASN H 301 -1.29 -81.79 -65.02
N ASP H 302 -0.91 -82.95 -65.54
CA ASP H 302 -0.09 -83.89 -64.77
C ASP H 302 1.26 -83.29 -64.44
N VAL H 303 1.77 -83.62 -63.25
CA VAL H 303 3.07 -83.16 -62.79
C VAL H 303 4.14 -84.08 -63.38
N ARG H 304 4.89 -83.59 -64.37
CA ARG H 304 5.96 -84.38 -64.98
C ARG H 304 7.21 -84.32 -64.11
N ALA H 305 8.06 -85.34 -64.22
CA ALA H 305 9.35 -85.35 -63.54
C ALA H 305 10.31 -84.38 -64.24
N MET H 306 11.34 -83.96 -63.51
CA MET H 306 12.35 -83.06 -64.06
C MET H 306 13.28 -83.82 -64.98
N SER H 307 13.63 -83.21 -66.10
CA SER H 307 14.68 -83.74 -66.96
C SER H 307 16.02 -83.69 -66.24
N ASP H 308 17.04 -84.30 -66.83
CA ASP H 308 18.39 -84.30 -66.24
C ASP H 308 19.06 -82.92 -66.27
N PRO H 309 18.96 -82.16 -67.40
CA PRO H 309 19.46 -80.78 -67.39
C PRO H 309 18.82 -79.88 -66.30
N GLU H 310 17.52 -80.05 -66.07
CA GLU H 310 16.80 -79.29 -65.03
C GLU H 310 17.30 -79.63 -63.63
N THR H 311 17.42 -80.91 -63.35
CA THR H 311 18.00 -81.37 -62.08
C THR H 311 19.42 -80.85 -61.92
N GLU H 312 20.19 -80.84 -63.01
CA GLU H 312 21.58 -80.36 -62.98
C GLU H 312 21.69 -78.88 -62.64
N ALA H 313 20.81 -78.07 -63.25
CA ALA H 313 20.72 -76.64 -62.98
C ALA H 313 20.29 -76.36 -61.53
N ALA H 314 19.35 -77.15 -61.03
CA ALA H 314 18.89 -77.07 -59.63
C ALA H 314 20.01 -77.27 -58.62
N LYS H 315 20.91 -78.20 -58.91
CA LYS H 315 22.04 -78.48 -58.03
C LYS H 315 23.06 -77.34 -58.04
N ALA H 316 23.30 -76.80 -59.23
CA ALA H 316 24.28 -75.73 -59.45
C ALA H 316 23.84 -74.41 -58.82
N ILE H 317 22.53 -74.16 -58.88
CA ILE H 317 21.92 -72.96 -58.31
C ILE H 317 22.04 -72.91 -56.78
N ALA H 318 21.92 -74.06 -56.11
CA ALA H 318 22.13 -74.15 -54.67
C ALA H 318 23.52 -73.68 -54.22
N LYS H 319 24.52 -73.88 -55.08
CA LYS H 319 25.91 -73.45 -54.81
C LYS H 319 26.10 -71.94 -54.89
N GLU H 320 25.17 -71.26 -55.53
CA GLU H 320 25.23 -69.80 -55.67
C GLU H 320 24.70 -69.03 -54.46
N ILE H 321 24.04 -69.73 -53.53
CA ILE H 321 23.46 -69.08 -52.35
C ILE H 321 24.57 -68.56 -51.42
N GLY H 322 24.56 -67.26 -51.20
CA GLY H 322 25.49 -66.62 -50.28
C GLY H 322 24.81 -65.42 -49.66
N PHE H 323 25.60 -64.39 -49.35
CA PHE H 323 25.08 -63.19 -48.73
C PHE H 323 25.39 -61.95 -49.55
N TRP H 324 24.45 -61.02 -49.60
CA TRP H 324 24.61 -59.78 -50.34
C TRP H 324 24.05 -58.61 -49.55
N THR H 325 24.45 -57.40 -49.97
CA THR H 325 23.88 -56.18 -49.45
C THR H 325 23.40 -55.32 -50.63
N TRP H 326 22.54 -54.35 -50.34
CA TRP H 326 22.17 -53.31 -51.31
C TRP H 326 23.24 -52.20 -51.31
N LYS H 327 23.16 -51.29 -52.28
CA LYS H 327 24.17 -50.22 -52.45
C LYS H 327 23.88 -48.91 -51.71
N ILE H 335 22.11 -51.98 -44.55
CA ILE H 335 23.35 -52.40 -43.89
C ILE H 335 23.38 -53.88 -43.46
N ARG H 336 22.27 -54.63 -43.65
CA ARG H 336 22.17 -56.03 -43.21
C ARG H 336 22.51 -57.00 -44.34
N GLU H 337 22.91 -58.22 -43.98
CA GLU H 337 23.32 -59.27 -44.94
C GLU H 337 22.14 -60.13 -45.33
N HIS H 338 21.77 -60.10 -46.61
CA HIS H 338 20.60 -60.84 -47.08
C HIS H 338 21.04 -62.10 -47.80
N CYS H 339 20.31 -63.19 -47.56
CA CYS H 339 20.68 -64.50 -48.08
C CYS H 339 19.98 -64.79 -49.41
N GLY H 340 20.77 -65.20 -50.40
CA GLY H 340 20.23 -65.59 -51.70
C GLY H 340 21.22 -65.43 -52.83
N LEU H 341 20.68 -65.25 -54.04
CA LEU H 341 21.49 -65.05 -55.25
C LEU H 341 20.77 -64.10 -56.22
N THR H 342 21.40 -63.81 -57.34
CA THR H 342 20.80 -62.93 -58.36
C THR H 342 20.08 -63.75 -59.42
N VAL H 343 19.10 -63.13 -60.06
CA VAL H 343 18.36 -63.76 -61.15
C VAL H 343 19.27 -63.93 -62.37
N GLN H 344 20.15 -62.94 -62.59
CA GLN H 344 21.08 -62.98 -63.70
C GLN H 344 22.05 -64.16 -63.60
N ARG H 345 22.52 -64.44 -62.38
CA ARG H 345 23.33 -65.61 -62.15
C ARG H 345 22.56 -66.90 -62.43
N ALA H 346 21.33 -66.98 -61.92
CA ALA H 346 20.47 -68.13 -62.20
C ALA H 346 20.20 -68.31 -63.68
N ILE H 347 20.03 -67.19 -64.40
CA ILE H 347 19.82 -67.23 -65.86
C ILE H 347 21.02 -67.87 -66.60
N GLU H 348 22.25 -67.51 -66.22
CA GLU H 348 23.45 -68.06 -66.87
C GLU H 348 23.56 -69.56 -66.65
N ILE H 349 23.32 -69.99 -65.41
CA ILE H 349 23.31 -71.41 -65.06
C ILE H 349 22.25 -72.19 -65.84
N MET H 350 21.04 -71.63 -65.92
CA MET H 350 19.94 -72.25 -66.66
C MET H 350 20.33 -72.48 -68.12
N GLU H 351 20.90 -71.46 -68.74
CA GLU H 351 21.27 -71.51 -70.15
C GLU H 351 22.48 -72.42 -70.40
N SER H 352 23.39 -72.52 -69.42
CA SER H 352 24.53 -73.42 -69.52
C SER H 352 24.14 -74.92 -69.59
N PHE H 353 22.91 -75.27 -69.16
CA PHE H 353 22.37 -76.62 -69.38
C PHE H 353 21.30 -76.63 -70.47
N GLY H 354 21.32 -75.64 -71.35
CA GLY H 354 20.48 -75.62 -72.54
C GLY H 354 19.01 -75.33 -72.30
N LEU H 355 18.70 -74.68 -71.17
CA LEU H 355 17.32 -74.37 -70.82
C LEU H 355 17.03 -72.91 -71.13
N ASP H 356 15.80 -72.64 -71.56
CA ASP H 356 15.29 -71.27 -71.68
C ASP H 356 14.74 -70.86 -70.29
N PRO H 357 15.45 -69.97 -69.57
CA PRO H 357 15.05 -69.62 -68.19
C PRO H 357 13.65 -68.97 -68.06
N PHE H 358 13.19 -68.29 -69.12
CA PHE H 358 11.92 -67.58 -69.08
C PHE H 358 10.72 -68.46 -69.42
N LYS H 359 10.94 -69.76 -69.60
CA LYS H 359 9.84 -70.71 -69.67
C LYS H 359 9.50 -71.28 -68.30
N TYR H 360 10.21 -70.83 -67.28
CA TYR H 360 10.03 -71.30 -65.90
C TYR H 360 9.42 -70.21 -65.01
N GLY H 361 8.45 -70.60 -64.20
CA GLY H 361 7.68 -69.65 -63.42
C GLY H 361 8.41 -68.91 -62.30
N PHE H 362 9.54 -69.46 -61.84
CA PHE H 362 10.30 -68.83 -60.74
C PHE H 362 11.25 -67.72 -61.19
N ILE H 363 11.31 -67.46 -62.50
CA ILE H 363 12.13 -66.37 -63.04
C ILE H 363 11.22 -65.37 -63.74
N CYS H 364 11.27 -64.11 -63.29
CA CYS H 364 10.37 -63.06 -63.80
C CYS H 364 11.13 -61.84 -64.32
N TYR H 365 10.55 -61.24 -65.35
CA TYR H 365 11.07 -60.00 -65.90
C TYR H 365 9.90 -59.03 -66.12
N ASP H 366 10.03 -57.81 -65.60
CA ASP H 366 9.02 -56.75 -65.77
C ASP H 366 9.69 -55.53 -66.36
N LYS H 367 8.98 -54.84 -67.25
CA LYS H 367 9.44 -53.59 -67.82
C LYS H 367 8.29 -52.57 -67.78
N TRP H 368 8.61 -51.28 -67.74
CA TRP H 368 7.58 -50.25 -67.77
C TRP H 368 8.08 -49.02 -68.54
N ASP H 369 7.14 -48.29 -69.15
CA ASP H 369 7.45 -47.06 -69.87
C ASP H 369 7.65 -45.90 -68.91
N GLU H 370 8.24 -44.82 -69.41
CA GLU H 370 8.29 -43.57 -68.67
C GLU H 370 6.84 -43.10 -68.44
N HIS H 371 6.59 -42.58 -67.25
CA HIS H 371 5.23 -42.11 -66.91
C HIS H 371 5.30 -41.00 -65.86
N THR H 372 4.23 -40.22 -65.79
CA THR H 372 4.16 -39.07 -64.89
C THR H 372 3.12 -39.32 -63.79
N VAL H 373 3.48 -38.94 -62.57
CA VAL H 373 2.64 -39.17 -61.38
C VAL H 373 2.61 -37.92 -60.49
N VAL H 374 1.54 -37.81 -59.71
CA VAL H 374 1.50 -36.86 -58.59
C VAL H 374 2.43 -37.37 -57.50
N SER H 375 3.49 -36.61 -57.21
CA SER H 375 4.42 -36.99 -56.15
C SER H 375 4.05 -36.37 -54.81
N GLU H 376 3.60 -35.10 -54.85
CA GLU H 376 3.42 -34.26 -53.66
C GLU H 376 2.24 -33.31 -53.88
N TYR H 377 1.77 -32.69 -52.80
CA TYR H 377 0.89 -31.52 -52.93
C TYR H 377 1.58 -30.26 -52.42
N GLY H 378 1.66 -29.25 -53.29
CA GLY H 378 2.17 -27.92 -52.90
C GLY H 378 1.32 -27.28 -51.81
N PRO H 379 1.79 -26.16 -51.24
CA PRO H 379 0.96 -25.47 -50.25
C PRO H 379 -0.22 -24.76 -50.94
N ALA H 380 -1.27 -24.43 -50.17
CA ALA H 380 -2.36 -23.60 -50.70
C ALA H 380 -1.80 -22.25 -51.18
N ASN H 381 -2.36 -21.73 -52.28
CA ASN H 381 -1.98 -20.41 -52.79
C ASN H 381 -3.23 -19.60 -53.14
N GLU H 382 -3.01 -18.37 -53.60
CA GLU H 382 -4.07 -17.47 -54.06
C GLU H 382 -5.00 -18.06 -55.15
N ASP H 383 -4.54 -19.08 -55.90
CA ASP H 383 -5.33 -19.68 -56.99
C ASP H 383 -6.12 -20.94 -56.62
N GLY H 384 -5.76 -21.59 -55.52
CA GLY H 384 -6.47 -22.79 -55.08
C GLY H 384 -5.78 -23.45 -53.90
N THR H 385 -6.50 -24.30 -53.16
CA THR H 385 -5.93 -25.02 -51.99
C THR H 385 -5.25 -26.36 -52.37
N GLU H 386 -5.76 -27.04 -53.41
CA GLU H 386 -5.24 -28.35 -53.86
C GLU H 386 -4.31 -28.16 -55.08
N ASN H 387 -3.00 -28.32 -54.85
CA ASN H 387 -1.95 -27.99 -55.85
C ASN H 387 -0.97 -29.15 -56.06
N PRO H 388 -1.37 -30.16 -56.87
CA PRO H 388 -0.49 -31.30 -57.11
C PRO H 388 0.83 -30.92 -57.81
N ILE H 389 1.93 -31.48 -57.29
CA ILE H 389 3.26 -31.40 -57.91
C ILE H 389 3.55 -32.72 -58.66
N TYR H 390 3.90 -32.62 -59.94
CA TYR H 390 4.13 -33.79 -60.77
C TYR H 390 5.58 -34.23 -60.81
N LYS H 391 5.79 -35.47 -61.22
CA LYS H 391 7.13 -36.04 -61.32
C LYS H 391 7.15 -37.13 -62.38
N THR H 392 8.25 -37.19 -63.13
CA THR H 392 8.42 -38.18 -64.19
C THR H 392 9.24 -39.34 -63.65
N ILE H 393 8.68 -40.54 -63.82
CA ILE H 393 9.33 -41.79 -63.46
C ILE H 393 9.93 -42.37 -64.73
N PRO H 394 11.28 -42.52 -64.78
CA PRO H 394 11.90 -43.04 -66.02
C PRO H 394 11.48 -44.47 -66.34
N ALA H 395 11.52 -44.82 -67.62
CA ALA H 395 11.34 -46.22 -68.03
C ALA H 395 12.40 -47.08 -67.35
N GLY H 396 12.09 -48.36 -67.18
CA GLY H 396 13.00 -49.26 -66.46
C GLY H 396 12.54 -50.70 -66.55
N ASP H 397 13.29 -51.58 -65.89
CA ASP H 397 12.93 -53.00 -65.82
C ASP H 397 13.56 -53.69 -64.58
N HIS H 398 13.05 -54.87 -64.24
CA HIS H 398 13.52 -55.62 -63.06
C HIS H 398 13.63 -57.10 -63.40
N TYR H 399 14.63 -57.75 -62.81
CA TYR H 399 14.70 -59.22 -62.78
C TYR H 399 14.31 -59.66 -61.38
N SER H 400 13.42 -60.65 -61.30
CA SER H 400 12.82 -61.08 -60.03
C SER H 400 12.66 -62.60 -59.96
N PHE H 401 12.60 -63.11 -58.73
CA PHE H 401 12.27 -64.52 -58.46
C PHE H 401 10.87 -64.64 -57.89
N ARG H 402 10.27 -65.83 -58.01
CA ARG H 402 9.28 -66.31 -57.05
C ARG H 402 9.98 -67.26 -56.11
N LEU H 403 10.34 -66.79 -54.92
CA LEU H 403 11.24 -67.54 -54.03
C LEU H 403 10.67 -68.86 -53.50
N GLU H 404 9.35 -68.97 -53.44
CA GLU H 404 8.70 -70.18 -52.94
C GLU H 404 8.90 -71.29 -53.96
N GLU H 405 8.67 -70.97 -55.23
CA GLU H 405 8.95 -71.90 -56.35
C GLU H 405 10.44 -72.23 -56.50
N LEU H 406 11.29 -71.22 -56.38
CA LEU H 406 12.74 -71.40 -56.45
C LEU H 406 13.23 -72.36 -55.37
N ASN H 407 12.74 -72.19 -54.14
CA ASN H 407 13.08 -73.11 -53.04
C ASN H 407 12.71 -74.57 -53.35
N LEU H 408 11.59 -74.78 -54.02
CA LEU H 408 11.15 -76.12 -54.39
C LEU H 408 12.01 -76.70 -55.53
N PHE H 409 12.46 -75.84 -56.45
CA PHE H 409 13.37 -76.23 -57.52
C PHE H 409 14.70 -76.71 -56.92
N ILE H 410 15.27 -75.87 -56.05
CA ILE H 410 16.48 -76.20 -55.31
C ILE H 410 16.33 -77.49 -54.49
N ALA H 411 15.16 -77.65 -53.85
CA ALA H 411 14.88 -78.82 -53.03
C ALA H 411 14.89 -80.12 -53.83
N LYS H 412 14.38 -80.09 -55.05
CA LYS H 412 14.44 -81.27 -55.93
C LYS H 412 15.90 -81.63 -56.32
N GLY H 413 16.74 -80.60 -56.48
CA GLY H 413 18.18 -80.78 -56.65
C GLY H 413 18.78 -81.56 -55.50
N PHE H 414 18.46 -81.18 -54.26
CA PHE H 414 18.91 -81.91 -53.07
C PHE H 414 18.39 -83.35 -53.01
N GLU H 415 17.16 -83.54 -53.45
CA GLU H 415 16.53 -84.85 -53.43
C GLU H 415 17.26 -85.84 -54.37
N ALA H 416 17.57 -85.38 -55.59
CA ALA H 416 18.32 -86.17 -56.57
C ALA H 416 19.74 -86.53 -56.10
N ARG H 417 20.41 -85.60 -55.43
CA ARG H 417 21.74 -85.82 -54.86
C ARG H 417 21.70 -86.84 -53.71
N LEU H 418 20.66 -86.78 -52.90
CA LEU H 418 20.48 -87.73 -51.79
C LEU H 418 20.15 -89.12 -52.28
N SER H 419 19.33 -89.23 -53.33
CA SER H 419 18.98 -90.53 -53.92
C SER H 419 20.16 -91.21 -54.59
N ALA H 420 21.05 -90.41 -55.19
CA ALA H 420 22.28 -90.91 -55.83
C ALA H 420 23.26 -91.47 -54.80
N ILE H 421 23.35 -90.81 -53.65
CA ILE H 421 24.14 -91.30 -52.53
C ILE H 421 23.47 -92.64 -52.21
N GLU H 422 22.57 -92.71 -51.24
CA GLU H 422 21.64 -93.81 -51.01
C GLU H 422 21.69 -95.04 -51.90
N ASP H 423 21.68 -94.88 -53.23
CA ASP H 423 21.89 -96.01 -54.15
C ASP H 423 23.32 -96.55 -54.09
N LYS H 424 24.30 -95.64 -54.00
CA LYS H 424 25.71 -96.03 -53.93
C LYS H 424 26.08 -96.72 -52.61
N LEU H 425 25.28 -96.54 -51.56
CA LEU H 425 25.49 -97.23 -50.29
C LEU H 425 24.44 -98.33 -50.04
N GLY H 426 23.79 -98.79 -51.10
CA GLY H 426 22.75 -99.85 -51.02
C GLY H 426 21.77 -99.62 -49.87
N MET H 427 21.26 -98.40 -49.77
CA MET H 427 20.42 -97.93 -48.66
C MET H 427 18.96 -98.14 -49.01
N CYS I 20 -57.66 -10.68 -46.23
CA CYS I 20 -57.43 -11.89 -47.09
C CYS I 20 -56.34 -11.63 -48.17
N SER I 21 -56.71 -11.29 -49.41
CA SER I 21 -55.77 -11.28 -50.55
C SER I 21 -55.45 -9.87 -51.08
N PHE I 22 -54.18 -9.54 -51.18
CA PHE I 22 -53.71 -8.25 -51.75
CA PHE I 22 -53.77 -8.27 -51.70
C PHE I 22 -52.94 -8.52 -52.99
N GLY I 23 -53.15 -7.72 -54.02
CA GLY I 23 -52.55 -8.06 -55.28
C GLY I 23 -52.21 -6.94 -56.20
N ILE I 24 -51.19 -7.18 -57.02
CA ILE I 24 -50.80 -6.24 -58.05
C ILE I 24 -50.98 -6.91 -59.38
N GLU I 25 -51.65 -6.22 -60.28
CA GLU I 25 -52.08 -6.77 -61.56
C GLU I 25 -51.57 -5.90 -62.70
N ASN I 26 -51.08 -6.57 -63.73
CA ASN I 26 -50.69 -5.92 -64.95
C ASN I 26 -51.41 -6.68 -66.04
N THR I 27 -52.36 -6.00 -66.66
CA THR I 27 -53.24 -6.59 -67.67
C THR I 27 -52.60 -6.57 -69.07
N ALA I 28 -51.57 -5.74 -69.24
CA ALA I 28 -50.99 -5.44 -70.55
C ALA I 28 -49.92 -6.45 -71.04
N GLY I 29 -49.48 -7.37 -70.17
CA GLY I 29 -48.44 -8.32 -70.53
C GLY I 29 -47.07 -8.01 -69.94
N GLY I 30 -46.97 -6.90 -69.21
CA GLY I 30 -45.76 -6.57 -68.44
C GLY I 30 -45.76 -7.21 -67.06
N SER I 31 -44.71 -6.92 -66.31
CA SER I 31 -44.45 -7.55 -65.01
C SER I 31 -45.18 -6.88 -63.85
N ALA I 32 -45.53 -7.67 -62.85
CA ALA I 32 -46.19 -7.17 -61.65
C ALA I 32 -45.22 -7.39 -60.47
N VAL I 33 -44.49 -6.35 -60.11
CA VAL I 33 -43.36 -6.46 -59.20
C VAL I 33 -43.44 -5.49 -58.02
N PHE I 34 -43.02 -5.94 -56.84
CA PHE I 34 -43.00 -5.13 -55.64
C PHE I 34 -41.54 -4.70 -55.34
N HIS I 35 -41.33 -3.46 -54.93
CA HIS I 35 -39.98 -2.92 -54.70
C HIS I 35 -39.85 -2.29 -53.34
N ASN I 36 -38.66 -2.40 -52.75
CA ASN I 36 -38.33 -1.76 -51.49
C ASN I 36 -37.31 -0.71 -51.82
N TYR I 37 -37.59 0.53 -51.42
CA TYR I 37 -36.71 1.68 -51.70
C TYR I 37 -36.20 2.23 -50.39
N THR I 38 -34.88 2.31 -50.25
CA THR I 38 -34.26 2.61 -48.96
C THR I 38 -33.09 3.53 -49.22
N ARG I 39 -32.80 4.42 -48.26
CA ARG I 39 -31.66 5.32 -48.35
C ARG I 39 -30.76 5.24 -47.13
N GLY I 40 -29.56 5.79 -47.26
CA GLY I 40 -28.73 6.03 -46.09
C GLY I 40 -29.26 7.20 -45.30
N ALA I 41 -28.62 7.50 -44.17
CA ALA I 41 -28.98 8.67 -43.36
C ALA I 41 -28.73 9.96 -44.15
N SER I 42 -29.66 10.91 -44.04
CA SER I 42 -29.55 12.24 -44.66
C SER I 42 -29.29 12.13 -46.17
N ASN I 43 -30.06 11.27 -46.84
CA ASN I 43 -29.95 11.08 -48.28
C ASN I 43 -28.62 10.53 -48.79
N SER I 44 -27.79 9.99 -47.91
CA SER I 44 -26.53 9.37 -48.35
C SER I 44 -26.83 8.01 -48.97
N VAL I 45 -25.81 7.46 -49.62
CA VAL I 45 -25.87 6.11 -50.19
C VAL I 45 -26.23 5.07 -49.12
N THR I 46 -26.91 4.03 -49.54
CA THR I 46 -27.19 2.89 -48.68
C THR I 46 -25.83 2.24 -48.33
N LYS I 47 -25.78 1.62 -47.16
CA LYS I 47 -24.54 1.13 -46.62
C LYS I 47 -24.42 -0.40 -46.66
N ASN I 48 -23.19 -0.86 -46.48
CA ASN I 48 -22.88 -2.27 -46.27
C ASN I 48 -23.74 -2.87 -45.16
N ASN I 49 -24.35 -4.01 -45.47
CA ASN I 49 -25.26 -4.72 -44.55
C ASN I 49 -26.51 -3.97 -44.07
N GLN I 50 -26.84 -2.85 -44.71
CA GLN I 50 -28.05 -2.15 -44.40
C GLN I 50 -29.22 -2.99 -44.91
N LEU I 51 -30.31 -3.05 -44.15
CA LEU I 51 -31.51 -3.75 -44.59
C LEU I 51 -32.20 -2.92 -45.67
N LEU I 52 -32.08 -3.36 -46.91
CA LEU I 52 -32.66 -2.64 -48.07
C LEU I 52 -34.13 -2.99 -48.34
N GLY I 53 -34.61 -4.07 -47.75
CA GLY I 53 -35.95 -4.52 -47.98
C GLY I 53 -36.23 -5.73 -47.13
N GLY I 54 -37.49 -6.00 -46.88
CA GLY I 54 -37.87 -7.12 -46.05
C GLY I 54 -39.32 -7.53 -46.23
N TYR I 55 -39.59 -8.79 -45.96
CA TYR I 55 -40.91 -9.35 -45.98
C TYR I 55 -40.93 -10.30 -44.80
N GLY I 56 -41.97 -10.24 -43.98
CA GLY I 56 -41.97 -11.01 -42.76
C GLY I 56 -43.31 -11.20 -42.12
N SER I 57 -43.50 -12.36 -41.50
CA SER I 57 -44.73 -12.65 -40.77
C SER I 57 -44.59 -12.28 -39.31
N ARG I 58 -45.67 -11.79 -38.72
CA ARG I 58 -45.76 -11.53 -37.28
C ARG I 58 -46.97 -12.23 -36.72
N PRO I 59 -46.75 -13.23 -35.87
CA PRO I 59 -47.86 -13.97 -35.32
C PRO I 59 -48.55 -13.25 -34.13
N TRP I 60 -49.77 -13.69 -33.83
CA TRP I 60 -50.62 -13.10 -32.82
C TRP I 60 -50.49 -13.86 -31.51
N LEU I 61 -50.23 -13.10 -30.45
CA LEU I 61 -50.01 -13.64 -29.11
C LEU I 61 -51.27 -13.73 -28.25
N GLY I 62 -52.39 -13.20 -28.73
CA GLY I 62 -53.65 -13.15 -27.97
C GLY I 62 -54.25 -11.76 -28.00
N SER I 63 -53.43 -10.75 -27.73
CA SER I 63 -53.85 -9.35 -27.85
C SER I 63 -52.87 -8.43 -28.58
N THR I 64 -51.69 -8.95 -28.93
CA THR I 64 -50.73 -8.21 -29.76
C THR I 64 -50.03 -9.15 -30.73
N TYR I 65 -49.29 -8.55 -31.67
CA TYR I 65 -48.38 -9.28 -32.54
C TYR I 65 -46.96 -9.22 -31.98
N THR I 66 -46.08 -10.10 -32.45
CA THR I 66 -44.66 -10.05 -32.05
C THR I 66 -44.06 -8.71 -32.52
N GLU I 67 -43.04 -8.23 -31.85
CA GLU I 67 -42.41 -6.98 -32.21
C GLU I 67 -41.53 -7.07 -33.46
N HIS I 68 -41.04 -8.27 -33.79
CA HIS I 68 -40.29 -8.51 -35.00
C HIS I 68 -40.82 -9.78 -35.66
N SER I 69 -40.43 -9.99 -36.91
CA SER I 69 -40.94 -11.12 -37.67
C SER I 69 -40.33 -12.41 -37.20
N ASN I 70 -41.13 -13.47 -37.13
CA ASN I 70 -40.61 -14.76 -36.74
C ASN I 70 -40.06 -15.57 -37.92
N ALA I 71 -40.46 -15.20 -39.13
CA ALA I 71 -39.96 -15.78 -40.37
C ALA I 71 -39.91 -14.64 -41.36
N ALA I 72 -38.86 -14.55 -42.17
CA ALA I 72 -38.61 -13.36 -42.95
C ALA I 72 -37.66 -13.58 -44.11
N LEU I 73 -37.77 -12.72 -45.11
CA LEU I 73 -36.83 -12.62 -46.22
C LEU I 73 -36.25 -11.22 -46.19
N HIS I 74 -34.93 -11.10 -46.17
CA HIS I 74 -34.24 -9.82 -46.08
C HIS I 74 -33.35 -9.62 -47.26
N PHE I 75 -33.37 -8.40 -47.80
CA PHE I 75 -32.45 -7.97 -48.82
C PHE I 75 -31.47 -7.01 -48.13
N LEU I 76 -30.16 -7.22 -48.29
CA LEU I 76 -29.17 -6.42 -47.59
C LEU I 76 -28.07 -5.93 -48.51
N GLY I 77 -27.40 -4.87 -48.13
CA GLY I 77 -26.33 -4.32 -48.93
C GLY I 77 -25.05 -5.07 -48.74
N ALA I 78 -24.26 -5.15 -49.81
CA ALA I 78 -22.93 -5.74 -49.80
C ALA I 78 -21.98 -4.62 -50.23
N GLY I 79 -21.35 -4.01 -49.24
CA GLY I 79 -20.58 -2.80 -49.46
C GLY I 79 -21.48 -1.57 -49.53
N ASP I 80 -20.89 -0.38 -49.29
CA ASP I 80 -21.61 0.87 -49.45
C ASP I 80 -21.92 1.08 -50.93
N THR I 81 -23.15 1.47 -51.22
CA THR I 81 -23.56 1.67 -52.60
C THR I 81 -22.81 2.84 -53.25
N SER I 82 -22.54 2.72 -54.55
CA SER I 82 -21.81 3.73 -55.28
C SER I 82 -22.07 3.52 -56.78
N ALA I 83 -21.41 4.30 -57.63
CA ALA I 83 -21.57 4.15 -59.07
C ALA I 83 -20.97 2.83 -59.59
N THR I 84 -19.97 2.30 -58.87
CA THR I 84 -19.33 1.03 -59.22
C THR I 84 -19.74 -0.18 -58.36
N ASN I 85 -20.46 0.07 -57.25
CA ASN I 85 -20.98 -1.00 -56.40
C ASN I 85 -22.48 -0.93 -56.17
N HIS I 86 -23.23 -1.90 -56.69
CA HIS I 86 -24.63 -2.09 -56.30
C HIS I 86 -24.81 -3.38 -55.50
N GLY I 87 -23.77 -3.82 -54.79
CA GLY I 87 -23.76 -5.12 -54.14
C GLY I 87 -24.96 -5.33 -53.26
N GLY I 88 -25.51 -6.54 -53.30
CA GLY I 88 -26.63 -6.93 -52.44
C GLY I 88 -26.72 -8.44 -52.25
N TRP I 89 -27.22 -8.85 -51.09
CA TRP I 89 -27.32 -10.24 -50.74
C TRP I 89 -28.63 -10.50 -50.00
N ILE I 90 -28.90 -11.77 -49.70
CA ILE I 90 -30.20 -12.21 -49.20
C ILE I 90 -30.01 -13.11 -48.01
N ARG I 91 -30.90 -13.01 -47.02
CA ARG I 91 -31.02 -14.08 -46.07
C ARG I 91 -32.45 -14.37 -45.73
N LEU I 92 -32.68 -15.59 -45.25
CA LEU I 92 -33.98 -16.02 -44.77
C LEU I 92 -33.82 -16.35 -43.29
N LEU I 93 -34.79 -15.92 -42.49
CA LEU I 93 -34.75 -16.06 -41.03
C LEU I 93 -35.91 -16.92 -40.55
N VAL I 94 -35.63 -17.76 -39.54
CA VAL I 94 -36.64 -18.64 -38.95
C VAL I 94 -36.49 -18.57 -37.44
N THR I 95 -37.50 -19.03 -36.72
CA THR I 95 -37.50 -18.99 -35.29
C THR I 95 -37.78 -20.41 -34.78
N PRO I 96 -36.83 -20.99 -34.00
CA PRO I 96 -37.07 -22.36 -33.54
C PRO I 96 -38.29 -22.48 -32.65
N LYS I 97 -39.04 -23.56 -32.81
CA LYS I 97 -40.11 -23.86 -31.89
C LYS I 97 -39.55 -23.85 -30.48
N GLY I 98 -40.26 -23.21 -29.57
CA GLY I 98 -39.85 -23.12 -28.17
C GLY I 98 -38.99 -21.91 -27.88
N LYS I 99 -38.80 -21.05 -28.86
CA LYS I 99 -38.02 -19.83 -28.68
C LYS I 99 -38.76 -18.61 -29.18
N THR I 100 -38.33 -17.44 -28.71
CA THR I 100 -38.94 -16.17 -29.10
C THR I 100 -38.10 -15.55 -30.21
N ILE I 101 -38.59 -14.45 -30.78
CA ILE I 101 -37.93 -13.77 -31.89
C ILE I 101 -36.61 -13.13 -31.48
N SER I 102 -36.30 -13.10 -30.18
CA SER I 102 -34.96 -12.71 -29.72
C SER I 102 -33.92 -13.73 -30.16
N ASP I 103 -34.36 -14.97 -30.36
CA ASP I 103 -33.44 -16.06 -30.74
C ASP I 103 -33.71 -16.61 -32.16
N ARG I 104 -34.08 -15.73 -33.07
CA ARG I 104 -34.32 -16.17 -34.43
C ARG I 104 -33.01 -16.25 -35.17
N VAL I 105 -33.01 -17.08 -36.22
CA VAL I 105 -31.79 -17.58 -36.83
C VAL I 105 -31.79 -17.23 -38.30
N PRO I 106 -30.79 -16.46 -38.76
CA PRO I 106 -30.60 -16.27 -40.20
C PRO I 106 -29.93 -17.51 -40.82
N ALA I 107 -30.71 -18.57 -40.95
CA ALA I 107 -30.20 -19.89 -41.25
C ALA I 107 -29.79 -20.08 -42.70
N PHE I 108 -30.32 -19.24 -43.59
CA PHE I 108 -30.05 -19.34 -45.02
C PHE I 108 -29.47 -18.01 -45.44
N ARG I 109 -28.27 -18.00 -46.00
CA ARG I 109 -27.64 -16.77 -46.42
C ARG I 109 -27.12 -16.98 -47.80
N LEU I 110 -27.70 -16.25 -48.75
CA LEU I 110 -27.23 -16.28 -50.11
C LEU I 110 -26.30 -15.10 -50.30
N SER I 111 -25.01 -15.39 -50.33
CA SER I 111 -23.99 -14.36 -50.41
C SER I 111 -24.07 -13.56 -51.68
N ASP I 112 -23.47 -12.37 -51.67
CA ASP I 112 -23.36 -11.55 -52.87
C ASP I 112 -22.50 -12.22 -53.96
N ASN I 113 -21.58 -13.10 -53.56
CA ASN I 113 -20.77 -13.88 -54.51
C ASN I 113 -21.57 -15.05 -55.11
N GLY I 114 -22.77 -15.31 -54.59
CA GLY I 114 -23.61 -16.41 -55.06
C GLY I 114 -23.56 -17.73 -54.27
N ASP I 115 -22.67 -17.81 -53.27
CA ASP I 115 -22.62 -18.99 -52.38
C ASP I 115 -23.82 -19.06 -51.49
N LEU I 116 -24.17 -20.27 -51.12
CA LEU I 116 -25.21 -20.49 -50.13
C LEU I 116 -24.58 -20.98 -48.83
N TRP I 117 -24.85 -20.27 -47.75
CA TRP I 117 -24.48 -20.66 -46.42
C TRP I 117 -25.70 -21.16 -45.67
N LEU I 118 -25.57 -22.36 -45.10
CA LEU I 118 -26.57 -22.94 -44.23
C LEU I 118 -26.03 -22.93 -42.81
N VAL I 119 -26.71 -22.20 -41.93
CA VAL I 119 -26.22 -21.95 -40.58
C VAL I 119 -27.36 -22.18 -39.59
N PRO I 120 -27.61 -23.45 -39.25
CA PRO I 120 -28.75 -23.78 -38.40
C PRO I 120 -28.62 -23.28 -36.97
N ASP I 121 -29.68 -23.49 -36.21
CA ASP I 121 -29.72 -23.06 -34.82
C ASP I 121 -28.54 -23.61 -34.03
N GLY I 122 -27.87 -22.74 -33.27
CA GLY I 122 -26.75 -23.15 -32.42
C GLY I 122 -25.39 -23.02 -33.06
N ALA I 123 -25.33 -22.71 -34.34
CA ALA I 123 -24.07 -22.72 -35.07
C ALA I 123 -23.27 -21.44 -34.90
N MET I 124 -23.92 -20.28 -35.07
CA MET I 124 -23.27 -18.98 -34.92
C MET I 124 -24.03 -18.05 -33.97
N HIS I 125 -23.28 -17.30 -33.16
CA HIS I 125 -23.87 -16.32 -32.27
C HIS I 125 -24.54 -15.27 -33.13
N SER I 126 -25.57 -14.62 -32.57
CA SER I 126 -26.32 -13.57 -33.30
C SER I 126 -25.45 -12.38 -33.75
N ASP I 127 -24.34 -12.13 -33.07
CA ASP I 127 -23.35 -11.15 -33.52
C ASP I 127 -22.82 -11.41 -34.91
N LEU I 128 -22.90 -12.66 -35.35
CA LEU I 128 -22.37 -13.03 -36.67
C LEU I 128 -23.48 -13.21 -37.72
N GLY I 129 -24.68 -12.73 -37.42
CA GLY I 129 -25.81 -12.81 -38.37
C GLY I 129 -25.59 -12.16 -39.72
N LEU I 130 -24.63 -11.25 -39.85
CA LEU I 130 -24.35 -10.58 -41.13
C LEU I 130 -23.16 -11.20 -41.89
N VAL I 131 -22.57 -12.26 -41.33
CA VAL I 131 -21.52 -12.97 -42.04
C VAL I 131 -22.12 -13.63 -43.26
N ARG I 132 -21.49 -13.41 -44.41
CA ARG I 132 -22.00 -13.89 -45.70
C ARG I 132 -20.90 -14.50 -46.57
N SER I 133 -19.71 -14.74 -46.00
CA SER I 133 -18.55 -15.23 -46.75
C SER I 133 -17.42 -15.60 -45.81
N ILE I 134 -16.42 -16.27 -46.35
CA ILE I 134 -15.20 -16.57 -45.61
C ILE I 134 -14.42 -15.29 -45.31
N GLU I 135 -14.38 -14.35 -46.25
CA GLU I 135 -13.75 -13.07 -46.00
C GLU I 135 -14.39 -12.33 -44.82
N THR I 136 -15.71 -12.26 -44.79
CA THR I 136 -16.42 -11.56 -43.70
C THR I 136 -16.35 -12.36 -42.40
N LEU I 137 -16.34 -13.68 -42.49
CA LEU I 137 -16.15 -14.53 -41.29
C LEU I 137 -14.74 -14.39 -40.68
N ASN I 138 -13.71 -14.36 -41.51
CA ASN I 138 -12.35 -14.10 -41.04
C ASN I 138 -12.25 -12.76 -40.31
N ALA I 139 -12.90 -11.73 -40.83
CA ALA I 139 -12.84 -10.40 -40.23
C ALA I 139 -13.52 -10.38 -38.89
N ALA I 140 -14.67 -11.05 -38.78
CA ALA I 140 -15.43 -11.13 -37.52
C ALA I 140 -14.80 -12.02 -36.46
N VAL I 141 -14.07 -13.04 -36.90
CA VAL I 141 -13.38 -13.99 -36.02
C VAL I 141 -11.91 -14.03 -36.45
N PRO I 142 -11.08 -13.16 -35.85
CA PRO I 142 -9.72 -12.97 -36.40
C PRO I 142 -8.84 -14.22 -36.41
N ARG I 143 -9.05 -15.15 -35.47
CA ARG I 143 -8.26 -16.40 -35.44
C ARG I 143 -8.71 -17.48 -36.42
N PHE I 144 -9.85 -17.32 -37.06
CA PHE I 144 -10.41 -18.32 -37.98
C PHE I 144 -9.50 -18.61 -39.18
N ASN I 145 -9.15 -17.56 -39.93
CA ASN I 145 -8.22 -17.68 -41.05
C ASN I 145 -8.47 -18.87 -41.97
N ALA I 146 -9.66 -18.95 -42.54
CA ALA I 146 -9.92 -19.90 -43.61
C ALA I 146 -9.55 -19.27 -44.96
N PRO I 147 -9.32 -20.10 -46.00
CA PRO I 147 -8.92 -19.53 -47.28
C PRO I 147 -10.09 -18.88 -48.04
N SER I 148 -9.97 -17.59 -48.35
CA SER I 148 -11.03 -16.87 -49.06
C SER I 148 -11.17 -17.32 -50.51
N ILE I 149 -10.16 -17.98 -51.06
CA ILE I 149 -10.28 -18.56 -52.41
C ILE I 149 -11.44 -19.59 -52.48
N GLN I 150 -11.90 -20.08 -51.34
CA GLN I 150 -13.07 -20.97 -51.31
C GLN I 150 -14.42 -20.26 -51.49
N ASP I 151 -14.43 -18.93 -51.40
CA ASP I 151 -15.66 -18.13 -51.66
C ASP I 151 -16.04 -18.19 -53.14
N GLY I 152 -17.35 -18.31 -53.39
CA GLY I 152 -17.88 -18.37 -54.75
C GLY I 152 -17.88 -19.73 -55.40
N ARG I 153 -17.74 -20.78 -54.59
CA ARG I 153 -17.58 -22.17 -55.06
CA ARG I 153 -17.60 -22.15 -55.09
C ARG I 153 -18.81 -23.03 -54.81
N GLY I 154 -19.74 -22.57 -53.98
CA GLY I 154 -20.98 -23.30 -53.79
C GLY I 154 -21.54 -23.25 -52.39
N LEU I 155 -21.68 -24.42 -51.77
CA LEU I 155 -22.41 -24.57 -50.52
C LEU I 155 -21.48 -24.67 -49.33
N LYS I 156 -21.80 -23.93 -48.26
CA LYS I 156 -21.10 -24.03 -46.99
C LYS I 156 -22.10 -24.30 -45.89
N ILE I 157 -21.86 -25.33 -45.09
CA ILE I 157 -22.71 -25.67 -43.96
C ILE I 157 -21.88 -25.54 -42.68
N VAL I 158 -22.38 -24.75 -41.73
CA VAL I 158 -21.78 -24.58 -40.43
C VAL I 158 -22.76 -25.13 -39.41
N ALA I 159 -22.31 -26.06 -38.58
CA ALA I 159 -23.14 -26.56 -37.51
C ALA I 159 -22.25 -26.93 -36.33
N PRO I 160 -22.79 -26.85 -35.11
CA PRO I 160 -21.98 -27.28 -33.96
C PRO I 160 -21.67 -28.77 -34.05
N GLN I 161 -20.37 -29.07 -34.13
CA GLN I 161 -19.81 -30.44 -34.11
C GLN I 161 -19.99 -31.22 -35.38
N ALA I 162 -21.24 -31.42 -35.79
CA ALA I 162 -21.57 -32.42 -36.81
C ALA I 162 -22.42 -31.88 -37.94
N PRO I 163 -21.87 -30.94 -38.73
CA PRO I 163 -22.63 -30.54 -39.93
C PRO I 163 -22.78 -31.74 -40.82
N GLU I 164 -23.92 -31.86 -41.48
CA GLU I 164 -24.29 -33.09 -42.09
C GLU I 164 -25.15 -32.88 -43.33
N ILE I 165 -24.98 -33.76 -44.30
CA ILE I 165 -25.88 -33.90 -45.43
C ILE I 165 -26.48 -35.28 -45.40
N ASP I 166 -27.82 -35.37 -45.36
CA ASP I 166 -28.54 -36.67 -45.37
C ASP I 166 -29.22 -36.86 -46.69
N LEU I 167 -29.03 -38.04 -47.27
CA LEU I 167 -29.65 -38.38 -48.55
C LEU I 167 -30.61 -39.54 -48.27
N ILE I 168 -31.90 -39.24 -48.16
CA ILE I 168 -32.91 -40.18 -47.77
C ILE I 168 -33.53 -40.76 -49.04
N ALA I 169 -33.46 -42.08 -49.17
CA ALA I 169 -33.63 -42.75 -50.46
C ALA I 169 -34.56 -43.96 -50.36
N PRO I 170 -35.89 -43.73 -50.36
CA PRO I 170 -36.85 -44.83 -50.34
C PRO I 170 -36.85 -45.59 -51.66
N ARG I 171 -36.76 -46.91 -51.56
CA ARG I 171 -36.57 -47.77 -52.72
C ARG I 171 -37.70 -47.66 -53.76
N GLY I 172 -38.94 -47.56 -53.27
CA GLY I 172 -40.11 -47.72 -54.11
C GLY I 172 -40.06 -49.08 -54.80
N SER I 173 -40.15 -49.07 -56.13
CA SER I 173 -40.08 -50.30 -56.91
C SER I 173 -38.72 -50.49 -57.58
N GLY I 174 -37.74 -49.63 -57.28
CA GLY I 174 -36.40 -49.71 -57.90
C GLY I 174 -35.34 -50.12 -56.88
N ALA I 175 -34.34 -49.27 -56.70
CA ALA I 175 -33.25 -49.50 -55.73
C ALA I 175 -32.95 -48.22 -54.95
N SER I 176 -32.63 -48.32 -53.66
CA SER I 176 -32.10 -47.16 -52.90
C SER I 176 -30.66 -46.94 -53.33
N ALA I 177 -30.43 -45.85 -54.06
CA ALA I 177 -29.16 -45.59 -54.69
C ALA I 177 -28.81 -44.11 -54.66
N PRO I 178 -28.63 -43.53 -53.45
CA PRO I 178 -28.19 -42.16 -53.40
C PRO I 178 -26.80 -42.04 -54.02
N ALA I 179 -26.42 -40.84 -54.43
CA ALA I 179 -25.18 -40.62 -55.12
C ALA I 179 -24.68 -39.21 -54.94
N ILE I 180 -23.36 -39.06 -54.91
CA ILE I 180 -22.70 -37.79 -55.03
C ILE I 180 -21.85 -37.91 -56.25
N ARG I 181 -22.06 -37.02 -57.21
CA ARG I 181 -21.49 -37.16 -58.54
C ARG I 181 -20.78 -35.92 -58.99
N ALA I 182 -19.46 -35.99 -59.15
CA ALA I 182 -18.71 -34.95 -59.82
C ALA I 182 -18.96 -35.09 -61.33
N MET I 183 -18.97 -33.97 -62.05
CA MET I 183 -19.18 -33.98 -63.48
C MET I 183 -18.11 -33.10 -64.09
N TRP I 184 -17.06 -33.75 -64.58
CA TRP I 184 -15.90 -33.11 -65.18
C TRP I 184 -16.16 -32.79 -66.64
N CYS I 185 -15.64 -31.65 -67.10
CA CYS I 185 -15.60 -31.34 -68.51
C CYS I 185 -14.57 -30.27 -68.78
N ASP I 186 -14.20 -30.16 -70.06
CA ASP I 186 -13.37 -29.05 -70.55
C ASP I 186 -14.32 -27.91 -70.92
N GLY I 187 -13.84 -26.68 -70.87
CA GLY I 187 -14.62 -25.56 -71.37
C GLY I 187 -15.15 -24.63 -70.31
N SER I 188 -16.24 -23.93 -70.65
CA SER I 188 -16.78 -22.84 -69.83
C SER I 188 -18.22 -22.55 -70.20
N LEU I 189 -19.03 -22.29 -69.17
CA LEU I 189 -20.39 -21.80 -69.36
C LEU I 189 -20.48 -20.30 -69.15
N ALA I 190 -19.34 -19.65 -68.91
CA ALA I 190 -19.26 -18.28 -68.40
C ALA I 190 -19.08 -17.19 -69.44
N ASP I 191 -18.68 -17.58 -70.63
CA ASP I 191 -18.34 -16.61 -71.68
C ASP I 191 -19.48 -16.42 -72.66
N THR I 192 -19.25 -15.54 -73.62
CA THR I 192 -20.26 -15.11 -74.59
C THR I 192 -20.58 -16.21 -75.61
N THR I 193 -19.56 -17.00 -75.92
CA THR I 193 -19.75 -18.29 -76.57
C THR I 193 -19.35 -19.36 -75.58
N ARG I 194 -20.26 -20.31 -75.42
CA ARG I 194 -20.02 -21.48 -74.59
C ARG I 194 -19.51 -22.64 -75.35
N TYR I 195 -18.55 -23.34 -74.75
CA TYR I 195 -17.91 -24.46 -75.36
C TYR I 195 -17.70 -25.50 -74.28
N ILE I 196 -17.95 -26.75 -74.63
CA ILE I 196 -17.84 -27.87 -73.70
C ILE I 196 -17.11 -28.99 -74.41
N GLY I 197 -16.12 -29.60 -73.75
CA GLY I 197 -15.41 -30.75 -74.33
C GLY I 197 -15.00 -31.83 -73.35
N ALA I 198 -14.19 -32.77 -73.85
CA ALA I 198 -13.84 -33.96 -73.11
C ALA I 198 -13.02 -33.64 -71.88
N THR I 199 -13.30 -34.42 -70.83
CA THR I 199 -12.55 -34.42 -69.59
C THR I 199 -11.05 -34.46 -69.90
N GLN I 200 -10.32 -33.53 -69.29
CA GLN I 200 -8.88 -33.38 -69.49
C GLN I 200 -8.04 -34.12 -68.42
N PRO I 201 -6.74 -34.34 -68.71
CA PRO I 201 -5.82 -34.86 -67.70
C PRO I 201 -5.80 -33.92 -66.50
N GLY I 202 -5.61 -34.46 -65.30
CA GLY I 202 -5.60 -33.66 -64.07
C GLY I 202 -6.96 -33.36 -63.48
N SER I 203 -8.01 -33.95 -64.04
CA SER I 203 -9.36 -33.83 -63.48
C SER I 203 -9.43 -34.73 -62.21
N THR I 204 -9.88 -34.15 -61.09
CA THR I 204 -9.90 -34.85 -59.83
C THR I 204 -11.18 -34.54 -59.08
N PHE I 205 -11.52 -35.39 -58.13
CA PHE I 205 -12.68 -35.17 -57.24
C PHE I 205 -12.23 -35.57 -55.85
N TYR I 206 -12.00 -34.58 -54.98
CA TYR I 206 -11.49 -34.86 -53.65
C TYR I 206 -12.62 -34.88 -52.63
N ILE I 207 -12.66 -35.92 -51.82
CA ILE I 207 -13.51 -35.98 -50.66
C ILE I 207 -12.55 -36.09 -49.46
N GLY I 208 -12.42 -35.03 -48.69
CA GLY I 208 -11.39 -34.97 -47.69
C GLY I 208 -11.64 -33.95 -46.61
N ALA I 209 -10.62 -33.75 -45.77
CA ALA I 209 -10.68 -32.89 -44.60
C ALA I 209 -9.53 -31.91 -44.54
N SER I 210 -9.88 -30.63 -44.48
CA SER I 210 -9.01 -29.56 -44.02
C SER I 210 -9.26 -29.38 -42.55
N GLY I 211 -8.42 -28.59 -41.91
CA GLY I 211 -8.57 -28.32 -40.49
C GLY I 211 -7.71 -27.17 -40.07
N HIS I 212 -8.04 -26.61 -38.92
CA HIS I 212 -7.24 -25.55 -38.32
C HIS I 212 -6.00 -26.19 -37.69
N ASP I 213 -4.85 -25.57 -37.90
CA ASP I 213 -3.58 -26.10 -37.38
C ASP I 213 -3.04 -25.31 -36.17
N GLY I 214 -3.88 -24.48 -35.57
CA GLY I 214 -3.46 -23.54 -34.53
C GLY I 214 -3.34 -22.11 -35.03
N GLU I 215 -3.08 -21.93 -36.32
CA GLU I 215 -3.00 -20.61 -36.97
C GLU I 215 -4.04 -20.36 -38.08
N LYS I 216 -4.34 -21.37 -38.88
CA LYS I 216 -5.26 -21.22 -40.01
C LYS I 216 -5.75 -22.55 -40.54
N PHE I 217 -6.75 -22.49 -41.42
CA PHE I 217 -7.12 -23.64 -42.28
C PHE I 217 -6.30 -23.52 -43.54
N ASP I 218 -6.08 -24.65 -44.21
CA ASP I 218 -5.32 -24.65 -45.46
C ASP I 218 -5.83 -25.76 -46.39
N SER I 219 -4.93 -26.46 -47.05
CA SER I 219 -5.31 -27.55 -47.94
C SER I 219 -5.77 -28.76 -47.16
N MET I 220 -6.39 -29.69 -47.87
CA MET I 220 -6.82 -30.94 -47.27
C MET I 220 -5.58 -31.73 -46.87
N ARG I 221 -5.66 -32.43 -45.75
CA ARG I 221 -4.54 -33.23 -45.27
C ARG I 221 -4.83 -34.71 -45.20
N GLY I 222 -6.06 -35.09 -45.55
CA GLY I 222 -6.43 -36.51 -45.72
C GLY I 222 -7.59 -36.56 -46.69
N SER I 223 -7.61 -37.55 -47.58
CA SER I 223 -8.67 -37.60 -48.59
C SER I 223 -8.75 -38.90 -49.37
N VAL I 224 -9.93 -39.13 -49.95
CA VAL I 224 -10.14 -40.03 -51.05
C VAL I 224 -10.25 -39.16 -52.32
N ALA I 225 -9.64 -39.59 -53.41
CA ALA I 225 -9.64 -38.79 -54.63
C ALA I 225 -9.93 -39.71 -55.82
N ILE I 226 -11.00 -39.41 -56.54
CA ILE I 226 -11.24 -40.01 -57.83
C ILE I 226 -10.58 -39.09 -58.88
N LYS I 227 -9.78 -39.67 -59.77
CA LYS I 227 -9.00 -38.91 -60.73
C LYS I 227 -9.14 -39.49 -62.13
N SER I 228 -9.15 -38.64 -63.15
CA SER I 228 -9.01 -39.12 -64.52
C SER I 228 -7.55 -39.59 -64.65
N ALA I 229 -7.36 -40.70 -65.35
CA ALA I 229 -6.03 -41.25 -65.59
C ALA I 229 -5.70 -41.03 -67.05
N GLY I 230 -5.43 -39.79 -67.39
CA GLY I 230 -5.35 -39.40 -68.79
C GLY I 230 -6.61 -38.67 -69.25
N GLY I 231 -6.51 -38.11 -70.45
CA GLY I 231 -7.65 -37.47 -71.10
C GLY I 231 -8.61 -38.54 -71.59
N TRP I 232 -9.85 -38.11 -71.77
CA TRP I 232 -10.93 -39.00 -72.14
C TRP I 232 -11.29 -38.79 -73.60
N GLY I 233 -11.96 -39.80 -74.15
CA GLY I 233 -12.51 -39.74 -75.49
C GLY I 233 -13.69 -40.68 -75.50
N PRO I 234 -14.43 -40.74 -76.62
CA PRO I 234 -15.68 -41.51 -76.59
C PRO I 234 -15.51 -43.00 -76.35
N THR I 235 -14.33 -43.55 -76.61
CA THR I 235 -14.08 -45.00 -76.39
C THR I 235 -13.17 -45.30 -75.18
N SER I 236 -12.77 -44.27 -74.43
CA SER I 236 -11.78 -44.40 -73.37
C SER I 236 -11.98 -43.33 -72.27
N THR I 237 -12.42 -43.78 -71.08
CA THR I 237 -12.63 -42.88 -69.95
C THR I 237 -11.98 -43.40 -68.66
N PRO I 238 -10.63 -43.48 -68.66
CA PRO I 238 -9.93 -44.14 -67.57
C PRO I 238 -9.94 -43.31 -66.29
N THR I 239 -9.96 -44.00 -65.15
CA THR I 239 -9.96 -43.38 -63.85
C THR I 239 -9.09 -44.16 -62.87
N GLN I 240 -8.83 -43.52 -61.73
CA GLN I 240 -8.26 -44.20 -60.59
C GLN I 240 -8.85 -43.62 -59.31
N VAL I 241 -8.73 -44.39 -58.24
CA VAL I 241 -9.14 -43.97 -56.91
C VAL I 241 -7.92 -44.03 -55.98
N VAL I 242 -7.62 -42.92 -55.30
CA VAL I 242 -6.41 -42.78 -54.49
C VAL I 242 -6.72 -42.34 -53.05
N LEU I 243 -6.05 -42.95 -52.07
CA LEU I 243 -6.18 -42.56 -50.67
C LEU I 243 -4.92 -41.80 -50.29
N GLU I 244 -5.10 -40.66 -49.64
CA GLU I 244 -3.99 -39.76 -49.33
C GLU I 244 -4.02 -39.37 -47.87
N THR I 245 -2.84 -39.34 -47.24
CA THR I 245 -2.71 -38.98 -45.83
C THR I 245 -1.48 -38.13 -45.62
N CYS I 246 -1.40 -37.54 -44.44
CA CYS I 246 -0.32 -36.66 -44.07
C CYS I 246 0.35 -37.24 -42.84
N GLU I 247 1.67 -37.22 -42.85
CA GLU I 247 2.46 -37.80 -41.78
C GLU I 247 2.60 -36.85 -40.61
N SER I 248 2.65 -37.42 -39.43
CA SER I 248 3.12 -36.76 -38.21
C SER I 248 4.44 -35.99 -38.45
N GLY I 249 4.50 -34.76 -37.98
CA GLY I 249 5.66 -33.91 -38.23
C GLY I 249 5.72 -33.33 -39.63
N SER I 250 4.66 -33.52 -40.43
CA SER I 250 4.60 -33.01 -41.79
C SER I 250 3.27 -32.25 -42.01
N ILE I 251 3.24 -31.37 -43.03
CA ILE I 251 2.06 -30.54 -43.33
C ILE I 251 1.63 -30.65 -44.79
N SER I 252 2.01 -31.75 -45.44
CA SER I 252 1.73 -31.94 -46.86
C SER I 252 1.30 -33.38 -47.07
N ARG I 253 0.11 -33.58 -47.65
CA ARG I 253 -0.40 -34.92 -47.79
C ARG I 253 0.14 -35.53 -49.05
N LEU I 254 0.27 -36.85 -49.04
CA LEU I 254 0.82 -37.58 -50.18
C LEU I 254 -0.14 -38.70 -50.57
N PRO I 255 -0.22 -39.01 -51.87
CA PRO I 255 -0.89 -40.23 -52.28
C PRO I 255 -0.14 -41.43 -51.75
N ARG I 256 -0.88 -42.37 -51.17
CA ARG I 256 -0.28 -43.52 -50.48
C ARG I 256 -0.57 -44.81 -51.21
N TRP I 257 -1.85 -45.13 -51.34
CA TRP I 257 -2.34 -46.31 -52.00
C TRP I 257 -3.45 -45.93 -52.95
N GLY I 258 -3.57 -46.66 -54.06
CA GLY I 258 -4.63 -46.39 -55.01
C GLY I 258 -5.01 -47.59 -55.85
N VAL I 259 -6.20 -47.54 -56.43
CA VAL I 259 -6.64 -48.53 -57.40
C VAL I 259 -6.49 -47.87 -58.77
N ASP I 260 -5.76 -48.53 -59.65
CA ASP I 260 -5.42 -47.98 -60.94
C ASP I 260 -6.52 -48.26 -61.94
N HIS I 261 -6.41 -47.63 -63.11
CA HIS I 261 -7.37 -47.82 -64.20
C HIS I 261 -7.53 -49.30 -64.56
N ASN I 262 -6.49 -50.09 -64.36
CA ASN I 262 -6.56 -51.52 -64.66
C ASN I 262 -6.93 -52.41 -63.46
N GLY I 263 -7.17 -51.80 -62.32
CA GLY I 263 -7.67 -52.53 -61.17
C GLY I 263 -6.62 -52.92 -60.16
N THR I 264 -5.36 -52.64 -60.49
CA THR I 264 -4.28 -52.95 -59.60
C THR I 264 -4.43 -52.11 -58.34
N LEU I 265 -4.29 -52.74 -57.17
CA LEU I 265 -4.14 -52.02 -55.92
C LEU I 265 -2.66 -51.86 -55.67
N MET I 266 -2.19 -50.63 -55.58
CA MET I 266 -0.77 -50.39 -55.56
C MET I 266 -0.39 -49.26 -54.62
N PRO I 267 0.83 -49.31 -54.07
CA PRO I 267 1.33 -48.12 -53.41
C PRO I 267 1.68 -47.08 -54.47
N MET I 268 1.57 -45.81 -54.12
CA MET I 268 1.70 -44.73 -55.09
C MET I 268 3.14 -44.25 -55.19
N ALA I 269 4.02 -44.83 -54.39
CA ALA I 269 5.48 -44.67 -54.56
C ALA I 269 6.10 -46.04 -54.42
N ASP I 270 7.22 -46.23 -55.13
CA ASP I 270 7.90 -47.53 -55.19
C ASP I 270 8.73 -47.75 -53.95
N ASN I 271 8.69 -48.97 -53.42
CA ASN I 271 9.55 -49.36 -52.31
C ASN I 271 9.51 -48.35 -51.16
N ARG I 272 8.31 -48.05 -50.70
CA ARG I 272 8.15 -47.06 -49.67
C ARG I 272 7.10 -47.40 -48.61
N TYR I 273 6.02 -48.06 -49.01
CA TYR I 273 4.90 -48.33 -48.08
C TYR I 273 4.69 -49.81 -47.85
N ASN I 274 4.38 -50.17 -46.61
CA ASN I 274 4.13 -51.55 -46.24
C ASN I 274 2.67 -51.92 -46.20
N LEU I 275 2.44 -53.23 -46.19
CA LEU I 275 1.15 -53.78 -45.90
C LEU I 275 1.23 -54.42 -44.50
N GLY I 276 0.50 -53.85 -43.55
CA GLY I 276 0.55 -54.28 -42.19
C GLY I 276 1.71 -53.68 -41.45
N TRP I 277 1.73 -53.93 -40.15
CA TRP I 277 2.86 -53.54 -39.29
C TRP I 277 2.83 -54.44 -38.08
N GLY I 278 3.78 -54.27 -37.16
CA GLY I 278 3.93 -55.17 -36.00
C GLY I 278 2.68 -55.40 -35.16
N SER I 279 1.95 -54.34 -34.88
CA SER I 279 0.72 -54.43 -34.09
C SER I 279 -0.53 -54.42 -34.98
N GLY I 280 -0.36 -54.64 -36.28
CA GLY I 280 -1.48 -54.65 -37.25
C GLY I 280 -1.12 -55.55 -38.40
N ARG I 281 -1.00 -56.84 -38.08
CA ARG I 281 -0.55 -57.83 -39.04
C ARG I 281 -1.72 -58.45 -39.76
N VAL I 282 -1.52 -58.64 -41.06
CA VAL I 282 -2.49 -59.36 -41.86
C VAL I 282 -2.53 -60.80 -41.36
N LYS I 283 -3.72 -61.36 -41.25
CA LYS I 283 -3.85 -62.72 -40.76
C LYS I 283 -3.30 -63.65 -41.81
N GLN I 284 -3.83 -63.59 -43.03
CA GLN I 284 -3.17 -64.22 -44.17
C GLN I 284 -3.59 -63.73 -45.52
N VAL I 285 -2.76 -64.08 -46.50
CA VAL I 285 -2.91 -63.68 -47.87
C VAL I 285 -3.31 -64.89 -48.70
N TYR I 286 -4.31 -64.71 -49.55
CA TYR I 286 -4.69 -65.67 -50.59
C TYR I 286 -4.21 -65.13 -51.93
N ALA I 287 -3.20 -65.76 -52.48
CA ALA I 287 -2.68 -65.44 -53.79
C ALA I 287 -2.73 -66.68 -54.68
N VAL I 288 -2.66 -66.45 -55.99
CA VAL I 288 -2.62 -67.56 -56.97
C VAL I 288 -1.16 -67.89 -57.26
N ASN I 289 -0.38 -66.87 -57.61
CA ASN I 289 1.04 -67.01 -57.88
C ASN I 289 1.88 -66.61 -56.72
N GLY I 290 3.14 -67.02 -56.72
CA GLY I 290 4.04 -66.66 -55.66
C GLY I 290 4.37 -65.19 -55.73
N THR I 291 4.60 -64.59 -54.56
CA THR I 291 5.13 -63.23 -54.46
C THR I 291 6.39 -63.09 -55.33
N ILE I 292 6.45 -61.99 -56.06
CA ILE I 292 7.57 -61.67 -56.90
C ILE I 292 8.46 -60.74 -56.12
N ASN I 293 9.67 -61.19 -55.84
CA ASN I 293 10.69 -60.37 -55.18
C ASN I 293 11.79 -60.05 -56.15
N THR I 294 12.12 -58.77 -56.25
CA THR I 294 13.21 -58.32 -57.07
C THR I 294 14.53 -58.90 -56.53
N ALA I 295 15.36 -59.43 -57.42
CA ALA I 295 16.67 -59.98 -57.06
C ALA I 295 17.61 -59.68 -58.24
N ASP I 296 17.85 -58.39 -58.40
CA ASP I 296 18.52 -57.83 -59.58
C ASP I 296 19.97 -57.51 -59.23
N ALA I 297 20.90 -58.12 -59.94
CA ALA I 297 22.34 -57.92 -59.72
C ALA I 297 22.74 -56.44 -59.73
N ARG I 298 22.06 -55.64 -60.54
CA ARG I 298 22.36 -54.21 -60.72
C ARG I 298 22.08 -53.36 -59.49
N LEU I 299 21.24 -53.87 -58.58
CA LEU I 299 20.88 -53.15 -57.34
C LEU I 299 21.61 -53.66 -56.10
N LYS I 300 22.37 -54.75 -56.25
CA LYS I 300 23.09 -55.37 -55.15
C LYS I 300 24.60 -55.24 -55.30
N ASN I 301 25.31 -55.33 -54.18
CA ASN I 301 26.75 -55.60 -54.19
C ASN I 301 26.98 -57.07 -54.51
N ASP I 302 28.24 -57.47 -54.59
CA ASP I 302 28.57 -58.84 -54.95
C ASP I 302 28.06 -59.81 -53.90
N VAL I 303 27.66 -60.99 -54.37
CA VAL I 303 27.22 -62.06 -53.50
C VAL I 303 28.45 -62.84 -53.04
N ARG I 304 28.84 -62.66 -51.78
CA ARG I 304 29.95 -63.42 -51.18
C ARG I 304 29.51 -64.80 -50.72
N ALA I 305 30.45 -65.73 -50.64
CA ALA I 305 30.20 -67.08 -50.12
C ALA I 305 30.01 -67.02 -48.60
N MET I 306 29.38 -68.04 -48.04
CA MET I 306 29.20 -68.13 -46.59
C MET I 306 30.49 -68.53 -45.89
N SER I 307 30.79 -67.89 -44.76
CA SER I 307 31.87 -68.32 -43.89
C SER I 307 31.53 -69.68 -43.28
N ASP I 308 32.51 -70.29 -42.62
CA ASP I 308 32.30 -71.60 -41.99
C ASP I 308 31.34 -71.53 -40.79
N PRO I 309 31.48 -70.50 -39.92
CA PRO I 309 30.51 -70.36 -38.82
C PRO I 309 29.06 -70.21 -39.32
N GLU I 310 28.87 -69.49 -40.43
CA GLU I 310 27.54 -69.31 -41.04
C GLU I 310 26.97 -70.62 -41.55
N THR I 311 27.79 -71.35 -42.29
CA THR I 311 27.40 -72.69 -42.74
C THR I 311 27.08 -73.60 -41.56
N GLU I 312 27.86 -73.49 -40.48
CA GLU I 312 27.65 -74.32 -39.31
C GLU I 312 26.31 -74.04 -38.65
N ALA I 313 25.98 -72.74 -38.54
CA ALA I 313 24.72 -72.29 -37.95
C ALA I 313 23.53 -72.75 -38.80
N ALA I 314 23.69 -72.68 -40.13
CA ALA I 314 22.68 -73.16 -41.09
C ALA I 314 22.35 -74.64 -40.91
N LYS I 315 23.36 -75.45 -40.62
CA LYS I 315 23.15 -76.88 -40.41
C LYS I 315 22.42 -77.16 -39.09
N ALA I 316 22.80 -76.43 -38.06
CA ALA I 316 22.22 -76.58 -36.72
C ALA I 316 20.77 -76.13 -36.64
N ILE I 317 20.45 -75.07 -37.39
CA ILE I 317 19.09 -74.52 -37.46
C ILE I 317 18.08 -75.50 -38.09
N ALA I 318 18.53 -76.25 -39.09
CA ALA I 318 17.69 -77.30 -39.71
C ALA I 318 17.23 -78.34 -38.70
N LYS I 319 18.05 -78.60 -37.69
CA LYS I 319 17.72 -79.60 -36.65
C LYS I 319 16.64 -79.12 -35.71
N GLU I 320 16.41 -77.82 -35.67
CA GLU I 320 15.41 -77.21 -34.78
C GLU I 320 13.99 -77.27 -35.33
N ILE I 321 13.83 -77.65 -36.61
CA ILE I 321 12.52 -77.68 -37.23
C ILE I 321 11.70 -78.80 -36.62
N GLY I 322 10.55 -78.43 -36.06
CA GLY I 322 9.58 -79.39 -35.53
C GLY I 322 8.18 -78.81 -35.70
N PHE I 323 7.29 -79.15 -34.77
CA PHE I 323 5.91 -78.70 -34.83
C PHE I 323 5.54 -77.95 -33.57
N TRP I 324 4.75 -76.90 -33.73
CA TRP I 324 4.29 -76.08 -32.60
C TRP I 324 2.85 -75.67 -32.79
N THR I 325 2.24 -75.22 -31.70
CA THR I 325 0.91 -74.64 -31.72
C THR I 325 0.98 -73.27 -31.05
N TRP I 326 -0.04 -72.46 -31.28
CA TRP I 326 -0.21 -71.21 -30.55
C TRP I 326 -0.95 -71.48 -29.23
N LYS I 327 -1.04 -70.46 -28.39
CA LYS I 327 -1.64 -70.59 -27.05
C LYS I 327 -3.16 -70.33 -27.01
N ILE I 335 -7.26 -76.95 -33.36
CA ILE I 335 -5.93 -76.38 -33.11
C ILE I 335 -4.90 -77.12 -33.95
N ARG I 336 -4.27 -76.47 -34.94
CA ARG I 336 -3.43 -77.18 -35.91
C ARG I 336 -1.92 -77.11 -35.57
N GLU I 337 -1.17 -78.08 -36.10
CA GLU I 337 0.28 -78.20 -35.88
C GLU I 337 1.04 -77.46 -36.98
N HIS I 338 1.78 -76.43 -36.60
CA HIS I 338 2.53 -75.66 -37.59
C HIS I 338 3.99 -76.06 -37.57
N CYS I 339 4.58 -76.12 -38.75
CA CYS I 339 5.97 -76.54 -38.91
C CYS I 339 6.94 -75.37 -38.89
N GLY I 340 7.98 -75.48 -38.05
CA GLY I 340 9.05 -74.47 -38.01
C GLY I 340 9.77 -74.41 -36.67
N LEU I 341 10.35 -73.25 -36.37
CA LEU I 341 11.07 -73.00 -35.12
C LEU I 341 10.89 -71.56 -34.66
N THR I 342 11.48 -71.21 -33.52
CA THR I 342 11.37 -69.87 -32.98
C THR I 342 12.58 -69.05 -33.37
N VAL I 343 12.40 -67.74 -33.42
CA VAL I 343 13.49 -66.81 -33.74
C VAL I 343 14.49 -66.77 -32.59
N GLN I 344 13.98 -66.89 -31.36
CA GLN I 344 14.85 -66.90 -30.19
C GLN I 344 15.79 -68.11 -30.19
N ARG I 345 15.29 -69.27 -30.60
CA ARG I 345 16.14 -70.44 -30.75
C ARG I 345 17.19 -70.22 -31.82
N ALA I 346 16.77 -69.69 -32.97
CA ALA I 346 17.73 -69.35 -34.05
C ALA I 346 18.78 -68.34 -33.58
N ILE I 347 18.37 -67.37 -32.77
CA ILE I 347 19.30 -66.37 -32.23
C ILE I 347 20.39 -67.01 -31.37
N GLU I 348 20.03 -67.98 -30.54
CA GLU I 348 20.98 -68.65 -29.64
C GLU I 348 22.01 -69.43 -30.46
N ILE I 349 21.53 -70.16 -31.46
CA ILE I 349 22.39 -70.92 -32.37
C ILE I 349 23.35 -70.00 -33.12
N MET I 350 22.82 -68.89 -33.63
CA MET I 350 23.63 -67.91 -34.35
C MET I 350 24.79 -67.43 -33.48
N GLU I 351 24.47 -67.09 -32.24
CA GLU I 351 25.45 -66.52 -31.31
C GLU I 351 26.45 -67.55 -30.83
N SER I 352 26.01 -68.81 -30.72
CA SER I 352 26.91 -69.90 -30.37
C SER I 352 28.04 -70.14 -31.41
N PHE I 353 27.89 -69.67 -32.65
CA PHE I 353 28.99 -69.67 -33.64
C PHE I 353 29.57 -68.28 -33.83
N GLY I 354 29.35 -67.39 -32.87
CA GLY I 354 30.00 -66.08 -32.86
C GLY I 354 29.44 -65.07 -33.86
N LEU I 355 28.19 -65.26 -34.28
CA LEU I 355 27.54 -64.38 -35.24
C LEU I 355 26.61 -63.44 -34.52
N ASP I 356 26.53 -62.20 -35.03
CA ASP I 356 25.49 -61.25 -34.60
C ASP I 356 24.24 -61.51 -35.46
N PRO I 357 23.18 -62.10 -34.86
CA PRO I 357 22.00 -62.51 -35.64
C PRO I 357 21.26 -61.36 -36.32
N PHE I 358 21.34 -60.16 -35.77
CA PHE I 358 20.61 -59.00 -36.30
C PHE I 358 21.34 -58.28 -37.44
N LYS I 359 22.48 -58.82 -37.88
CA LYS I 359 23.12 -58.36 -39.10
C LYS I 359 22.63 -59.14 -40.31
N TYR I 360 21.72 -60.08 -40.08
CA TYR I 360 21.19 -60.97 -41.12
C TYR I 360 19.73 -60.66 -41.41
N GLY I 361 19.37 -60.62 -42.69
CA GLY I 361 18.05 -60.14 -43.12
C GLY I 361 16.89 -61.06 -42.77
N PHE I 362 17.15 -62.33 -42.52
CA PHE I 362 16.07 -63.28 -42.21
C PHE I 362 15.62 -63.27 -40.74
N ILE I 363 16.27 -62.44 -39.92
CA ILE I 363 15.88 -62.28 -38.51
C ILE I 363 15.44 -60.84 -38.28
N CYS I 364 14.21 -60.67 -37.82
CA CYS I 364 13.62 -59.35 -37.63
C CYS I 364 13.10 -59.11 -36.21
N TYR I 365 13.17 -57.86 -35.80
CA TYR I 365 12.64 -57.41 -34.54
C TYR I 365 11.84 -56.09 -34.74
N ASP I 366 10.60 -56.06 -34.28
CA ASP I 366 9.73 -54.87 -34.37
C ASP I 366 9.27 -54.52 -32.93
N LYS I 367 9.19 -53.22 -32.63
CA LYS I 367 8.64 -52.74 -31.33
C LYS I 367 7.66 -51.57 -31.61
N TRP I 368 6.71 -51.38 -30.70
CA TRP I 368 5.76 -50.28 -30.85
C TRP I 368 5.38 -49.75 -29.48
N ASP I 369 5.05 -48.47 -29.45
CA ASP I 369 4.61 -47.82 -28.21
C ASP I 369 3.17 -48.15 -27.91
N GLU I 370 2.75 -47.85 -26.68
CA GLU I 370 1.34 -47.91 -26.34
C GLU I 370 0.61 -46.89 -27.21
N HIS I 371 -0.58 -47.25 -27.69
CA HIS I 371 -1.37 -46.35 -28.52
C HIS I 371 -2.86 -46.68 -28.39
N THR I 372 -3.68 -45.69 -28.74
CA THR I 372 -5.13 -45.80 -28.58
C THR I 372 -5.79 -45.83 -29.96
N VAL I 373 -6.78 -46.71 -30.09
CA VAL I 373 -7.48 -46.92 -31.35
C VAL I 373 -8.98 -47.01 -31.14
N VAL I 374 -9.74 -46.71 -32.18
CA VAL I 374 -11.16 -47.01 -32.23
C VAL I 374 -11.32 -48.52 -32.42
N SER I 375 -11.91 -49.18 -31.43
CA SER I 375 -12.13 -50.63 -31.50
C SER I 375 -13.49 -50.97 -32.09
N GLU I 376 -14.51 -50.17 -31.78
CA GLU I 376 -15.86 -50.40 -32.30
C GLU I 376 -16.68 -49.11 -32.20
N TYR I 377 -17.92 -49.20 -32.66
CA TYR I 377 -18.85 -48.11 -32.53
C TYR I 377 -20.02 -48.47 -31.62
N GLY I 378 -20.24 -47.66 -30.59
CA GLY I 378 -21.41 -47.79 -29.73
C GLY I 378 -22.73 -47.62 -30.51
N PRO I 379 -23.87 -47.90 -29.87
CA PRO I 379 -25.13 -47.60 -30.53
C PRO I 379 -25.40 -46.08 -30.58
N ALA I 380 -26.28 -45.64 -31.48
CA ALA I 380 -26.76 -44.25 -31.47
C ALA I 380 -27.39 -43.90 -30.12
N ASN I 381 -27.17 -42.67 -29.67
CA ASN I 381 -27.78 -42.17 -28.43
C ASN I 381 -28.36 -40.78 -28.65
N GLU I 382 -28.96 -40.23 -27.58
CA GLU I 382 -29.50 -38.87 -27.57
C GLU I 382 -28.51 -37.75 -27.97
N ASP I 383 -27.20 -38.01 -27.87
CA ASP I 383 -26.16 -37.00 -28.18
C ASP I 383 -25.56 -37.09 -29.59
N GLY I 384 -25.73 -38.23 -30.26
CA GLY I 384 -25.21 -38.41 -31.63
C GLY I 384 -25.36 -39.84 -32.12
N THR I 385 -25.28 -40.04 -33.44
CA THR I 385 -25.40 -41.41 -34.02
C THR I 385 -24.05 -42.17 -34.10
N GLU I 386 -22.96 -41.42 -34.31
CA GLU I 386 -21.61 -41.99 -34.45
C GLU I 386 -20.85 -41.88 -33.12
N ASN I 387 -20.67 -43.02 -32.42
CA ASN I 387 -20.14 -43.06 -31.05
C ASN I 387 -18.97 -44.05 -30.92
N PRO I 388 -17.75 -43.63 -31.33
CA PRO I 388 -16.60 -44.53 -31.26
C PRO I 388 -16.26 -44.93 -29.82
N ILE I 389 -16.00 -46.23 -29.62
CA ILE I 389 -15.47 -46.80 -28.38
C ILE I 389 -13.95 -47.01 -28.54
N TYR I 390 -13.18 -46.44 -27.62
CA TYR I 390 -11.72 -46.48 -27.71
C TYR I 390 -11.14 -47.64 -26.92
N LYS I 391 -9.89 -47.96 -27.27
CA LYS I 391 -9.18 -49.04 -26.62
C LYS I 391 -7.68 -48.78 -26.68
N THR I 392 -7.00 -49.11 -25.58
CA THR I 392 -5.55 -48.91 -25.50
C THR I 392 -4.85 -50.23 -25.81
N ILE I 393 -3.93 -50.15 -26.77
CA ILE I 393 -3.09 -51.27 -27.19
C ILE I 393 -1.75 -51.12 -26.47
N PRO I 394 -1.37 -52.10 -25.62
CA PRO I 394 -0.13 -51.94 -24.86
C PRO I 394 1.08 -51.91 -25.76
N ALA I 395 2.15 -51.27 -25.31
CA ALA I 395 3.45 -51.39 -25.98
C ALA I 395 3.84 -52.87 -26.05
N GLY I 396 4.66 -53.21 -27.02
CA GLY I 396 5.06 -54.59 -27.21
C GLY I 396 6.14 -54.71 -28.27
N ASP I 397 6.52 -55.95 -28.53
CA ASP I 397 7.51 -56.24 -29.57
C ASP I 397 7.36 -57.67 -30.10
N HIS I 398 7.95 -57.93 -31.26
CA HIS I 398 7.86 -59.23 -31.90
C HIS I 398 9.20 -59.64 -32.45
N TYR I 399 9.47 -60.95 -32.38
CA TYR I 399 10.57 -61.54 -33.13
C TYR I 399 9.98 -62.28 -34.31
N SER I 400 10.57 -62.05 -35.49
CA SER I 400 10.02 -62.55 -36.75
C SER I 400 11.12 -63.05 -37.70
N PHE I 401 10.72 -63.93 -38.61
CA PHE I 401 11.58 -64.40 -39.70
C PHE I 401 11.13 -63.79 -41.03
N ARG I 402 12.04 -63.74 -42.01
CA ARG I 402 11.66 -63.81 -43.42
C ARG I 402 11.87 -65.22 -43.90
N LEU I 403 10.79 -66.00 -43.99
CA LEU I 403 10.91 -67.46 -44.17
C LEU I 403 11.51 -67.88 -45.51
N GLU I 404 11.39 -67.02 -46.53
CA GLU I 404 11.93 -67.32 -47.85
C GLU I 404 13.45 -67.30 -47.78
N GLU I 405 13.98 -66.25 -47.16
CA GLU I 405 15.43 -66.12 -46.91
C GLU I 405 15.97 -67.21 -45.97
N LEU I 406 15.22 -67.50 -44.91
CA LEU I 406 15.57 -68.55 -43.98
C LEU I 406 15.68 -69.91 -44.67
N ASN I 407 14.71 -70.24 -45.51
CA ASN I 407 14.75 -71.49 -46.28
C ASN I 407 16.01 -71.60 -47.14
N LEU I 408 16.47 -70.49 -47.70
CA LEU I 408 17.68 -70.47 -48.52
C LEU I 408 18.94 -70.64 -47.69
N PHE I 409 18.93 -70.07 -46.48
CA PHE I 409 20.02 -70.21 -45.53
C PHE I 409 20.15 -71.69 -45.16
N ILE I 410 19.04 -72.30 -44.75
CA ILE I 410 18.97 -73.72 -44.43
C ILE I 410 19.43 -74.58 -45.61
N ALA I 411 19.00 -74.20 -46.81
CA ALA I 411 19.31 -74.94 -48.03
C ALA I 411 20.83 -74.97 -48.30
N LYS I 412 21.52 -73.86 -48.04
CA LYS I 412 22.98 -73.83 -48.19
C LYS I 412 23.67 -74.75 -47.18
N GLY I 413 23.09 -74.88 -45.99
CA GLY I 413 23.53 -75.85 -45.01
C GLY I 413 23.48 -77.26 -45.55
N PHE I 414 22.36 -77.62 -46.18
CA PHE I 414 22.22 -78.94 -46.82
C PHE I 414 23.20 -79.15 -47.97
N GLU I 415 23.48 -78.09 -48.72
CA GLU I 415 24.40 -78.17 -49.84
C GLU I 415 25.83 -78.49 -49.37
N ALA I 416 26.29 -77.80 -48.32
CA ALA I 416 27.61 -78.03 -47.73
C ALA I 416 27.77 -79.44 -47.14
N ARG I 417 26.71 -79.97 -46.53
CA ARG I 417 26.68 -81.33 -46.00
C ARG I 417 26.71 -82.38 -47.10
N LEU I 418 26.02 -82.12 -48.21
CA LEU I 418 26.07 -83.00 -49.38
C LEU I 418 27.42 -82.98 -50.10
N SER I 419 28.05 -81.82 -50.21
CA SER I 419 29.37 -81.69 -50.84
C SER I 419 30.48 -82.37 -50.01
N ALA I 420 30.36 -82.34 -48.68
CA ALA I 420 31.28 -83.00 -47.76
C ALA I 420 31.21 -84.53 -47.88
N ILE I 421 29.99 -85.05 -48.06
CA ILE I 421 29.75 -86.49 -48.29
C ILE I 421 30.28 -86.95 -49.66
N GLU I 422 29.98 -86.18 -50.69
CA GLU I 422 30.44 -86.49 -52.06
C GLU I 422 31.97 -86.49 -52.22
N ASP I 423 32.67 -85.63 -51.49
CA ASP I 423 34.14 -85.65 -51.46
C ASP I 423 34.70 -86.89 -50.75
N LYS I 424 34.08 -87.28 -49.64
CA LYS I 424 34.50 -88.45 -48.89
C LYS I 424 34.27 -89.78 -49.63
N LEU I 425 33.38 -89.79 -50.62
CA LEU I 425 33.15 -90.98 -51.45
C LEU I 425 33.73 -90.81 -52.87
N GLY I 426 34.68 -89.88 -53.03
CA GLY I 426 35.33 -89.60 -54.32
C GLY I 426 34.43 -89.42 -55.52
N MET I 427 33.51 -88.46 -55.39
CA MET I 427 32.97 -87.76 -56.53
C MET I 427 33.99 -86.66 -56.82
CAC FLC J . -14.64 -1.48 38.53
CA FLC J . -13.72 -2.59 38.03
CB FLC J . -12.71 -2.16 36.95
CBC FLC J . -13.44 -2.03 35.65
CG FLC J . -11.58 -3.18 36.79
CGC FLC J . -10.54 -2.78 35.76
OA1 FLC J . -15.55 -1.79 39.33
OA2 FLC J . -14.47 -0.31 38.14
OB1 FLC J . -14.58 -1.50 35.63
OB2 FLC J . -12.89 -2.47 34.62
OG1 FLC J . -10.20 -1.59 35.74
OG2 FLC J . -10.04 -3.63 34.97
OHB FLC J . -12.16 -0.87 37.24
CAC FLC K . -31.80 9.98 44.76
CA FLC K . -31.18 8.62 44.54
CB FLC K . -30.95 7.84 45.84
CBC FLC K . -29.98 8.54 46.76
CG FLC K . -30.38 6.47 45.46
CGC FLC K . -28.93 6.18 45.91
OA1 FLC K . -31.54 10.91 43.93
OA2 FLC K . -32.55 10.12 45.76
OB1 FLC K . -29.43 9.59 46.41
OB2 FLC K . -29.77 7.99 47.86
OG1 FLC K . -28.67 5.32 46.78
OG2 FLC K . -27.99 6.81 45.36
OHB FLC K . -32.17 7.70 46.59
CAC FLC L . -16.00 -1.48 61.60
CA FLC L . -15.40 -1.58 60.20
CB FLC L . -16.23 -2.32 59.17
CBC FLC L . -16.41 -3.71 59.65
CG FLC L . -15.53 -2.30 57.81
CGC FLC L . -16.57 -2.43 56.71
OA1 FLC L . -15.49 -2.13 62.56
OA2 FLC L . -16.96 -0.70 61.75
OB1 FLC L . -15.39 -4.34 60.05
OB2 FLC L . -17.57 -4.17 59.64
OG1 FLC L . -16.79 -1.50 55.90
OG2 FLC L . -17.20 -3.51 56.66
OHB FLC L . -17.51 -1.72 59.09
CAC FLC M . 43.79 35.27 3.51
CA FLC M . 45.13 35.06 2.82
CB FLC M . 45.75 33.68 3.11
CBC FLC M . 46.72 33.80 4.22
CG FLC M . 46.48 33.12 1.89
CGC FLC M . 47.50 32.08 2.29
OA1 FLC M . 43.19 36.36 3.38
OA2 FLC M . 43.33 34.32 4.18
OB1 FLC M . 46.37 33.30 5.30
OB2 FLC M . 47.83 34.38 4.03
OG1 FLC M . 47.07 30.96 2.60
OG2 FLC M . 48.73 32.35 2.29
OHB FLC M . 44.75 32.77 3.56
CAC FLC N . 28.03 43.21 15.66
CA FLC N . 29.31 43.00 14.87
CB FLC N . 29.32 43.64 13.47
CBC FLC N . 27.93 43.50 12.94
CG FLC N . 30.29 42.96 12.51
CGC FLC N . 30.18 43.40 11.05
OA1 FLC N . 27.34 42.23 16.07
OA2 FLC N . 27.69 44.38 15.90
OB1 FLC N . 27.24 44.53 12.76
OB2 FLC N . 27.55 42.32 12.71
OG1 FLC N . 29.06 43.36 10.50
OG2 FLC N . 31.21 43.78 10.42
OHB FLC N . 29.71 45.03 13.53
CAC FLC O . 31.97 44.01 -6.10
CA FLC O . 30.64 44.58 -6.47
CB FLC O . 30.32 44.47 -7.96
CBC FLC O . 31.30 45.25 -8.77
CG FLC O . 28.95 45.10 -8.20
CGC FLC O . 28.73 45.31 -9.66
OA1 FLC O . 32.60 44.53 -5.15
OA2 FLC O . 32.41 43.04 -6.74
OB1 FLC O . 31.49 46.45 -8.44
OB2 FLC O . 31.83 44.65 -9.74
OG1 FLC O . 27.81 44.67 -10.19
OG2 FLC O . 29.48 46.12 -10.27
OHB FLC O . 30.36 43.10 -8.42
CAC FLC P . -52.47 -21.46 -50.24
CA FLC P . -51.84 -20.09 -50.15
CB FLC P . -52.09 -19.19 -51.38
CBC FLC P . -51.46 -19.77 -52.61
CG FLC P . -51.53 -17.78 -51.14
CGC FLC P . -50.20 -17.46 -51.83
OA1 FLC P . -52.19 -22.31 -49.33
OA2 FLC P . -53.23 -21.71 -51.19
OB1 FLC P . -50.24 -20.08 -52.60
OB2 FLC P . -52.22 -19.91 -53.60
OG1 FLC P . -50.20 -17.01 -53.00
OG2 FLC P . -49.11 -17.65 -51.23
OHB FLC P . -53.48 -19.17 -51.63
CAC FLC Q . -37.79 -7.05 -59.53
CA FLC Q . -38.00 -7.47 -60.98
CB FLC Q . -36.85 -6.96 -61.86
CBC FLC Q . -37.03 -5.48 -61.95
CG FLC Q . -36.89 -7.56 -63.28
CGC FLC Q . -35.90 -6.92 -64.26
OA1 FLC Q . -38.77 -7.05 -58.74
OA2 FLC Q . -36.64 -6.70 -59.19
OB1 FLC Q . -38.10 -5.03 -62.43
OB2 FLC Q . -36.06 -4.80 -61.53
OG1 FLC Q . -34.94 -6.24 -63.82
OG2 FLC Q . -36.05 -7.11 -65.50
OHB FLC Q . -35.59 -7.20 -61.20
CAC FLC R . -35.73 -6.40 -38.52
CA FLC R . -36.26 -7.21 -39.68
CB FLC R . -37.78 -7.13 -39.91
CBC FLC R . -38.54 -7.40 -38.63
CG FLC R . -38.14 -8.08 -41.06
CGC FLC R . -39.46 -7.82 -41.76
OA1 FLC R . -34.54 -6.59 -38.13
OA2 FLC R . -36.48 -5.56 -37.97
OB1 FLC R . -38.91 -8.56 -38.37
OB2 FLC R . -38.80 -6.47 -37.83
OG1 FLC R . -39.47 -7.46 -42.96
OG2 FLC R . -40.51 -8.02 -41.13
OHB FLC R . -38.08 -5.80 -40.34
#